data_9MSY
#
_entry.id   9MSY
#
_cell.length_a   1.00
_cell.length_b   1.00
_cell.length_c   1.00
_cell.angle_alpha   90.00
_cell.angle_beta   90.00
_cell.angle_gamma   90.00
#
_symmetry.space_group_name_H-M   'P 1'
#
loop_
_entity.id
_entity.type
_entity.pdbx_description
1 polymer 'V703-0537_T278M_L14 SOSIP'
2 polymer 'BG18 Fab heavy chain'
3 polymer 'BG18 Fab light chain'
4 polymer 'G002-480-0546 Fab light chain'
5 polymer 'G002-480-0546 Fab heavy chain'
6 branched 2-acetamido-2-deoxy-beta-D-glucopyranose-(1-4)-2-acetamido-2-deoxy-beta-D-glucopyranose
7 branched beta-D-mannopyranose-(1-4)-2-acetamido-2-deoxy-beta-D-glucopyranose-(1-4)-2-acetamido-2-deoxy-beta-D-glucopyranose
8 branched alpha-D-mannopyranose-(1-3)-[alpha-D-mannopyranose-(1-6)]beta-D-mannopyranose-(1-4)-2-acetamido-2-deoxy-beta-D-glucopyranose-(1-4)-2-acetamido-2-deoxy-beta-D-glucopyranose
9 branched alpha-D-mannopyranose-(1-3)-alpha-D-mannopyranose-(1-6)-[alpha-D-mannopyranose-(1-3)]beta-D-mannopyranose-(1-4)-2-acetamido-2-deoxy-beta-D-glucopyranose-(1-4)-2-acetamido-2-deoxy-beta-D-glucopyranose
10 non-polymer 2-acetamido-2-deoxy-beta-D-glucopyranose
#
loop_
_entity_poly.entity_id
_entity_poly.type
_entity_poly.pdbx_seq_one_letter_code
_entity_poly.pdbx_strand_id
1 'polypeptide(L)'
;ETGAEDLWVTVYYGVPVWRDAITTLFCASDAKAYEKEVHNVWATHACVPTDPNPQEMVLENVTENFNMWKNNMVDQMHED
IISLWDQSLKPCVQLTPLCVTLNCTDVVGNNTATRRNNTATRRNNTATINDTDTGIKNCSFNITTEVRDKKKKVHALFYR
LDIVPIDGKNSNSTEYILINCNTSVITQICPKVSFDPIPIHYCAPAGYAILKCNNKTFNGTGPCNNVSTIQCTHGIKPVV
STQLLLNGSLAEEDIIISSENMMDNTKTIIVHFNESVGIECTRPNNNTVESIRIGPGQTFYVTGEIIGDIRQAHCNISKG
NWSKTLQRVKEKLKKYYHNKTIKFEPSSGGDLEITTHSFNCRGEFFYCYTSGLFNESIVNGTNGTITLPCRIKQIVNMWQ
KVGRAMYAPPIAGNITCSSNITGLLLTRDGGRGTNGTETFRPAGGNMKDNWRSELYKYKVVEIKPLGIAPTKCRRRVVGS
HSGSGGSGSGGHAAVLGTAILGFLGAAGSTMGAASNALFVQTRQLLSGFVQQQSNLPKAPKAQQQLLQLGVWGIKQLQTR
VLAIERYLEVQQFLGLWGCSGKAICCTAVPWNTTWSNKSEQEIWNNMTWMQWDREVGNYTDTIYKLLFVAQFQQEINEVD
LLALNGTKHHHHHH
;
A,B,C
2 'polypeptide(L)'
;QVQLRESGPGLVKPSETLSLSCTVSNDSRPSDHSWTWVRQSPGKALEWIGDIHYNGATTYNPSLRSRVRIELDQSIPRFS
LKMTSMTAADTGMYYCARNAIRIYGVVALGEWFHYGMDVWGQGTAVTVSSASTKGPSVFPLAPSSKSTSGGTAALGCLVK
DYFPEPVTVSWNSGALTSGVHTFPAVLQSSGLYSLSSVVTVPSSSLGTQTYICNVNHKPSNTKVDKKVEPKSC
;
G,J,O
3 'polypeptide(L)'
;SSELTQPPSVSVSPGQTARITCSGAPLTSRFTYWYRQKPGQAPVLIISRSSQRSSGWSGRFSASWSGTTVTLTIRGVQAD
DEADYYCQSSDTSDSYKMFGGGTKLTVLGQPKAAPSVTLFPPSSEELQANKATLVCLISDFYPGAVTVAWKADSSPVKAG
VETTTPSKQSNNKYAASSYLSLTPEQWKSHRSYSCQVTHEGSTVEKTVAPTECS
;
I,M,Q
4 'polypeptide(L)'
;EIVLTQSPGTLSLSPGEGATLSCRTSQSLSSSSLAWYQQKPGLAPRLLIYGASIRATGIPDRFSGSGSGTDFTLTISRLE
PEDFAVYYCQQYEFFGAGTRVEIKRTVAAPSVFIFPPSDEQLKSGTASVVCLLNNFYPREAKVQWKVDNALQSGNSQESV
TEQDSKDSTYSLSSTLTLSKADYEKHKVYACEVTHQGLSSPVTKSFNRGEC
;
L,N,R
5 'polypeptide(L)'
;QVQLVQSGAELKKPGASVKVSCKASGYTFTDSYMHWVRQAPGQGLEWMGWINPNYGATNYAHKFQGRVTMTRDTSITTAY
MELNRLRSDDTAVYYCARGNFLRVDYTWDFQHWGQGTLVTVSSASTKGPSVFPLAPSSKSTSGGTAALGCLVKDYFPEPV
TVSWNSGALTSGVHTFPAVLQSSGLYSLSSVVTVPSSSLGTQTYICNVNHKPSNTKVDKKVEPKSC
;
H,K,P
#
loop_
_chem_comp.id
_chem_comp.type
_chem_comp.name
_chem_comp.formula
BMA D-saccharide, beta linking beta-D-mannopyranose 'C6 H12 O6'
MAN D-saccharide, alpha linking alpha-D-mannopyranose 'C6 H12 O6'
NAG D-saccharide, beta linking 2-acetamido-2-deoxy-beta-D-glucopyranose 'C8 H15 N O6'
#
# COMPACT_ATOMS: atom_id res chain seq x y z
N LEU A 7 -20.49 -7.01 -61.87
CA LEU A 7 -20.93 -6.29 -60.69
C LEU A 7 -19.78 -5.49 -60.07
N TRP A 8 -20.12 -4.63 -59.12
CA TRP A 8 -19.17 -3.70 -58.52
C TRP A 8 -19.20 -3.84 -57.00
N VAL A 9 -18.04 -3.60 -56.38
CA VAL A 9 -17.90 -3.66 -54.93
C VAL A 9 -18.88 -2.69 -54.26
N THR A 10 -19.40 -3.09 -53.10
CA THR A 10 -20.37 -2.30 -52.35
C THR A 10 -20.12 -2.53 -50.86
N VAL A 11 -20.04 -1.44 -50.11
CA VAL A 11 -19.69 -1.47 -48.69
C VAL A 11 -20.95 -1.23 -47.88
N TYR A 12 -21.24 -2.13 -46.95
CA TYR A 12 -22.39 -2.02 -46.07
C TYR A 12 -21.90 -1.81 -44.64
N TYR A 13 -22.52 -0.88 -43.94
CA TYR A 13 -22.10 -0.48 -42.61
C TYR A 13 -23.23 -0.73 -41.63
N GLY A 14 -22.93 -1.41 -40.53
CA GLY A 14 -23.96 -1.88 -39.63
C GLY A 14 -24.46 -3.28 -39.92
N VAL A 15 -23.63 -4.12 -40.54
CA VAL A 15 -24.03 -5.48 -40.92
C VAL A 15 -24.23 -6.32 -39.67
N PRO A 16 -25.29 -7.16 -39.61
CA PRO A 16 -25.44 -8.10 -38.48
C PRO A 16 -24.65 -9.40 -38.66
N VAL A 17 -23.34 -9.32 -38.40
CA VAL A 17 -22.45 -10.47 -38.35
C VAL A 17 -21.50 -10.27 -37.18
N TRP A 18 -20.76 -11.32 -36.86
CA TRP A 18 -19.89 -11.31 -35.69
C TRP A 18 -18.80 -12.36 -35.83
N ARG A 19 -17.83 -12.28 -34.92
CA ARG A 19 -16.78 -13.28 -34.78
C ARG A 19 -16.48 -13.50 -33.32
N ASP A 20 -16.03 -14.71 -32.99
CA ASP A 20 -15.61 -15.03 -31.63
C ASP A 20 -14.38 -14.22 -31.24
N ALA A 21 -14.40 -13.66 -30.03
CA ALA A 21 -13.31 -12.79 -29.57
C ALA A 21 -13.29 -12.76 -28.06
N ILE A 22 -12.19 -12.23 -27.52
CA ILE A 22 -11.98 -12.07 -26.09
C ILE A 22 -11.99 -10.59 -25.78
N THR A 23 -12.84 -10.18 -24.84
CA THR A 23 -12.98 -8.78 -24.49
C THR A 23 -13.33 -8.63 -23.02
N THR A 24 -12.99 -7.47 -22.49
CA THR A 24 -13.34 -7.10 -21.12
C THR A 24 -14.83 -6.79 -21.01
N LEU A 25 -15.55 -7.51 -20.14
CA LEU A 25 -16.91 -7.19 -19.74
C LEU A 25 -16.90 -6.37 -18.45
N PHE A 26 -18.07 -6.18 -17.85
CA PHE A 26 -18.14 -5.50 -16.58
C PHE A 26 -19.38 -5.94 -15.81
N CYS A 27 -19.21 -6.12 -14.50
CA CYS A 27 -20.30 -6.50 -13.61
C CYS A 27 -21.30 -5.37 -13.47
N ALA A 28 -22.56 -5.72 -13.22
CA ALA A 28 -23.61 -4.73 -13.06
C ALA A 28 -24.31 -4.81 -11.71
N SER A 29 -24.71 -6.00 -11.27
CA SER A 29 -25.44 -6.28 -10.03
C SER A 29 -26.80 -5.58 -10.01
N ASP A 30 -27.48 -5.59 -8.87
CA ASP A 30 -28.79 -4.98 -8.76
C ASP A 30 -28.88 -4.18 -7.47
N ALA A 31 -29.68 -3.13 -7.50
CA ALA A 31 -29.86 -2.25 -6.34
C ALA A 31 -30.77 -2.90 -5.30
N ASN A 40 -21.27 -4.08 0.75
CA ASN A 40 -21.12 -5.34 0.03
C ASN A 40 -19.86 -5.34 -0.83
N VAL A 41 -19.33 -6.54 -1.10
CA VAL A 41 -18.10 -6.68 -1.87
C VAL A 41 -18.33 -6.23 -3.32
N TRP A 42 -19.46 -6.62 -3.90
CA TRP A 42 -19.72 -6.39 -5.32
C TRP A 42 -20.38 -5.05 -5.59
N ALA A 43 -21.38 -4.66 -4.80
CA ALA A 43 -22.09 -3.41 -5.02
C ALA A 43 -21.43 -2.27 -4.23
N THR A 44 -20.17 -2.02 -4.56
CA THR A 44 -19.42 -0.94 -3.92
C THR A 44 -19.82 0.42 -4.49
N CYS A 47 -19.78 -2.32 -8.94
CA CYS A 47 -20.60 -2.53 -10.13
C CYS A 47 -21.66 -1.43 -10.22
N VAL A 48 -22.07 -1.10 -11.43
CA VAL A 48 -23.05 -0.06 -11.69
C VAL A 48 -24.39 -0.74 -12.01
N PRO A 49 -25.44 -0.53 -11.21
CA PRO A 49 -26.71 -1.23 -11.44
C PRO A 49 -27.36 -0.92 -12.79
N THR A 50 -28.07 -1.91 -13.31
CA THR A 50 -28.76 -1.80 -14.60
C THR A 50 -29.87 -0.76 -14.58
N PRO A 54 -31.78 -4.66 -19.01
CA PRO A 54 -31.58 -6.04 -19.45
C PRO A 54 -32.53 -6.46 -20.56
N GLN A 55 -32.20 -6.08 -21.79
CA GLN A 55 -33.05 -6.36 -22.94
C GLN A 55 -32.67 -7.70 -23.57
N GLU A 56 -33.69 -8.38 -24.11
CA GLU A 56 -33.50 -9.64 -24.80
C GLU A 56 -34.26 -9.61 -26.11
N MET A 57 -33.65 -10.17 -27.15
CA MET A 57 -34.27 -10.24 -28.48
C MET A 57 -33.90 -11.57 -29.12
N VAL A 58 -34.92 -12.34 -29.50
CA VAL A 58 -34.69 -13.67 -30.06
C VAL A 58 -34.16 -13.53 -31.49
N LEU A 59 -33.26 -14.43 -31.87
CA LEU A 59 -32.63 -14.41 -33.19
C LEU A 59 -33.11 -15.63 -33.97
N GLU A 60 -34.08 -15.41 -34.86
CA GLU A 60 -34.65 -16.51 -35.63
C GLU A 60 -33.67 -16.96 -36.71
N ASN A 61 -33.65 -18.26 -36.97
CA ASN A 61 -32.88 -18.93 -38.02
C ASN A 61 -31.36 -18.83 -37.81
N VAL A 62 -30.90 -18.67 -36.58
CA VAL A 62 -29.49 -18.51 -36.28
C VAL A 62 -28.99 -19.74 -35.53
N THR A 63 -27.89 -20.32 -36.00
CA THR A 63 -27.24 -21.44 -35.33
C THR A 63 -25.78 -21.06 -35.11
N GLU A 64 -25.30 -21.22 -33.87
CA GLU A 64 -23.94 -20.90 -33.52
C GLU A 64 -23.32 -22.04 -32.72
N ASN A 65 -22.02 -22.25 -32.92
CA ASN A 65 -21.29 -23.34 -32.27
C ASN A 65 -20.77 -22.82 -30.94
N PHE A 66 -21.54 -23.05 -29.88
CA PHE A 66 -21.17 -22.65 -28.54
C PHE A 66 -20.12 -23.61 -27.97
N ASN A 67 -19.39 -23.14 -26.97
CA ASN A 67 -18.38 -23.97 -26.31
C ASN A 67 -18.30 -23.51 -24.85
N MET A 68 -18.76 -24.38 -23.94
CA MET A 68 -18.78 -24.03 -22.52
C MET A 68 -17.38 -24.07 -21.93
N TRP A 69 -16.49 -24.89 -22.50
CA TRP A 69 -15.19 -25.17 -21.91
C TRP A 69 -14.09 -24.22 -22.35
N LYS A 70 -14.06 -23.86 -23.63
CA LYS A 70 -13.10 -22.89 -24.14
C LYS A 70 -13.63 -21.46 -24.05
N ASN A 71 -14.58 -21.21 -23.14
CA ASN A 71 -15.11 -19.89 -22.91
C ASN A 71 -14.08 -18.98 -22.23
N ASN A 72 -14.36 -17.68 -22.25
CA ASN A 72 -13.53 -16.71 -21.57
C ASN A 72 -14.21 -16.01 -20.39
N MET A 73 -15.55 -16.04 -20.31
CA MET A 73 -16.19 -15.40 -19.15
C MET A 73 -15.90 -16.14 -17.85
N VAL A 74 -15.61 -17.44 -17.90
CA VAL A 74 -15.20 -18.13 -16.69
C VAL A 74 -13.79 -17.68 -16.26
N ASP A 75 -12.87 -17.52 -17.23
CA ASP A 75 -11.52 -17.05 -16.93
C ASP A 75 -11.47 -15.58 -16.56
N GLN A 76 -12.54 -14.82 -16.85
CA GLN A 76 -12.63 -13.44 -16.38
C GLN A 76 -13.38 -13.36 -15.05
N MET A 77 -14.38 -14.21 -14.86
CA MET A 77 -15.10 -14.26 -13.59
C MET A 77 -14.20 -14.71 -12.46
N HIS A 78 -13.32 -15.69 -12.73
CA HIS A 78 -12.34 -16.14 -11.74
C HIS A 78 -11.44 -14.98 -11.30
N GLU A 79 -10.81 -14.30 -12.26
CA GLU A 79 -9.92 -13.20 -11.96
C GLU A 79 -10.65 -12.02 -11.31
N ASP A 80 -11.91 -11.79 -11.68
CA ASP A 80 -12.65 -10.71 -11.05
C ASP A 80 -13.09 -11.06 -9.63
N ILE A 81 -13.26 -12.34 -9.32
CA ILE A 81 -13.50 -12.74 -7.93
C ILE A 81 -12.22 -12.58 -7.11
N ILE A 82 -11.07 -12.96 -7.70
CA ILE A 82 -9.78 -12.75 -7.03
C ILE A 82 -9.54 -11.27 -6.76
N SER A 83 -9.80 -10.43 -7.77
CA SER A 83 -9.56 -8.99 -7.65
C SER A 83 -10.47 -8.34 -6.61
N LEU A 84 -11.76 -8.70 -6.60
CA LEU A 84 -12.67 -8.12 -5.61
C LEU A 84 -12.38 -8.64 -4.20
N TRP A 85 -12.02 -9.92 -4.07
CA TRP A 85 -11.69 -10.43 -2.74
C TRP A 85 -10.39 -9.85 -2.21
N ASP A 86 -9.44 -9.54 -3.09
CA ASP A 86 -8.22 -8.88 -2.65
C ASP A 86 -8.48 -7.42 -2.30
N GLN A 87 -9.28 -6.73 -3.11
CA GLN A 87 -9.61 -5.33 -2.86
C GLN A 87 -10.41 -5.16 -1.58
N SER A 88 -11.36 -6.06 -1.32
CA SER A 88 -12.24 -5.93 -0.17
C SER A 88 -11.54 -6.27 1.15
N LEU A 89 -10.42 -6.99 1.10
CA LEU A 89 -9.69 -7.39 2.29
C LEU A 89 -8.44 -6.55 2.51
N LYS A 90 -8.33 -5.41 1.83
CA LYS A 90 -7.20 -4.52 2.08
C LYS A 90 -7.40 -3.68 3.34
N PRO A 91 -8.60 -2.99 3.60
CA PRO A 91 -8.78 -2.28 4.87
C PRO A 91 -9.32 -3.17 6.00
N CYS A 92 -8.66 -4.31 6.21
CA CYS A 92 -9.07 -5.26 7.23
C CYS A 92 -7.85 -5.66 8.05
N VAL A 93 -8.13 -6.27 9.21
CA VAL A 93 -7.08 -6.63 10.17
C VAL A 93 -6.16 -7.70 9.57
N GLN A 94 -4.89 -7.64 9.94
CA GLN A 94 -3.90 -8.66 9.59
C GLN A 94 -3.42 -9.31 10.86
N LEU A 95 -3.58 -10.63 10.96
CA LEU A 95 -3.26 -11.35 12.20
C LEU A 95 -1.83 -11.87 12.21
N THR A 96 -0.89 -10.99 11.86
CA THR A 96 0.53 -11.28 12.04
C THR A 96 0.96 -11.16 13.51
N PRO A 97 0.50 -10.18 14.32
CA PRO A 97 0.82 -10.23 15.77
C PRO A 97 0.25 -11.44 16.51
N LEU A 98 -0.79 -12.09 15.98
CA LEU A 98 -1.43 -13.19 16.68
C LEU A 98 -0.72 -14.52 16.48
N CYS A 99 0.36 -14.56 15.70
CA CYS A 99 1.14 -15.78 15.52
C CYS A 99 2.07 -15.94 16.71
N VAL A 100 1.51 -16.44 17.80
CA VAL A 100 2.21 -16.62 19.06
C VAL A 100 1.93 -18.04 19.53
N THR A 101 2.70 -18.48 20.52
CA THR A 101 2.47 -19.79 21.11
C THR A 101 1.12 -19.80 21.82
N LEU A 102 0.38 -20.89 21.66
CA LEU A 102 -0.97 -21.00 22.18
C LEU A 102 -1.02 -22.16 23.16
N ASN A 103 -1.38 -21.88 24.41
CA ASN A 103 -1.54 -22.90 25.43
C ASN A 103 -2.96 -23.44 25.31
N CYS A 104 -3.11 -24.57 24.62
CA CYS A 104 -4.41 -25.10 24.25
C CYS A 104 -4.69 -26.38 25.02
N THR A 105 -5.86 -26.45 25.64
CA THR A 105 -6.33 -27.64 26.34
C THR A 105 -7.69 -28.03 25.75
N ASP A 106 -8.20 -29.17 26.20
CA ASP A 106 -9.51 -29.62 25.74
C ASP A 106 -10.61 -28.78 26.38
N VAL A 107 -11.67 -28.55 25.62
CA VAL A 107 -12.81 -27.80 26.12
C VAL A 107 -13.65 -28.68 27.03
N THR A 134 -14.38 -33.88 20.14
CA THR A 134 -15.06 -32.60 20.23
C THR A 134 -14.64 -31.69 19.08
N GLY A 135 -13.32 -31.64 18.82
CA GLY A 135 -12.79 -30.84 17.75
C GLY A 135 -12.63 -29.37 18.06
N ILE A 136 -12.69 -28.98 19.33
CA ILE A 136 -12.53 -27.58 19.75
C ILE A 136 -11.50 -27.58 20.88
N LYS A 137 -10.66 -26.55 20.91
CA LYS A 137 -9.60 -26.41 21.90
C LYS A 137 -9.69 -25.04 22.55
N ASN A 138 -9.61 -24.99 23.87
CA ASN A 138 -9.58 -23.74 24.61
C ASN A 138 -8.12 -23.30 24.67
N CYS A 139 -7.79 -22.22 23.96
CA CYS A 139 -6.41 -21.77 23.80
C CYS A 139 -6.22 -20.44 24.51
N SER A 140 -5.22 -20.38 25.39
CA SER A 140 -4.86 -19.16 26.09
C SER A 140 -3.53 -18.66 25.56
N PHE A 141 -3.45 -17.36 25.33
CA PHE A 141 -2.23 -16.75 24.80
C PHE A 141 -2.19 -15.28 25.18
N ASN A 142 -1.02 -14.67 24.99
CA ASN A 142 -0.77 -13.29 25.35
C ASN A 142 -0.54 -12.46 24.09
N ILE A 143 -0.83 -11.16 24.19
CA ILE A 143 -0.80 -10.27 23.04
C ILE A 143 -0.25 -8.90 23.44
N THR A 144 0.22 -8.18 22.44
CA THR A 144 0.62 -6.79 22.60
C THR A 144 -0.63 -5.93 22.41
N THR A 145 -1.13 -5.36 23.51
CA THR A 145 -2.42 -4.67 23.49
C THR A 145 -2.27 -3.28 22.87
N GLU A 146 -3.30 -2.43 23.01
CA GLU A 146 -3.30 -1.11 22.40
C GLU A 146 -2.19 -0.22 22.96
N VAL A 147 -1.83 -0.41 24.23
CA VAL A 147 -0.64 0.21 24.81
C VAL A 147 0.50 -0.78 24.59
N ARG A 148 1.49 -0.38 23.78
CA ARG A 148 2.44 -1.34 23.21
C ARG A 148 3.39 -1.92 24.26
N ASP A 149 3.73 -1.17 25.30
CA ASP A 149 4.63 -1.69 26.33
C ASP A 149 3.88 -2.43 27.46
N LYS A 150 2.68 -2.92 27.18
CA LYS A 150 1.91 -3.73 28.12
C LYS A 150 1.38 -4.96 27.40
N LYS A 151 1.50 -6.12 28.05
CA LYS A 151 1.02 -7.37 27.51
C LYS A 151 -0.19 -7.87 28.29
N LYS A 152 -1.18 -8.40 27.57
CA LYS A 152 -2.43 -8.84 28.14
C LYS A 152 -2.67 -10.30 27.77
N LYS A 153 -3.06 -11.11 28.75
CA LYS A 153 -3.40 -12.52 28.50
C LYS A 153 -4.87 -12.62 28.17
N VAL A 154 -5.19 -13.37 27.11
CA VAL A 154 -6.55 -13.55 26.63
C VAL A 154 -6.78 -15.03 26.34
N HIS A 155 -8.05 -15.38 26.16
CA HIS A 155 -8.47 -16.73 25.87
C HIS A 155 -9.32 -16.73 24.61
N ALA A 156 -9.41 -17.89 23.97
CA ALA A 156 -10.17 -18.06 22.74
C ALA A 156 -10.37 -19.52 22.45
N LEU A 157 -11.54 -19.87 21.91
CA LEU A 157 -11.83 -21.22 21.49
C LEU A 157 -11.48 -21.37 20.02
N PHE A 158 -10.50 -22.21 19.71
CA PHE A 158 -10.11 -22.50 18.35
C PHE A 158 -10.39 -23.97 18.03
N TYR A 159 -10.93 -24.21 16.83
CA TYR A 159 -11.11 -25.56 16.34
C TYR A 159 -9.75 -26.23 16.12
N ARG A 160 -9.74 -27.56 16.18
CA ARG A 160 -8.50 -28.30 16.01
C ARG A 160 -7.97 -28.21 14.58
N LEU A 161 -8.84 -27.95 13.61
CA LEU A 161 -8.39 -27.78 12.23
C LEU A 161 -7.73 -26.42 12.01
N ASP A 162 -7.92 -25.47 12.92
CA ASP A 162 -7.36 -24.13 12.77
C ASP A 162 -6.04 -23.97 13.53
N ILE A 163 -5.51 -25.04 14.13
CA ILE A 163 -4.25 -24.98 14.85
C ILE A 163 -3.45 -26.24 14.56
N VAL A 164 -2.12 -26.11 14.64
CA VAL A 164 -1.18 -27.21 14.42
C VAL A 164 -0.19 -27.21 15.58
N PRO A 165 0.30 -28.37 16.03
CA PRO A 165 1.22 -28.39 17.17
C PRO A 165 2.62 -27.95 16.75
N ILE A 166 3.45 -27.71 17.77
CA ILE A 166 4.85 -27.37 17.58
C ILE A 166 5.70 -28.14 18.58
N SER A 173 2.68 -32.44 24.41
CA SER A 173 2.65 -31.05 24.85
C SER A 173 1.29 -30.42 24.59
N THR A 174 1.19 -29.12 24.83
CA THR A 174 -0.05 -28.37 24.63
C THR A 174 0.18 -27.08 23.85
N GLU A 175 1.37 -26.89 23.29
CA GLU A 175 1.70 -25.65 22.58
C GLU A 175 1.32 -25.79 21.11
N TYR A 176 0.57 -24.81 20.60
CA TYR A 176 0.09 -24.80 19.23
C TYR A 176 0.30 -23.42 18.62
N ILE A 177 0.15 -23.34 17.30
CA ILE A 177 0.11 -22.09 16.56
C ILE A 177 -1.01 -22.18 15.53
N LEU A 178 -1.51 -21.01 15.14
CA LEU A 178 -2.52 -20.93 14.09
C LEU A 178 -2.00 -21.50 12.77
N ILE A 179 -2.84 -22.31 12.12
CA ILE A 179 -2.47 -23.00 10.89
C ILE A 179 -2.19 -21.99 9.79
N ASN A 180 -1.19 -22.29 8.95
CA ASN A 180 -0.74 -21.47 7.83
C ASN A 180 -0.20 -20.11 8.26
N CYS A 181 0.36 -20.03 9.46
CA CYS A 181 1.10 -18.82 9.81
C CYS A 181 2.48 -18.80 9.16
N ASN A 182 3.15 -19.94 9.07
CA ASN A 182 4.52 -19.97 8.59
C ASN A 182 4.61 -20.16 7.08
N THR A 183 3.49 -19.99 6.38
CA THR A 183 3.42 -20.02 4.93
C THR A 183 2.58 -18.88 4.36
N SER A 184 1.68 -18.28 5.14
CA SER A 184 0.73 -17.30 4.64
C SER A 184 0.51 -16.21 5.68
N VAL A 185 -0.05 -15.10 5.21
CA VAL A 185 -0.35 -13.93 6.03
C VAL A 185 -1.87 -13.91 6.19
N ILE A 186 -2.34 -14.32 7.37
CA ILE A 186 -3.76 -14.41 7.63
C ILE A 186 -4.38 -13.01 7.67
N THR A 187 -5.55 -12.86 7.06
CA THR A 187 -6.26 -11.60 7.01
C THR A 187 -7.70 -11.83 7.46
N GLN A 188 -8.07 -11.22 8.59
CA GLN A 188 -9.43 -11.35 9.11
C GLN A 188 -10.45 -10.77 8.15
N ILE A 189 -11.52 -11.51 7.89
CA ILE A 189 -12.62 -11.01 7.08
C ILE A 189 -13.38 -9.96 7.88
N CYS A 190 -13.56 -8.78 7.26
CA CYS A 190 -14.08 -7.61 7.96
C CYS A 190 -15.53 -7.81 8.38
N PRO A 191 -15.86 -7.61 9.66
CA PRO A 191 -17.27 -7.46 10.04
C PRO A 191 -17.82 -6.14 9.54
N LYS A 192 -19.16 -6.05 9.54
CA LYS A 192 -19.96 -4.92 9.04
C LYS A 192 -19.77 -4.68 7.54
N VAL A 193 -19.26 -5.67 6.82
CA VAL A 193 -19.21 -5.71 5.37
C VAL A 193 -19.59 -7.14 5.00
N SER A 194 -20.83 -7.32 4.55
CA SER A 194 -21.33 -8.65 4.23
C SER A 194 -20.73 -9.17 2.93
N PHE A 195 -20.38 -10.46 2.93
CA PHE A 195 -19.81 -11.13 1.76
C PHE A 195 -20.84 -12.04 1.09
N ASP A 196 -22.11 -11.65 1.13
CA ASP A 196 -23.18 -12.42 0.55
C ASP A 196 -23.03 -12.48 -0.97
N PRO A 197 -23.20 -13.66 -1.58
CA PRO A 197 -23.16 -13.73 -3.06
C PRO A 197 -24.46 -13.22 -3.69
N ILE A 198 -24.52 -11.90 -3.87
CA ILE A 198 -25.64 -11.22 -4.50
C ILE A 198 -25.61 -11.56 -6.00
N PRO A 199 -26.74 -11.54 -6.72
CA PRO A 199 -26.69 -11.85 -8.15
C PRO A 199 -25.92 -10.80 -8.94
N ILE A 200 -25.09 -11.28 -9.87
CA ILE A 200 -24.19 -10.43 -10.65
C ILE A 200 -24.48 -10.64 -12.12
N HIS A 201 -24.90 -9.57 -12.79
CA HIS A 201 -25.09 -9.58 -14.23
C HIS A 201 -23.81 -9.18 -14.93
N TYR A 202 -23.67 -9.61 -16.18
CA TYR A 202 -22.51 -9.31 -17.01
C TYR A 202 -22.99 -8.64 -18.28
N CYS A 203 -22.76 -7.33 -18.38
CA CYS A 203 -23.21 -6.54 -19.53
C CYS A 203 -22.04 -6.31 -20.46
N ALA A 204 -22.28 -6.51 -21.76
CA ALA A 204 -21.22 -6.41 -22.74
C ALA A 204 -20.89 -4.94 -23.01
N PRO A 205 -19.66 -4.63 -23.42
CA PRO A 205 -19.31 -3.23 -23.68
C PRO A 205 -19.82 -2.81 -25.05
N ALA A 206 -19.49 -1.58 -25.42
CA ALA A 206 -19.89 -1.06 -26.72
C ALA A 206 -19.16 -1.80 -27.84
N GLY A 207 -19.90 -2.13 -28.89
CA GLY A 207 -19.32 -2.83 -30.03
C GLY A 207 -19.30 -4.33 -29.93
N TYR A 208 -19.73 -4.89 -28.80
CA TYR A 208 -19.77 -6.34 -28.59
C TYR A 208 -21.21 -6.76 -28.25
N ALA A 209 -21.41 -8.08 -28.13
CA ALA A 209 -22.72 -8.61 -27.77
C ALA A 209 -22.55 -9.98 -27.14
N ILE A 210 -23.59 -10.42 -26.43
CA ILE A 210 -23.65 -11.72 -25.78
C ILE A 210 -24.80 -12.51 -26.39
N LEU A 211 -24.48 -13.71 -26.88
CA LEU A 211 -25.49 -14.62 -27.40
C LEU A 211 -25.81 -15.66 -26.34
N LYS A 212 -27.09 -15.90 -26.11
CA LYS A 212 -27.56 -16.90 -25.14
C LYS A 212 -28.28 -18.00 -25.89
N CYS A 213 -28.00 -19.25 -25.53
CA CYS A 213 -28.60 -20.40 -26.21
C CYS A 213 -29.85 -20.84 -25.46
N ASN A 214 -30.98 -20.81 -26.15
CA ASN A 214 -32.27 -21.08 -25.53
C ASN A 214 -32.75 -22.51 -25.72
N ASN A 215 -31.97 -23.36 -26.40
CA ASN A 215 -32.32 -24.76 -26.58
C ASN A 215 -32.28 -25.46 -25.22
N LYS A 216 -33.40 -26.08 -24.82
CA LYS A 216 -33.53 -26.62 -23.48
C LYS A 216 -32.59 -27.80 -23.24
N THR A 217 -32.41 -28.66 -24.23
CA THR A 217 -31.56 -29.84 -24.09
C THR A 217 -30.10 -29.58 -24.45
N PHE A 218 -29.66 -28.33 -24.41
CA PHE A 218 -28.31 -27.95 -24.82
C PHE A 218 -27.31 -28.36 -23.74
N ASN A 219 -26.38 -29.26 -24.09
CA ASN A 219 -25.47 -29.78 -23.08
C ASN A 219 -24.30 -28.86 -22.77
N GLY A 220 -23.99 -27.90 -23.64
CA GLY A 220 -22.84 -27.05 -23.41
C GLY A 220 -21.89 -26.95 -24.58
N THR A 221 -21.96 -27.89 -25.52
CA THR A 221 -21.09 -27.88 -26.69
C THR A 221 -21.95 -28.12 -27.92
N GLY A 222 -21.55 -27.51 -29.05
CA GLY A 222 -22.19 -27.75 -30.32
C GLY A 222 -23.18 -26.68 -30.73
N PRO A 223 -23.95 -26.96 -31.78
CA PRO A 223 -24.90 -25.97 -32.30
C PRO A 223 -26.07 -25.74 -31.34
N CYS A 224 -26.69 -24.57 -31.51
CA CYS A 224 -27.89 -24.19 -30.77
C CYS A 224 -29.03 -23.93 -31.74
N ASN A 225 -30.23 -24.38 -31.36
CA ASN A 225 -31.39 -24.29 -32.25
C ASN A 225 -31.77 -22.83 -32.50
N ASN A 226 -31.95 -22.04 -31.44
CA ASN A 226 -32.23 -20.63 -31.60
C ASN A 226 -31.62 -19.85 -30.46
N VAL A 227 -31.03 -18.71 -30.78
CA VAL A 227 -30.26 -17.95 -29.81
C VAL A 227 -30.92 -16.59 -29.56
N SER A 228 -30.37 -15.83 -28.63
CA SER A 228 -30.89 -14.50 -28.31
C SER A 228 -29.75 -13.58 -27.94
N THR A 229 -29.69 -12.42 -28.59
CA THR A 229 -28.72 -11.39 -28.21
C THR A 229 -29.26 -10.61 -27.01
N ILE A 230 -28.41 -10.40 -26.01
CA ILE A 230 -28.79 -9.68 -24.81
C ILE A 230 -27.69 -8.66 -24.49
N GLN A 231 -28.08 -7.64 -23.72
CA GLN A 231 -27.09 -6.74 -23.15
C GLN A 231 -26.45 -7.37 -21.91
N CYS A 232 -27.26 -7.63 -20.89
CA CYS A 232 -26.78 -8.11 -19.61
C CYS A 232 -27.29 -9.52 -19.35
N THR A 233 -26.41 -10.39 -18.86
CA THR A 233 -26.77 -11.75 -18.50
C THR A 233 -27.73 -11.77 -17.30
N HIS A 234 -28.23 -12.97 -17.01
CA HIS A 234 -29.09 -13.15 -15.85
C HIS A 234 -28.29 -13.04 -14.55
N GLY A 235 -29.01 -13.00 -13.43
CA GLY A 235 -28.35 -12.92 -12.14
C GLY A 235 -27.56 -14.17 -11.80
N ILE A 236 -26.25 -14.04 -11.85
CA ILE A 236 -25.32 -15.15 -11.60
C ILE A 236 -24.82 -14.99 -10.17
N LYS A 237 -25.35 -15.79 -9.25
CA LYS A 237 -24.86 -15.77 -7.89
C LYS A 237 -23.47 -16.42 -7.86
N PRO A 238 -22.43 -15.71 -7.43
CA PRO A 238 -21.10 -16.34 -7.39
C PRO A 238 -20.90 -17.17 -6.12
N VAL A 239 -21.48 -18.37 -6.15
CA VAL A 239 -21.42 -19.26 -5.01
C VAL A 239 -20.05 -19.94 -4.95
N VAL A 240 -19.75 -20.50 -3.78
CA VAL A 240 -18.51 -21.24 -3.55
C VAL A 240 -18.92 -22.63 -3.08
N SER A 241 -18.49 -23.65 -3.80
CA SER A 241 -18.83 -25.02 -3.44
C SER A 241 -17.73 -25.96 -3.92
N THR A 242 -17.88 -27.24 -3.58
CA THR A 242 -16.91 -28.25 -3.96
C THR A 242 -17.50 -29.42 -4.74
N GLN A 243 -18.58 -30.01 -4.25
CA GLN A 243 -19.09 -31.25 -4.82
C GLN A 243 -20.56 -31.14 -5.22
N LEU A 244 -21.30 -30.26 -4.56
CA LEU A 244 -22.69 -30.00 -4.89
C LEU A 244 -22.83 -28.51 -5.18
N LEU A 245 -23.28 -28.19 -6.38
CA LEU A 245 -23.48 -26.79 -6.76
C LEU A 245 -24.75 -26.27 -6.08
N LEU A 246 -24.61 -25.19 -5.32
CA LEU A 246 -25.68 -24.68 -4.48
C LEU A 246 -26.19 -23.37 -5.05
N ASN A 247 -27.52 -23.17 -4.95
CA ASN A 247 -28.21 -21.94 -5.33
C ASN A 247 -27.97 -21.55 -6.80
N GLY A 248 -27.79 -22.54 -7.67
CA GLY A 248 -27.57 -22.30 -9.07
C GLY A 248 -28.86 -22.16 -9.84
N SER A 249 -28.75 -22.20 -11.16
CA SER A 249 -29.89 -22.10 -12.06
C SER A 249 -30.33 -23.50 -12.47
N LEU A 250 -31.60 -23.79 -12.26
CA LEU A 250 -32.14 -25.10 -12.62
C LEU A 250 -32.23 -25.25 -14.13
N ALA A 251 -32.06 -26.48 -14.60
CA ALA A 251 -32.37 -26.79 -15.99
C ALA A 251 -33.88 -26.72 -16.21
N GLU A 252 -34.27 -26.26 -17.39
CA GLU A 252 -35.68 -25.98 -17.67
C GLU A 252 -36.50 -27.27 -17.74
N GLU A 253 -36.03 -28.25 -18.49
CA GLU A 253 -36.89 -29.40 -18.77
C GLU A 253 -36.27 -30.75 -18.43
N ASP A 254 -34.95 -30.90 -18.60
CA ASP A 254 -34.33 -32.21 -18.45
C ASP A 254 -32.95 -32.05 -17.84
N ILE A 255 -32.46 -33.14 -17.24
CA ILE A 255 -31.12 -33.18 -16.66
C ILE A 255 -30.07 -33.06 -17.76
N ILE A 256 -29.07 -32.21 -17.52
CA ILE A 256 -28.07 -31.84 -18.52
C ILE A 256 -26.70 -32.25 -18.01
N ILE A 257 -26.03 -33.14 -18.75
CA ILE A 257 -24.74 -33.70 -18.39
C ILE A 257 -23.71 -33.20 -19.40
N SER A 258 -22.51 -32.87 -18.92
CA SER A 258 -21.53 -32.23 -19.79
C SER A 258 -20.09 -32.57 -19.37
N SER A 259 -19.24 -32.73 -20.38
CA SER A 259 -17.79 -32.86 -20.21
C SER A 259 -17.15 -32.46 -21.52
N GLU A 260 -15.84 -32.15 -21.46
CA GLU A 260 -15.08 -31.99 -22.69
C GLU A 260 -15.00 -33.30 -23.47
N ASN A 261 -14.70 -34.39 -22.77
CA ASN A 261 -14.63 -35.72 -23.38
C ASN A 261 -14.77 -36.72 -22.25
N MET A 262 -15.88 -37.47 -22.24
CA MET A 262 -16.16 -38.41 -21.17
C MET A 262 -15.12 -39.52 -21.08
N MET A 263 -14.60 -39.97 -22.22
CA MET A 263 -13.54 -40.98 -22.21
C MET A 263 -12.24 -40.47 -21.60
N ASP A 264 -12.02 -39.17 -21.58
CA ASP A 264 -10.93 -38.58 -20.81
C ASP A 264 -11.38 -38.48 -19.35
N ASN A 265 -10.51 -38.90 -18.43
CA ASN A 265 -10.89 -39.05 -17.03
C ASN A 265 -10.42 -37.92 -16.13
N THR A 266 -9.54 -37.05 -16.61
CA THR A 266 -9.05 -35.91 -15.84
C THR A 266 -9.96 -34.71 -15.91
N LYS A 267 -11.21 -34.87 -16.35
CA LYS A 267 -12.06 -33.77 -16.74
C LYS A 267 -13.40 -33.94 -16.04
N THR A 268 -13.74 -32.98 -15.18
CA THR A 268 -14.92 -33.07 -14.32
C THR A 268 -16.19 -33.11 -15.15
N ILE A 269 -17.10 -34.01 -14.78
CA ILE A 269 -18.40 -34.13 -15.42
C ILE A 269 -19.40 -33.31 -14.62
N ILE A 270 -19.99 -32.32 -15.26
CA ILE A 270 -21.01 -31.48 -14.63
C ILE A 270 -22.37 -32.10 -14.93
N VAL A 271 -23.25 -32.11 -13.94
CA VAL A 271 -24.62 -32.62 -14.07
C VAL A 271 -25.55 -31.57 -13.48
N HIS A 272 -26.48 -31.08 -14.28
CA HIS A 272 -27.44 -30.08 -13.85
C HIS A 272 -28.77 -30.75 -13.54
N PHE A 273 -29.28 -30.53 -12.33
CA PHE A 273 -30.58 -31.07 -11.96
C PHE A 273 -31.67 -30.15 -12.49
N ASN A 274 -32.69 -30.72 -13.11
CA ASN A 274 -33.88 -29.96 -13.47
C ASN A 274 -34.87 -29.84 -12.31
N GLU A 275 -34.64 -30.57 -11.22
CA GLU A 275 -35.45 -30.47 -10.01
C GLU A 275 -34.53 -30.19 -8.84
N SER A 276 -34.82 -29.12 -8.10
CA SER A 276 -34.00 -28.77 -6.95
C SER A 276 -34.23 -29.77 -5.83
N VAL A 277 -33.17 -30.01 -5.06
CA VAL A 277 -33.21 -30.88 -3.89
C VAL A 277 -32.96 -30.00 -2.68
N GLY A 278 -33.92 -29.97 -1.75
CA GLY A 278 -33.76 -29.15 -0.57
C GLY A 278 -32.65 -29.70 0.32
N ILE A 279 -31.85 -28.80 0.85
CA ILE A 279 -30.80 -29.16 1.79
C ILE A 279 -30.71 -28.11 2.89
N GLU A 280 -31.05 -28.49 4.12
CA GLU A 280 -31.05 -27.58 5.26
C GLU A 280 -29.94 -28.02 6.20
N CYS A 281 -29.07 -27.08 6.59
CA CYS A 281 -27.86 -27.43 7.32
C CYS A 281 -27.66 -26.38 8.41
N THR A 282 -26.93 -26.73 9.47
CA THR A 282 -26.89 -25.81 10.61
C THR A 282 -25.68 -26.07 11.50
N ARG A 283 -25.21 -24.97 12.11
CA ARG A 283 -24.24 -25.03 13.18
C ARG A 283 -25.02 -24.79 14.47
N PRO A 284 -25.25 -25.79 15.31
CA PRO A 284 -26.10 -25.60 16.49
C PRO A 284 -25.40 -25.12 17.75
N ASN A 285 -24.15 -24.68 17.69
CA ASN A 285 -23.44 -24.24 18.87
C ASN A 285 -23.80 -22.81 19.24
N ASN A 286 -23.99 -22.55 20.53
CA ASN A 286 -24.34 -21.22 21.03
C ASN A 286 -23.04 -20.49 21.37
N ASN A 287 -22.42 -19.91 20.35
CA ASN A 287 -21.18 -19.17 20.54
C ASN A 287 -21.44 -17.82 21.19
N THR A 288 -20.43 -17.33 21.90
CA THR A 288 -20.39 -15.94 22.37
C THR A 288 -19.12 -15.30 21.82
N VAL A 289 -19.28 -14.23 21.06
CA VAL A 289 -18.14 -13.59 20.40
C VAL A 289 -17.49 -12.62 21.39
N GLU A 290 -16.17 -12.69 21.49
CA GLU A 290 -15.40 -11.78 22.32
C GLU A 290 -14.48 -10.97 21.43
N SER A 291 -14.45 -9.66 21.65
CA SER A 291 -13.59 -8.76 20.88
C SER A 291 -12.24 -8.60 21.58
N ILE A 292 -11.17 -8.73 20.79
CA ILE A 292 -9.81 -8.59 21.28
C ILE A 292 -9.15 -7.45 20.51
N ARG A 293 -8.74 -6.41 21.22
CA ARG A 293 -8.08 -5.26 20.63
C ARG A 293 -6.59 -5.55 20.57
N ILE A 294 -6.01 -5.46 19.37
CA ILE A 294 -4.61 -5.76 19.14
C ILE A 294 -3.83 -4.57 18.60
N GLY A 295 -4.47 -3.42 18.43
CA GLY A 295 -3.80 -2.29 17.85
C GLY A 295 -4.68 -1.06 17.78
N PRO A 296 -4.24 -0.04 17.05
CA PRO A 296 -5.03 1.17 16.91
C PRO A 296 -6.22 0.99 15.98
N GLY A 297 -7.34 0.52 16.54
CA GLY A 297 -8.54 0.29 15.77
C GLY A 297 -8.67 -1.10 15.19
N GLN A 298 -7.66 -1.95 15.36
CA GLN A 298 -7.72 -3.33 14.91
C GLN A 298 -8.35 -4.20 16.00
N THR A 299 -9.41 -4.92 15.63
CA THR A 299 -10.12 -5.79 16.56
C THR A 299 -10.08 -7.22 16.02
N PHE A 300 -9.94 -8.19 16.92
CA PHE A 300 -9.83 -9.60 16.56
C PHE A 300 -10.95 -10.33 17.29
N TYR A 301 -11.92 -10.84 16.52
CA TYR A 301 -13.11 -11.47 17.06
C TYR A 301 -12.90 -12.97 17.19
N VAL A 302 -13.09 -13.50 18.40
CA VAL A 302 -12.88 -14.91 18.68
C VAL A 302 -14.14 -15.52 19.28
N THR A 303 -14.24 -16.84 19.15
CA THR A 303 -15.23 -17.59 19.89
C THR A 303 -14.79 -17.65 21.35
N GLY A 304 -15.75 -17.76 22.26
CA GLY A 304 -15.42 -18.00 23.64
C GLY A 304 -16.66 -18.37 24.44
N GLU A 305 -16.53 -19.36 25.33
CA GLU A 305 -17.56 -19.76 26.29
C GLU A 305 -18.85 -20.18 25.57
N ILE A 306 -18.76 -21.30 24.84
CA ILE A 306 -19.96 -21.96 24.33
C ILE A 306 -20.89 -22.28 25.50
N ILE A 307 -22.19 -22.07 25.30
CA ILE A 307 -23.20 -22.27 26.33
C ILE A 307 -24.04 -23.48 25.96
N GLY A 308 -24.16 -24.41 26.89
CA GLY A 308 -24.91 -25.61 26.66
C GLY A 308 -24.04 -26.72 26.09
N ASP A 309 -24.70 -27.67 25.45
CA ASP A 309 -24.02 -28.82 24.87
C ASP A 309 -23.20 -28.40 23.65
N ILE A 310 -22.03 -28.99 23.50
CA ILE A 310 -21.20 -28.78 22.32
C ILE A 310 -21.70 -29.78 21.29
N ARG A 311 -22.60 -29.32 20.45
CA ARG A 311 -23.23 -30.19 19.46
C ARG A 311 -22.45 -30.12 18.15
N GLN A 312 -22.72 -31.09 17.28
CA GLN A 312 -22.00 -31.21 16.02
C GLN A 312 -22.78 -30.51 14.93
N ALA A 313 -22.07 -29.80 14.06
CA ALA A 313 -22.71 -29.23 12.89
C ALA A 313 -23.08 -30.35 11.93
N HIS A 314 -24.31 -30.31 11.43
CA HIS A 314 -24.80 -31.38 10.58
C HIS A 314 -25.40 -30.76 9.35
N CYS A 315 -25.49 -31.55 8.28
CA CYS A 315 -26.07 -31.02 7.05
C CYS A 315 -27.11 -32.04 6.57
N ASN A 316 -28.39 -31.71 6.74
CA ASN A 316 -29.48 -32.62 6.36
C ASN A 316 -29.82 -32.54 4.88
N ILE A 317 -30.00 -33.70 4.25
CA ILE A 317 -30.62 -33.83 2.94
C ILE A 317 -31.74 -34.85 3.13
N SER A 318 -32.74 -34.80 2.25
CA SER A 318 -33.87 -35.71 2.32
C SER A 318 -33.61 -36.92 1.43
N LYS A 319 -33.76 -38.11 2.01
CA LYS A 319 -33.60 -39.37 1.29
C LYS A 319 -34.76 -39.64 0.32
N GLY A 320 -35.83 -38.86 0.37
CA GLY A 320 -36.87 -38.97 -0.63
C GLY A 320 -36.48 -38.43 -2.00
N ASN A 321 -36.30 -37.11 -2.09
CA ASN A 321 -35.96 -36.48 -3.38
C ASN A 321 -34.57 -36.88 -3.87
N TRP A 322 -33.58 -36.89 -2.98
CA TRP A 322 -32.33 -37.55 -3.29
C TRP A 322 -32.55 -39.05 -3.42
N SER A 323 -31.73 -39.65 -4.29
CA SER A 323 -31.73 -41.02 -4.82
C SER A 323 -32.84 -41.21 -5.85
N LYS A 324 -33.86 -40.36 -5.84
CA LYS A 324 -34.74 -40.24 -7.00
C LYS A 324 -34.04 -39.44 -8.09
N THR A 325 -33.53 -38.26 -7.71
CA THR A 325 -32.72 -37.47 -8.65
C THR A 325 -31.46 -38.23 -9.04
N LEU A 326 -30.89 -39.01 -8.11
CA LEU A 326 -29.67 -39.75 -8.42
C LEU A 326 -29.98 -40.95 -9.32
N GLN A 327 -31.14 -41.59 -9.16
CA GLN A 327 -31.56 -42.64 -10.08
C GLN A 327 -31.80 -42.07 -11.47
N ARG A 328 -32.39 -40.86 -11.54
CA ARG A 328 -32.55 -40.18 -12.83
C ARG A 328 -31.19 -39.90 -13.49
N VAL A 329 -30.22 -39.45 -12.69
CA VAL A 329 -28.87 -39.20 -13.18
C VAL A 329 -28.23 -40.49 -13.66
N LYS A 330 -28.44 -41.59 -12.93
CA LYS A 330 -27.94 -42.90 -13.32
C LYS A 330 -28.52 -43.35 -14.66
N GLU A 331 -29.85 -43.18 -14.83
CA GLU A 331 -30.51 -43.49 -16.10
C GLU A 331 -29.93 -42.68 -17.23
N LYS A 332 -29.67 -41.40 -16.99
CA LYS A 332 -29.15 -40.55 -18.06
C LYS A 332 -27.70 -40.88 -18.38
N LEU A 333 -26.91 -41.29 -17.38
CA LEU A 333 -25.52 -41.65 -17.64
C LEU A 333 -25.37 -43.05 -18.19
N LYS A 334 -26.45 -43.83 -18.24
CA LYS A 334 -26.38 -45.10 -18.97
C LYS A 334 -26.17 -44.87 -20.46
N LYS A 335 -26.82 -43.84 -21.03
CA LYS A 335 -26.80 -43.65 -22.48
C LYS A 335 -25.51 -43.04 -23.00
N TYR A 336 -24.86 -42.15 -22.24
CA TYR A 336 -23.68 -41.45 -22.75
C TYR A 336 -22.38 -42.25 -22.63
N TYR A 337 -22.46 -43.57 -22.50
CA TYR A 337 -21.30 -44.44 -22.49
C TYR A 337 -21.72 -45.76 -23.12
N HIS A 338 -20.76 -46.69 -23.21
CA HIS A 338 -21.09 -48.06 -23.57
C HIS A 338 -21.93 -48.62 -22.43
N ASN A 339 -22.88 -49.51 -22.77
CA ASN A 339 -23.79 -50.06 -21.77
C ASN A 339 -23.01 -50.79 -20.67
N LYS A 340 -23.25 -50.35 -19.44
CA LYS A 340 -22.61 -50.78 -18.19
C LYS A 340 -23.52 -50.36 -17.05
N THR A 341 -23.34 -51.00 -15.90
CA THR A 341 -24.07 -50.55 -14.72
C THR A 341 -23.48 -49.24 -14.20
N ILE A 342 -24.36 -48.29 -13.89
CA ILE A 342 -24.00 -46.95 -13.44
C ILE A 342 -24.28 -46.87 -11.95
N LYS A 343 -23.26 -46.56 -11.15
CA LYS A 343 -23.31 -46.56 -9.68
C LYS A 343 -22.09 -45.83 -9.14
N PHE A 344 -22.20 -45.43 -7.87
CA PHE A 344 -21.50 -44.28 -7.32
C PHE A 344 -20.63 -44.68 -6.14
N GLU A 345 -19.50 -44.00 -6.01
CA GLU A 345 -18.56 -44.26 -4.93
C GLU A 345 -18.24 -42.95 -4.23
N PRO A 346 -17.85 -43.00 -2.95
CA PRO A 346 -17.40 -41.78 -2.26
C PRO A 346 -16.12 -41.21 -2.86
N SER A 347 -15.80 -40.00 -2.39
CA SER A 347 -14.63 -39.27 -2.89
C SER A 347 -13.33 -39.97 -2.48
N SER A 348 -12.31 -39.80 -3.32
CA SER A 348 -10.98 -40.31 -3.05
C SER A 348 -10.30 -39.50 -1.95
N GLY A 349 -9.04 -39.86 -1.66
CA GLY A 349 -8.26 -39.14 -0.69
C GLY A 349 -7.89 -37.74 -1.12
N GLY A 350 -7.53 -36.85 -0.21
CA GLY A 350 -7.29 -35.47 -0.66
C GLY A 350 -7.46 -34.43 0.43
N ASP A 351 -7.35 -33.14 0.10
CA ASP A 351 -7.48 -32.05 1.10
C ASP A 351 -8.92 -31.93 1.61
N LEU A 352 -9.14 -31.69 2.89
CA LEU A 352 -10.52 -31.63 3.42
C LEU A 352 -11.20 -30.58 2.55
N GLU A 353 -10.44 -29.84 1.75
CA GLU A 353 -11.14 -28.90 0.88
C GLU A 353 -11.81 -29.57 -0.31
N ILE A 354 -11.41 -30.79 -0.67
CA ILE A 354 -11.97 -31.47 -1.84
C ILE A 354 -12.64 -32.78 -1.46
N THR A 355 -12.21 -33.42 -0.36
CA THR A 355 -12.82 -34.67 0.06
C THR A 355 -14.20 -34.49 0.67
N THR A 356 -14.60 -33.25 0.97
CA THR A 356 -15.87 -32.94 1.61
C THR A 356 -16.52 -31.80 0.84
N HIS A 357 -17.86 -31.82 0.79
CA HIS A 357 -18.61 -30.73 0.19
C HIS A 357 -18.44 -29.49 1.05
N SER A 358 -17.60 -28.58 0.60
CA SER A 358 -17.39 -27.32 1.29
C SER A 358 -18.26 -26.25 0.66
N PHE A 359 -18.52 -25.20 1.43
CA PHE A 359 -19.26 -24.03 0.98
C PHE A 359 -19.00 -22.92 1.99
N ASN A 360 -19.88 -21.92 1.98
CA ASN A 360 -19.73 -20.77 2.88
C ASN A 360 -21.15 -20.34 3.23
N CYS A 361 -21.53 -20.53 4.48
CA CYS A 361 -22.83 -20.17 5.01
C CYS A 361 -22.66 -19.09 6.06
N ARG A 362 -23.15 -17.88 5.75
CA ARG A 362 -23.12 -16.70 6.64
C ARG A 362 -21.71 -16.35 7.10
N GLY A 363 -20.70 -16.71 6.30
CA GLY A 363 -19.33 -16.49 6.66
C GLY A 363 -18.69 -17.62 7.43
N GLU A 364 -19.47 -18.60 7.89
CA GLU A 364 -18.91 -19.80 8.50
C GLU A 364 -18.67 -20.85 7.41
N PHE A 365 -17.45 -21.38 7.39
CA PHE A 365 -17.03 -22.33 6.36
C PHE A 365 -17.29 -23.76 6.83
N PHE A 366 -18.24 -24.43 6.17
CA PHE A 366 -18.57 -25.81 6.47
C PHE A 366 -17.76 -26.76 5.60
N TYR A 367 -17.45 -27.93 6.14
CA TYR A 367 -16.78 -29.03 5.42
C TYR A 367 -17.53 -30.31 5.74
N CYS A 368 -18.58 -30.58 4.98
CA CYS A 368 -19.48 -31.69 5.24
C CYS A 368 -19.09 -32.90 4.40
N TYR A 369 -18.83 -34.03 5.08
CA TYR A 369 -18.52 -35.28 4.40
C TYR A 369 -19.71 -35.80 3.59
N THR A 370 -19.42 -36.31 2.39
CA THR A 370 -20.45 -36.80 1.48
C THR A 370 -20.42 -38.32 1.30
N SER A 371 -19.78 -39.06 2.23
CA SER A 371 -19.74 -40.50 2.12
C SER A 371 -21.12 -41.15 2.26
N GLY A 372 -22.06 -40.47 2.90
CA GLY A 372 -23.41 -40.98 3.05
C GLY A 372 -24.31 -40.76 1.85
N LEU A 373 -23.87 -39.97 0.86
CA LEU A 373 -24.63 -39.71 -0.35
C LEU A 373 -24.23 -40.60 -1.51
N PHE A 374 -22.93 -40.84 -1.68
CA PHE A 374 -22.41 -41.63 -2.79
C PHE A 374 -22.10 -43.06 -2.37
N ASN A 375 -22.91 -43.63 -1.49
CA ASN A 375 -22.77 -45.02 -1.09
C ASN A 375 -24.16 -45.61 -0.99
N GLU A 376 -24.44 -46.61 -1.83
CA GLU A 376 -25.73 -47.29 -1.91
C GLU A 376 -26.16 -47.94 -0.60
N GLY A 381 -33.99 -47.35 0.18
CA GLY A 381 -34.56 -46.33 -0.69
C GLY A 381 -35.99 -45.96 -0.33
N THR A 382 -36.12 -45.08 0.67
CA THR A 382 -37.42 -44.61 1.12
C THR A 382 -37.24 -43.24 1.77
N ASN A 383 -38.33 -42.70 2.30
CA ASN A 383 -38.30 -41.40 2.95
C ASN A 383 -37.43 -41.43 4.21
N GLY A 384 -36.78 -40.31 4.49
CA GLY A 384 -35.92 -40.21 5.66
C GLY A 384 -35.02 -38.98 5.65
N THR A 385 -33.78 -39.12 6.10
CA THR A 385 -32.84 -38.02 6.15
C THR A 385 -31.44 -38.62 6.08
N ILE A 386 -30.50 -37.90 5.47
CA ILE A 386 -29.17 -38.41 5.14
C ILE A 386 -28.10 -37.60 5.86
N THR A 387 -28.39 -37.22 7.12
CA THR A 387 -27.61 -36.30 7.97
C THR A 387 -26.11 -36.49 7.89
N LEU A 388 -25.40 -35.44 7.46
CA LEU A 388 -24.00 -35.49 7.13
C LEU A 388 -23.18 -34.78 8.20
N PRO A 389 -22.13 -35.40 8.75
CA PRO A 389 -21.26 -34.67 9.68
C PRO A 389 -20.48 -33.57 8.98
N CYS A 390 -20.26 -32.47 9.69
CA CYS A 390 -19.54 -31.32 9.17
C CYS A 390 -18.50 -30.83 10.16
N ARG A 391 -17.43 -30.25 9.62
CA ARG A 391 -16.33 -29.70 10.41
C ARG A 391 -16.19 -28.23 10.06
N ILE A 392 -16.28 -27.38 11.07
CA ILE A 392 -16.16 -25.93 10.87
C ILE A 392 -14.69 -25.55 10.86
N LYS A 393 -14.30 -24.73 9.88
CA LYS A 393 -12.93 -24.25 9.74
C LYS A 393 -12.96 -22.74 9.62
N GLN A 394 -12.17 -22.07 10.46
CA GLN A 394 -12.10 -20.60 10.43
C GLN A 394 -11.01 -20.09 9.49
N ILE A 395 -9.79 -20.60 9.63
CA ILE A 395 -8.66 -20.18 8.80
C ILE A 395 -8.71 -21.03 7.53
N VAL A 396 -9.19 -20.43 6.45
CA VAL A 396 -9.37 -21.12 5.18
C VAL A 396 -8.68 -20.31 4.08
N ASN A 397 -8.07 -21.01 3.12
CA ASN A 397 -7.39 -20.35 2.00
C ASN A 397 -7.92 -20.94 0.69
N MET A 398 -9.03 -20.38 0.22
CA MET A 398 -9.65 -20.85 -1.02
C MET A 398 -9.14 -19.99 -2.16
N TRP A 399 -9.17 -20.57 -3.37
CA TRP A 399 -8.49 -20.07 -4.57
C TRP A 399 -7.01 -19.83 -4.25
N GLN A 400 -6.30 -20.95 -4.05
CA GLN A 400 -5.08 -21.02 -3.26
C GLN A 400 -3.98 -20.08 -3.75
N LYS A 401 -3.78 -19.01 -3.00
CA LYS A 401 -2.76 -17.99 -3.24
C LYS A 401 -1.64 -18.19 -2.23
N VAL A 402 -0.44 -18.49 -2.72
CA VAL A 402 0.70 -18.77 -1.86
C VAL A 402 1.05 -17.50 -1.09
N GLY A 403 0.83 -17.52 0.22
CA GLY A 403 1.11 -16.38 1.07
C GLY A 403 -0.11 -15.63 1.59
N ARG A 404 -1.32 -16.15 1.40
CA ARG A 404 -2.54 -15.51 1.88
C ARG A 404 -3.46 -16.54 2.51
N ALA A 405 -4.21 -16.10 3.52
CA ALA A 405 -5.21 -16.92 4.19
C ALA A 405 -6.41 -16.03 4.50
N MET A 406 -7.34 -16.54 5.31
CA MET A 406 -8.55 -15.81 5.63
C MET A 406 -9.14 -16.35 6.93
N TYR A 407 -9.10 -15.54 7.99
CA TYR A 407 -9.77 -15.87 9.25
C TYR A 407 -11.21 -15.38 9.20
N ALA A 408 -12.14 -16.31 9.04
CA ALA A 408 -13.55 -15.97 9.05
C ALA A 408 -14.03 -15.76 10.48
N PRO A 409 -14.54 -14.58 10.84
CA PRO A 409 -14.90 -14.29 12.24
C PRO A 409 -16.10 -15.10 12.69
N PRO A 410 -16.27 -15.32 14.00
CA PRO A 410 -17.41 -16.11 14.48
C PRO A 410 -18.66 -15.28 14.73
N ILE A 411 -19.77 -15.98 14.93
CA ILE A 411 -21.09 -15.40 15.06
C ILE A 411 -21.75 -15.92 16.33
N ALA A 412 -22.35 -15.04 17.11
CA ALA A 412 -23.06 -15.45 18.31
C ALA A 412 -24.35 -16.18 17.95
N GLY A 413 -24.85 -16.99 18.89
CA GLY A 413 -26.03 -17.78 18.60
C GLY A 413 -25.74 -18.92 17.64
N ASN A 414 -26.81 -19.48 17.07
CA ASN A 414 -26.66 -20.49 16.04
C ASN A 414 -26.93 -19.87 14.68
N ILE A 415 -26.69 -20.66 13.62
CA ILE A 415 -27.04 -20.29 12.25
C ILE A 415 -27.68 -21.50 11.58
N THR A 416 -28.35 -21.23 10.45
CA THR A 416 -29.01 -22.27 9.67
C THR A 416 -28.66 -21.99 8.21
N CYS A 417 -28.67 -23.05 7.38
CA CYS A 417 -28.09 -22.94 6.03
C CYS A 417 -29.00 -23.60 4.99
N SER A 418 -30.12 -22.98 4.65
CA SER A 418 -31.03 -23.66 3.71
C SER A 418 -30.65 -23.24 2.30
N SER A 419 -30.39 -24.23 1.45
CA SER A 419 -29.97 -23.99 0.08
C SER A 419 -30.62 -25.01 -0.84
N ASN A 420 -30.46 -24.79 -2.14
CA ASN A 420 -31.05 -25.60 -3.20
C ASN A 420 -29.92 -26.20 -4.03
N ILE A 421 -29.65 -27.51 -3.87
CA ILE A 421 -28.75 -28.20 -4.78
C ILE A 421 -29.32 -28.20 -6.19
N THR A 422 -28.65 -27.51 -7.12
CA THR A 422 -29.06 -27.51 -8.52
C THR A 422 -28.02 -28.15 -9.42
N GLY A 423 -26.96 -28.75 -8.87
CA GLY A 423 -25.92 -29.30 -9.70
C GLY A 423 -25.15 -30.38 -8.98
N LEU A 424 -24.20 -30.97 -9.70
CA LEU A 424 -23.40 -32.08 -9.17
C LEU A 424 -22.16 -32.23 -10.03
N LEU A 425 -20.99 -32.21 -9.40
CA LEU A 425 -19.72 -32.40 -10.08
C LEU A 425 -19.20 -33.81 -9.82
N LEU A 426 -18.77 -34.49 -10.88
CA LEU A 426 -18.34 -35.87 -10.79
C LEU A 426 -17.04 -36.05 -11.56
N THR A 427 -16.48 -37.26 -11.42
CA THR A 427 -15.34 -37.70 -12.20
C THR A 427 -15.44 -39.22 -12.35
N ARG A 428 -14.60 -39.79 -13.21
CA ARG A 428 -14.68 -41.20 -13.54
C ARG A 428 -13.36 -41.87 -13.23
N ASP A 429 -13.41 -42.95 -12.45
CA ASP A 429 -12.24 -43.80 -12.26
C ASP A 429 -11.93 -44.53 -13.56
N GLY A 430 -10.64 -44.74 -13.82
CA GLY A 430 -10.22 -45.44 -15.02
C GLY A 430 -9.81 -46.87 -14.76
N GLY A 431 -8.71 -47.28 -15.41
CA GLY A 431 -8.21 -48.63 -15.31
C GLY A 431 -8.99 -49.66 -16.10
N ARG A 432 -8.38 -50.84 -16.25
CA ARG A 432 -9.03 -51.99 -16.89
C ARG A 432 -9.73 -52.83 -15.82
N GLY A 433 -10.79 -52.24 -15.27
CA GLY A 433 -11.51 -52.86 -14.17
C GLY A 433 -12.52 -53.92 -14.50
N THR A 434 -12.89 -54.08 -15.77
CA THR A 434 -13.85 -55.02 -16.37
C THR A 434 -15.17 -54.97 -15.57
N ASN A 435 -15.95 -56.07 -15.55
CA ASN A 435 -17.20 -56.24 -14.78
C ASN A 435 -18.36 -55.34 -15.22
N GLY A 436 -18.11 -54.40 -16.13
CA GLY A 436 -19.14 -53.55 -16.69
C GLY A 436 -19.86 -52.66 -15.70
N THR A 437 -19.14 -52.12 -14.72
CA THR A 437 -19.66 -51.11 -13.80
C THR A 437 -18.73 -49.91 -13.79
N GLU A 438 -19.30 -48.72 -13.92
CA GLU A 438 -18.53 -47.48 -13.98
C GLU A 438 -18.65 -46.77 -12.64
N THR A 439 -17.52 -46.51 -12.00
CA THR A 439 -17.50 -45.90 -10.66
C THR A 439 -17.30 -44.40 -10.76
N PHE A 440 -18.32 -43.63 -10.37
CA PHE A 440 -18.24 -42.18 -10.41
C PHE A 440 -18.10 -41.66 -8.98
N ARG A 441 -17.03 -40.93 -8.74
CA ARG A 441 -16.73 -40.24 -7.51
C ARG A 441 -16.97 -38.74 -7.67
N PRO A 442 -17.37 -38.05 -6.60
CA PRO A 442 -17.41 -36.59 -6.66
C PRO A 442 -16.01 -36.01 -6.74
N ALA A 443 -15.89 -34.88 -7.42
CA ALA A 443 -14.61 -34.25 -7.65
C ALA A 443 -14.67 -32.79 -7.24
N GLY A 444 -13.56 -32.29 -6.69
CA GLY A 444 -13.52 -30.93 -6.22
C GLY A 444 -12.31 -30.17 -6.75
N GLY A 445 -12.09 -28.96 -6.24
CA GLY A 445 -11.03 -28.13 -6.77
C GLY A 445 -11.39 -27.61 -8.15
N ASN A 446 -10.45 -26.86 -8.74
CA ASN A 446 -10.57 -26.24 -10.06
C ASN A 446 -11.85 -25.39 -10.15
N MET A 447 -11.83 -24.31 -9.36
CA MET A 447 -13.02 -23.56 -8.96
C MET A 447 -13.82 -23.02 -10.13
N LYS A 448 -13.19 -22.83 -11.30
CA LYS A 448 -13.84 -22.28 -12.49
C LYS A 448 -15.05 -23.11 -12.94
N ASP A 449 -15.04 -24.41 -12.64
CA ASP A 449 -16.17 -25.30 -12.95
C ASP A 449 -17.46 -24.81 -12.32
N ASN A 450 -17.39 -24.26 -11.10
CA ASN A 450 -18.57 -23.75 -10.41
C ASN A 450 -19.21 -22.58 -11.13
N TRP A 451 -18.46 -21.87 -11.98
CA TRP A 451 -18.99 -20.80 -12.81
C TRP A 451 -19.10 -21.18 -14.27
N ARG A 452 -18.66 -22.38 -14.65
CA ARG A 452 -19.02 -22.93 -15.95
C ARG A 452 -20.47 -23.38 -15.97
N SER A 453 -21.01 -23.81 -14.83
CA SER A 453 -22.39 -24.23 -14.73
C SER A 453 -23.36 -23.07 -14.91
N GLU A 454 -22.92 -21.84 -14.69
CA GLU A 454 -23.78 -20.67 -14.83
C GLU A 454 -23.49 -19.85 -16.09
N LEU A 455 -22.33 -20.05 -16.71
CA LEU A 455 -21.94 -19.35 -17.93
C LEU A 455 -21.77 -20.30 -19.10
N TYR A 456 -22.69 -21.27 -19.24
CA TYR A 456 -22.59 -22.22 -20.34
C TYR A 456 -23.55 -21.90 -21.49
N LYS A 457 -24.65 -21.21 -21.21
CA LYS A 457 -25.55 -20.78 -22.28
C LYS A 457 -25.03 -19.55 -23.01
N TYR A 458 -24.07 -18.84 -22.44
CA TYR A 458 -23.68 -17.53 -22.93
C TYR A 458 -22.42 -17.62 -23.79
N LYS A 459 -22.28 -16.69 -24.72
CA LYS A 459 -21.11 -16.61 -25.58
C LYS A 459 -20.91 -15.15 -25.98
N VAL A 460 -19.65 -14.71 -26.02
CA VAL A 460 -19.31 -13.33 -26.32
C VAL A 460 -18.83 -13.23 -27.76
N VAL A 461 -19.38 -12.27 -28.52
CA VAL A 461 -19.11 -12.13 -29.94
C VAL A 461 -18.77 -10.67 -30.25
N GLU A 462 -17.83 -10.48 -31.17
CA GLU A 462 -17.37 -9.16 -31.61
C GLU A 462 -18.08 -8.78 -32.90
N ILE A 463 -18.80 -7.65 -32.88
CA ILE A 463 -19.55 -7.22 -34.05
C ILE A 463 -18.59 -6.61 -35.07
N LYS A 464 -18.72 -7.05 -36.32
CA LYS A 464 -17.78 -6.69 -37.38
C LYS A 464 -18.50 -6.06 -38.57
N PRO A 465 -18.49 -4.73 -38.72
CA PRO A 465 -19.04 -4.12 -39.94
C PRO A 465 -18.19 -4.34 -41.19
N LEU A 466 -18.56 -3.64 -42.27
CA LEU A 466 -17.89 -3.64 -43.57
C LEU A 466 -18.06 -4.99 -44.24
N GLY A 467 -19.31 -5.41 -44.40
CA GLY A 467 -19.66 -6.64 -45.10
C GLY A 467 -19.70 -6.46 -46.60
N ILE A 468 -18.50 -6.44 -47.21
CA ILE A 468 -18.32 -6.12 -48.63
C ILE A 468 -19.01 -7.17 -49.50
N ALA A 469 -19.96 -6.73 -50.31
CA ALA A 469 -20.75 -7.58 -51.18
C ALA A 469 -20.85 -6.90 -52.54
N PRO A 470 -21.14 -7.65 -53.61
CA PRO A 470 -21.30 -7.00 -54.92
C PRO A 470 -22.72 -6.57 -55.24
N THR A 471 -22.86 -5.43 -55.91
CA THR A 471 -24.15 -4.93 -56.41
C THR A 471 -23.96 -4.37 -57.81
N LYS A 472 -25.07 -3.87 -58.37
CA LYS A 472 -25.07 -3.27 -59.70
C LYS A 472 -24.45 -1.88 -59.70
N CYS A 473 -24.72 -1.07 -58.68
CA CYS A 473 -24.39 0.35 -58.70
C CYS A 473 -22.87 0.58 -58.62
N ARG A 474 -22.47 1.77 -59.06
CA ARG A 474 -21.07 2.18 -59.06
C ARG A 474 -21.01 3.71 -58.99
N ARG A 475 -19.79 4.23 -58.89
CA ARG A 475 -19.56 5.68 -58.98
C ARG A 475 -18.20 5.95 -59.61
N PHE A 503 -30.80 -4.71 -31.67
CA PHE A 503 -29.45 -5.15 -31.92
C PHE A 503 -29.42 -6.60 -32.41
N LEU A 504 -28.94 -6.77 -33.65
CA LEU A 504 -28.81 -8.07 -34.34
C LEU A 504 -30.15 -8.78 -34.48
N GLY A 505 -31.25 -8.01 -34.61
CA GLY A 505 -32.55 -8.62 -34.81
C GLY A 505 -32.72 -9.29 -36.16
N ALA A 506 -31.98 -8.84 -37.16
CA ALA A 506 -32.04 -9.41 -38.51
C ALA A 506 -30.82 -10.28 -38.81
N ALA A 507 -30.29 -10.96 -37.79
CA ALA A 507 -29.09 -11.77 -37.96
C ALA A 507 -29.35 -12.96 -38.88
N GLY A 508 -30.43 -13.69 -38.66
CA GLY A 508 -30.78 -14.81 -39.49
C GLY A 508 -31.57 -14.48 -40.73
N SER A 509 -31.94 -13.22 -40.90
CA SER A 509 -32.70 -12.81 -42.08
C SER A 509 -31.80 -12.79 -43.30
N THR A 510 -32.40 -13.08 -44.46
CA THR A 510 -31.70 -12.91 -45.72
C THR A 510 -31.40 -11.44 -45.99
N MET A 511 -30.47 -11.21 -46.91
CA MET A 511 -30.04 -9.85 -47.25
C MET A 511 -31.19 -9.03 -47.84
N GLY A 512 -31.98 -9.64 -48.72
CA GLY A 512 -33.15 -8.97 -49.25
C GLY A 512 -34.19 -8.72 -48.17
N ALA A 513 -34.87 -7.58 -48.30
CA ALA A 513 -35.95 -7.11 -47.40
C ALA A 513 -35.49 -6.99 -45.94
N VAL A 520 -32.28 -3.31 -41.66
CA VAL A 520 -32.08 -1.99 -41.05
C VAL A 520 -30.70 -1.92 -40.37
N GLN A 521 -29.98 -0.84 -40.66
CA GLN A 521 -28.61 -0.65 -40.20
C GLN A 521 -28.44 0.58 -39.32
N THR A 522 -28.95 1.73 -39.76
CA THR A 522 -28.76 2.98 -39.02
C THR A 522 -29.60 3.01 -37.75
N ARG A 523 -30.87 2.63 -37.85
CA ARG A 523 -31.81 2.77 -36.73
C ARG A 523 -31.44 1.87 -35.55
N GLN A 524 -31.02 0.64 -35.80
CA GLN A 524 -30.96 -0.39 -34.78
C GLN A 524 -29.54 -0.81 -34.39
N LEU A 525 -28.68 -1.09 -35.37
CA LEU A 525 -27.41 -1.74 -35.08
C LEU A 525 -26.25 -0.77 -34.88
N LEU A 526 -26.21 0.33 -35.64
CA LEU A 526 -25.02 1.17 -35.65
C LEU A 526 -24.91 2.05 -34.40
N SER A 527 -26.04 2.51 -33.87
CA SER A 527 -26.04 3.34 -32.66
C SER A 527 -25.54 2.61 -31.43
N GLY A 528 -25.50 1.28 -31.45
CA GLY A 528 -25.00 0.42 -30.41
C GLY A 528 -23.50 0.21 -30.39
N PHE A 529 -22.73 1.01 -31.13
CA PHE A 529 -21.27 0.87 -31.11
C PHE A 529 -20.57 1.79 -30.13
N VAL A 530 -21.24 2.83 -29.64
CA VAL A 530 -20.71 3.60 -28.53
C VAL A 530 -21.61 3.53 -27.30
N GLN A 531 -22.89 3.19 -27.46
CA GLN A 531 -23.79 2.95 -26.35
C GLN A 531 -23.79 1.47 -25.96
N GLY A 553 -13.59 0.29 -13.08
CA GLY A 553 -12.36 1.00 -12.82
C GLY A 553 -11.48 1.14 -14.05
N ILE A 554 -10.20 0.82 -13.90
CA ILE A 554 -9.26 0.88 -15.03
C ILE A 554 -9.62 -0.16 -16.08
N LYS A 555 -10.18 -1.29 -15.65
CA LYS A 555 -10.62 -2.35 -16.55
C LYS A 555 -11.74 -1.86 -17.48
N GLN A 556 -12.79 -1.29 -16.89
CA GLN A 556 -13.94 -0.81 -17.63
C GLN A 556 -13.69 0.52 -18.31
N LEU A 557 -12.55 1.17 -18.01
CA LEU A 557 -12.11 2.33 -18.77
C LEU A 557 -11.31 1.91 -19.99
N GLN A 558 -10.48 0.87 -19.84
CA GLN A 558 -9.75 0.29 -20.96
C GLN A 558 -10.70 -0.23 -22.02
N THR A 559 -11.76 -0.95 -21.59
CA THR A 559 -12.69 -1.49 -22.58
C THR A 559 -13.50 -0.40 -23.28
N ARG A 560 -13.62 0.79 -22.70
CA ARG A 560 -14.36 1.86 -23.34
C ARG A 560 -13.47 2.66 -24.27
N VAL A 561 -12.22 2.87 -23.88
CA VAL A 561 -11.23 3.46 -24.78
C VAL A 561 -11.04 2.55 -26.00
N LEU A 562 -11.01 1.23 -25.79
CA LEU A 562 -10.92 0.27 -26.90
C LEU A 562 -12.16 0.34 -27.80
N ALA A 563 -13.34 0.55 -27.22
CA ALA A 563 -14.54 0.76 -28.03
C ALA A 563 -14.42 2.01 -28.89
N ILE A 564 -13.85 3.08 -28.32
CA ILE A 564 -13.63 4.32 -29.08
C ILE A 564 -12.63 4.08 -30.21
N GLU A 565 -11.55 3.34 -29.94
CA GLU A 565 -10.57 3.03 -30.98
C GLU A 565 -11.18 2.21 -32.12
N ARG A 566 -12.03 1.22 -31.79
CA ARG A 566 -12.63 0.45 -32.87
C ARG A 566 -13.65 1.26 -33.67
N TYR A 567 -14.36 2.19 -33.01
CA TYR A 567 -15.26 3.07 -33.75
C TYR A 567 -14.50 4.03 -34.65
N LEU A 568 -13.34 4.50 -34.21
CA LEU A 568 -12.55 5.37 -35.05
C LEU A 568 -11.83 4.59 -36.14
N GLU A 569 -11.44 3.33 -35.88
CA GLU A 569 -10.76 2.51 -36.87
C GLU A 569 -11.72 1.91 -37.89
N VAL A 570 -13.02 2.09 -37.70
CA VAL A 570 -13.98 1.74 -38.73
C VAL A 570 -14.49 2.98 -39.47
N GLN A 571 -14.74 4.07 -38.72
CA GLN A 571 -15.17 5.32 -39.32
C GLN A 571 -14.08 5.93 -40.21
N GLN A 572 -12.81 5.82 -39.80
CA GLN A 572 -11.71 6.29 -40.64
C GLN A 572 -11.62 5.49 -41.93
N PHE A 573 -11.81 4.17 -41.84
CA PHE A 573 -11.79 3.32 -43.03
C PHE A 573 -12.89 3.73 -44.00
N LEU A 574 -14.09 3.98 -43.47
CA LEU A 574 -15.20 4.42 -44.31
C LEU A 574 -14.92 5.80 -44.92
N GLY A 575 -14.35 6.72 -44.13
CA GLY A 575 -14.02 8.03 -44.65
C GLY A 575 -12.95 7.99 -45.73
N LEU A 576 -11.99 7.07 -45.59
CA LEU A 576 -10.98 6.86 -46.61
C LEU A 576 -11.52 6.08 -47.80
N TRP A 577 -12.69 5.47 -47.70
CA TRP A 577 -13.33 4.85 -48.85
C TRP A 577 -14.47 5.70 -49.39
N GLY A 578 -14.46 7.01 -49.10
CA GLY A 578 -15.48 7.93 -49.57
C GLY A 578 -16.87 7.66 -49.04
N CYS A 579 -16.99 7.41 -47.74
CA CYS A 579 -18.26 7.00 -47.14
C CYS A 579 -18.44 7.68 -45.79
N SER A 580 -18.14 8.99 -45.75
CA SER A 580 -18.10 9.73 -44.49
C SER A 580 -19.46 9.78 -43.81
N GLY A 581 -20.53 10.07 -44.56
CA GLY A 581 -21.81 10.30 -43.93
C GLY A 581 -22.87 9.28 -44.30
N LYS A 582 -22.53 8.35 -45.17
CA LYS A 582 -23.47 7.38 -45.69
C LYS A 582 -23.07 5.98 -45.23
N ALA A 583 -24.06 5.10 -45.08
CA ALA A 583 -23.83 3.73 -44.63
C ALA A 583 -23.63 2.75 -45.78
N ILE A 584 -24.25 2.99 -46.93
CA ILE A 584 -24.12 2.12 -48.08
C ILE A 584 -23.41 2.88 -49.19
N CYS A 585 -22.33 2.30 -49.72
CA CYS A 585 -21.51 2.94 -50.74
C CYS A 585 -21.34 2.02 -51.93
N CYS A 586 -21.61 2.55 -53.12
CA CYS A 586 -21.11 1.96 -54.35
C CYS A 586 -19.73 2.52 -54.61
N THR A 587 -18.80 1.65 -55.01
CA THR A 587 -17.41 2.04 -55.14
C THR A 587 -16.89 1.75 -56.55
N ALA A 588 -15.74 2.34 -56.85
CA ALA A 588 -15.15 2.30 -58.19
C ALA A 588 -14.27 1.09 -58.42
N VAL A 589 -14.28 0.13 -57.51
CA VAL A 589 -13.50 -1.10 -57.63
C VAL A 589 -14.42 -2.17 -58.24
N PRO A 590 -14.09 -2.70 -59.41
CA PRO A 590 -14.92 -3.78 -59.96
C PRO A 590 -14.74 -5.08 -59.19
N TRP A 591 -15.73 -5.95 -59.29
CA TRP A 591 -15.73 -7.23 -58.59
C TRP A 591 -15.01 -8.27 -59.45
N ASN A 592 -13.82 -8.66 -59.01
CA ASN A 592 -13.02 -9.69 -59.68
C ASN A 592 -13.79 -11.02 -59.77
N THR A 593 -13.42 -11.82 -60.77
CA THR A 593 -13.96 -13.17 -60.87
C THR A 593 -13.32 -14.14 -59.86
N THR A 594 -12.18 -13.77 -59.29
CA THR A 594 -11.47 -14.66 -58.37
C THR A 594 -11.95 -14.52 -56.93
N TRP A 595 -12.79 -13.54 -56.63
CA TRP A 595 -13.29 -13.37 -55.26
C TRP A 595 -14.60 -14.12 -55.04
N SER A 596 -14.58 -15.44 -55.34
CA SER A 596 -15.73 -16.34 -55.23
C SER A 596 -16.97 -15.78 -55.93
N ASN A 597 -16.86 -15.64 -57.25
CA ASN A 597 -17.88 -14.97 -58.06
C ASN A 597 -19.20 -15.73 -58.03
N LYS A 598 -20.24 -15.06 -57.51
CA LYS A 598 -21.58 -15.62 -57.41
C LYS A 598 -22.58 -14.60 -57.95
N SER A 599 -23.67 -15.12 -58.52
CA SER A 599 -24.70 -14.29 -59.12
C SER A 599 -25.49 -13.54 -58.06
N GLU A 600 -26.20 -12.49 -58.50
CA GLU A 600 -27.01 -11.68 -57.61
C GLU A 600 -28.14 -12.48 -56.97
N GLN A 601 -28.73 -13.42 -57.74
CA GLN A 601 -29.79 -14.28 -57.24
C GLN A 601 -29.30 -15.17 -56.11
N GLU A 602 -28.10 -15.72 -56.25
CA GLU A 602 -27.55 -16.61 -55.23
C GLU A 602 -27.23 -15.87 -53.95
N ILE A 603 -26.82 -14.60 -54.07
CA ILE A 603 -26.27 -13.87 -52.93
C ILE A 603 -27.36 -13.15 -52.15
N TRP A 604 -28.20 -12.38 -52.84
CA TRP A 604 -29.20 -11.55 -52.19
C TRP A 604 -30.52 -12.27 -51.93
N ASN A 605 -30.58 -13.56 -52.23
CA ASN A 605 -31.70 -14.42 -51.89
C ASN A 605 -31.17 -15.71 -51.31
N ASN A 606 -31.96 -16.31 -50.41
CA ASN A 606 -31.71 -17.60 -49.70
C ASN A 606 -30.29 -17.75 -49.15
N MET A 607 -29.72 -16.65 -48.67
CA MET A 607 -28.37 -16.65 -48.10
C MET A 607 -28.26 -15.53 -47.09
N THR A 608 -27.87 -15.87 -45.87
CA THR A 608 -27.76 -14.90 -44.79
C THR A 608 -26.38 -14.24 -44.81
N TRP A 609 -26.29 -13.12 -44.08
CA TRP A 609 -25.06 -12.33 -43.99
C TRP A 609 -23.89 -13.13 -43.41
N MET A 610 -24.18 -14.07 -42.50
CA MET A 610 -23.13 -14.83 -41.82
C MET A 610 -22.38 -15.74 -42.78
N GLN A 611 -23.12 -16.49 -43.61
CA GLN A 611 -22.50 -17.38 -44.58
C GLN A 611 -21.69 -16.59 -45.61
N TRP A 612 -22.19 -15.41 -46.00
CA TRP A 612 -21.43 -14.54 -46.89
C TRP A 612 -20.14 -14.05 -46.24
N ASP A 613 -20.20 -13.72 -44.94
CA ASP A 613 -18.99 -13.35 -44.21
C ASP A 613 -17.99 -14.50 -44.20
N ARG A 614 -18.46 -15.72 -43.99
CA ARG A 614 -17.57 -16.89 -44.07
C ARG A 614 -17.05 -17.12 -45.48
N GLU A 615 -17.80 -16.70 -46.50
CA GLU A 615 -17.40 -16.95 -47.88
C GLU A 615 -16.16 -16.15 -48.28
N VAL A 616 -16.15 -14.86 -47.98
CA VAL A 616 -15.10 -13.97 -48.48
C VAL A 616 -14.23 -13.45 -47.34
N GLY A 617 -14.07 -14.25 -46.29
CA GLY A 617 -13.12 -13.90 -45.24
C GLY A 617 -11.67 -13.97 -45.67
N ASN A 618 -11.37 -14.70 -46.74
CA ASN A 618 -10.00 -14.83 -47.21
C ASN A 618 -9.49 -13.56 -47.87
N TYR A 619 -10.38 -12.71 -48.37
CA TYR A 619 -9.99 -11.54 -49.15
C TYR A 619 -9.99 -10.25 -48.33
N THR A 620 -9.86 -10.35 -47.01
CA THR A 620 -9.59 -9.19 -46.19
C THR A 620 -8.19 -8.66 -46.50
N ASP A 621 -8.05 -7.33 -46.51
CA ASP A 621 -6.81 -6.60 -46.87
C ASP A 621 -6.41 -6.90 -48.32
N THR A 622 -7.40 -7.22 -49.15
CA THR A 622 -7.22 -7.34 -50.59
C THR A 622 -8.05 -6.32 -51.36
N ILE A 623 -9.36 -6.27 -51.07
CA ILE A 623 -10.20 -5.22 -51.63
C ILE A 623 -9.92 -3.87 -50.98
N TYR A 624 -9.39 -3.88 -49.75
CA TYR A 624 -9.17 -2.65 -48.97
C TYR A 624 -8.14 -1.75 -49.64
N LYS A 625 -7.03 -2.33 -50.09
CA LYS A 625 -5.97 -1.56 -50.76
C LYS A 625 -6.48 -0.93 -52.05
N LEU A 626 -7.28 -1.69 -52.81
CA LEU A 626 -7.92 -1.18 -54.01
C LEU A 626 -8.85 -0.02 -53.70
N LEU A 627 -9.59 -0.12 -52.59
CA LEU A 627 -10.50 0.96 -52.19
C LEU A 627 -9.72 2.23 -51.83
N PHE A 628 -8.64 2.09 -51.06
CA PHE A 628 -7.79 3.22 -50.71
C PHE A 628 -7.24 3.90 -51.96
N VAL A 629 -6.65 3.12 -52.86
CA VAL A 629 -6.00 3.70 -54.04
C VAL A 629 -7.05 4.25 -55.00
N ALA A 630 -8.26 3.67 -55.05
CA ALA A 630 -9.31 4.19 -55.92
C ALA A 630 -9.85 5.52 -55.42
N GLN A 631 -10.07 5.65 -54.10
CA GLN A 631 -10.46 6.93 -53.53
C GLN A 631 -9.39 8.00 -53.74
N PHE A 632 -8.12 7.62 -53.56
CA PHE A 632 -7.04 8.59 -53.76
C PHE A 632 -6.94 9.01 -55.22
N GLN A 633 -7.14 8.06 -56.15
CA GLN A 633 -7.14 8.37 -57.57
C GLN A 633 -8.28 9.32 -57.94
N GLN A 634 -9.48 9.06 -57.38
CA GLN A 634 -10.63 9.91 -57.63
C GLN A 634 -10.38 11.33 -57.12
N GLU A 635 -9.84 11.45 -55.90
CA GLU A 635 -9.60 12.77 -55.32
C GLU A 635 -8.50 13.51 -56.08
N ILE A 636 -7.42 12.82 -56.47
CA ILE A 636 -6.34 13.47 -57.19
C ILE A 636 -6.76 13.80 -58.62
N ASN A 637 -7.75 13.08 -59.19
CA ASN A 637 -8.34 13.50 -60.45
C ASN A 637 -9.19 14.75 -60.26
N GLU A 638 -9.92 14.83 -59.14
CA GLU A 638 -10.78 15.98 -58.87
C GLU A 638 -9.94 17.24 -58.68
N VAL A 639 -8.83 17.14 -57.94
CA VAL A 639 -7.99 18.32 -57.70
C VAL A 639 -7.28 18.76 -58.98
N ASP A 640 -6.99 17.85 -59.89
CA ASP A 640 -6.30 18.18 -61.13
C ASP A 640 -7.30 18.57 -62.23
N VAL B 2 -42.98 -45.38 35.52
CA VAL B 2 -42.72 -46.59 34.74
C VAL B 2 -42.53 -47.75 35.72
N GLN B 3 -43.12 -48.91 35.39
CA GLN B 3 -42.97 -50.12 36.18
C GLN B 3 -42.49 -51.24 35.29
N LEU B 4 -41.65 -52.11 35.85
CA LEU B 4 -41.18 -53.32 35.19
C LEU B 4 -41.57 -54.52 36.04
N ARG B 5 -42.26 -55.48 35.43
CA ARG B 5 -42.73 -56.67 36.13
C ARG B 5 -42.27 -57.92 35.39
N GLU B 6 -41.60 -58.82 36.11
CA GLU B 6 -40.99 -59.99 35.53
C GLU B 6 -41.82 -61.25 35.81
N SER B 7 -41.52 -62.30 35.04
CA SER B 7 -42.24 -63.57 35.16
C SER B 7 -41.31 -64.67 34.68
N GLY B 8 -41.10 -65.68 35.53
CA GLY B 8 -40.30 -66.82 35.18
C GLY B 8 -40.55 -68.01 36.08
N PRO B 9 -39.95 -69.16 35.74
CA PRO B 9 -40.10 -70.36 36.58
C PRO B 9 -39.61 -70.20 38.02
N GLY B 10 -38.48 -69.51 38.21
CA GLY B 10 -37.91 -69.37 39.54
C GLY B 10 -37.06 -70.54 39.94
N LEU B 11 -37.66 -71.73 40.01
CA LEU B 11 -36.97 -72.97 40.38
C LEU B 11 -36.32 -73.53 39.12
N VAL B 12 -35.05 -73.18 38.92
CA VAL B 12 -34.28 -73.62 37.75
C VAL B 12 -33.14 -74.48 38.24
N LYS B 13 -33.01 -75.67 37.65
CA LYS B 13 -32.01 -76.65 38.04
C LYS B 13 -30.77 -76.50 37.15
N PRO B 14 -29.64 -77.13 37.50
CA PRO B 14 -28.45 -77.05 36.63
C PRO B 14 -28.68 -77.67 35.26
N SER B 15 -27.94 -77.15 34.27
CA SER B 15 -27.98 -77.60 32.87
C SER B 15 -29.39 -77.43 32.28
N GLU B 16 -29.96 -76.26 32.50
CA GLU B 16 -31.27 -75.89 31.96
C GLU B 16 -31.24 -74.44 31.51
N THR B 17 -32.12 -74.11 30.58
CA THR B 17 -32.15 -72.77 29.98
C THR B 17 -33.14 -71.91 30.77
N LEU B 18 -32.63 -70.93 31.51
CA LEU B 18 -33.47 -69.97 32.21
C LEU B 18 -34.21 -69.09 31.21
N SER B 19 -35.42 -68.67 31.59
CA SER B 19 -36.21 -67.75 30.78
C SER B 19 -36.93 -66.79 31.70
N LEU B 20 -36.76 -65.49 31.44
CA LEU B 20 -37.34 -64.44 32.27
C LEU B 20 -37.80 -63.31 31.35
N SER B 21 -39.10 -63.21 31.14
CA SER B 21 -39.67 -62.10 30.37
C SER B 21 -39.91 -60.91 31.29
N CYS B 22 -39.99 -59.72 30.67
CA CYS B 22 -40.13 -58.48 31.41
C CYS B 22 -41.13 -57.59 30.69
N THR B 23 -42.31 -57.43 31.27
CA THR B 23 -43.30 -56.47 30.79
C THR B 23 -42.94 -55.07 31.27
N VAL B 24 -43.14 -54.08 30.39
CA VAL B 24 -42.91 -52.67 30.71
C VAL B 24 -44.24 -51.95 30.62
N SER B 25 -44.57 -51.21 31.67
CA SER B 25 -45.88 -50.56 31.80
C SER B 25 -45.70 -49.09 32.11
N ASN B 26 -46.58 -48.26 31.53
CA ASN B 26 -46.69 -46.82 31.78
C ASN B 26 -45.46 -46.07 31.27
N ASP B 27 -44.96 -46.47 30.11
CA ASP B 27 -43.78 -45.88 29.49
C ASP B 27 -44.19 -45.31 28.15
N SER B 28 -44.07 -43.99 28.00
CA SER B 28 -44.58 -43.32 26.81
C SER B 28 -43.72 -43.58 25.58
N ARG B 29 -42.39 -43.57 25.73
CA ARG B 29 -41.46 -43.73 24.62
C ARG B 29 -40.42 -44.79 24.93
N PRO B 30 -40.76 -46.08 24.79
CA PRO B 30 -39.75 -47.14 25.01
C PRO B 30 -38.60 -47.12 24.02
N SER B 31 -38.76 -46.49 22.85
CA SER B 31 -37.71 -46.48 21.83
C SER B 31 -36.47 -45.73 22.28
N ASP B 32 -36.63 -44.70 23.11
CA ASP B 32 -35.52 -43.85 23.53
C ASP B 32 -34.87 -44.28 24.84
N HIS B 33 -34.91 -45.57 25.18
CA HIS B 33 -34.21 -46.08 26.36
C HIS B 33 -33.63 -47.45 26.05
N SER B 34 -32.36 -47.65 26.39
CA SER B 34 -31.75 -48.97 26.30
C SER B 34 -32.22 -49.83 27.46
N TRP B 35 -32.58 -51.08 27.13
CA TRP B 35 -33.14 -52.01 28.10
C TRP B 35 -32.11 -53.08 28.42
N THR B 36 -31.82 -53.26 29.70
CA THR B 36 -30.69 -54.10 30.11
C THR B 36 -31.09 -55.00 31.28
N TRP B 37 -30.32 -56.09 31.42
CA TRP B 37 -30.41 -57.01 32.54
C TRP B 37 -29.13 -56.97 33.36
N VAL B 38 -29.29 -56.95 34.68
CA VAL B 38 -28.18 -57.10 35.62
C VAL B 38 -28.61 -58.14 36.67
N ARG B 39 -27.65 -58.57 37.47
CA ARG B 39 -27.87 -59.62 38.44
C ARG B 39 -27.08 -59.28 39.70
N GLN B 40 -27.55 -59.75 40.85
CA GLN B 40 -26.80 -59.67 42.09
C GLN B 40 -27.00 -60.95 42.88
N SER B 41 -25.92 -61.73 43.03
CA SER B 41 -25.94 -62.89 43.90
C SER B 41 -25.69 -62.44 45.35
N PRO B 42 -26.05 -63.26 46.35
CA PRO B 42 -25.81 -62.84 47.75
C PRO B 42 -24.33 -62.66 48.07
N GLY B 43 -23.99 -61.45 48.51
CA GLY B 43 -22.64 -61.11 48.93
C GLY B 43 -21.72 -60.69 47.82
N LYS B 44 -22.22 -60.53 46.60
CA LYS B 44 -21.41 -60.16 45.45
C LYS B 44 -21.95 -58.87 44.84
N ALA B 45 -21.08 -58.16 44.13
CA ALA B 45 -21.48 -56.95 43.44
C ALA B 45 -22.34 -57.26 42.22
N LEU B 46 -22.97 -56.22 41.68
CA LEU B 46 -23.84 -56.34 40.51
C LEU B 46 -23.04 -56.72 39.26
N GLU B 47 -23.55 -57.70 38.51
CA GLU B 47 -22.95 -58.10 37.24
C GLU B 47 -23.88 -57.79 36.09
N TRP B 48 -23.36 -57.10 35.07
CA TRP B 48 -24.12 -56.69 33.90
C TRP B 48 -24.26 -57.86 32.94
N ILE B 49 -25.49 -58.25 32.61
CA ILE B 49 -25.70 -59.24 31.56
C ILE B 49 -25.55 -58.62 30.17
N GLY B 50 -26.42 -57.69 29.83
CA GLY B 50 -26.37 -57.12 28.49
C GLY B 50 -27.62 -56.33 28.20
N ASP B 51 -27.53 -55.53 27.13
CA ASP B 51 -28.55 -54.55 26.81
C ASP B 51 -28.97 -54.68 25.35
N ILE B 52 -30.18 -54.19 25.07
CA ILE B 52 -30.73 -54.15 23.72
C ILE B 52 -31.43 -52.80 23.55
N HIS B 53 -31.71 -52.44 22.31
CA HIS B 53 -32.37 -51.19 21.97
C HIS B 53 -33.49 -51.48 20.99
N TYR B 54 -34.38 -50.51 20.81
CA TYR B 54 -35.50 -50.67 19.88
C TYR B 54 -35.07 -50.48 18.43
N ASN B 55 -33.87 -49.98 18.18
CA ASN B 55 -33.33 -49.98 16.83
C ASN B 55 -32.94 -51.41 16.42
N GLY B 56 -32.50 -52.21 17.39
CA GLY B 56 -32.00 -53.55 17.11
C GLY B 56 -30.57 -53.79 17.54
N ALA B 57 -29.82 -52.74 17.86
CA ALA B 57 -28.45 -52.90 18.36
C ALA B 57 -28.44 -53.63 19.70
N THR B 58 -27.56 -54.63 19.81
CA THR B 58 -27.45 -55.44 21.01
C THR B 58 -25.99 -55.60 21.36
N THR B 59 -25.68 -55.62 22.65
CA THR B 59 -24.32 -55.77 23.17
C THR B 59 -24.38 -56.51 24.49
N TYR B 60 -23.61 -57.59 24.60
CA TYR B 60 -23.55 -58.43 25.78
C TYR B 60 -22.21 -58.29 26.47
N ASN B 61 -22.15 -58.80 27.70
CA ASN B 61 -20.91 -58.79 28.47
C ASN B 61 -19.92 -59.77 27.82
N PRO B 62 -18.63 -59.41 27.75
CA PRO B 62 -17.67 -60.23 26.98
C PRO B 62 -17.47 -61.65 27.51
N SER B 63 -17.64 -61.89 28.81
CA SER B 63 -17.43 -63.21 29.38
C SER B 63 -18.73 -63.76 29.97
N LEU B 64 -19.85 -63.40 29.37
CA LEU B 64 -21.13 -64.05 29.63
C LEU B 64 -21.94 -64.33 28.36
N ARG B 65 -21.55 -63.73 27.22
CA ARG B 65 -22.36 -63.71 26.00
C ARG B 65 -22.69 -65.10 25.46
N SER B 66 -21.77 -66.05 25.62
CA SER B 66 -21.96 -67.42 25.11
C SER B 66 -23.19 -68.10 25.71
N ARG B 67 -23.54 -67.75 26.94
CA ARG B 67 -24.72 -68.30 27.60
C ARG B 67 -26.00 -67.53 27.26
N VAL B 68 -25.95 -66.20 27.24
CA VAL B 68 -27.16 -65.38 27.28
C VAL B 68 -27.49 -64.86 25.89
N ARG B 69 -28.79 -64.71 25.63
CA ARG B 69 -29.34 -63.96 24.50
C ARG B 69 -30.57 -63.21 24.98
N ILE B 70 -30.94 -62.18 24.21
CA ILE B 70 -31.93 -61.20 24.63
C ILE B 70 -33.02 -61.15 23.55
N GLU B 71 -34.28 -60.97 23.97
CA GLU B 71 -35.43 -61.03 23.10
C GLU B 71 -35.82 -59.60 22.68
N LEU B 72 -36.84 -59.47 21.84
CA LEU B 72 -37.18 -58.21 21.18
C LEU B 72 -38.58 -57.76 21.57
N ASP B 73 -39.06 -56.71 20.92
CA ASP B 73 -40.36 -56.12 21.21
C ASP B 73 -41.48 -57.06 20.76
N GLN B 74 -42.56 -57.11 21.56
CA GLN B 74 -43.71 -57.97 21.33
C GLN B 74 -45.01 -57.19 21.52
N SER B 75 -45.11 -56.03 20.86
CA SER B 75 -46.25 -55.10 20.82
C SER B 75 -46.41 -54.42 22.16
N ILE B 76 -46.94 -55.14 23.16
CA ILE B 76 -46.79 -54.75 24.56
C ILE B 76 -45.29 -54.74 24.82
N PRO B 77 -44.71 -53.62 25.31
CA PRO B 77 -43.24 -53.52 25.41
C PRO B 77 -42.59 -54.57 26.30
N ARG B 78 -41.91 -55.50 25.66
CA ARG B 78 -41.44 -56.73 26.30
C ARG B 78 -40.00 -56.94 25.87
N PHE B 79 -39.24 -57.61 26.75
CA PHE B 79 -37.87 -58.03 26.48
C PHE B 79 -37.49 -59.08 27.52
N SER B 80 -36.72 -60.08 27.08
CA SER B 80 -36.55 -61.28 27.85
C SER B 80 -35.08 -61.68 27.85
N LEU B 81 -34.77 -62.80 28.50
CA LEU B 81 -33.39 -63.22 28.73
C LEU B 81 -33.37 -64.74 28.75
N LYS B 82 -32.76 -65.34 27.73
CA LYS B 82 -32.60 -66.78 27.63
C LYS B 82 -31.16 -67.12 27.99
N MET B 83 -30.97 -67.80 29.12
CA MET B 83 -29.66 -68.15 29.64
C MET B 83 -29.47 -69.66 29.57
N THR B 84 -28.92 -70.13 28.46
CA THR B 84 -28.64 -71.54 28.28
C THR B 84 -27.50 -71.97 29.21
N SER B 85 -27.56 -73.25 29.63
CA SER B 85 -26.50 -73.93 30.39
C SER B 85 -26.18 -73.22 31.71
N MET B 86 -27.22 -72.75 32.40
CA MET B 86 -27.03 -72.15 33.70
C MET B 86 -26.76 -73.22 34.75
N THR B 87 -25.84 -72.92 35.66
CA THR B 87 -25.44 -73.80 36.74
C THR B 87 -25.93 -73.25 38.08
N ALA B 88 -26.16 -74.16 39.04
CA ALA B 88 -26.53 -73.77 40.39
C ALA B 88 -25.36 -73.16 41.17
N ALA B 89 -24.14 -73.20 40.64
CA ALA B 89 -23.03 -72.48 41.25
C ALA B 89 -23.09 -70.99 40.99
N ASP B 90 -23.87 -70.55 39.99
CA ASP B 90 -24.01 -69.14 39.65
C ASP B 90 -25.49 -68.77 39.61
N THR B 91 -26.06 -68.44 40.77
CA THR B 91 -27.43 -67.99 40.93
C THR B 91 -27.43 -66.51 41.28
N GLY B 92 -28.61 -65.98 41.57
CA GLY B 92 -28.70 -64.63 42.08
C GLY B 92 -30.08 -64.03 41.90
N MET B 93 -30.13 -62.72 42.09
CA MET B 93 -31.36 -61.94 42.09
C MET B 93 -31.33 -61.07 40.83
N TYR B 94 -32.24 -61.35 39.91
CA TYR B 94 -32.20 -60.73 38.57
C TYR B 94 -33.10 -59.51 38.52
N TYR B 95 -32.58 -58.44 37.92
CA TYR B 95 -33.27 -57.16 37.82
C TYR B 95 -33.40 -56.76 36.35
N CYS B 96 -34.58 -56.30 35.97
CA CYS B 96 -34.72 -55.49 34.77
C CYS B 96 -34.30 -54.08 35.08
N ALA B 97 -33.86 -53.36 34.04
CA ALA B 97 -33.45 -51.97 34.25
C ALA B 97 -33.60 -51.19 32.95
N ARG B 98 -33.84 -49.90 33.11
CA ARG B 98 -34.11 -48.99 32.00
C ARG B 98 -32.96 -47.98 31.96
N ASN B 99 -31.92 -48.31 31.19
CA ASN B 99 -30.88 -47.34 30.91
C ASN B 99 -31.49 -46.27 30.00
N ALA B 100 -31.92 -45.17 30.59
CA ALA B 100 -32.54 -44.10 29.83
C ALA B 100 -31.52 -43.41 28.94
N ILE B 101 -32.03 -42.67 27.96
CA ILE B 101 -31.20 -41.94 27.02
C ILE B 101 -31.71 -40.51 26.94
N ARG B 102 -30.86 -39.56 27.29
CA ARG B 102 -31.12 -38.16 26.98
C ARG B 102 -30.47 -37.85 25.64
N ILE B 103 -31.29 -37.45 24.68
CA ILE B 103 -30.81 -37.06 23.35
C ILE B 103 -30.69 -35.54 23.33
N TYR B 104 -29.53 -35.03 22.91
CA TYR B 104 -29.31 -33.60 22.82
C TYR B 104 -29.10 -33.11 21.39
N GLY B 105 -28.88 -34.00 20.43
CA GLY B 105 -28.68 -33.60 19.06
C GLY B 105 -29.19 -34.66 18.10
N VAL B 106 -28.68 -34.66 16.86
CA VAL B 106 -29.12 -35.63 15.86
C VAL B 106 -28.64 -37.02 16.31
N VAL B 107 -29.59 -37.90 16.62
CA VAL B 107 -29.30 -39.22 17.18
C VAL B 107 -28.53 -40.11 16.20
N ALA B 108 -28.61 -39.82 14.89
CA ALA B 108 -27.85 -40.58 13.90
C ALA B 108 -26.35 -40.37 14.08
N LEU B 109 -25.94 -39.15 14.43
CA LEU B 109 -24.52 -38.81 14.61
C LEU B 109 -23.98 -39.19 15.98
N GLY B 110 -24.67 -40.05 16.74
CA GLY B 110 -24.19 -40.43 18.05
C GLY B 110 -24.31 -39.35 19.10
N GLU B 111 -25.23 -38.41 18.90
CA GLU B 111 -25.40 -37.29 19.83
C GLU B 111 -26.44 -37.65 20.89
N TRP B 112 -26.02 -38.53 21.81
CA TRP B 112 -26.85 -38.95 22.91
C TRP B 112 -25.96 -39.50 24.01
N PHE B 113 -26.51 -39.53 25.23
CA PHE B 113 -25.78 -40.04 26.39
C PHE B 113 -26.77 -40.66 27.35
N HIS B 114 -26.35 -41.75 27.99
CA HIS B 114 -27.22 -42.46 28.91
C HIS B 114 -27.46 -41.64 30.17
N TYR B 115 -28.72 -41.56 30.59
CA TYR B 115 -29.06 -41.02 31.90
C TYR B 115 -28.79 -42.01 33.04
N GLY B 116 -28.47 -43.25 32.72
CA GLY B 116 -28.29 -44.29 33.71
C GLY B 116 -29.54 -45.13 33.88
N MET B 117 -29.43 -46.10 34.79
CA MET B 117 -30.52 -47.04 35.07
C MET B 117 -31.56 -46.31 35.91
N ASP B 118 -32.45 -45.59 35.20
CA ASP B 118 -33.40 -44.68 35.83
C ASP B 118 -34.41 -45.41 36.70
N VAL B 119 -35.00 -46.49 36.18
CA VAL B 119 -36.05 -47.21 36.89
C VAL B 119 -35.66 -48.68 36.96
N TRP B 120 -36.08 -49.33 38.04
CA TRP B 120 -35.70 -50.71 38.31
C TRP B 120 -36.94 -51.55 38.60
N GLY B 121 -36.92 -52.79 38.13
CA GLY B 121 -38.02 -53.71 38.39
C GLY B 121 -38.00 -54.22 39.83
N GLN B 122 -39.09 -54.90 40.19
CA GLN B 122 -39.20 -55.46 41.53
C GLN B 122 -38.21 -56.59 41.77
N GLY B 123 -37.79 -57.28 40.71
CA GLY B 123 -36.78 -58.32 40.81
C GLY B 123 -37.31 -59.66 41.26
N THR B 124 -36.73 -60.75 40.72
CA THR B 124 -37.12 -62.11 41.06
C THR B 124 -35.86 -62.92 41.32
N ALA B 125 -35.88 -63.70 42.40
CA ALA B 125 -34.77 -64.59 42.72
C ALA B 125 -34.91 -65.89 41.94
N VAL B 126 -33.84 -66.30 41.25
CA VAL B 126 -33.83 -67.52 40.46
C VAL B 126 -32.63 -68.37 40.88
N THR B 127 -32.77 -69.68 40.72
CA THR B 127 -31.73 -70.62 41.10
C THR B 127 -31.11 -71.25 39.86
N GLU C 3 -11.31 -53.25 34.30
CA GLU C 3 -12.03 -53.69 35.49
C GLU C 3 -12.05 -52.61 36.56
N LEU C 4 -13.23 -52.32 37.09
CA LEU C 4 -13.37 -51.32 38.14
C LEU C 4 -13.01 -51.93 39.49
N THR C 5 -12.68 -51.07 40.44
CA THR C 5 -12.37 -51.48 41.80
C THR C 5 -12.56 -50.31 42.76
N GLN C 6 -13.06 -50.63 43.95
CA GLN C 6 -13.30 -49.64 45.00
C GLN C 6 -13.05 -50.33 46.33
N PRO C 7 -12.82 -49.56 47.41
CA PRO C 7 -12.54 -50.20 48.71
C PRO C 7 -13.74 -50.98 49.20
N PRO C 8 -13.52 -52.04 50.00
CA PRO C 8 -14.64 -52.83 50.54
C PRO C 8 -15.63 -52.05 51.40
N SER C 9 -15.15 -51.08 52.19
CA SER C 9 -16.05 -50.36 53.09
C SER C 9 -15.44 -49.03 53.46
N VAL C 10 -16.31 -48.11 53.88
CA VAL C 10 -15.93 -46.80 54.42
C VAL C 10 -16.82 -46.53 55.62
N SER C 11 -16.23 -46.01 56.70
CA SER C 11 -16.94 -45.76 57.95
C SER C 11 -16.84 -44.27 58.28
N VAL C 12 -17.97 -43.67 58.67
CA VAL C 12 -18.00 -42.29 59.11
C VAL C 12 -19.15 -42.10 60.09
N SER C 13 -18.95 -41.20 61.05
CA SER C 13 -19.92 -40.93 62.08
C SER C 13 -21.09 -40.11 61.51
N PRO C 14 -22.25 -40.10 62.17
CA PRO C 14 -23.36 -39.23 61.72
C PRO C 14 -22.99 -37.75 61.68
N GLY C 15 -23.35 -37.09 60.58
CA GLY C 15 -23.23 -35.65 60.44
C GLY C 15 -22.00 -35.17 59.71
N GLN C 16 -21.01 -36.02 59.49
CA GLN C 16 -19.84 -35.67 58.69
C GLN C 16 -19.94 -36.38 57.34
N THR C 17 -18.87 -36.32 56.57
CA THR C 17 -18.90 -36.63 55.15
C THR C 17 -17.93 -37.77 54.86
N ALA C 18 -18.35 -38.70 54.00
CA ALA C 18 -17.54 -39.84 53.59
C ALA C 18 -17.20 -39.71 52.11
N ARG C 19 -15.99 -40.13 51.76
CA ARG C 19 -15.48 -40.05 50.40
C ARG C 19 -15.26 -41.46 49.87
N ILE C 20 -16.29 -42.02 49.25
CA ILE C 20 -16.16 -43.30 48.57
C ILE C 20 -15.50 -43.08 47.23
N THR C 21 -14.38 -43.77 46.98
CA THR C 21 -13.58 -43.58 45.78
C THR C 21 -13.71 -44.80 44.87
N CYS C 22 -13.73 -44.54 43.57
CA CYS C 22 -13.80 -45.59 42.56
C CYS C 22 -12.83 -45.27 41.43
N SER C 23 -11.97 -46.23 41.10
CA SER C 23 -10.88 -46.01 40.15
C SER C 23 -10.86 -47.12 39.12
N GLY C 24 -10.35 -46.79 37.94
CA GLY C 24 -10.27 -47.76 36.85
C GLY C 24 -9.65 -47.12 35.63
N ALA C 25 -9.50 -47.94 34.59
CA ALA C 25 -8.90 -47.52 33.33
C ALA C 25 -9.83 -46.66 32.44
N PRO C 26 -11.08 -47.03 32.11
CA PRO C 26 -11.84 -46.23 31.13
C PRO C 26 -12.31 -44.88 31.64
N LEU C 27 -12.15 -44.58 32.93
CA LEU C 27 -12.80 -43.42 33.55
C LEU C 27 -12.21 -42.08 33.14
N THR C 28 -11.08 -42.07 32.44
CA THR C 28 -10.52 -40.81 31.97
C THR C 28 -11.25 -40.25 30.76
N SER C 29 -12.13 -41.04 30.14
CA SER C 29 -12.83 -40.63 28.93
C SER C 29 -14.35 -40.73 29.03
N ARG C 30 -14.90 -41.49 29.97
CA ARG C 30 -16.34 -41.73 30.06
C ARG C 30 -16.87 -41.31 31.42
N PHE C 31 -18.17 -40.99 31.45
CA PHE C 31 -18.85 -40.62 32.67
C PHE C 31 -18.94 -41.81 33.62
N THR C 32 -18.96 -41.51 34.92
CA THR C 32 -19.07 -42.51 35.98
C THR C 32 -20.41 -42.35 36.71
N TYR C 33 -21.37 -43.23 36.41
CA TYR C 33 -22.63 -43.23 37.11
C TYR C 33 -22.49 -43.93 38.46
N TRP C 34 -23.40 -43.61 39.38
CA TRP C 34 -23.43 -44.25 40.70
C TRP C 34 -24.84 -44.66 41.06
N TYR C 35 -24.93 -45.80 41.76
CA TYR C 35 -26.21 -46.33 42.21
C TYR C 35 -26.10 -46.72 43.68
N ARG C 36 -27.24 -46.69 44.37
CA ARG C 36 -27.32 -47.04 45.79
C ARG C 36 -28.25 -48.23 45.94
N GLN C 37 -27.80 -49.24 46.69
CA GLN C 37 -28.57 -50.46 46.90
C GLN C 37 -28.72 -50.74 48.38
N LYS C 38 -29.95 -50.95 48.83
CA LYS C 38 -30.23 -51.44 50.16
C LYS C 38 -30.19 -52.96 50.17
N PRO C 39 -30.08 -53.60 51.34
CA PRO C 39 -30.25 -55.06 51.39
C PRO C 39 -31.67 -55.46 51.05
N GLY C 40 -31.82 -56.24 49.99
CA GLY C 40 -33.11 -56.72 49.54
C GLY C 40 -33.81 -55.83 48.53
N GLN C 41 -33.86 -54.53 48.81
CA GLN C 41 -34.51 -53.59 47.92
C GLN C 41 -33.71 -53.40 46.64
N ALA C 42 -34.39 -52.98 45.58
CA ALA C 42 -33.74 -52.78 44.30
C ALA C 42 -32.86 -51.54 44.34
N PRO C 43 -31.80 -51.50 43.53
CA PRO C 43 -30.99 -50.28 43.42
C PRO C 43 -31.77 -49.10 42.86
N VAL C 44 -31.24 -47.90 43.12
CA VAL C 44 -31.80 -46.65 42.60
C VAL C 44 -30.66 -45.78 42.08
N LEU C 45 -31.03 -44.80 41.27
CA LEU C 45 -30.09 -43.90 40.63
C LEU C 45 -29.84 -42.69 41.52
N ILE C 46 -28.59 -42.45 41.91
CA ILE C 46 -28.24 -41.35 42.78
C ILE C 46 -27.36 -40.32 42.07
N ILE C 47 -26.44 -40.76 41.21
CA ILE C 47 -25.63 -39.86 40.39
C ILE C 47 -25.89 -40.18 38.94
N SER C 48 -26.49 -39.23 38.22
CA SER C 48 -26.85 -39.39 36.82
C SER C 48 -26.12 -38.35 35.98
N ARG C 49 -26.20 -38.53 34.67
CA ARG C 49 -25.63 -37.60 33.71
C ARG C 49 -26.79 -36.80 33.13
N SER C 50 -27.16 -35.71 33.81
CA SER C 50 -28.27 -34.89 33.37
C SER C 50 -27.94 -34.15 32.07
N SER C 51 -26.71 -33.68 31.93
CA SER C 51 -26.30 -32.86 30.80
C SER C 51 -24.96 -33.36 30.27
N GLN C 52 -24.67 -32.98 29.03
CA GLN C 52 -23.44 -33.40 28.36
C GLN C 52 -22.20 -32.87 29.07
N ARG C 53 -22.21 -31.60 29.45
CA ARG C 53 -21.01 -30.93 29.94
C ARG C 53 -21.04 -30.63 31.43
N SER C 54 -22.16 -30.12 31.95
CA SER C 54 -22.23 -29.70 33.35
C SER C 54 -22.04 -30.88 34.30
N SER C 55 -22.65 -32.03 33.98
CA SER C 55 -22.61 -33.26 34.79
C SER C 55 -23.08 -33.00 36.22
N GLY C 56 -24.13 -32.18 36.35
CA GLY C 56 -24.53 -31.67 37.64
C GLY C 56 -25.31 -32.66 38.47
N TRP C 57 -25.69 -32.19 39.66
CA TRP C 57 -26.43 -32.99 40.62
C TRP C 57 -27.35 -32.07 41.42
N SER C 58 -28.38 -32.66 42.00
CA SER C 58 -29.36 -31.90 42.80
C SER C 58 -29.70 -32.73 44.03
N GLY C 59 -29.09 -32.39 45.15
CA GLY C 59 -29.31 -33.09 46.40
C GLY C 59 -28.03 -33.16 47.20
N ARG C 60 -28.03 -34.06 48.19
CA ARG C 60 -26.90 -34.19 49.10
C ARG C 60 -25.73 -34.97 48.50
N PHE C 61 -25.96 -35.71 47.42
CA PHE C 61 -24.89 -36.45 46.77
C PHE C 61 -24.16 -35.57 45.76
N SER C 62 -22.91 -35.92 45.49
CA SER C 62 -22.11 -35.22 44.50
C SER C 62 -20.99 -36.15 44.03
N ALA C 63 -20.37 -35.76 42.91
CA ALA C 63 -19.27 -36.52 42.33
C ALA C 63 -18.16 -35.57 41.92
N SER C 64 -16.92 -35.97 42.15
CA SER C 64 -15.75 -35.20 41.75
C SER C 64 -14.84 -36.05 40.87
N TRP C 65 -14.46 -35.50 39.73
CA TRP C 65 -13.62 -36.21 38.76
C TRP C 65 -12.20 -35.68 38.84
N SER C 66 -11.23 -36.60 38.76
CA SER C 66 -9.81 -36.27 38.66
C SER C 66 -9.06 -37.48 38.18
N GLY C 67 -8.37 -37.35 37.05
CA GLY C 67 -7.55 -38.42 36.50
C GLY C 67 -8.32 -39.69 36.18
N THR C 68 -7.90 -40.81 36.76
CA THR C 68 -8.56 -42.09 36.57
C THR C 68 -9.40 -42.53 37.77
N THR C 69 -9.77 -41.60 38.65
CA THR C 69 -10.54 -41.93 39.85
C THR C 69 -11.68 -40.94 40.02
N VAL C 70 -12.84 -41.46 40.41
CA VAL C 70 -14.03 -40.65 40.67
C VAL C 70 -14.48 -40.91 42.09
N THR C 71 -14.72 -39.85 42.85
CA THR C 71 -15.09 -39.92 44.25
C THR C 71 -16.56 -39.53 44.42
N LEU C 72 -17.37 -40.49 44.87
CA LEU C 72 -18.70 -40.15 45.36
C LEU C 72 -18.58 -39.46 46.71
N THR C 73 -19.21 -38.29 46.83
CA THR C 73 -19.15 -37.47 48.03
C THR C 73 -20.57 -37.21 48.50
N ILE C 74 -20.86 -37.55 49.76
CA ILE C 74 -22.21 -37.49 50.31
C ILE C 74 -22.19 -36.50 51.48
N ARG C 75 -22.63 -35.28 51.22
CA ARG C 75 -22.84 -34.32 52.30
C ARG C 75 -23.99 -34.76 53.18
N GLY C 76 -23.84 -34.56 54.49
CA GLY C 76 -24.89 -34.84 55.45
C GLY C 76 -25.30 -36.30 55.54
N VAL C 77 -24.37 -37.16 55.97
CA VAL C 77 -24.63 -38.59 56.10
C VAL C 77 -25.67 -38.81 57.20
N GLN C 78 -26.58 -39.75 56.97
CA GLN C 78 -27.59 -40.15 57.95
C GLN C 78 -27.56 -41.67 58.07
N ALA C 79 -28.30 -42.17 59.07
CA ALA C 79 -28.44 -43.61 59.25
C ALA C 79 -29.17 -44.27 58.08
N ASP C 80 -30.06 -43.53 57.42
CA ASP C 80 -30.76 -44.05 56.25
C ASP C 80 -29.82 -44.27 55.08
N ASP C 81 -28.73 -43.51 55.00
CA ASP C 81 -27.77 -43.63 53.91
C ASP C 81 -26.85 -44.85 54.03
N GLU C 82 -26.94 -45.61 55.12
CA GLU C 82 -26.16 -46.84 55.27
C GLU C 82 -26.61 -47.86 54.24
N ALA C 83 -25.79 -48.07 53.20
CA ALA C 83 -26.16 -48.86 52.04
C ALA C 83 -24.90 -49.08 51.20
N ASP C 84 -24.99 -50.03 50.28
CA ASP C 84 -23.92 -50.28 49.33
C ASP C 84 -23.98 -49.29 48.17
N TYR C 85 -22.81 -48.97 47.62
CA TYR C 85 -22.66 -47.97 46.57
C TYR C 85 -21.84 -48.55 45.43
N TYR C 86 -22.38 -48.51 44.22
CA TYR C 86 -21.76 -49.14 43.06
C TYR C 86 -21.52 -48.08 41.98
N CYS C 87 -20.27 -47.96 41.55
CA CYS C 87 -19.92 -47.14 40.41
C CYS C 87 -20.06 -47.94 39.11
N GLN C 88 -20.19 -47.21 38.01
CA GLN C 88 -20.35 -47.83 36.70
C GLN C 88 -19.67 -46.97 35.63
N SER C 89 -18.91 -47.61 34.76
CA SER C 89 -18.36 -46.96 33.58
C SER C 89 -18.57 -47.89 32.41
N SER C 90 -18.58 -47.30 31.21
CA SER C 90 -19.05 -47.99 30.01
C SER C 90 -17.91 -48.31 29.03
N ASP C 91 -16.76 -48.73 29.56
CA ASP C 91 -15.59 -49.20 28.80
C ASP C 91 -14.99 -48.12 27.90
N THR C 92 -13.90 -48.43 27.19
CA THR C 92 -13.29 -47.46 26.29
C THR C 92 -14.23 -47.06 25.17
N SER C 93 -14.91 -48.03 24.57
CA SER C 93 -15.91 -47.81 23.55
C SER C 93 -17.26 -48.31 24.07
N ASP C 94 -18.30 -48.17 23.24
CA ASP C 94 -19.64 -48.63 23.62
C ASP C 94 -19.78 -50.11 23.25
N SER C 95 -19.03 -50.94 23.96
CA SER C 95 -19.06 -52.38 23.76
C SER C 95 -19.80 -53.12 24.86
N TYR C 96 -19.70 -52.67 26.11
CA TYR C 96 -20.38 -53.28 27.25
C TYR C 96 -20.28 -52.37 28.46
N LYS C 97 -21.34 -52.35 29.26
CA LYS C 97 -21.32 -51.68 30.55
C LYS C 97 -20.80 -52.64 31.62
N MET C 98 -20.29 -52.07 32.71
CA MET C 98 -19.62 -52.87 33.72
C MET C 98 -19.60 -52.11 35.05
N PHE C 99 -19.76 -52.85 36.14
CA PHE C 99 -19.90 -52.33 37.49
C PHE C 99 -18.62 -52.52 38.29
N GLY C 100 -18.57 -51.86 39.45
CA GLY C 100 -17.47 -52.00 40.37
C GLY C 100 -17.77 -53.02 41.45
N GLY C 101 -16.84 -53.13 42.39
CA GLY C 101 -16.94 -54.13 43.44
C GLY C 101 -17.85 -53.77 44.61
N GLY C 102 -18.36 -52.55 44.65
CA GLY C 102 -19.27 -52.13 45.70
C GLY C 102 -18.59 -51.72 46.99
N THR C 103 -19.08 -50.65 47.61
CA THR C 103 -18.56 -50.17 48.88
C THR C 103 -19.69 -50.06 49.88
N LYS C 104 -19.52 -50.68 51.05
CA LYS C 104 -20.56 -50.69 52.09
C LYS C 104 -20.24 -49.54 53.03
N LEU C 105 -21.07 -48.50 53.02
CA LEU C 105 -20.91 -47.37 53.92
C LEU C 105 -21.59 -47.72 55.23
N THR C 106 -20.83 -47.70 56.33
CA THR C 106 -21.35 -47.95 57.66
C THR C 106 -21.32 -46.66 58.47
N VAL C 107 -22.36 -46.46 59.27
CA VAL C 107 -22.50 -45.27 60.11
C VAL C 107 -22.14 -45.64 61.54
N LEU C 108 -21.23 -44.88 62.14
CA LEU C 108 -20.78 -45.15 63.51
C LEU C 108 -21.69 -44.48 64.52
N GLU D 1 -11.43 -49.89 -21.36
CA GLU D 1 -12.35 -50.54 -22.27
C GLU D 1 -11.92 -50.33 -23.72
N ILE D 2 -11.21 -49.24 -23.97
CA ILE D 2 -10.64 -48.96 -25.29
C ILE D 2 -9.51 -49.95 -25.58
N VAL D 3 -9.80 -50.93 -26.43
CA VAL D 3 -8.86 -52.03 -26.68
C VAL D 3 -7.86 -51.60 -27.74
N LEU D 4 -6.57 -51.72 -27.43
CA LEU D 4 -5.49 -51.29 -28.32
C LEU D 4 -4.66 -52.51 -28.71
N THR D 5 -5.19 -53.32 -29.64
CA THR D 5 -4.40 -54.41 -30.16
C THR D 5 -3.25 -53.89 -31.01
N GLN D 6 -2.21 -54.70 -31.14
CA GLN D 6 -1.06 -54.38 -31.97
C GLN D 6 -0.69 -55.59 -32.82
N SER D 7 -0.10 -55.32 -33.99
CA SER D 7 0.21 -56.35 -34.95
C SER D 7 1.30 -57.28 -34.42
N PRO D 8 1.31 -58.55 -34.86
CA PRO D 8 2.37 -59.47 -34.42
C PRO D 8 3.66 -59.32 -35.21
N GLY D 9 4.62 -60.19 -34.94
CA GLY D 9 5.87 -60.19 -35.68
C GLY D 9 7.01 -59.58 -34.88
N THR D 10 8.23 -60.02 -35.18
CA THR D 10 9.42 -59.60 -34.47
C THR D 10 10.34 -58.72 -35.29
N LEU D 11 10.12 -58.62 -36.61
CA LEU D 11 10.82 -57.73 -37.55
C LEU D 11 12.33 -57.96 -37.54
N SER D 12 12.70 -59.15 -38.00
CA SER D 12 14.11 -59.53 -38.11
C SER D 12 14.75 -58.74 -39.26
N LEU D 13 15.28 -57.56 -38.96
CA LEU D 13 15.79 -56.66 -39.98
C LEU D 13 17.19 -56.19 -39.62
N SER D 14 17.84 -55.56 -40.58
CA SER D 14 19.15 -54.97 -40.47
C SER D 14 19.04 -53.44 -40.49
N PRO D 15 20.11 -52.72 -40.09
CA PRO D 15 20.06 -51.25 -40.21
C PRO D 15 19.96 -50.78 -41.65
N GLY D 16 19.30 -49.64 -41.84
CA GLY D 16 19.08 -49.08 -43.15
C GLY D 16 17.75 -49.43 -43.77
N GLU D 17 17.03 -50.39 -43.20
CA GLU D 17 15.72 -50.80 -43.68
C GLU D 17 14.64 -49.83 -43.21
N GLY D 18 13.39 -50.13 -43.56
CA GLY D 18 12.24 -49.42 -43.04
C GLY D 18 11.44 -50.30 -42.08
N ALA D 19 10.46 -49.66 -41.44
CA ALA D 19 9.60 -50.36 -40.49
C ALA D 19 8.22 -49.73 -40.49
N THR D 20 7.19 -50.56 -40.62
CA THR D 20 5.81 -50.13 -40.53
C THR D 20 5.21 -50.70 -39.25
N LEU D 21 4.68 -49.83 -38.41
CA LEU D 21 4.05 -50.21 -37.15
C LEU D 21 2.62 -49.70 -37.13
N SER D 22 1.73 -50.45 -36.49
CA SER D 22 0.32 -50.10 -36.49
C SER D 22 -0.32 -50.41 -35.14
N CYS D 23 -1.36 -49.65 -34.82
CA CYS D 23 -2.11 -49.78 -33.59
C CYS D 23 -3.59 -49.50 -33.89
N ARG D 24 -4.47 -50.30 -33.31
CA ARG D 24 -5.90 -50.24 -33.59
C ARG D 24 -6.63 -49.69 -32.36
N THR D 25 -7.73 -48.97 -32.60
CA THR D 25 -8.52 -48.37 -31.53
C THR D 25 -9.95 -48.88 -31.66
N SER D 26 -10.60 -49.14 -30.51
CA SER D 26 -11.89 -49.83 -30.46
C SER D 26 -13.08 -48.89 -30.62
N GLN D 27 -12.86 -47.59 -30.74
CA GLN D 27 -13.95 -46.64 -30.90
C GLN D 27 -13.51 -45.54 -31.85
N SER D 28 -14.48 -44.86 -32.45
CA SER D 28 -14.19 -43.80 -33.42
C SER D 28 -13.75 -42.56 -32.67
N LEU D 29 -12.44 -42.48 -32.43
CA LEU D 29 -11.80 -41.31 -31.84
C LEU D 29 -11.03 -40.56 -32.91
N SER D 30 -10.82 -39.26 -32.67
CA SER D 30 -10.00 -38.46 -33.58
C SER D 30 -8.52 -38.79 -33.41
N SER D 31 -7.69 -38.09 -34.19
CA SER D 31 -6.25 -38.35 -34.18
C SER D 31 -5.56 -37.83 -32.92
N SER D 32 -6.17 -36.87 -32.22
CA SER D 32 -5.55 -36.27 -31.05
C SER D 32 -5.43 -37.22 -29.86
N SER D 33 -6.17 -38.33 -29.87
CA SER D 33 -6.30 -39.19 -28.70
C SER D 33 -5.23 -40.27 -28.61
N LEU D 34 -4.33 -40.35 -29.57
CA LEU D 34 -3.36 -41.44 -29.64
C LEU D 34 -1.96 -40.87 -29.81
N ALA D 35 -1.00 -41.49 -29.14
CA ALA D 35 0.40 -41.08 -29.22
C ALA D 35 1.28 -42.32 -29.34
N TRP D 36 2.55 -42.09 -29.68
CA TRP D 36 3.52 -43.16 -29.88
C TRP D 36 4.75 -42.93 -28.99
N TYR D 37 5.34 -44.03 -28.53
CA TYR D 37 6.43 -43.97 -27.56
C TYR D 37 7.54 -44.93 -27.96
N GLN D 38 8.78 -44.47 -27.80
CA GLN D 38 9.92 -45.38 -27.82
C GLN D 38 10.05 -46.05 -26.46
N GLN D 39 10.20 -47.37 -26.44
CA GLN D 39 10.40 -48.12 -25.21
C GLN D 39 11.79 -48.74 -25.29
N LYS D 40 12.73 -48.15 -24.55
CA LYS D 40 14.11 -48.57 -24.58
C LYS D 40 14.33 -49.78 -23.67
N PRO D 41 15.42 -50.56 -23.86
CA PRO D 41 15.64 -51.70 -22.97
C PRO D 41 16.23 -51.28 -21.62
N GLY D 42 15.36 -50.90 -20.69
CA GLY D 42 15.76 -50.61 -19.33
C GLY D 42 16.00 -49.15 -19.02
N LEU D 43 15.53 -48.23 -19.85
CA LEU D 43 15.67 -46.79 -19.62
C LEU D 43 14.30 -46.13 -19.73
N ALA D 44 14.27 -44.83 -19.48
CA ALA D 44 13.00 -44.10 -19.48
C ALA D 44 12.44 -43.95 -20.89
N PRO D 45 11.19 -44.33 -21.12
CA PRO D 45 10.54 -44.07 -22.41
C PRO D 45 10.40 -42.59 -22.72
N ARG D 46 10.42 -42.27 -24.01
CA ARG D 46 10.25 -40.92 -24.51
C ARG D 46 9.14 -40.89 -25.55
N LEU D 47 8.65 -39.68 -25.84
CA LEU D 47 7.54 -39.48 -26.76
C LEU D 47 8.04 -38.97 -28.10
N LEU D 48 7.51 -39.55 -29.19
CA LEU D 48 7.78 -39.04 -30.53
C LEU D 48 6.65 -38.13 -31.00
N ILE D 49 5.49 -38.71 -31.27
CA ILE D 49 4.36 -38.03 -31.88
C ILE D 49 3.21 -37.98 -30.88
N TYR D 50 2.66 -36.79 -30.66
CA TYR D 50 1.46 -36.62 -29.85
C TYR D 50 0.41 -35.99 -30.74
N GLY D 51 -0.79 -36.56 -30.77
CA GLY D 51 -1.79 -36.07 -31.68
C GLY D 51 -1.82 -36.79 -33.01
N ALA D 52 -0.96 -37.80 -33.19
CA ALA D 52 -0.80 -38.71 -34.33
C ALA D 52 -0.14 -38.04 -35.54
N SER D 53 0.15 -36.74 -35.47
CA SER D 53 0.88 -36.07 -36.54
C SER D 53 1.89 -35.03 -36.08
N ILE D 54 1.86 -34.58 -34.83
CA ILE D 54 2.74 -33.51 -34.36
C ILE D 54 3.95 -34.14 -33.67
N ARG D 55 5.13 -33.87 -34.20
CA ARG D 55 6.38 -34.37 -33.65
C ARG D 55 6.75 -33.62 -32.37
N ALA D 56 7.62 -34.23 -31.57
CA ALA D 56 8.08 -33.65 -30.31
C ALA D 56 9.49 -33.11 -30.46
N THR D 57 9.89 -32.28 -29.49
CA THR D 57 11.19 -31.63 -29.54
C THR D 57 12.31 -32.64 -29.30
N GLY D 58 13.47 -32.35 -29.90
CA GLY D 58 14.63 -33.21 -29.74
C GLY D 58 14.51 -34.55 -30.43
N ILE D 59 13.71 -34.63 -31.50
CA ILE D 59 13.41 -35.87 -32.18
C ILE D 59 13.80 -35.69 -33.65
N PRO D 60 14.54 -36.62 -34.25
CA PRO D 60 14.87 -36.51 -35.68
C PRO D 60 13.65 -36.58 -36.59
N ASP D 61 13.92 -36.36 -37.88
CA ASP D 61 12.88 -36.22 -38.89
C ASP D 61 12.40 -37.54 -39.48
N ARG D 62 13.09 -38.66 -39.19
CA ARG D 62 12.81 -39.92 -39.86
C ARG D 62 11.47 -40.55 -39.49
N PHE D 63 10.81 -40.07 -38.43
CA PHE D 63 9.57 -40.68 -37.96
C PHE D 63 8.39 -39.83 -38.43
N SER D 64 7.39 -40.49 -39.01
CA SER D 64 6.15 -39.83 -39.40
C SER D 64 4.98 -40.77 -39.11
N GLY D 65 3.79 -40.19 -39.04
CA GLY D 65 2.61 -40.98 -38.74
C GLY D 65 1.35 -40.24 -39.11
N SER D 66 0.28 -41.01 -39.32
CA SER D 66 -1.02 -40.48 -39.68
C SER D 66 -2.08 -41.53 -39.40
N GLY D 67 -3.33 -41.09 -39.40
CA GLY D 67 -4.45 -41.98 -39.16
C GLY D 67 -5.65 -41.27 -38.55
N SER D 68 -6.84 -41.69 -38.92
CA SER D 68 -8.08 -41.16 -38.35
C SER D 68 -9.09 -42.29 -38.26
N GLY D 69 -9.88 -42.28 -37.19
CA GLY D 69 -10.78 -43.38 -36.92
C GLY D 69 -10.06 -44.57 -36.31
N THR D 70 -9.80 -45.59 -37.12
CA THR D 70 -9.07 -46.77 -36.71
C THR D 70 -7.83 -46.92 -37.59
N ASP D 71 -7.00 -47.92 -37.22
CA ASP D 71 -5.80 -48.31 -37.97
C ASP D 71 -4.80 -47.16 -38.09
N PHE D 72 -4.28 -46.74 -36.95
CA PHE D 72 -3.25 -45.71 -36.92
C PHE D 72 -1.89 -46.33 -37.22
N THR D 73 -1.01 -45.57 -37.87
CA THR D 73 0.20 -46.12 -38.43
C THR D 73 1.40 -45.24 -38.12
N LEU D 74 2.54 -45.87 -37.84
CA LEU D 74 3.83 -45.19 -37.67
C LEU D 74 4.79 -45.82 -38.66
N THR D 75 5.63 -44.98 -39.29
CA THR D 75 6.60 -45.44 -40.27
C THR D 75 7.95 -44.80 -39.97
N ILE D 76 9.01 -45.62 -39.97
CA ILE D 76 10.38 -45.16 -39.80
C ILE D 76 11.15 -45.51 -41.06
N SER D 77 11.81 -44.51 -41.66
CA SER D 77 12.45 -44.71 -42.96
C SER D 77 13.84 -45.33 -42.82
N ARG D 78 14.58 -44.98 -41.78
CA ARG D 78 15.98 -45.39 -41.63
C ARG D 78 16.20 -45.86 -40.20
N LEU D 79 16.30 -47.18 -40.00
CA LEU D 79 16.50 -47.75 -38.67
C LEU D 79 17.97 -47.66 -38.31
N GLU D 80 18.31 -46.69 -37.46
CA GLU D 80 19.63 -46.61 -36.86
C GLU D 80 19.75 -47.73 -35.81
N PRO D 81 20.98 -48.04 -35.33
CA PRO D 81 21.11 -49.12 -34.32
C PRO D 81 20.35 -48.86 -33.02
N GLU D 82 20.16 -47.60 -32.63
CA GLU D 82 19.44 -47.29 -31.41
C GLU D 82 17.94 -47.47 -31.56
N ASP D 83 17.43 -47.49 -32.80
CA ASP D 83 16.00 -47.60 -33.05
C ASP D 83 15.46 -49.03 -32.99
N PHE D 84 16.31 -50.01 -32.68
CA PHE D 84 15.86 -51.40 -32.57
C PHE D 84 15.39 -51.71 -31.14
N ALA D 85 14.34 -51.00 -30.74
CA ALA D 85 13.76 -51.17 -29.42
C ALA D 85 12.24 -51.21 -29.56
N VAL D 86 11.55 -51.38 -28.44
CA VAL D 86 10.12 -51.64 -28.49
C VAL D 86 9.39 -50.29 -28.70
N TYR D 87 8.14 -50.34 -29.18
CA TYR D 87 7.36 -49.13 -29.43
C TYR D 87 5.90 -49.25 -29.02
N TYR D 88 5.44 -48.29 -28.22
CA TYR D 88 4.16 -48.33 -27.52
C TYR D 88 3.20 -47.28 -28.06
N CYS D 89 1.94 -47.65 -28.24
CA CYS D 89 0.87 -46.73 -28.61
C CYS D 89 0.03 -46.42 -27.37
N GLN D 90 0.01 -45.14 -26.98
CA GLN D 90 -0.67 -44.70 -25.76
C GLN D 90 -2.01 -44.06 -26.11
N GLN D 91 -3.08 -44.50 -25.44
CA GLN D 91 -4.43 -43.94 -25.48
C GLN D 91 -4.53 -42.86 -24.39
N TYR D 92 -5.73 -42.46 -23.97
CA TYR D 92 -5.87 -41.65 -22.76
C TYR D 92 -5.11 -42.27 -21.60
N GLU D 93 -5.49 -43.48 -21.21
CA GLU D 93 -5.01 -44.10 -19.98
C GLU D 93 -4.35 -45.46 -20.19
N PHE D 94 -4.78 -46.24 -21.17
CA PHE D 94 -4.28 -47.60 -21.37
C PHE D 94 -3.15 -47.59 -22.39
N PHE D 95 -1.98 -48.07 -21.98
CA PHE D 95 -0.84 -48.22 -22.86
C PHE D 95 -1.01 -49.45 -23.76
N GLY D 96 -0.08 -49.61 -24.69
CA GLY D 96 -0.09 -50.72 -25.62
C GLY D 96 0.90 -51.81 -25.23
N ALA D 97 0.65 -53.03 -25.73
CA ALA D 97 1.54 -54.15 -25.48
C ALA D 97 2.93 -53.93 -26.08
N GLY D 98 2.99 -53.43 -27.32
CA GLY D 98 4.25 -53.07 -27.93
C GLY D 98 4.74 -54.05 -28.99
N THR D 99 4.69 -53.62 -30.25
CA THR D 99 5.26 -54.40 -31.34
C THR D 99 6.79 -54.43 -31.28
N ARG D 100 7.37 -55.52 -31.77
CA ARG D 100 8.79 -55.80 -31.60
C ARG D 100 9.53 -55.61 -32.92
N VAL D 101 10.69 -54.96 -32.85
CA VAL D 101 11.68 -54.97 -33.93
C VAL D 101 13.00 -55.46 -33.34
N GLU D 102 13.62 -56.44 -34.00
CA GLU D 102 14.83 -57.06 -33.50
C GLU D 102 16.02 -56.10 -33.49
N VAL E 2 13.43 -29.62 -17.06
CA VAL E 2 12.63 -30.33 -16.07
C VAL E 2 13.50 -31.38 -15.40
N GLN E 3 13.65 -31.27 -14.09
CA GLN E 3 14.41 -32.23 -13.29
C GLN E 3 13.46 -33.00 -12.38
N LEU E 4 13.42 -34.32 -12.54
CA LEU E 4 12.69 -35.21 -11.65
C LEU E 4 13.68 -36.19 -11.04
N VAL E 5 13.72 -36.25 -9.71
CA VAL E 5 14.69 -37.07 -8.98
C VAL E 5 13.90 -38.06 -8.13
N GLN E 6 13.86 -39.32 -8.56
CA GLN E 6 13.07 -40.32 -7.88
C GLN E 6 13.91 -40.96 -6.78
N SER E 7 13.34 -41.96 -6.10
CA SER E 7 13.99 -42.61 -4.97
C SER E 7 14.43 -44.02 -5.35
N GLY E 8 14.97 -44.74 -4.36
CA GLY E 8 15.50 -46.07 -4.57
C GLY E 8 14.53 -47.17 -4.19
N ALA E 9 14.74 -48.34 -4.78
CA ALA E 9 13.84 -49.48 -4.62
C ALA E 9 14.39 -50.46 -3.59
N GLU E 10 13.51 -51.38 -3.16
CA GLU E 10 13.83 -52.43 -2.21
C GLU E 10 12.67 -53.43 -2.22
N LEU E 11 13.00 -54.73 -2.17
CA LEU E 11 11.97 -55.76 -2.14
C LEU E 11 11.21 -55.70 -0.81
N LYS E 12 9.89 -55.63 -0.89
CA LYS E 12 9.03 -55.52 0.28
C LYS E 12 8.24 -56.81 0.47
N LYS E 13 8.29 -57.34 1.69
CA LYS E 13 7.63 -58.59 2.03
C LYS E 13 6.11 -58.41 2.05
N PRO E 14 5.34 -59.50 1.99
CA PRO E 14 3.87 -59.38 2.06
C PRO E 14 3.37 -58.69 3.33
N GLY E 15 2.70 -57.56 3.15
CA GLY E 15 2.09 -56.80 4.22
C GLY E 15 2.82 -55.53 4.58
N ALA E 16 3.93 -55.22 3.93
CA ALA E 16 4.72 -54.03 4.24
C ALA E 16 4.10 -52.80 3.55
N SER E 17 4.84 -51.69 3.55
CA SER E 17 4.40 -50.48 2.88
C SER E 17 5.62 -49.73 2.33
N VAL E 18 5.54 -49.34 1.06
CA VAL E 18 6.59 -48.56 0.42
C VAL E 18 6.10 -47.11 0.29
N LYS E 19 7.05 -46.17 0.23
CA LYS E 19 6.74 -44.76 0.01
C LYS E 19 7.77 -44.20 -0.97
N VAL E 20 7.43 -44.26 -2.26
CA VAL E 20 8.29 -43.78 -3.34
C VAL E 20 7.98 -42.30 -3.61
N SER E 21 9.02 -41.55 -3.99
CA SER E 21 8.92 -40.11 -4.15
C SER E 21 9.40 -39.71 -5.54
N CYS E 22 8.93 -38.55 -6.00
CA CYS E 22 9.24 -38.03 -7.34
C CYS E 22 9.59 -36.54 -7.23
N LYS E 23 10.59 -36.23 -6.39
CA LYS E 23 11.04 -34.87 -6.09
C LYS E 23 11.36 -34.05 -7.34
N ALA E 24 10.56 -33.02 -7.60
CA ALA E 24 10.66 -32.20 -8.80
C ALA E 24 11.43 -30.92 -8.50
N SER E 25 11.87 -30.26 -9.58
CA SER E 25 12.62 -29.01 -9.45
C SER E 25 12.58 -28.26 -10.77
N GLY E 26 12.59 -26.92 -10.67
CA GLY E 26 12.81 -26.07 -11.82
C GLY E 26 11.63 -25.78 -12.72
N TYR E 27 10.40 -25.84 -12.20
CA TYR E 27 9.22 -25.46 -12.96
C TYR E 27 8.08 -25.17 -11.99
N THR E 28 6.94 -24.76 -12.56
CA THR E 28 5.73 -24.47 -11.81
C THR E 28 5.10 -25.78 -11.38
N PHE E 29 5.44 -26.21 -10.16
CA PHE E 29 4.97 -27.50 -9.63
C PHE E 29 3.45 -27.52 -9.44
N THR E 30 2.87 -26.40 -9.02
CA THR E 30 1.43 -26.34 -8.76
C THR E 30 0.59 -26.59 -10.01
N ASP E 31 0.97 -25.97 -11.13
CA ASP E 31 0.24 -26.14 -12.39
C ASP E 31 0.82 -27.28 -13.21
N SER E 32 0.87 -28.46 -12.59
CA SER E 32 1.49 -29.62 -13.25
C SER E 32 0.98 -30.90 -12.61
N TYR E 33 0.29 -31.72 -13.39
CA TYR E 33 -0.05 -33.08 -12.98
C TYR E 33 1.21 -33.91 -12.79
N MET E 34 1.09 -34.97 -12.00
CA MET E 34 2.22 -35.84 -11.66
C MET E 34 1.77 -37.30 -11.79
N HIS E 35 1.31 -37.66 -13.00
CA HIS E 35 0.85 -39.01 -13.30
C HIS E 35 1.87 -40.06 -12.91
N TRP E 36 1.38 -41.23 -12.47
CA TRP E 36 2.24 -42.35 -12.13
C TRP E 36 1.96 -43.52 -13.05
N VAL E 37 3.01 -44.25 -13.41
CA VAL E 37 2.99 -45.26 -14.46
C VAL E 37 3.74 -46.50 -13.97
N ARG E 38 3.11 -47.66 -14.13
CA ARG E 38 3.67 -48.92 -13.67
C ARG E 38 4.16 -49.72 -14.88
N GLN E 39 5.45 -50.05 -14.89
CA GLN E 39 6.02 -50.89 -15.94
C GLN E 39 6.09 -52.33 -15.44
N ALA E 40 5.23 -53.19 -15.99
CA ALA E 40 5.33 -54.61 -15.74
C ALA E 40 6.63 -55.17 -16.35
N PRO E 41 7.22 -56.26 -15.76
CA PRO E 41 8.57 -56.67 -16.19
C PRO E 41 8.61 -57.24 -17.60
N GLY E 42 9.19 -56.48 -18.53
CA GLY E 42 9.21 -56.82 -19.94
C GLY E 42 7.83 -56.95 -20.56
N GLN E 43 6.92 -56.06 -20.18
CA GLN E 43 5.52 -56.15 -20.57
C GLN E 43 4.97 -54.74 -20.72
N GLY E 44 3.69 -54.66 -21.09
CA GLY E 44 3.06 -53.36 -21.29
C GLY E 44 2.93 -52.56 -20.01
N LEU E 45 2.85 -51.24 -20.18
CA LEU E 45 2.74 -50.33 -19.06
C LEU E 45 1.30 -50.32 -18.51
N GLU E 46 1.10 -49.57 -17.44
CA GLU E 46 -0.20 -49.44 -16.80
C GLU E 46 -0.26 -48.07 -16.16
N TRP E 47 -1.47 -47.56 -15.97
CA TRP E 47 -1.69 -46.23 -15.42
C TRP E 47 -2.11 -46.35 -13.97
N MET E 48 -1.17 -46.04 -13.06
CA MET E 48 -1.50 -46.10 -11.64
C MET E 48 -2.47 -45.00 -11.25
N GLY E 49 -2.18 -43.76 -11.62
CA GLY E 49 -3.03 -42.66 -11.23
C GLY E 49 -2.32 -41.33 -11.27
N TRP E 50 -3.12 -40.27 -11.40
CA TRP E 50 -2.61 -38.91 -11.43
C TRP E 50 -2.97 -38.20 -10.12
N ILE E 51 -2.27 -37.10 -9.85
CA ILE E 51 -2.48 -36.32 -8.64
C ILE E 51 -2.28 -34.84 -8.98
N ASN E 52 -3.37 -34.09 -8.98
CA ASN E 52 -3.28 -32.64 -9.03
C ASN E 52 -2.68 -32.15 -7.72
N PRO E 53 -1.55 -31.46 -7.73
CA PRO E 53 -0.84 -31.17 -6.48
C PRO E 53 -1.29 -29.93 -5.71
N ASN E 54 -2.10 -29.07 -6.35
CA ASN E 54 -2.61 -27.86 -5.66
C ASN E 54 -3.77 -28.22 -4.72
N TYR E 55 -4.43 -29.36 -4.94
CA TYR E 55 -5.61 -29.70 -4.10
C TYR E 55 -5.52 -31.16 -3.65
N GLY E 56 -4.71 -31.98 -4.33
CA GLY E 56 -4.48 -33.35 -3.89
C GLY E 56 -5.49 -34.23 -4.58
N ALA E 57 -6.42 -33.62 -5.29
CA ALA E 57 -7.43 -34.38 -6.02
C ALA E 57 -6.81 -35.49 -6.85
N THR E 58 -7.07 -36.74 -6.46
CA THR E 58 -6.41 -37.89 -7.02
C THR E 58 -7.42 -38.89 -7.55
N ASN E 59 -6.99 -39.63 -8.57
CA ASN E 59 -7.81 -40.68 -9.18
C ASN E 59 -6.87 -41.84 -9.47
N TYR E 60 -7.16 -43.00 -8.88
CA TYR E 60 -6.38 -44.20 -9.11
C TYR E 60 -7.10 -45.13 -10.08
N ALA E 61 -6.41 -46.21 -10.43
CA ALA E 61 -6.97 -47.19 -11.35
C ALA E 61 -7.89 -48.14 -10.60
N HIS E 62 -8.79 -48.78 -11.35
CA HIS E 62 -9.71 -49.77 -10.78
C HIS E 62 -8.98 -50.97 -10.20
N LYS E 63 -7.80 -51.30 -10.71
CA LYS E 63 -7.06 -52.45 -10.22
C LYS E 63 -6.51 -52.19 -8.82
N PHE E 64 -5.88 -51.04 -8.62
CA PHE E 64 -5.25 -50.71 -7.35
C PHE E 64 -6.09 -49.74 -6.52
N GLN E 65 -7.42 -49.77 -6.67
CA GLN E 65 -8.27 -48.87 -5.90
C GLN E 65 -8.50 -49.48 -4.53
N GLY E 66 -7.93 -48.85 -3.50
CA GLY E 66 -8.06 -49.32 -2.13
C GLY E 66 -6.76 -49.79 -1.53
N ARG E 67 -5.76 -50.06 -2.37
CA ARG E 67 -4.46 -50.55 -1.92
C ARG E 67 -3.38 -49.49 -1.97
N VAL E 68 -3.63 -48.36 -2.64
CA VAL E 68 -2.62 -47.35 -2.87
C VAL E 68 -3.17 -46.01 -2.38
N THR E 69 -2.28 -45.04 -2.20
CA THR E 69 -2.62 -43.70 -1.76
C THR E 69 -1.50 -42.78 -2.24
N MET E 70 -1.90 -41.64 -2.84
CA MET E 70 -0.91 -40.72 -3.49
C MET E 70 -0.90 -39.33 -2.85
N THR E 71 -0.11 -39.10 -1.82
CA THR E 71 0.08 -37.78 -1.15
C THR E 71 0.94 -36.85 -2.00
N ARG E 72 0.85 -35.54 -1.79
CA ARG E 72 1.78 -34.63 -2.51
C ARG E 72 2.26 -33.56 -1.53
N ASP E 73 3.51 -33.11 -1.70
CA ASP E 73 3.97 -32.00 -0.84
C ASP E 73 4.37 -30.86 -1.79
N THR E 74 3.89 -29.66 -1.56
CA THR E 74 4.18 -28.59 -2.56
C THR E 74 5.24 -27.67 -1.98
N SER E 75 5.34 -27.58 -0.66
CA SER E 75 6.40 -26.72 -0.14
C SER E 75 7.76 -27.09 -0.71
N ILE E 76 8.13 -28.37 -0.64
CA ILE E 76 9.39 -28.84 -1.21
C ILE E 76 9.17 -29.39 -2.62
N THR E 77 7.96 -29.17 -3.15
CA THR E 77 7.56 -29.54 -4.53
C THR E 77 7.83 -31.01 -4.84
N THR E 78 7.63 -31.87 -3.84
CA THR E 78 7.85 -33.30 -3.96
C THR E 78 6.51 -34.03 -3.84
N ALA E 79 6.16 -34.77 -4.87
CA ALA E 79 5.00 -35.66 -4.84
C ALA E 79 5.37 -37.01 -4.28
N TYR E 80 4.38 -37.70 -3.71
CA TYR E 80 4.57 -38.99 -3.07
C TYR E 80 3.63 -40.02 -3.68
N MET E 81 3.91 -41.28 -3.37
CA MET E 81 3.04 -42.39 -3.74
C MET E 81 3.32 -43.51 -2.74
N GLU E 82 2.35 -43.81 -1.90
CA GLU E 82 2.48 -44.85 -0.88
C GLU E 82 1.66 -46.06 -1.27
N LEU E 83 2.29 -47.23 -1.24
CA LEU E 83 1.63 -48.49 -1.58
C LEU E 83 1.72 -49.46 -0.40
N ASN E 84 0.56 -49.79 0.17
CA ASN E 84 0.47 -50.72 1.28
C ASN E 84 0.10 -52.10 0.75
N ARG E 85 0.24 -53.12 1.61
CA ARG E 85 -0.23 -54.49 1.37
C ARG E 85 0.34 -55.11 0.11
N LEU E 86 1.61 -54.81 -0.18
CA LEU E 86 2.26 -55.35 -1.37
C LEU E 86 2.35 -56.87 -1.30
N ARG E 87 2.13 -57.51 -2.44
CA ARG E 87 2.32 -58.95 -2.59
C ARG E 87 3.52 -59.20 -3.50
N SER E 88 3.89 -60.48 -3.61
CA SER E 88 5.02 -60.84 -4.46
C SER E 88 4.70 -60.67 -5.95
N ASP E 89 3.43 -60.61 -6.33
CA ASP E 89 3.05 -60.37 -7.71
C ASP E 89 3.14 -58.90 -8.13
N ASP E 90 3.50 -58.00 -7.20
CA ASP E 90 3.69 -56.59 -7.48
C ASP E 90 5.03 -56.27 -8.14
N THR E 91 5.77 -57.28 -8.61
CA THR E 91 7.00 -57.10 -9.36
C THR E 91 6.75 -56.21 -10.57
N ALA E 92 7.42 -55.05 -10.59
CA ALA E 92 7.24 -54.03 -11.63
C ALA E 92 8.28 -52.95 -11.43
N VAL E 93 8.26 -51.97 -12.36
CA VAL E 93 9.03 -50.75 -12.24
C VAL E 93 8.01 -49.60 -12.15
N TYR E 94 8.44 -48.46 -11.61
CA TYR E 94 7.53 -47.35 -11.33
C TYR E 94 8.18 -46.03 -11.71
N TYR E 95 7.51 -45.27 -12.57
CA TYR E 95 7.99 -43.97 -13.04
C TYR E 95 6.87 -42.94 -12.91
N CYS E 96 7.27 -41.67 -12.89
CA CYS E 96 6.35 -40.55 -12.77
C CYS E 96 6.48 -39.70 -14.03
N ALA E 97 5.34 -39.41 -14.66
CA ALA E 97 5.32 -38.68 -15.92
C ALA E 97 4.49 -37.41 -15.78
N ARG E 98 5.03 -36.28 -16.24
CA ARG E 98 4.33 -35.01 -16.23
C ARG E 98 3.81 -34.69 -17.64
N GLY E 99 2.50 -34.55 -17.78
CA GLY E 99 1.87 -34.29 -19.07
C GLY E 99 0.45 -33.79 -18.89
N ASN E 100 -0.49 -34.25 -19.74
CA ASN E 100 -1.90 -33.85 -19.71
C ASN E 100 -2.13 -32.33 -19.69
N PHE E 101 -1.80 -31.70 -20.83
CA PHE E 101 -1.84 -30.26 -21.19
C PHE E 101 -0.56 -29.53 -20.75
N LEU E 102 0.38 -30.22 -20.09
CA LEU E 102 1.70 -29.63 -19.88
C LEU E 102 2.34 -29.31 -21.23
N ARG E 103 2.31 -30.27 -22.14
CA ARG E 103 2.72 -30.04 -23.51
C ARG E 103 1.55 -29.36 -24.25
N VAL E 104 1.80 -28.93 -25.50
CA VAL E 104 0.83 -28.18 -26.31
C VAL E 104 -0.53 -28.87 -26.40
N ASP E 105 -0.54 -30.16 -26.74
CA ASP E 105 -1.78 -30.91 -26.88
C ASP E 105 -2.45 -31.12 -25.51
N TYR E 106 -3.79 -31.06 -25.50
CA TYR E 106 -4.57 -31.19 -24.28
C TYR E 106 -4.62 -32.62 -23.78
N THR E 107 -4.66 -33.58 -24.71
CA THR E 107 -4.69 -35.00 -24.42
C THR E 107 -3.38 -35.42 -23.72
N TRP E 108 -3.40 -36.58 -23.06
CA TRP E 108 -2.33 -37.07 -22.19
C TRP E 108 -1.10 -37.33 -23.05
N ASP E 109 -0.09 -36.46 -22.93
CA ASP E 109 1.13 -36.54 -23.75
C ASP E 109 2.35 -36.49 -22.84
N PHE E 110 2.64 -37.62 -22.19
CA PHE E 110 3.69 -37.72 -21.18
C PHE E 110 5.06 -37.52 -21.83
N GLN E 111 5.73 -36.42 -21.49
CA GLN E 111 7.05 -36.19 -22.08
C GLN E 111 8.15 -36.56 -21.08
N HIS E 112 8.44 -35.65 -20.15
CA HIS E 112 9.52 -35.87 -19.19
C HIS E 112 9.18 -37.01 -18.24
N TRP E 113 10.18 -37.85 -17.95
CA TRP E 113 10.05 -38.97 -17.04
C TRP E 113 11.22 -38.94 -16.05
N GLY E 114 11.03 -39.57 -14.90
CA GLY E 114 12.02 -39.44 -13.85
C GLY E 114 13.20 -40.39 -13.94
N GLN E 115 13.40 -41.22 -12.91
CA GLN E 115 14.57 -42.09 -12.84
C GLN E 115 14.25 -43.57 -12.69
N GLY E 116 12.99 -43.94 -12.52
CA GLY E 116 12.65 -45.33 -12.30
C GLY E 116 12.81 -45.84 -10.88
N THR E 117 12.02 -46.85 -10.53
CA THR E 117 12.06 -47.46 -9.21
C THR E 117 11.49 -48.87 -9.35
N LEU E 118 12.33 -49.88 -9.14
CA LEU E 118 12.05 -51.25 -9.54
C LEU E 118 11.74 -52.13 -8.34
N VAL E 119 10.92 -51.63 -7.41
CA VAL E 119 10.38 -52.40 -6.29
C VAL E 119 9.68 -53.65 -6.81
N THR E 120 10.12 -54.81 -6.34
CA THR E 120 9.60 -56.08 -6.83
C THR E 120 8.34 -56.50 -6.07
N LEU F 7 -3.81 32.90 -56.57
CA LEU F 7 -4.06 31.53 -56.13
C LEU F 7 -4.95 31.49 -54.90
N TRP F 8 -5.40 30.30 -54.54
CA TRP F 8 -6.36 30.11 -53.47
C TRP F 8 -5.84 29.09 -52.47
N VAL F 9 -6.23 29.28 -51.20
CA VAL F 9 -5.83 28.38 -50.11
C VAL F 9 -6.27 26.95 -50.42
N THR F 10 -5.45 25.98 -50.00
CA THR F 10 -5.70 24.56 -50.25
C THR F 10 -5.17 23.78 -49.05
N VAL F 11 -6.00 22.90 -48.52
CA VAL F 11 -5.70 22.14 -47.30
C VAL F 11 -5.35 20.71 -47.70
N TYR F 12 -4.20 20.24 -47.25
CA TYR F 12 -3.73 18.89 -47.51
C TYR F 12 -3.70 18.13 -46.19
N TYR F 13 -4.20 16.90 -46.21
CA TYR F 13 -4.35 16.08 -45.01
C TYR F 13 -3.51 14.81 -45.18
N GLY F 14 -2.69 14.51 -44.19
CA GLY F 14 -1.72 13.43 -44.33
C GLY F 14 -0.37 13.87 -44.83
N VAL F 15 -0.01 15.12 -44.61
CA VAL F 15 1.27 15.68 -45.11
C VAL F 15 2.43 15.00 -44.38
N PRO F 16 3.52 14.64 -45.08
CA PRO F 16 4.73 14.14 -44.40
C PRO F 16 5.65 15.25 -43.89
N VAL F 17 5.27 15.84 -42.75
CA VAL F 17 6.08 16.79 -42.01
C VAL F 17 5.93 16.49 -40.53
N TRP F 18 6.77 17.13 -39.73
CA TRP F 18 6.82 16.85 -38.30
C TRP F 18 7.43 18.01 -37.55
N ARG F 19 7.33 17.96 -36.23
CA ARG F 19 7.98 18.89 -35.32
C ARG F 19 8.48 18.15 -34.10
N ASP F 20 9.55 18.66 -33.51
CA ASP F 20 10.08 18.10 -32.26
C ASP F 20 9.08 18.27 -31.12
N ALA F 21 8.88 17.20 -30.34
CA ALA F 21 7.89 17.22 -29.27
C ALA F 21 8.25 16.17 -28.23
N ILE F 22 7.59 16.28 -27.08
CA ILE F 22 7.75 15.36 -25.96
C ILE F 22 6.46 14.55 -25.82
N THR F 23 6.59 13.23 -25.83
CA THR F 23 5.42 12.36 -25.75
C THR F 23 5.77 11.08 -25.02
N THR F 24 4.74 10.47 -24.46
CA THR F 24 4.87 9.17 -23.81
C THR F 24 5.03 8.05 -24.84
N LEU F 25 6.12 7.30 -24.75
CA LEU F 25 6.34 6.07 -25.50
C LEU F 25 5.92 4.88 -24.66
N PHE F 26 6.24 3.67 -25.12
CA PHE F 26 5.95 2.47 -24.34
C PHE F 26 6.92 1.35 -24.72
N CYS F 27 7.38 0.63 -23.71
CA CYS F 27 8.28 -0.50 -23.89
C CYS F 27 7.56 -1.66 -24.58
N ALA F 28 8.31 -2.45 -25.33
CA ALA F 28 7.74 -3.59 -26.03
C ALA F 28 8.36 -4.93 -25.63
N SER F 29 9.70 -5.01 -25.58
CA SER F 29 10.49 -6.21 -25.27
C SER F 29 10.25 -7.32 -26.29
N ASP F 30 10.75 -8.52 -26.02
CA ASP F 30 10.58 -9.63 -26.94
C ASP F 30 10.22 -10.88 -26.17
N ALA F 31 9.46 -11.77 -26.82
CA ALA F 31 9.01 -13.01 -26.20
C ALA F 31 10.14 -14.03 -26.14
N ASN F 40 10.08 -11.94 -15.01
CA ASN F 40 11.01 -10.86 -15.33
C ASN F 40 10.41 -9.51 -14.98
N VAL F 41 11.30 -8.53 -14.73
CA VAL F 41 10.88 -7.19 -14.34
C VAL F 41 10.15 -6.50 -15.50
N TRP F 42 10.67 -6.66 -16.72
CA TRP F 42 10.17 -5.91 -17.87
C TRP F 42 9.06 -6.65 -18.60
N ALA F 43 9.20 -7.96 -18.81
CA ALA F 43 8.18 -8.72 -19.53
C ALA F 43 7.15 -9.30 -18.57
N THR F 44 6.47 -8.42 -17.86
CA THR F 44 5.43 -8.82 -16.92
C THR F 44 4.14 -9.18 -17.65
N CYS F 47 5.49 -5.02 -20.52
CA CYS F 47 5.61 -4.63 -21.92
C CYS F 47 4.88 -5.63 -22.80
N VAL F 48 4.39 -5.17 -23.94
CA VAL F 48 3.64 -6.02 -24.88
C VAL F 48 4.56 -6.33 -26.05
N PRO F 49 4.88 -7.61 -26.30
CA PRO F 49 5.83 -7.96 -27.36
C PRO F 49 5.37 -7.55 -28.76
N THR F 50 6.35 -7.23 -29.60
CA THR F 50 6.12 -6.82 -30.98
C THR F 50 5.48 -7.91 -31.82
N PRO F 54 8.46 -4.51 -36.07
CA PRO F 54 9.57 -3.55 -36.16
C PRO F 54 9.95 -3.19 -37.60
N GLN F 55 9.18 -2.29 -38.20
CA GLN F 55 9.38 -1.91 -39.59
C GLN F 55 10.34 -0.73 -39.69
N GLU F 56 11.11 -0.72 -40.77
CA GLU F 56 12.05 0.37 -41.05
C GLU F 56 11.89 0.79 -42.50
N MET F 57 11.96 2.10 -42.73
CA MET F 57 11.86 2.66 -44.07
C MET F 57 12.81 3.85 -44.19
N VAL F 58 13.72 3.79 -45.16
CA VAL F 58 14.73 4.82 -45.32
C VAL F 58 14.07 6.07 -45.90
N LEU F 59 14.54 7.25 -45.46
CA LEU F 59 13.99 8.53 -45.88
C LEU F 59 15.05 9.26 -46.72
N GLU F 60 14.90 9.19 -48.04
CA GLU F 60 15.87 9.79 -48.93
C GLU F 60 15.71 11.31 -48.93
N ASN F 61 16.85 12.01 -49.03
CA ASN F 61 16.96 13.47 -49.15
C ASN F 61 16.50 14.21 -47.90
N VAL F 62 16.54 13.57 -46.73
CA VAL F 62 16.05 14.17 -45.49
C VAL F 62 17.24 14.42 -44.58
N THR F 63 17.35 15.65 -44.06
CA THR F 63 18.36 16.03 -43.08
C THR F 63 17.65 16.62 -41.87
N GLU F 64 17.98 16.12 -40.68
CA GLU F 64 17.38 16.58 -39.45
C GLU F 64 18.47 16.86 -38.41
N ASN F 65 18.24 17.87 -37.58
CA ASN F 65 19.20 18.28 -36.56
C ASN F 65 18.91 17.48 -35.30
N PHE F 66 19.63 16.37 -35.14
CA PHE F 66 19.51 15.52 -33.98
C PHE F 66 20.24 16.14 -32.79
N ASN F 67 19.84 15.71 -31.59
CA ASN F 67 20.49 16.19 -30.37
C ASN F 67 20.44 15.06 -29.34
N MET F 68 21.61 14.48 -29.04
CA MET F 68 21.66 13.35 -28.11
C MET F 68 21.45 13.82 -26.67
N TRP F 69 21.80 15.07 -26.37
CA TRP F 69 21.84 15.57 -25.00
C TRP F 69 20.54 16.18 -24.52
N LYS F 70 19.86 16.95 -25.38
CA LYS F 70 18.55 17.50 -25.06
C LYS F 70 17.41 16.56 -25.44
N ASN F 71 17.69 15.27 -25.53
CA ASN F 71 16.68 14.27 -25.82
C ASN F 71 15.73 14.08 -24.64
N ASN F 72 14.61 13.41 -24.91
CA ASN F 72 13.65 13.08 -23.87
C ASN F 72 13.51 11.58 -23.61
N MET F 73 13.94 10.71 -24.54
CA MET F 73 13.85 9.28 -24.25
C MET F 73 14.77 8.84 -23.13
N VAL F 74 15.88 9.55 -22.91
CA VAL F 74 16.71 9.24 -21.75
C VAL F 74 16.01 9.63 -20.45
N ASP F 75 15.34 10.80 -20.43
CA ASP F 75 14.60 11.24 -19.25
C ASP F 75 13.32 10.44 -19.02
N GLN F 76 12.86 9.70 -20.03
CA GLN F 76 11.74 8.79 -19.84
C GLN F 76 12.22 7.38 -19.50
N MET F 77 13.35 6.96 -20.07
CA MET F 77 13.93 5.67 -19.75
C MET F 77 14.39 5.61 -18.30
N HIS F 78 14.96 6.71 -17.79
CA HIS F 78 15.35 6.80 -16.39
C HIS F 78 14.14 6.60 -15.47
N GLU F 79 13.09 7.38 -15.68
CA GLU F 79 11.89 7.30 -14.86
C GLU F 79 11.18 5.95 -15.01
N ASP F 80 11.24 5.34 -16.20
CA ASP F 80 10.62 4.02 -16.37
C ASP F 80 11.44 2.91 -15.71
N ILE F 81 12.75 3.11 -15.58
CA ILE F 81 13.54 2.15 -14.80
C ILE F 81 13.25 2.31 -13.31
N ILE F 82 13.11 3.56 -12.84
CA ILE F 82 12.73 3.81 -11.45
C ILE F 82 11.37 3.20 -11.15
N SER F 83 10.40 3.41 -12.06
CA SER F 83 9.04 2.92 -11.86
C SER F 83 8.98 1.39 -11.85
N LEU F 84 9.68 0.73 -12.79
CA LEU F 84 9.66 -0.74 -12.80
C LEU F 84 10.43 -1.32 -11.63
N TRP F 85 11.53 -0.71 -11.21
CA TRP F 85 12.26 -1.23 -10.06
C TRP F 85 11.49 -1.02 -8.76
N ASP F 86 10.70 0.06 -8.67
CA ASP F 86 9.85 0.23 -7.50
C ASP F 86 8.67 -0.73 -7.51
N GLN F 87 8.06 -0.92 -8.68
CA GLN F 87 6.93 -1.84 -8.81
C GLN F 87 7.33 -3.28 -8.54
N SER F 88 8.50 -3.68 -9.02
CA SER F 88 8.94 -5.07 -8.90
C SER F 88 9.40 -5.43 -7.49
N LEU F 89 9.73 -4.43 -6.67
CA LEU F 89 10.20 -4.66 -5.31
C LEU F 89 9.12 -4.36 -4.27
N LYS F 90 7.86 -4.26 -4.69
CA LYS F 90 6.78 -4.08 -3.73
C LYS F 90 6.40 -5.41 -3.06
N PRO F 91 6.17 -6.60 -3.79
CA PRO F 91 5.90 -7.85 -3.10
C PRO F 91 7.17 -8.61 -2.69
N CYS F 92 8.08 -7.91 -2.02
CA CYS F 92 9.34 -8.50 -1.60
C CYS F 92 9.58 -8.17 -0.14
N VAL F 93 10.52 -8.89 0.47
CA VAL F 93 10.80 -8.78 1.90
C VAL F 93 11.37 -7.40 2.21
N GLN F 94 11.05 -6.89 3.40
CA GLN F 94 11.60 -5.65 3.93
C GLN F 94 12.40 -5.99 5.17
N LEU F 95 13.69 -5.64 5.17
CA LEU F 95 14.58 -6.02 6.27
C LEU F 95 14.65 -4.95 7.35
N THR F 96 13.49 -4.47 7.77
CA THR F 96 13.39 -3.62 8.96
C THR F 96 13.54 -4.42 10.26
N PRO F 97 12.98 -5.64 10.43
CA PRO F 97 13.32 -6.43 11.64
C PRO F 97 14.78 -6.82 11.77
N LEU F 98 15.54 -6.83 10.67
CA LEU F 98 16.93 -7.29 10.71
C LEU F 98 17.89 -6.20 11.16
N CYS F 99 17.41 -4.99 11.42
CA CYS F 99 18.27 -3.91 11.92
C CYS F 99 18.45 -4.10 13.43
N VAL F 100 19.37 -5.01 13.76
CA VAL F 100 19.66 -5.37 15.14
C VAL F 100 21.17 -5.32 15.30
N THR F 101 21.61 -5.37 16.55
CA THR F 101 23.04 -5.41 16.83
C THR F 101 23.62 -6.72 16.32
N LEU F 102 24.80 -6.63 15.71
CA LEU F 102 25.43 -7.78 15.07
C LEU F 102 26.76 -8.03 15.74
N ASN F 103 26.93 -9.22 16.30
CA ASN F 103 28.19 -9.64 16.91
C ASN F 103 29.07 -10.22 15.81
N CYS F 104 29.96 -9.39 15.28
CA CYS F 104 30.73 -9.73 14.09
C CYS F 104 32.20 -9.93 14.45
N THR F 105 32.76 -11.05 14.01
CA THR F 105 34.18 -11.36 14.17
C THR F 105 34.77 -11.64 12.80
N ASP F 106 36.09 -11.82 12.77
CA ASP F 106 36.75 -12.12 11.51
C ASP F 106 36.46 -13.56 11.09
N VAL F 107 36.37 -13.78 9.79
CA VAL F 107 36.13 -15.11 9.27
C VAL F 107 37.42 -15.91 9.29
N THR F 134 40.61 -9.59 4.32
CA THR F 134 39.66 -10.56 3.82
C THR F 134 38.40 -9.86 3.32
N GLY F 135 37.91 -8.90 4.11
CA GLY F 135 36.74 -8.15 3.74
C GLY F 135 35.41 -8.82 4.02
N ILE F 136 35.40 -9.89 4.82
CA ILE F 136 34.18 -10.62 5.17
C ILE F 136 34.18 -10.78 6.68
N LYS F 137 32.99 -10.69 7.28
CA LYS F 137 32.82 -10.77 8.73
C LYS F 137 31.75 -11.81 9.04
N ASN F 138 32.03 -12.68 10.00
CA ASN F 138 31.05 -13.66 10.47
C ASN F 138 30.25 -12.98 11.57
N CYS F 139 28.98 -12.70 11.29
CA CYS F 139 28.12 -11.93 12.18
C CYS F 139 27.03 -12.81 12.75
N SER F 140 26.93 -12.84 14.07
CA SER F 140 25.87 -13.57 14.77
C SER F 140 24.88 -12.59 15.37
N PHE F 141 23.59 -12.88 15.23
CA PHE F 141 22.55 -12.00 15.74
C PHE F 141 21.28 -12.81 15.97
N ASN F 142 20.35 -12.20 16.68
CA ASN F 142 19.09 -12.83 17.06
C ASN F 142 17.94 -12.14 16.34
N ILE F 143 16.85 -12.89 16.14
CA ILE F 143 15.71 -12.42 15.35
C ILE F 143 14.41 -12.88 15.98
N THR F 144 13.34 -12.19 15.62
CA THR F 144 11.98 -12.59 15.97
C THR F 144 11.50 -13.56 14.89
N THR F 145 11.41 -14.85 15.24
CA THR F 145 11.14 -15.90 14.25
C THR F 145 9.65 -15.91 13.88
N GLU F 146 9.20 -16.96 13.18
CA GLU F 146 7.83 -17.05 12.72
C GLU F 146 6.84 -17.11 13.88
N VAL F 147 7.23 -17.68 15.02
CA VAL F 147 6.48 -17.60 16.26
C VAL F 147 7.00 -16.37 16.99
N ARG F 148 6.13 -15.36 17.15
CA ARG F 148 6.59 -14.01 17.52
C ARG F 148 7.14 -13.93 18.93
N ASP F 149 6.62 -14.73 19.87
CA ASP F 149 7.11 -14.69 21.24
C ASP F 149 8.29 -15.64 21.48
N LYS F 150 9.03 -15.99 20.43
CA LYS F 150 10.23 -16.80 20.52
C LYS F 150 11.34 -16.15 19.69
N LYS F 151 12.53 -16.08 20.27
CA LYS F 151 13.69 -15.51 19.60
C LYS F 151 14.70 -16.59 19.25
N LYS F 152 15.28 -16.50 18.06
CA LYS F 152 16.20 -17.49 17.54
C LYS F 152 17.52 -16.82 17.16
N LYS F 153 18.64 -17.42 17.58
CA LYS F 153 19.96 -16.91 17.22
C LYS F 153 20.40 -17.54 15.91
N VAL F 154 20.90 -16.71 14.99
CA VAL F 154 21.34 -17.14 13.67
C VAL F 154 22.68 -16.51 13.36
N HIS F 155 23.32 -17.03 12.31
CA HIS F 155 24.63 -16.56 11.86
C HIS F 155 24.53 -16.21 10.38
N ALA F 156 25.46 -15.38 9.93
CA ALA F 156 25.51 -14.93 8.55
C ALA F 156 26.84 -14.27 8.26
N LEU F 157 27.35 -14.49 7.05
CA LEU F 157 28.58 -13.85 6.60
C LEU F 157 28.23 -12.56 5.88
N PHE F 158 28.64 -11.43 6.42
CA PHE F 158 28.44 -10.13 5.81
C PHE F 158 29.78 -9.52 5.44
N TYR F 159 29.85 -8.94 4.24
CA TYR F 159 31.02 -8.19 3.83
C TYR F 159 31.19 -6.95 4.71
N ARG F 160 32.43 -6.47 4.81
CA ARG F 160 32.70 -5.30 5.64
C ARG F 160 32.09 -4.02 5.06
N LEU F 161 31.86 -3.98 3.75
CA LEU F 161 31.20 -2.83 3.15
C LEU F 161 29.71 -2.79 3.43
N ASP F 162 29.12 -3.91 3.87
CA ASP F 162 27.69 -3.97 4.14
C ASP F 162 27.36 -3.77 5.61
N ILE F 163 28.35 -3.43 6.44
CA ILE F 163 28.12 -3.19 7.86
C ILE F 163 28.97 -2.01 8.30
N VAL F 164 28.49 -1.30 9.33
CA VAL F 164 29.17 -0.15 9.91
C VAL F 164 29.19 -0.34 11.43
N PRO F 165 30.24 0.09 12.14
CA PRO F 165 30.29 -0.12 13.59
C PRO F 165 29.37 0.85 14.32
N ILE F 166 29.18 0.56 15.61
CA ILE F 166 28.41 1.41 16.50
C ILE F 166 29.14 1.55 17.83
N SER F 173 35.49 -2.65 19.71
CA SER F 173 34.34 -3.52 19.93
C SER F 173 34.09 -4.42 18.73
N THR F 174 32.97 -5.15 18.76
CA THR F 174 32.58 -6.05 17.68
C THR F 174 31.12 -5.88 17.29
N GLU F 175 30.46 -4.83 17.77
CA GLU F 175 29.05 -4.62 17.48
C GLU F 175 28.89 -3.78 16.22
N TYR F 176 28.08 -4.28 15.28
CA TYR F 176 27.85 -3.63 14.00
C TYR F 176 26.36 -3.61 13.70
N ILE F 177 25.99 -2.82 12.69
CA ILE F 177 24.64 -2.82 12.12
C ILE F 177 24.78 -2.76 10.60
N LEU F 178 23.75 -3.24 9.92
CA LEU F 178 23.70 -3.17 8.46
C LEU F 178 23.73 -1.72 7.98
N ILE F 179 24.54 -1.47 6.95
CA ILE F 179 24.74 -0.13 6.43
C ILE F 179 23.44 0.40 5.84
N ASN F 180 23.22 1.72 6.03
CA ASN F 180 22.04 2.46 5.57
C ASN F 180 20.74 1.96 6.21
N CYS F 181 20.81 1.44 7.43
CA CYS F 181 19.59 1.19 8.16
C CYS F 181 19.00 2.46 8.74
N ASN F 182 19.83 3.38 9.22
CA ASN F 182 19.34 4.56 9.91
C ASN F 182 19.10 5.73 8.96
N THR F 183 19.08 5.46 7.65
CA THR F 183 18.75 6.43 6.62
C THR F 183 17.79 5.87 5.58
N SER F 184 17.70 4.55 5.42
CA SER F 184 16.95 3.93 4.34
C SER F 184 16.27 2.66 4.84
N VAL F 185 15.28 2.22 4.06
CA VAL F 185 14.51 1.01 4.35
C VAL F 185 14.97 -0.03 3.34
N ILE F 186 15.80 -0.98 3.80
CA ILE F 186 16.36 -2.00 2.93
C ILE F 186 15.26 -2.94 2.45
N THR F 187 15.29 -3.30 1.18
CA THR F 187 14.32 -4.19 0.56
C THR F 187 15.06 -5.28 -0.18
N GLN F 188 14.91 -6.52 0.28
CA GLN F 188 15.55 -7.66 -0.36
C GLN F 188 15.05 -7.86 -1.79
N ILE F 189 15.99 -8.03 -2.71
CA ILE F 189 15.63 -8.34 -4.09
C ILE F 189 15.08 -9.76 -4.15
N CYS F 190 13.89 -9.91 -4.76
CA CYS F 190 13.14 -11.16 -4.71
C CYS F 190 13.85 -12.26 -5.49
N PRO F 191 14.11 -13.42 -4.88
CA PRO F 191 14.46 -14.60 -5.67
C PRO F 191 13.27 -15.11 -6.46
N LYS F 192 13.58 -15.96 -7.45
CA LYS F 192 12.63 -16.54 -8.42
C LYS F 192 11.97 -15.49 -9.30
N VAL F 193 12.55 -14.29 -9.37
CA VAL F 193 12.20 -13.24 -10.32
C VAL F 193 13.53 -12.67 -10.79
N SER F 194 13.93 -13.05 -11.99
CA SER F 194 15.21 -12.62 -12.53
C SER F 194 15.18 -11.16 -12.95
N PHE F 195 16.26 -10.44 -12.64
CA PHE F 195 16.41 -9.03 -12.98
C PHE F 195 17.37 -8.83 -14.15
N ASP F 196 17.39 -9.80 -15.08
CA ASP F 196 18.26 -9.75 -16.24
C ASP F 196 17.88 -8.57 -17.14
N PRO F 197 18.85 -7.81 -17.64
CA PRO F 197 18.52 -6.74 -18.60
C PRO F 197 18.25 -7.29 -20.00
N ILE F 198 17.01 -7.72 -20.21
CA ILE F 198 16.55 -8.23 -21.50
C ILE F 198 16.44 -7.05 -22.47
N PRO F 199 16.57 -7.24 -23.79
CA PRO F 199 16.47 -6.11 -24.71
C PRO F 199 15.08 -5.49 -24.72
N ILE F 200 15.03 -4.17 -24.72
CA ILE F 200 13.80 -3.41 -24.61
C ILE F 200 13.68 -2.48 -25.81
N HIS F 201 12.64 -2.69 -26.61
CA HIS F 201 12.34 -1.81 -27.72
C HIS F 201 11.40 -0.70 -27.26
N TYR F 202 11.44 0.41 -27.99
CA TYR F 202 10.62 1.59 -27.71
C TYR F 202 9.80 1.90 -28.95
N CYS F 203 8.50 1.61 -28.89
CA CYS F 203 7.60 1.81 -30.03
C CYS F 203 6.81 3.10 -29.80
N ALA F 204 6.72 3.91 -30.84
CA ALA F 204 6.07 5.20 -30.73
C ALA F 204 4.55 5.03 -30.73
N PRO F 205 3.80 5.93 -30.11
CA PRO F 205 2.35 5.79 -30.09
C PRO F 205 1.75 6.25 -31.41
N ALA F 206 0.42 6.24 -31.46
CA ALA F 206 -0.28 6.69 -32.65
C ALA F 206 -0.11 8.20 -32.83
N GLY F 207 0.14 8.61 -34.07
CA GLY F 207 0.32 10.00 -34.39
C GLY F 207 1.73 10.53 -34.25
N TYR F 208 2.66 9.71 -33.79
CA TYR F 208 4.06 10.09 -33.62
C TYR F 208 4.96 9.14 -34.43
N ALA F 209 6.25 9.45 -34.44
CA ALA F 209 7.21 8.61 -35.14
C ALA F 209 8.59 8.81 -34.54
N ILE F 210 9.48 7.84 -34.82
CA ILE F 210 10.87 7.87 -34.38
C ILE F 210 11.77 7.90 -35.60
N LEU F 211 12.65 8.89 -35.65
CA LEU F 211 13.65 8.98 -36.71
C LEU F 211 14.98 8.47 -36.18
N LYS F 212 15.63 7.61 -36.97
CA LYS F 212 16.93 7.05 -36.62
C LYS F 212 17.96 7.54 -37.62
N CYS F 213 19.13 7.95 -37.11
CA CYS F 213 20.18 8.50 -37.97
C CYS F 213 21.13 7.39 -38.37
N ASN F 214 21.26 7.15 -39.67
CA ASN F 214 22.04 6.05 -40.20
C ASN F 214 23.45 6.44 -40.62
N ASN F 215 23.83 7.71 -40.47
CA ASN F 215 25.18 8.16 -40.79
C ASN F 215 26.16 7.53 -39.82
N LYS F 216 27.15 6.80 -40.35
CA LYS F 216 28.05 6.01 -39.52
C LYS F 216 28.92 6.87 -38.62
N THR F 217 29.41 8.00 -39.12
CA THR F 217 30.28 8.88 -38.36
C THR F 217 29.53 9.92 -37.53
N PHE F 218 28.26 9.68 -37.23
CA PHE F 218 27.42 10.64 -36.53
C PHE F 218 27.78 10.66 -35.05
N ASN F 219 28.25 11.82 -34.56
CA ASN F 219 28.74 11.87 -33.19
C ASN F 219 27.63 12.02 -32.15
N GLY F 220 26.43 12.44 -32.54
CA GLY F 220 25.38 12.66 -31.57
C GLY F 220 24.70 14.00 -31.67
N THR F 221 25.35 14.98 -32.32
CA THR F 221 24.78 16.31 -32.47
C THR F 221 24.92 16.73 -33.93
N GLY F 222 23.96 17.51 -34.41
CA GLY F 222 24.03 18.09 -35.73
C GLY F 222 23.22 17.37 -36.78
N PRO F 223 23.43 17.72 -38.04
CA PRO F 223 22.65 17.11 -39.14
C PRO F 223 23.02 15.65 -39.36
N CYS F 224 22.09 14.93 -39.98
CA CYS F 224 22.27 13.54 -40.37
C CYS F 224 22.10 13.42 -41.88
N ASN F 225 22.97 12.59 -42.49
CA ASN F 225 22.98 12.46 -43.95
C ASN F 225 21.69 11.84 -44.46
N ASN F 226 21.29 10.70 -43.91
CA ASN F 226 20.03 10.08 -44.28
C ASN F 226 19.43 9.36 -43.09
N VAL F 227 18.12 9.52 -42.91
CA VAL F 227 17.45 9.02 -41.72
C VAL F 227 16.46 7.92 -42.09
N SER F 228 15.84 7.31 -41.08
CA SER F 228 14.86 6.27 -41.30
C SER F 228 13.77 6.35 -40.25
N THR F 229 12.51 6.38 -40.69
CA THR F 229 11.40 6.32 -39.76
C THR F 229 11.14 4.86 -39.38
N ILE F 230 10.97 4.60 -38.09
CA ILE F 230 10.72 3.26 -37.58
C ILE F 230 9.54 3.32 -36.60
N GLN F 231 8.92 2.16 -36.40
CA GLN F 231 7.95 2.02 -35.33
C GLN F 231 8.68 1.80 -33.99
N CYS F 232 9.42 0.71 -33.89
CA CYS F 232 10.06 0.29 -32.65
C CYS F 232 11.57 0.36 -32.80
N THR F 233 12.24 0.89 -31.78
CA THR F 233 13.70 0.94 -31.76
C THR F 233 14.30 -0.45 -31.65
N HIS F 234 15.63 -0.51 -31.78
CA HIS F 234 16.35 -1.77 -31.63
C HIS F 234 16.36 -2.21 -30.16
N GLY F 235 16.82 -3.44 -29.94
CA GLY F 235 16.89 -3.96 -28.58
C GLY F 235 17.91 -3.23 -27.73
N ILE F 236 17.39 -2.43 -26.80
CA ILE F 236 18.22 -1.62 -25.90
C ILE F 236 18.30 -2.36 -24.57
N LYS F 237 19.43 -3.01 -24.31
CA LYS F 237 19.63 -3.65 -23.03
C LYS F 237 19.83 -2.57 -21.96
N PRO F 238 18.99 -2.51 -20.93
CA PRO F 238 19.19 -1.48 -19.90
C PRO F 238 20.25 -1.91 -18.87
N VAL F 239 21.50 -1.79 -19.27
CA VAL F 239 22.61 -2.19 -18.42
C VAL F 239 22.85 -1.13 -17.34
N VAL F 240 23.58 -1.53 -16.31
CA VAL F 240 23.97 -0.65 -15.22
C VAL F 240 25.49 -0.69 -15.14
N SER F 241 26.12 0.47 -15.28
CA SER F 241 27.57 0.54 -15.23
C SER F 241 28.00 1.90 -14.70
N THR F 242 29.31 2.08 -14.54
CA THR F 242 29.86 3.33 -14.03
C THR F 242 30.90 3.95 -14.95
N GLN F 243 31.89 3.18 -15.40
CA GLN F 243 33.03 3.75 -16.11
C GLN F 243 33.25 3.09 -17.46
N LEU F 244 32.82 1.83 -17.60
CA LEU F 244 32.89 1.11 -18.86
C LEU F 244 31.49 0.65 -19.22
N LEU F 245 31.01 1.07 -20.37
CA LEU F 245 29.68 0.67 -20.83
C LEU F 245 29.74 -0.76 -21.32
N LEU F 246 28.90 -1.63 -20.75
CA LEU F 246 28.96 -3.06 -20.99
C LEU F 246 27.75 -3.48 -21.80
N ASN F 247 27.97 -4.44 -22.72
CA ASN F 247 26.94 -5.08 -23.54
C ASN F 247 26.14 -4.08 -24.37
N GLY F 248 26.77 -2.98 -24.79
CA GLY F 248 26.10 -1.97 -25.57
C GLY F 248 26.15 -2.29 -27.05
N SER F 249 25.81 -1.28 -27.86
CA SER F 249 25.81 -1.40 -29.31
C SER F 249 27.12 -0.85 -29.85
N LEU F 250 27.81 -1.66 -30.65
CA LEU F 250 29.07 -1.22 -31.23
C LEU F 250 28.84 -0.18 -32.31
N ALA F 251 29.80 0.72 -32.45
CA ALA F 251 29.82 1.60 -33.60
C ALA F 251 30.13 0.81 -34.86
N GLU F 252 29.52 1.21 -35.97
CA GLU F 252 29.60 0.43 -37.21
C GLU F 252 31.00 0.47 -37.81
N GLU F 253 31.58 1.66 -37.94
CA GLU F 253 32.80 1.78 -38.71
C GLU F 253 33.95 2.45 -37.97
N ASP F 254 33.67 3.42 -37.10
CA ASP F 254 34.73 4.20 -36.50
C ASP F 254 34.35 4.56 -35.07
N ILE F 255 35.37 4.88 -34.27
CA ILE F 255 35.18 5.30 -32.89
C ILE F 255 34.47 6.66 -32.86
N ILE F 256 33.47 6.78 -32.00
CA ILE F 256 32.57 7.94 -31.95
C ILE F 256 32.69 8.59 -30.58
N ILE F 257 33.13 9.84 -30.56
CA ILE F 257 33.36 10.60 -29.33
C ILE F 257 32.34 11.73 -29.27
N SER F 258 31.81 12.02 -28.08
CA SER F 258 30.72 12.97 -27.96
C SER F 258 30.73 13.68 -26.61
N SER F 259 30.37 14.97 -26.66
CA SER F 259 30.12 15.78 -25.48
C SER F 259 29.21 16.93 -25.90
N GLU F 260 28.57 17.57 -24.91
CA GLU F 260 27.89 18.82 -25.18
C GLU F 260 28.87 19.90 -25.60
N ASN F 261 29.96 20.03 -24.86
CA ASN F 261 31.01 21.01 -25.17
C ASN F 261 32.27 20.53 -24.47
N MET F 262 33.28 20.15 -25.25
CA MET F 262 34.50 19.59 -24.70
C MET F 262 35.27 20.59 -23.83
N MET F 263 35.22 21.88 -24.19
CA MET F 263 35.85 22.91 -23.37
C MET F 263 35.17 23.09 -22.02
N ASP F 264 33.90 22.70 -21.90
CA ASP F 264 33.26 22.60 -20.60
C ASP F 264 33.68 21.29 -19.95
N ASN F 265 34.04 21.35 -18.67
CA ASN F 265 34.67 20.21 -18.00
C ASN F 265 33.73 19.44 -17.10
N THR F 266 32.54 19.98 -16.80
CA THR F 266 31.56 19.29 -15.96
C THR F 266 30.68 18.32 -16.72
N LYS F 267 31.09 17.93 -17.93
CA LYS F 267 30.21 17.24 -18.87
C LYS F 267 30.94 16.01 -19.38
N THR F 268 30.37 14.84 -19.09
CA THR F 268 31.01 13.56 -19.37
C THR F 268 31.21 13.36 -20.87
N ILE F 269 32.40 12.90 -21.25
CA ILE F 269 32.71 12.60 -22.64
C ILE F 269 32.45 11.11 -22.87
N ILE F 270 31.55 10.81 -23.78
CA ILE F 270 31.23 9.44 -24.13
C ILE F 270 32.10 9.04 -25.32
N VAL F 271 32.63 7.83 -25.30
CA VAL F 271 33.46 7.29 -26.37
C VAL F 271 32.92 5.90 -26.70
N HIS F 272 32.52 5.69 -27.95
CA HIS F 272 31.99 4.41 -28.40
C HIS F 272 33.07 3.65 -29.14
N PHE F 273 33.34 2.42 -28.71
CA PHE F 273 34.30 1.58 -29.40
C PHE F 273 33.63 0.92 -30.60
N ASN F 274 34.29 0.95 -31.75
CA ASN F 274 33.83 0.17 -32.89
C ASN F 274 34.31 -1.28 -32.85
N GLU F 275 35.20 -1.62 -31.92
CA GLU F 275 35.65 -2.98 -31.70
C GLU F 275 35.45 -3.33 -30.24
N SER F 276 34.73 -4.43 -29.99
CA SER F 276 34.48 -4.87 -28.63
C SER F 276 35.76 -5.39 -28.00
N VAL F 277 35.87 -5.17 -26.70
CA VAL F 277 36.99 -5.67 -25.90
C VAL F 277 36.43 -6.70 -24.93
N GLY F 278 36.92 -7.94 -25.02
CA GLY F 278 36.43 -8.98 -24.14
C GLY F 278 36.85 -8.69 -22.70
N ILE F 279 35.92 -8.92 -21.78
CA ILE F 279 36.19 -8.79 -20.36
C ILE F 279 35.49 -9.91 -19.60
N GLU F 280 36.26 -10.81 -18.99
CA GLU F 280 35.73 -11.95 -18.26
C GLU F 280 36.06 -11.76 -16.80
N CYS F 281 35.05 -11.85 -15.93
CA CYS F 281 35.21 -11.48 -14.53
C CYS F 281 34.47 -12.51 -13.69
N THR F 282 34.85 -12.67 -12.42
CA THR F 282 34.30 -13.77 -11.66
C THR F 282 34.41 -13.56 -10.16
N ARG F 283 33.43 -14.11 -9.44
CA ARG F 283 33.49 -14.24 -8.00
C ARG F 283 33.82 -15.70 -7.71
N PRO F 284 35.04 -16.03 -7.28
CA PRO F 284 35.41 -17.43 -7.12
C PRO F 284 35.10 -18.07 -5.77
N ASN F 285 34.31 -17.43 -4.91
CA ASN F 285 34.02 -17.98 -3.60
C ASN F 285 32.89 -19.00 -3.68
N ASN F 286 33.04 -20.12 -2.96
CA ASN F 286 32.05 -21.19 -2.92
C ASN F 286 31.10 -20.92 -1.77
N ASN F 287 30.12 -20.05 -2.02
CA ASN F 287 29.13 -19.71 -1.01
C ASN F 287 28.13 -20.84 -0.81
N THR F 288 27.57 -20.91 0.39
CA THR F 288 26.40 -21.73 0.69
C THR F 288 25.31 -20.83 1.23
N VAL F 289 24.17 -20.82 0.55
CA VAL F 289 23.08 -19.92 0.92
C VAL F 289 22.26 -20.58 2.03
N GLU F 290 21.96 -19.82 3.08
CA GLU F 290 21.12 -20.27 4.17
C GLU F 290 19.87 -19.41 4.22
N SER F 291 18.71 -20.05 4.33
CA SER F 291 17.44 -19.34 4.41
C SER F 291 17.09 -19.05 5.87
N ILE F 292 16.70 -17.81 6.13
CA ILE F 292 16.30 -17.36 7.47
C ILE F 292 14.86 -16.86 7.39
N ARG F 293 13.97 -17.51 8.13
CA ARG F 293 12.56 -17.15 8.17
C ARG F 293 12.38 -16.08 9.24
N ILE F 294 11.82 -14.93 8.85
CA ILE F 294 11.64 -13.80 9.74
C ILE F 294 10.18 -13.41 9.90
N GLY F 295 9.25 -14.13 9.27
CA GLY F 295 7.86 -13.76 9.33
C GLY F 295 6.98 -14.73 8.59
N PRO F 296 5.72 -14.33 8.38
CA PRO F 296 4.78 -15.20 7.65
C PRO F 296 5.06 -15.21 6.15
N GLY F 297 5.95 -16.11 5.73
CA GLY F 297 6.31 -16.23 4.34
C GLY F 297 7.48 -15.37 3.90
N GLN F 298 8.01 -14.54 4.79
CA GLN F 298 9.19 -13.73 4.50
C GLN F 298 10.45 -14.52 4.80
N THR F 299 11.32 -14.64 3.81
CA THR F 299 12.57 -15.38 3.94
C THR F 299 13.73 -14.43 3.66
N PHE F 300 14.83 -14.59 4.41
CA PHE F 300 16.00 -13.74 4.30
C PHE F 300 17.19 -14.63 3.99
N TYR F 301 17.73 -14.49 2.79
CA TYR F 301 18.80 -15.36 2.29
C TYR F 301 20.16 -14.73 2.60
N VAL F 302 21.01 -15.48 3.29
CA VAL F 302 22.33 -15.00 3.69
C VAL F 302 23.41 -15.95 3.19
N THR F 303 24.62 -15.40 3.08
CA THR F 303 25.78 -16.24 2.88
C THR F 303 26.09 -16.94 4.19
N GLY F 304 26.72 -18.12 4.11
CA GLY F 304 27.20 -18.79 5.28
C GLY F 304 28.10 -19.95 4.93
N GLU F 305 29.22 -20.10 5.66
CA GLU F 305 30.14 -21.24 5.56
C GLU F 305 30.70 -21.37 4.14
N ILE F 306 31.52 -20.38 3.76
CA ILE F 306 32.33 -20.51 2.56
C ILE F 306 33.20 -21.75 2.67
N ILE F 307 33.33 -22.49 1.57
CA ILE F 307 34.07 -23.75 1.52
C ILE F 307 35.33 -23.53 0.72
N GLY F 308 36.47 -23.89 1.28
CA GLY F 308 37.74 -23.72 0.62
C GLY F 308 38.35 -22.37 0.92
N ASP F 309 39.25 -21.97 0.04
CA ASP F 309 39.96 -20.70 0.19
C ASP F 309 39.02 -19.53 -0.04
N ILE F 310 39.20 -18.48 0.75
CA ILE F 310 38.46 -17.23 0.56
C ILE F 310 39.25 -16.44 -0.47
N ARG F 311 38.87 -16.59 -1.73
CA ARG F 311 39.58 -15.95 -2.81
C ARG F 311 38.95 -14.61 -3.12
N GLN F 312 39.69 -13.79 -3.87
CA GLN F 312 39.27 -12.44 -4.19
C GLN F 312 38.57 -12.43 -5.53
N ALA F 313 37.48 -11.67 -5.62
CA ALA F 313 36.84 -11.47 -6.90
C ALA F 313 37.72 -10.61 -7.78
N HIS F 314 37.91 -11.02 -9.03
CA HIS F 314 38.82 -10.33 -9.92
C HIS F 314 38.10 -10.08 -11.22
N CYS F 315 38.56 -9.10 -11.97
CA CYS F 315 37.93 -8.80 -13.25
C CYS F 315 39.03 -8.72 -14.30
N ASN F 316 39.16 -9.74 -15.15
CA ASN F 316 40.20 -9.80 -16.17
C ASN F 316 39.84 -9.01 -17.43
N ILE F 317 40.80 -8.24 -17.93
CA ILE F 317 40.75 -7.67 -19.27
C ILE F 317 42.07 -8.09 -19.93
N SER F 318 42.07 -8.12 -21.26
CA SER F 318 43.26 -8.50 -22.01
C SER F 318 44.06 -7.26 -22.37
N LYS F 319 45.36 -7.28 -22.05
CA LYS F 319 46.29 -6.20 -22.37
C LYS F 319 46.61 -6.13 -23.86
N GLY F 320 46.21 -7.13 -24.65
CA GLY F 320 46.35 -7.03 -26.09
C GLY F 320 45.38 -6.06 -26.74
N ASN F 321 44.10 -6.40 -26.73
CA ASN F 321 43.08 -5.55 -27.37
C ASN F 321 42.92 -4.21 -26.66
N TRP F 322 42.87 -4.21 -25.33
CA TRP F 322 43.03 -2.97 -24.58
C TRP F 322 44.45 -2.44 -24.78
N SER F 323 44.55 -1.11 -24.74
CA SER F 323 45.67 -0.20 -25.05
C SER F 323 45.90 -0.10 -26.55
N LYS F 324 45.40 -1.07 -27.34
CA LYS F 324 45.24 -0.84 -28.77
C LYS F 324 44.02 0.03 -29.01
N THR F 325 42.88 -0.38 -28.43
CA THR F 325 41.68 0.46 -28.49
C THR F 325 41.92 1.80 -27.80
N LEU F 326 42.71 1.80 -26.72
CA LEU F 326 42.96 3.04 -26.01
C LEU F 326 43.92 3.95 -26.79
N GLN F 327 44.88 3.37 -27.51
CA GLN F 327 45.72 4.15 -28.41
C GLN F 327 44.91 4.75 -29.54
N ARG F 328 43.95 3.98 -30.07
CA ARG F 328 43.04 4.51 -31.09
C ARG F 328 42.22 5.68 -30.54
N VAL F 329 41.72 5.54 -29.30
CA VAL F 329 40.97 6.61 -28.64
C VAL F 329 41.87 7.84 -28.45
N LYS F 330 43.13 7.62 -28.07
CA LYS F 330 44.09 8.70 -27.91
C LYS F 330 44.31 9.45 -29.22
N GLU F 331 44.51 8.69 -30.32
CA GLU F 331 44.65 9.27 -31.66
C GLU F 331 43.44 10.10 -32.03
N LYS F 332 42.24 9.61 -31.72
CA LYS F 332 41.02 10.34 -32.10
C LYS F 332 40.83 11.57 -31.22
N LEU F 333 41.24 11.51 -29.96
CA LEU F 333 41.11 12.68 -29.09
C LEU F 333 42.21 13.70 -29.30
N LYS F 334 43.23 13.37 -30.10
CA LYS F 334 44.18 14.41 -30.49
C LYS F 334 43.53 15.48 -31.35
N LYS F 335 42.61 15.07 -32.25
CA LYS F 335 42.06 16.01 -33.23
C LYS F 335 40.98 16.93 -32.64
N TYR F 336 40.18 16.46 -31.69
CA TYR F 336 39.06 17.25 -31.19
C TYR F 336 39.46 18.27 -30.12
N TYR F 337 40.72 18.65 -30.04
CA TYR F 337 41.19 19.69 -29.14
C TYR F 337 42.37 20.38 -29.82
N HIS F 338 42.93 21.39 -29.15
CA HIS F 338 44.19 21.96 -29.58
C HIS F 338 45.25 20.89 -29.41
N ASN F 339 46.26 20.88 -30.30
CA ASN F 339 47.27 19.83 -30.28
C ASN F 339 48.02 19.84 -28.93
N LYS F 340 48.00 18.68 -28.29
CA LYS F 340 48.54 18.38 -26.96
C LYS F 340 48.71 16.88 -26.88
N THR F 341 49.55 16.43 -25.95
CA THR F 341 49.66 15.00 -25.71
C THR F 341 48.42 14.49 -24.98
N ILE F 342 47.87 13.37 -25.45
CA ILE F 342 46.65 12.77 -24.93
C ILE F 342 47.05 11.53 -24.14
N LYS F 343 46.68 11.48 -22.86
CA LYS F 343 47.08 10.43 -21.90
C LYS F 343 46.19 10.53 -20.66
N PHE F 344 46.19 9.44 -19.90
CA PHE F 344 45.07 9.04 -19.07
C PHE F 344 45.50 8.91 -17.61
N GLU F 345 44.59 9.25 -16.72
CA GLU F 345 44.83 9.18 -15.28
C GLU F 345 43.72 8.38 -14.63
N PRO F 346 43.98 7.76 -13.48
CA PRO F 346 42.91 7.08 -12.72
C PRO F 346 41.86 8.05 -12.21
N SER F 347 40.77 7.46 -11.70
CA SER F 347 39.63 8.24 -11.21
C SER F 347 40.01 9.02 -9.95
N SER F 348 39.35 10.15 -9.77
CA SER F 348 39.51 10.98 -8.58
C SER F 348 38.84 10.34 -7.37
N GLY F 349 38.89 11.04 -6.24
CA GLY F 349 38.27 10.57 -5.03
C GLY F 349 36.75 10.55 -5.10
N GLY F 350 36.07 9.80 -4.26
CA GLY F 350 34.60 9.72 -4.44
C GLY F 350 33.98 8.46 -3.88
N ASP F 351 32.68 8.26 -4.06
CA ASP F 351 31.98 7.07 -3.52
C ASP F 351 32.41 5.79 -4.25
N LEU F 352 32.58 4.67 -3.55
CA LEU F 352 33.05 3.44 -4.21
C LEU F 352 32.06 3.22 -5.34
N GLU F 353 30.95 3.94 -5.36
CA GLU F 353 30.06 3.76 -6.50
C GLU F 353 30.56 4.45 -7.76
N ILE F 354 31.48 5.40 -7.66
CA ILE F 354 31.96 6.12 -8.84
C ILE F 354 33.46 5.97 -9.03
N THR F 355 34.20 5.71 -7.94
CA THR F 355 35.64 5.53 -8.06
C THR F 355 36.03 4.19 -8.67
N THR F 356 35.09 3.27 -8.82
CA THR F 356 35.33 1.93 -9.32
C THR F 356 34.27 1.62 -10.37
N HIS F 357 34.67 0.84 -11.39
CA HIS F 357 33.73 0.38 -12.40
C HIS F 357 32.76 -0.59 -11.74
N SER F 358 31.55 -0.12 -11.46
CA SER F 358 30.52 -0.96 -10.89
C SER F 358 29.61 -1.48 -12.00
N PHE F 359 28.92 -2.57 -11.70
CA PHE F 359 27.94 -3.15 -12.60
C PHE F 359 27.10 -4.13 -11.78
N ASN F 360 26.43 -5.05 -12.46
CA ASN F 360 25.58 -6.02 -11.79
C ASN F 360 25.67 -7.29 -12.62
N CYS F 361 26.28 -8.31 -12.05
CA CYS F 361 26.46 -9.62 -12.66
C CYS F 361 25.69 -10.66 -11.87
N ARG F 362 24.64 -11.21 -12.48
CA ARG F 362 23.78 -12.25 -11.91
C ARG F 362 23.17 -11.84 -10.58
N GLY F 363 23.00 -10.55 -10.36
CA GLY F 363 22.49 -10.04 -9.11
C GLY F 363 23.55 -9.75 -8.08
N GLU F 364 24.80 -10.16 -8.31
CA GLU F 364 25.91 -9.76 -7.43
C GLU F 364 26.52 -8.46 -7.94
N PHE F 365 26.66 -7.50 -7.05
CA PHE F 365 27.14 -6.16 -7.39
C PHE F 365 28.65 -6.10 -7.21
N PHE F 366 29.37 -5.96 -8.32
CA PHE F 366 30.82 -5.83 -8.31
C PHE F 366 31.23 -4.37 -8.27
N TYR F 367 32.37 -4.10 -7.63
CA TYR F 367 32.98 -2.78 -7.58
C TYR F 367 34.47 -2.95 -7.87
N CYS F 368 34.82 -2.96 -9.15
CA CYS F 368 36.18 -3.26 -9.59
C CYS F 368 36.96 -1.98 -9.82
N TYR F 369 38.10 -1.86 -9.13
CA TYR F 369 38.98 -0.71 -9.31
C TYR F 369 39.59 -0.68 -10.71
N THR F 370 39.67 0.52 -11.29
CA THR F 370 40.18 0.72 -12.64
C THR F 370 41.52 1.44 -12.68
N SER F 371 42.26 1.47 -11.56
CA SER F 371 43.55 2.14 -11.54
C SER F 371 44.58 1.45 -12.44
N GLY F 372 44.40 0.16 -12.73
CA GLY F 372 45.30 -0.56 -13.61
C GLY F 372 45.03 -0.38 -15.09
N LEU F 373 43.92 0.27 -15.46
CA LEU F 373 43.58 0.54 -16.84
C LEU F 373 43.98 1.93 -17.29
N PHE F 374 43.79 2.94 -16.45
CA PHE F 374 44.08 4.34 -16.78
C PHE F 374 45.41 4.78 -16.21
N ASN F 375 46.40 3.90 -16.20
CA ASN F 375 47.75 4.25 -15.77
C ASN F 375 48.72 3.56 -16.70
N GLU F 376 49.50 4.36 -17.43
CA GLU F 376 50.47 3.87 -18.42
C GLU F 376 51.55 2.97 -17.83
N GLY F 381 53.46 -2.59 -23.10
CA GLY F 381 52.45 -2.74 -24.14
C GLY F 381 52.61 -4.00 -24.96
N THR F 382 52.11 -5.10 -24.42
CA THR F 382 52.17 -6.40 -25.10
C THR F 382 51.02 -7.26 -24.57
N ASN F 383 50.97 -8.50 -25.04
CA ASN F 383 49.93 -9.43 -24.62
C ASN F 383 50.05 -9.77 -23.14
N GLY F 384 48.90 -10.00 -22.51
CA GLY F 384 48.86 -10.31 -21.09
C GLY F 384 47.47 -10.23 -20.48
N THR F 385 47.36 -9.73 -19.26
CA THR F 385 46.09 -9.62 -18.57
C THR F 385 46.22 -8.48 -17.57
N ILE F 386 45.12 -7.76 -17.32
CA ILE F 386 45.13 -6.52 -16.54
C ILE F 386 44.26 -6.69 -15.30
N THR F 387 44.32 -7.88 -14.67
CA THR F 387 43.48 -8.34 -13.57
C THR F 387 43.20 -7.29 -12.50
N LEU F 388 41.92 -6.98 -12.31
CA LEU F 388 41.46 -5.87 -11.49
C LEU F 388 40.86 -6.38 -10.19
N PRO F 389 41.27 -5.89 -9.03
CA PRO F 389 40.60 -6.27 -7.79
C PRO F 389 39.17 -5.73 -7.73
N CYS F 390 38.28 -6.52 -7.13
CA CYS F 390 36.88 -6.16 -7.00
C CYS F 390 36.38 -6.40 -5.58
N ARG F 391 35.40 -5.59 -5.18
CA ARG F 391 34.79 -5.68 -3.86
C ARG F 391 33.30 -5.92 -4.05
N ILE F 392 32.80 -7.00 -3.46
CA ILE F 392 31.39 -7.36 -3.57
C ILE F 392 30.60 -6.59 -2.50
N LYS F 393 29.48 -6.00 -2.91
CA LYS F 393 28.61 -5.25 -2.02
C LYS F 393 27.19 -5.78 -2.18
N GLN F 394 26.56 -6.13 -1.06
CA GLN F 394 25.19 -6.63 -1.08
C GLN F 394 24.16 -5.51 -0.93
N ILE F 395 24.31 -4.66 0.08
CA ILE F 395 23.39 -3.56 0.34
C ILE F 395 23.85 -2.39 -0.52
N VAL F 396 23.16 -2.17 -1.62
CA VAL F 396 23.51 -1.13 -2.59
C VAL F 396 22.28 -0.27 -2.86
N ASN F 397 22.49 1.04 -3.03
CA ASN F 397 21.40 1.98 -3.31
C ASN F 397 21.76 2.77 -4.56
N MET F 398 21.43 2.22 -5.71
CA MET F 398 21.71 2.87 -6.99
C MET F 398 20.48 3.63 -7.42
N TRP F 399 20.71 4.68 -8.24
CA TRP F 399 19.73 5.73 -8.56
C TRP F 399 19.18 6.33 -7.27
N GLN F 400 20.05 7.05 -6.57
CA GLN F 400 19.97 7.27 -5.13
C GLN F 400 18.67 7.93 -4.68
N LYS F 401 17.82 7.12 -4.07
CA LYS F 401 16.53 7.51 -3.52
C LYS F 401 16.64 7.57 -2.00
N VAL F 402 16.45 8.76 -1.44
CA VAL F 402 16.60 8.97 0.00
C VAL F 402 15.53 8.16 0.72
N GLY F 403 15.96 7.13 1.44
CA GLY F 403 15.06 6.28 2.18
C GLY F 403 14.85 4.89 1.60
N ARG F 404 15.63 4.48 0.59
CA ARG F 404 15.51 3.15 0.00
C ARG F 404 16.89 2.56 -0.21
N ALA F 405 16.96 1.23 -0.10
CA ALA F 405 18.18 0.47 -0.35
C ALA F 405 17.79 -0.82 -1.06
N MET F 406 18.75 -1.75 -1.18
CA MET F 406 18.50 -3.01 -1.90
C MET F 406 19.50 -4.05 -1.43
N TYR F 407 19.03 -5.06 -0.71
CA TYR F 407 19.86 -6.22 -0.34
C TYR F 407 19.81 -7.25 -1.45
N ALA F 408 20.89 -7.35 -2.21
CA ALA F 408 20.97 -8.36 -3.26
C ALA F 408 21.30 -9.72 -2.66
N PRO F 409 20.45 -10.73 -2.84
CA PRO F 409 20.65 -12.03 -2.16
C PRO F 409 21.86 -12.77 -2.71
N PRO F 410 22.46 -13.69 -1.95
CA PRO F 410 23.64 -14.41 -2.43
C PRO F 410 23.30 -15.67 -3.22
N ILE F 411 24.33 -16.20 -3.88
CA ILE F 411 24.20 -17.34 -4.79
C ILE F 411 25.20 -18.41 -4.39
N ALA F 412 24.76 -19.66 -4.35
CA ALA F 412 25.66 -20.77 -4.04
C ALA F 412 26.61 -21.02 -5.21
N GLY F 413 27.74 -21.65 -4.91
CA GLY F 413 28.74 -21.87 -5.94
C GLY F 413 29.45 -20.59 -6.33
N ASN F 414 30.13 -20.64 -7.48
CA ASN F 414 30.75 -19.44 -8.03
C ASN F 414 29.90 -18.91 -9.18
N ILE F 415 30.28 -17.73 -9.67
CA ILE F 415 29.68 -17.14 -10.88
C ILE F 415 30.80 -16.60 -11.76
N THR F 416 30.45 -16.33 -13.02
CA THR F 416 31.40 -15.79 -13.99
C THR F 416 30.65 -14.69 -14.73
N CYS F 417 31.42 -13.71 -15.26
CA CYS F 417 30.81 -12.47 -15.75
C CYS F 417 31.40 -12.05 -17.09
N SER F 418 31.06 -12.73 -18.17
CA SER F 418 31.70 -12.38 -19.44
C SER F 418 30.83 -11.34 -20.13
N SER F 419 31.45 -10.21 -20.48
CA SER F 419 30.75 -9.10 -21.11
C SER F 419 31.64 -8.46 -22.17
N ASN F 420 31.05 -7.56 -22.94
CA ASN F 420 31.69 -6.86 -24.05
C ASN F 420 31.70 -5.37 -23.75
N ILE F 421 32.87 -4.83 -23.40
CA ILE F 421 33.01 -3.37 -23.32
C ILE F 421 32.81 -2.75 -24.70
N THR F 422 31.74 -1.97 -24.85
CA THR F 422 31.49 -1.24 -26.10
C THR F 422 31.55 0.27 -25.92
N GLY F 423 31.93 0.76 -24.74
CA GLY F 423 31.91 2.19 -24.51
C GLY F 423 32.89 2.58 -23.42
N LEU F 424 32.96 3.88 -23.17
CA LEU F 424 33.90 4.43 -22.19
C LEU F 424 33.46 5.85 -21.84
N LEU F 425 33.25 6.11 -20.56
CA LEU F 425 32.89 7.43 -20.07
C LEU F 425 34.11 8.11 -19.46
N LEU F 426 34.33 9.37 -19.83
CA LEU F 426 35.51 10.11 -19.40
C LEU F 426 35.10 11.51 -18.95
N THR F 427 36.08 12.22 -18.40
CA THR F 427 35.96 13.63 -18.07
C THR F 427 37.34 14.25 -18.18
N ARG F 428 37.40 15.58 -18.13
CA ARG F 428 38.64 16.31 -18.35
C ARG F 428 38.97 17.17 -17.15
N ASP F 429 40.17 17.01 -16.61
CA ASP F 429 40.66 17.92 -15.59
C ASP F 429 40.91 19.29 -16.20
N GLY F 430 40.67 20.34 -15.43
CA GLY F 430 40.88 21.70 -15.90
C GLY F 430 42.15 22.32 -15.36
N GLY F 431 42.05 23.59 -14.98
CA GLY F 431 43.17 24.36 -14.49
C GLY F 431 44.13 24.83 -15.56
N ARG F 432 45.00 25.76 -15.17
CA ARG F 432 46.08 26.26 -16.03
C ARG F 432 47.33 25.40 -15.79
N GLY F 433 47.24 24.15 -16.22
CA GLY F 433 48.30 23.19 -15.99
C GLY F 433 49.49 23.21 -16.92
N THR F 434 49.41 23.93 -18.04
CA THR F 434 50.40 24.11 -19.12
C THR F 434 50.94 22.74 -19.55
N ASN F 435 52.19 22.67 -20.08
CA ASN F 435 52.90 21.44 -20.46
C ASN F 435 52.28 20.68 -21.65
N GLY F 436 51.12 21.10 -22.12
CA GLY F 436 50.48 20.53 -23.29
C GLY F 436 50.13 19.06 -23.19
N THR F 437 49.68 18.62 -22.00
CA THR F 437 49.15 17.28 -21.82
C THR F 437 47.77 17.38 -21.17
N GLU F 438 46.81 16.65 -21.72
CA GLU F 438 45.43 16.70 -21.24
C GLU F 438 45.15 15.41 -20.45
N THR F 439 44.75 15.55 -19.20
CA THR F 439 44.55 14.42 -18.30
C THR F 439 43.07 14.03 -18.28
N PHE F 440 42.76 12.84 -18.80
CA PHE F 440 41.39 12.35 -18.84
C PHE F 440 41.24 11.25 -17.78
N ARG F 441 40.34 11.45 -16.86
CA ARG F 441 39.93 10.52 -15.83
C ARG F 441 38.58 9.91 -16.17
N PRO F 442 38.34 8.65 -15.78
CA PRO F 442 36.98 8.10 -15.91
C PRO F 442 36.03 8.79 -14.95
N ALA F 443 34.78 8.91 -15.36
CA ALA F 443 33.76 9.60 -14.59
C ALA F 443 32.54 8.72 -14.41
N GLY F 444 31.90 8.83 -13.25
CA GLY F 444 30.76 7.99 -12.96
C GLY F 444 29.58 8.80 -12.46
N GLY F 445 28.53 8.12 -11.99
CA GLY F 445 27.32 8.80 -11.61
C GLY F 445 26.59 9.34 -12.82
N ASN F 446 25.47 10.04 -12.55
CA ASN F 446 24.59 10.63 -13.56
C ASN F 446 24.15 9.59 -14.59
N MET F 447 23.35 8.64 -14.08
CA MET F 447 23.11 7.33 -14.73
C MET F 447 22.54 7.45 -16.13
N LYS F 448 21.87 8.56 -16.46
CA LYS F 448 21.24 8.78 -17.76
C LYS F 448 22.23 8.67 -18.92
N ASP F 449 23.52 8.96 -18.66
CA ASP F 449 24.57 8.85 -19.67
C ASP F 449 24.67 7.42 -20.22
N ASN F 450 24.46 6.41 -19.36
CA ASN F 450 24.51 5.01 -19.79
C ASN F 450 23.42 4.67 -20.79
N TRP F 451 22.33 5.44 -20.83
CA TRP F 451 21.28 5.27 -21.83
C TRP F 451 21.29 6.36 -22.89
N ARG F 452 22.16 7.36 -22.76
CA ARG F 452 22.43 8.25 -23.89
C ARG F 452 23.26 7.56 -24.96
N SER F 453 24.10 6.60 -24.56
CA SER F 453 24.92 5.86 -25.50
C SER F 453 24.09 4.92 -26.39
N GLU F 454 22.88 4.57 -25.96
CA GLU F 454 22.01 3.70 -26.73
C GLU F 454 20.84 4.43 -27.40
N LEU F 455 20.53 5.64 -26.96
CA LEU F 455 19.45 6.45 -27.51
C LEU F 455 19.99 7.73 -28.14
N TYR F 456 21.10 7.64 -28.87
CA TYR F 456 21.65 8.82 -29.51
C TYR F 456 21.35 8.90 -31.00
N LYS F 457 21.09 7.77 -31.65
CA LYS F 457 20.68 7.79 -33.05
C LYS F 457 19.21 8.13 -33.22
N TYR F 458 18.42 8.06 -32.15
CA TYR F 458 16.97 8.13 -32.24
C TYR F 458 16.48 9.53 -31.89
N LYS F 459 15.32 9.90 -32.45
CA LYS F 459 14.68 11.17 -32.17
C LYS F 459 13.18 11.01 -32.35
N VAL F 460 12.41 11.63 -31.47
CA VAL F 460 10.96 11.52 -31.47
C VAL F 460 10.36 12.77 -32.09
N VAL F 461 9.43 12.58 -33.05
CA VAL F 461 8.85 13.67 -33.82
C VAL F 461 7.33 13.53 -33.82
N GLU F 462 6.64 14.67 -33.77
CA GLU F 462 5.18 14.73 -33.78
C GLU F 462 4.69 15.04 -35.18
N ILE F 463 3.86 14.16 -35.74
CA ILE F 463 3.37 14.33 -37.11
C ILE F 463 2.28 15.38 -37.11
N LYS F 464 2.39 16.35 -38.03
CA LYS F 464 1.51 17.52 -38.07
C LYS F 464 0.84 17.65 -39.43
N PRO F 465 -0.44 17.25 -39.57
CA PRO F 465 -1.16 17.52 -40.82
C PRO F 465 -1.52 18.99 -41.04
N LEU F 466 -2.35 19.23 -42.05
CA LEU F 466 -2.89 20.54 -42.44
C LEU F 466 -1.76 21.43 -42.97
N GLY F 467 -1.05 20.93 -43.98
CA GLY F 467 -0.02 21.68 -44.66
C GLY F 467 -0.56 22.62 -45.71
N ILE F 468 -1.08 23.76 -45.24
CA ILE F 468 -1.79 24.72 -46.08
C ILE F 468 -0.86 25.31 -47.13
N ALA F 469 -1.21 25.13 -48.40
CA ALA F 469 -0.42 25.58 -49.53
C ALA F 469 -1.38 26.18 -50.55
N PRO F 470 -0.89 27.05 -51.45
CA PRO F 470 -1.79 27.60 -52.48
C PRO F 470 -1.84 26.78 -53.76
N THR F 471 -3.03 26.71 -54.36
CA THR F 471 -3.24 26.08 -55.67
C THR F 471 -4.19 26.94 -56.50
N LYS F 472 -4.47 26.46 -57.72
CA LYS F 472 -5.38 27.15 -58.63
C LYS F 472 -6.84 26.99 -58.23
N CYS F 473 -7.23 25.80 -57.77
CA CYS F 473 -8.64 25.48 -57.59
C CYS F 473 -9.27 26.25 -56.43
N ARG F 474 -10.60 26.34 -56.48
CA ARG F 474 -11.39 27.03 -55.47
C ARG F 474 -12.78 26.43 -55.43
N ARG F 475 -13.60 26.91 -54.49
CA ARG F 475 -15.01 26.56 -54.44
C ARG F 475 -15.83 27.72 -53.87
N PHE F 503 4.93 4.84 -43.89
CA PHE F 503 4.88 6.02 -43.04
C PHE F 503 6.07 6.93 -43.29
N LEU F 504 5.77 8.16 -43.77
CA LEU F 504 6.75 9.20 -44.09
C LEU F 504 7.75 8.76 -45.15
N GLY F 505 7.32 7.88 -46.07
CA GLY F 505 8.21 7.45 -47.15
C GLY F 505 8.53 8.55 -48.15
N ALA F 506 7.64 9.52 -48.30
CA ALA F 506 7.82 10.63 -49.23
C ALA F 506 8.19 11.92 -48.50
N ALA F 507 8.94 11.81 -47.39
CA ALA F 507 9.29 12.98 -46.60
C ALA F 507 10.23 13.91 -47.36
N GLY F 508 11.27 13.37 -47.98
CA GLY F 508 12.18 14.17 -48.75
C GLY F 508 11.78 14.42 -50.18
N SER F 509 10.69 13.82 -50.62
CA SER F 509 10.22 14.01 -51.99
C SER F 509 9.62 15.40 -52.15
N THR F 510 9.75 15.94 -53.36
CA THR F 510 9.07 17.17 -53.71
C THR F 510 7.56 16.96 -53.73
N MET F 511 6.83 18.09 -53.67
CA MET F 511 5.37 18.06 -53.64
C MET F 511 4.79 17.44 -54.91
N GLY F 512 5.35 17.81 -56.07
CA GLY F 512 4.93 17.19 -57.32
C GLY F 512 5.30 15.72 -57.37
N ALA F 513 4.40 14.94 -58.00
CA ALA F 513 4.51 13.49 -58.20
C ALA F 513 4.65 12.72 -56.88
N VAL F 520 1.45 10.29 -51.77
CA VAL F 520 0.34 9.49 -51.26
C VAL F 520 0.06 9.84 -49.79
N GLN F 521 -1.22 10.06 -49.50
CA GLN F 521 -1.67 10.50 -48.19
C GLN F 521 -2.62 9.53 -47.52
N THR F 522 -3.66 9.08 -48.23
CA THR F 522 -4.66 8.19 -47.64
C THR F 522 -4.13 6.80 -47.40
N ARG F 523 -3.43 6.23 -48.39
CA ARG F 523 -3.00 4.84 -48.33
C ARG F 523 -1.97 4.59 -47.23
N GLN F 524 -1.02 5.51 -47.04
CA GLN F 524 0.18 5.23 -46.27
C GLN F 524 0.26 5.99 -44.95
N LEU F 525 0.02 7.29 -44.96
CA LEU F 525 0.32 8.13 -43.80
C LEU F 525 -0.85 8.32 -42.85
N LEU F 526 -2.07 8.45 -43.38
CA LEU F 526 -3.20 8.86 -42.54
C LEU F 526 -3.71 7.72 -41.65
N SER F 527 -3.67 6.48 -42.14
CA SER F 527 -4.12 5.32 -41.36
C SER F 527 -3.27 5.07 -40.13
N GLY F 528 -2.06 5.62 -40.07
CA GLY F 528 -1.14 5.54 -38.96
C GLY F 528 -1.37 6.53 -37.83
N PHE F 529 -2.53 7.20 -37.79
CA PHE F 529 -2.81 8.13 -36.71
C PHE F 529 -3.61 7.52 -35.56
N VAL F 530 -4.24 6.38 -35.76
CA VAL F 530 -4.82 5.62 -34.65
C VAL F 530 -4.17 4.26 -34.48
N GLN F 531 -3.54 3.73 -35.52
CA GLN F 531 -2.76 2.50 -35.43
C GLN F 531 -1.30 2.80 -35.11
N GLY F 553 0.23 0.61 -18.85
CA GLY F 553 -0.71 0.91 -17.79
C GLY F 553 -1.42 2.23 -17.99
N ILE F 554 -1.45 3.04 -16.93
CA ILE F 554 -2.07 4.37 -17.00
C ILE F 554 -1.28 5.27 -17.94
N LYS F 555 0.04 5.08 -18.02
CA LYS F 555 0.90 5.84 -18.90
C LYS F 555 0.52 5.61 -20.38
N GLN F 556 0.46 4.34 -20.77
CA GLN F 556 0.16 3.95 -22.15
C GLN F 556 -1.33 4.06 -22.46
N LEU F 557 -2.16 4.30 -21.46
CA LEU F 557 -3.56 4.65 -21.68
C LEU F 557 -3.73 6.15 -21.89
N GLN F 558 -2.97 6.95 -21.14
CA GLN F 558 -2.95 8.39 -21.33
C GLN F 558 -2.45 8.74 -22.74
N THR F 559 -1.39 8.07 -23.20
CA THR F 559 -0.88 8.39 -24.53
C THR F 559 -1.83 7.98 -25.64
N ARG F 560 -2.74 7.03 -25.38
CA ARG F 560 -3.68 6.61 -26.40
C ARG F 560 -4.92 7.49 -26.41
N VAL F 561 -5.37 7.90 -25.23
CA VAL F 561 -6.43 8.90 -25.13
C VAL F 561 -5.98 10.21 -25.78
N LEU F 562 -4.71 10.59 -25.56
CA LEU F 562 -4.14 11.77 -26.21
C LEU F 562 -4.08 11.62 -27.73
N ALA F 563 -3.78 10.42 -28.22
CA ALA F 563 -3.84 10.16 -29.66
C ALA F 563 -5.26 10.34 -30.20
N ILE F 564 -6.26 9.89 -29.43
CA ILE F 564 -7.66 10.07 -29.83
C ILE F 564 -8.03 11.55 -29.85
N GLU F 565 -7.58 12.31 -28.84
CA GLU F 565 -7.85 13.75 -28.81
C GLU F 565 -7.21 14.47 -30.00
N ARG F 566 -5.98 14.11 -30.36
CA ARG F 566 -5.37 14.79 -31.51
C ARG F 566 -6.03 14.41 -32.83
N TYR F 567 -6.51 13.16 -32.94
CA TYR F 567 -7.25 12.78 -34.15
C TYR F 567 -8.60 13.50 -34.22
N LEU F 568 -9.25 13.72 -33.09
CA LEU F 568 -10.50 14.46 -33.10
C LEU F 568 -10.28 15.94 -33.28
N GLU F 569 -9.16 16.48 -32.76
CA GLU F 569 -8.85 17.90 -32.91
C GLU F 569 -8.29 18.25 -34.28
N VAL F 570 -8.03 17.26 -35.12
CA VAL F 570 -7.69 17.51 -36.51
C VAL F 570 -8.89 17.23 -37.43
N GLN F 571 -9.62 16.14 -37.15
CA GLN F 571 -10.81 15.81 -37.92
C GLN F 571 -11.92 16.85 -37.74
N GLN F 572 -12.08 17.38 -36.52
CA GLN F 572 -13.05 18.45 -36.29
C GLN F 572 -12.68 19.71 -37.07
N PHE F 573 -11.38 20.05 -37.10
CA PHE F 573 -10.91 21.20 -37.85
C PHE F 573 -11.22 21.05 -39.34
N LEU F 574 -10.98 19.85 -39.87
CA LEU F 574 -11.29 19.59 -41.27
C LEU F 574 -12.78 19.63 -41.53
N GLY F 575 -13.59 19.09 -40.61
CA GLY F 575 -15.04 19.14 -40.77
C GLY F 575 -15.58 20.56 -40.71
N LEU F 576 -14.99 21.40 -39.87
CA LEU F 576 -15.34 22.81 -39.81
C LEU F 576 -14.78 23.60 -40.98
N TRP F 577 -13.85 23.05 -41.75
CA TRP F 577 -13.40 23.69 -42.97
C TRP F 577 -14.00 23.04 -44.21
N GLY F 578 -15.12 22.35 -44.06
CA GLY F 578 -15.81 21.68 -45.16
C GLY F 578 -15.02 20.57 -45.82
N CYS F 579 -14.41 19.70 -45.02
CA CYS F 579 -13.51 18.67 -45.53
C CYS F 579 -13.73 17.36 -44.78
N SER F 580 -15.01 17.01 -44.59
CA SER F 580 -15.38 15.88 -43.74
C SER F 580 -14.86 14.54 -44.29
N GLY F 581 -15.01 14.30 -45.58
CA GLY F 581 -14.69 13.00 -46.11
C GLY F 581 -13.55 13.00 -47.11
N LYS F 582 -13.01 14.17 -47.40
CA LYS F 582 -11.98 14.33 -48.41
C LYS F 582 -10.69 14.80 -47.75
N ALA F 583 -9.56 14.43 -48.35
CA ALA F 583 -8.25 14.79 -47.82
C ALA F 583 -7.70 16.08 -48.41
N ILE F 584 -8.04 16.41 -49.66
CA ILE F 584 -7.57 17.63 -50.30
C ILE F 584 -8.78 18.53 -50.55
N CYS F 585 -8.69 19.77 -50.10
CA CYS F 585 -9.77 20.73 -50.20
C CYS F 585 -9.29 22.02 -50.84
N CYS F 586 -10.01 22.46 -51.87
CA CYS F 586 -9.93 23.85 -52.31
C CYS F 586 -10.92 24.66 -51.48
N THR F 587 -10.48 25.83 -51.04
CA THR F 587 -11.28 26.63 -50.11
C THR F 587 -11.53 28.03 -50.67
N ALA F 588 -12.49 28.72 -50.05
CA ALA F 588 -12.98 30.01 -50.51
C ALA F 588 -12.17 31.18 -49.97
N VAL F 589 -11.03 30.91 -49.33
CA VAL F 589 -10.16 31.95 -48.79
C VAL F 589 -9.07 32.23 -49.83
N PRO F 590 -8.98 33.43 -50.37
CA PRO F 590 -7.89 33.73 -51.31
C PRO F 590 -6.55 33.81 -50.60
N TRP F 591 -5.49 33.61 -51.37
CA TRP F 591 -4.12 33.62 -50.85
C TRP F 591 -3.60 35.06 -50.85
N ASN F 592 -3.46 35.64 -49.66
CA ASN F 592 -2.92 36.98 -49.49
C ASN F 592 -1.50 37.09 -50.06
N THR F 593 -1.12 38.31 -50.43
CA THR F 593 0.24 38.57 -50.84
C THR F 593 1.21 38.63 -49.66
N THR F 594 0.70 38.80 -48.44
CA THR F 594 1.55 38.95 -47.27
C THR F 594 1.94 37.61 -46.65
N TRP F 595 1.35 36.50 -47.11
CA TRP F 595 1.70 35.18 -46.56
C TRP F 595 2.84 34.53 -47.34
N SER F 596 3.96 35.25 -47.49
CA SER F 596 5.16 34.82 -48.23
C SER F 596 4.81 34.33 -49.64
N ASN F 597 4.29 35.26 -50.45
CA ASN F 597 3.77 34.94 -51.77
C ASN F 597 4.85 34.40 -52.70
N LYS F 598 4.68 33.15 -53.13
CA LYS F 598 5.59 32.47 -54.04
C LYS F 598 4.82 31.84 -55.18
N SER F 599 5.46 31.78 -56.34
CA SER F 599 4.83 31.23 -57.54
C SER F 599 4.64 29.72 -57.43
N GLU F 600 3.77 29.19 -58.30
CA GLU F 600 3.48 27.76 -58.33
C GLU F 600 4.71 26.95 -58.70
N GLN F 601 5.54 27.48 -59.61
CA GLN F 601 6.77 26.81 -60.02
C GLN F 601 7.75 26.68 -58.86
N GLU F 602 7.87 27.72 -58.05
CA GLU F 602 8.80 27.71 -56.92
C GLU F 602 8.35 26.73 -55.85
N ILE F 603 7.05 26.57 -55.68
CA ILE F 603 6.50 25.84 -54.54
C ILE F 603 6.36 24.35 -54.85
N TRP F 604 5.72 24.02 -55.95
CA TRP F 604 5.41 22.63 -56.29
C TRP F 604 6.52 21.93 -57.06
N ASN F 605 7.65 22.60 -57.25
CA ASN F 605 8.85 22.00 -57.82
C ASN F 605 10.04 22.44 -56.98
N ASN F 606 11.04 21.56 -56.92
CA ASN F 606 12.35 21.72 -56.22
C ASN F 606 12.22 22.27 -54.80
N MET F 607 11.17 21.87 -54.09
CA MET F 607 10.94 22.30 -52.72
C MET F 607 10.13 21.23 -52.00
N THR F 608 10.66 20.76 -50.88
CA THR F 608 10.01 19.71 -50.10
C THR F 608 9.00 20.30 -49.12
N TRP F 609 8.13 19.42 -48.61
CA TRP F 609 7.08 19.81 -47.67
C TRP F 609 7.62 20.43 -46.39
N MET F 610 8.81 19.99 -45.94
CA MET F 610 9.38 20.46 -44.68
C MET F 610 9.75 21.94 -44.74
N GLN F 611 10.44 22.34 -45.82
CA GLN F 611 10.83 23.74 -45.99
C GLN F 611 9.61 24.64 -46.12
N TRP F 612 8.57 24.15 -46.80
CA TRP F 612 7.31 24.89 -46.87
C TRP F 612 6.66 25.03 -45.50
N ASP F 613 6.71 23.98 -44.67
CA ASP F 613 6.21 24.06 -43.30
C ASP F 613 6.98 25.12 -42.51
N ARG F 614 8.30 25.17 -42.67
CA ARG F 614 9.10 26.20 -42.02
C ARG F 614 8.80 27.59 -42.58
N GLU F 615 8.35 27.67 -43.84
CA GLU F 615 8.12 28.97 -44.48
C GLU F 615 6.92 29.69 -43.86
N VAL F 616 5.79 28.99 -43.70
CA VAL F 616 4.55 29.64 -43.30
C VAL F 616 4.11 29.18 -41.91
N GLY F 617 5.08 28.86 -41.05
CA GLY F 617 4.76 28.58 -39.66
C GLY F 617 4.29 29.78 -38.87
N ASN F 618 4.61 31.00 -39.35
CA ASN F 618 4.21 32.21 -38.65
C ASN F 618 2.72 32.49 -38.76
N TYR F 619 2.05 31.96 -39.79
CA TYR F 619 0.66 32.28 -40.08
C TYR F 619 -0.31 31.22 -39.58
N THR F 620 0.10 30.43 -38.58
CA THR F 620 -0.85 29.57 -37.88
C THR F 620 -1.81 30.44 -37.08
N ASP F 621 -3.09 30.03 -37.03
CA ASP F 621 -4.20 30.73 -36.39
C ASP F 621 -4.42 32.10 -37.06
N THR F 622 -4.07 32.20 -38.33
CA THR F 622 -4.39 33.35 -39.17
C THR F 622 -5.28 32.97 -40.35
N ILE F 623 -4.89 31.95 -41.11
CA ILE F 623 -5.74 31.41 -42.16
C ILE F 623 -6.90 30.62 -41.56
N TYR F 624 -6.72 30.09 -40.34
CA TYR F 624 -7.71 29.22 -39.70
C TYR F 624 -9.02 29.96 -39.43
N LYS F 625 -8.92 31.18 -38.89
CA LYS F 625 -10.10 31.98 -38.59
C LYS F 625 -10.88 32.32 -39.86
N LEU F 626 -10.15 32.65 -40.93
CA LEU F 626 -10.75 32.90 -42.23
C LEU F 626 -11.48 31.66 -42.75
N LEU F 627 -10.88 30.48 -42.55
CA LEU F 627 -11.50 29.23 -42.98
C LEU F 627 -12.80 28.97 -42.22
N PHE F 628 -12.78 29.16 -40.90
CA PHE F 628 -13.98 29.00 -40.08
C PHE F 628 -15.09 29.93 -40.54
N VAL F 629 -14.78 31.22 -40.68
CA VAL F 629 -15.80 32.20 -41.03
C VAL F 629 -16.26 32.01 -42.47
N ALA F 630 -15.40 31.53 -43.37
CA ALA F 630 -15.80 31.28 -44.75
C ALA F 630 -16.74 30.10 -44.87
N GLN F 631 -16.45 29.01 -44.14
CA GLN F 631 -17.36 27.87 -44.11
C GLN F 631 -18.71 28.26 -43.49
N PHE F 632 -18.69 29.05 -42.42
CA PHE F 632 -19.94 29.49 -41.80
C PHE F 632 -20.73 30.39 -42.73
N GLN F 633 -20.05 31.28 -43.45
CA GLN F 633 -20.70 32.14 -44.43
C GLN F 633 -21.34 31.32 -45.56
N GLN F 634 -20.62 30.31 -46.05
CA GLN F 634 -21.14 29.44 -47.11
C GLN F 634 -22.38 28.69 -46.63
N GLU F 635 -22.33 28.15 -45.41
CA GLU F 635 -23.47 27.38 -44.89
C GLU F 635 -24.66 28.28 -44.63
N ILE F 636 -24.43 29.48 -44.07
CA ILE F 636 -25.53 30.38 -43.79
C ILE F 636 -26.09 30.99 -45.08
N ASN F 637 -25.29 31.06 -46.15
CA ASN F 637 -25.84 31.40 -47.46
C ASN F 637 -26.70 30.27 -48.00
N GLU F 638 -26.25 29.03 -47.80
CA GLU F 638 -27.00 27.86 -48.28
C GLU F 638 -28.36 27.76 -47.59
N VAL F 639 -28.40 27.96 -46.27
CA VAL F 639 -29.66 27.86 -45.53
C VAL F 639 -30.61 29.00 -45.89
N ASP F 640 -30.08 30.17 -46.26
CA ASP F 640 -30.92 31.31 -46.60
C ASP F 640 -31.26 31.31 -48.09
N VAL G 2 63.46 -33.24 -5.94
CA VAL G 2 64.30 -32.08 -6.23
C VAL G 2 65.57 -32.18 -5.39
N GLN G 3 66.72 -31.88 -6.00
CA GLN G 3 68.00 -31.87 -5.31
C GLN G 3 68.67 -30.51 -5.51
N LEU G 4 69.36 -30.05 -4.48
CA LEU G 4 70.18 -28.84 -4.54
C LEU G 4 71.62 -29.21 -4.20
N ARG G 5 72.54 -28.83 -5.09
CA ARG G 5 73.96 -29.14 -4.91
C ARG G 5 74.78 -27.87 -5.03
N GLU G 6 75.60 -27.62 -4.01
CA GLU G 6 76.36 -26.37 -3.90
C GLU G 6 77.83 -26.60 -4.28
N SER G 7 78.50 -25.48 -4.54
CA SER G 7 79.91 -25.50 -4.94
C SER G 7 80.55 -24.18 -4.54
N GLY G 8 81.63 -24.25 -3.77
CA GLY G 8 82.36 -23.07 -3.37
C GLY G 8 83.76 -23.39 -2.90
N PRO G 9 84.56 -22.34 -2.64
CA PRO G 9 85.93 -22.55 -2.14
C PRO G 9 86.01 -23.30 -0.81
N GLY G 10 85.11 -23.01 0.12
CA GLY G 10 85.16 -23.64 1.43
C GLY G 10 86.10 -22.94 2.38
N LEU G 11 87.39 -22.90 2.03
CA LEU G 11 88.42 -22.25 2.83
C LEU G 11 88.43 -20.77 2.48
N VAL G 12 87.69 -19.99 3.26
CA VAL G 12 87.57 -18.55 3.06
C VAL G 12 88.16 -17.84 4.27
N LYS G 13 89.06 -16.90 4.01
CA LYS G 13 89.78 -16.17 5.05
C LYS G 13 89.04 -14.87 5.36
N PRO G 14 89.40 -14.17 6.46
CA PRO G 14 88.75 -12.87 6.74
C PRO G 14 89.04 -11.83 5.66
N SER G 15 88.08 -10.89 5.53
CA SER G 15 88.13 -9.78 4.57
C SER G 15 88.23 -10.29 3.13
N GLU G 16 87.38 -11.26 2.81
CA GLU G 16 87.28 -11.81 1.47
C GLU G 16 85.81 -12.05 1.14
N THR G 17 85.51 -12.07 -0.15
CA THR G 17 84.13 -12.21 -0.64
C THR G 17 83.84 -13.68 -0.87
N LEU G 18 82.98 -14.25 -0.03
CA LEU G 18 82.52 -15.63 -0.21
C LEU G 18 81.65 -15.73 -1.47
N SER G 19 81.72 -16.89 -2.12
CA SER G 19 80.89 -17.17 -3.29
C SER G 19 80.45 -18.63 -3.24
N LEU G 20 79.14 -18.85 -3.34
CA LEU G 20 78.56 -20.18 -3.24
C LEU G 20 77.41 -20.26 -4.25
N SER G 21 77.63 -20.96 -5.35
CA SER G 21 76.58 -21.20 -6.33
C SER G 21 75.78 -22.44 -5.94
N CYS G 22 74.55 -22.51 -6.46
CA CYS G 22 73.64 -23.60 -6.11
C CYS G 22 72.92 -24.05 -7.37
N THR G 23 73.27 -25.24 -7.85
CA THR G 23 72.54 -25.88 -8.94
C THR G 23 71.26 -26.53 -8.41
N VAL G 24 70.19 -26.44 -9.19
CA VAL G 24 68.91 -27.05 -8.86
C VAL G 24 68.59 -28.09 -9.93
N SER G 25 68.28 -29.31 -9.50
CA SER G 25 68.10 -30.44 -10.39
C SER G 25 66.78 -31.12 -10.11
N ASN G 26 66.11 -31.57 -11.18
CA ASN G 26 64.88 -32.37 -11.15
C ASN G 26 63.69 -31.56 -10.62
N ASP G 27 63.63 -30.30 -11.01
CA ASP G 27 62.58 -29.38 -10.59
C ASP G 27 61.83 -28.93 -11.82
N SER G 28 60.54 -29.26 -11.88
CA SER G 28 59.75 -29.01 -13.09
C SER G 28 59.43 -27.53 -13.27
N ARG G 29 59.07 -26.83 -12.19
CA ARG G 29 58.65 -25.43 -12.24
C ARG G 29 59.42 -24.60 -11.23
N PRO G 30 60.66 -24.21 -11.52
CA PRO G 30 61.41 -23.33 -10.60
C PRO G 30 60.81 -21.95 -10.42
N SER G 31 59.96 -21.49 -11.34
CA SER G 31 59.39 -20.15 -11.26
C SER G 31 58.45 -19.99 -10.06
N ASP G 32 57.76 -21.05 -9.66
CA ASP G 32 56.77 -20.99 -8.60
C ASP G 32 57.33 -21.34 -7.22
N HIS G 33 58.61 -21.09 -6.97
CA HIS G 33 59.19 -21.29 -5.64
C HIS G 33 60.21 -20.19 -5.37
N SER G 34 60.10 -19.58 -4.20
CA SER G 34 61.13 -18.63 -3.75
C SER G 34 62.37 -19.38 -3.29
N TRP G 35 63.53 -18.89 -3.72
CA TRP G 35 64.80 -19.54 -3.45
C TRP G 35 65.57 -18.71 -2.42
N THR G 36 66.00 -19.36 -1.35
CA THR G 36 66.55 -18.63 -0.20
C THR G 36 67.79 -19.32 0.33
N TRP G 37 68.61 -18.53 1.03
CA TRP G 37 69.78 -19.00 1.75
C TRP G 37 69.59 -18.80 3.25
N VAL G 38 69.97 -19.82 4.02
CA VAL G 38 70.04 -19.73 5.48
C VAL G 38 71.38 -20.31 5.91
N ARG G 39 71.71 -20.10 7.18
CA ARG G 39 73.01 -20.51 7.72
C ARG G 39 72.79 -21.03 9.13
N GLN G 40 73.66 -21.93 9.57
CA GLN G 40 73.69 -22.35 10.97
C GLN G 40 75.13 -22.52 11.41
N SER G 41 75.58 -21.68 12.33
CA SER G 41 76.88 -21.84 12.95
C SER G 41 76.77 -22.86 14.09
N PRO G 42 77.89 -23.46 14.54
CA PRO G 42 77.80 -24.43 15.63
C PRO G 42 77.29 -23.82 16.93
N GLY G 43 76.20 -24.38 17.44
CA GLY G 43 75.61 -23.99 18.69
C GLY G 43 74.67 -22.80 18.62
N LYS G 44 74.34 -22.33 17.42
CA LYS G 44 73.47 -21.19 17.22
C LYS G 44 72.28 -21.61 16.36
N ALA G 45 71.19 -20.86 16.49
CA ALA G 45 70.00 -21.09 15.69
C ALA G 45 70.22 -20.65 14.24
N LEU G 46 69.30 -21.06 13.38
CA LEU G 46 69.36 -20.74 11.95
C LEU G 46 69.15 -19.25 11.71
N GLU G 47 69.99 -18.66 10.87
CA GLU G 47 69.87 -17.26 10.47
C GLU G 47 69.56 -17.15 8.99
N TRP G 48 68.50 -16.40 8.67
CA TRP G 48 68.03 -16.22 7.30
C TRP G 48 68.90 -15.19 6.59
N ILE G 49 69.53 -15.56 5.48
CA ILE G 49 70.23 -14.58 4.66
C ILE G 49 69.25 -13.77 3.81
N GLY G 50 68.55 -14.43 2.90
CA GLY G 50 67.66 -13.70 2.01
C GLY G 50 67.22 -14.56 0.86
N ASP G 51 66.17 -14.08 0.17
CA ASP G 51 65.48 -14.86 -0.84
C ASP G 51 65.34 -14.06 -2.12
N ILE G 52 65.17 -14.79 -3.23
CA ILE G 52 64.93 -14.21 -4.54
C ILE G 52 63.86 -15.05 -5.22
N HIS G 53 63.27 -14.50 -6.28
CA HIS G 53 62.22 -15.16 -7.05
C HIS G 53 62.56 -15.05 -8.52
N TYR G 54 61.87 -15.85 -9.34
CA TYR G 54 62.10 -15.82 -10.78
C TYR G 54 61.43 -14.64 -11.46
N ASN G 55 60.55 -13.92 -10.76
CA ASN G 55 60.04 -12.66 -11.27
C ASN G 55 61.14 -11.59 -11.20
N GLY G 56 62.01 -11.68 -10.19
CA GLY G 56 63.02 -10.66 -9.96
C GLY G 56 62.94 -9.98 -8.61
N ALA G 57 61.85 -10.16 -7.88
CA ALA G 57 61.73 -9.61 -6.53
C ALA G 57 62.75 -10.24 -5.59
N THR G 58 63.43 -9.39 -4.83
CA THR G 58 64.47 -9.84 -3.90
C THR G 58 64.29 -9.12 -2.58
N THR G 59 64.56 -9.82 -1.48
CA THR G 59 64.44 -9.29 -0.12
C THR G 59 65.48 -9.95 0.76
N TYR G 60 66.28 -9.14 1.44
CA TYR G 60 67.36 -9.59 2.31
C TYR G 60 67.02 -9.30 3.76
N ASN G 61 67.79 -9.92 4.65
CA ASN G 61 67.63 -9.69 6.08
C ASN G 61 68.07 -8.26 6.41
N PRO G 62 67.35 -7.56 7.30
CA PRO G 62 67.63 -6.13 7.52
C PRO G 62 69.02 -5.82 8.08
N SER G 63 69.62 -6.73 8.84
CA SER G 63 70.94 -6.49 9.43
C SER G 63 71.97 -7.47 8.89
N LEU G 64 71.80 -7.89 7.65
CA LEU G 64 72.83 -8.60 6.91
C LEU G 64 72.99 -8.11 5.47
N ARG G 65 72.03 -7.32 4.96
CA ARG G 65 71.93 -6.97 3.54
C ARG G 65 73.16 -6.26 2.98
N SER G 66 73.83 -5.44 3.81
CA SER G 66 74.99 -4.68 3.38
C SER G 66 76.14 -5.57 2.90
N ARG G 67 76.24 -6.79 3.46
CA ARG G 67 77.26 -7.74 3.06
C ARG G 67 76.83 -8.59 1.86
N VAL G 68 75.57 -9.05 1.83
CA VAL G 68 75.18 -10.14 0.93
C VAL G 68 74.43 -9.58 -0.27
N ARG G 69 74.60 -10.25 -1.41
CA ARG G 69 73.78 -10.11 -2.61
C ARG G 69 73.56 -11.48 -3.22
N ILE G 70 72.53 -11.58 -4.06
CA ILE G 70 72.02 -12.85 -4.54
C ILE G 70 71.99 -12.80 -6.07
N GLU G 71 72.30 -13.92 -6.72
CA GLU G 71 72.47 -14.00 -8.16
C GLU G 71 71.15 -14.49 -8.78
N LEU G 72 71.10 -14.59 -10.10
CA LEU G 72 69.87 -14.83 -10.85
C LEU G 72 69.96 -16.14 -11.64
N ASP G 73 68.95 -16.38 -12.47
CA ASP G 73 68.87 -17.61 -13.26
C ASP G 73 69.94 -17.62 -14.34
N GLN G 74 70.49 -18.81 -14.60
CA GLN G 74 71.56 -19.02 -15.57
C GLN G 74 71.27 -20.25 -16.43
N SER G 75 70.05 -20.30 -16.99
CA SER G 75 69.53 -21.33 -17.90
C SER G 75 69.29 -22.63 -17.14
N ILE G 76 70.37 -23.36 -16.83
CA ILE G 76 70.33 -24.38 -15.79
C ILE G 76 69.96 -23.65 -14.51
N PRO G 77 68.89 -24.06 -13.79
CA PRO G 77 68.40 -23.27 -12.64
C PRO G 77 69.42 -23.10 -11.53
N ARG G 78 69.91 -21.87 -11.41
CA ARG G 78 71.06 -21.55 -10.59
C ARG G 78 70.74 -20.28 -9.81
N PHE G 79 71.36 -20.17 -8.63
CA PHE G 79 71.28 -18.98 -7.79
C PHE G 79 72.41 -19.06 -6.77
N SER G 80 73.00 -17.90 -6.46
CA SER G 80 74.27 -17.87 -5.76
C SER G 80 74.20 -16.81 -4.66
N LEU G 81 75.32 -16.65 -3.96
CA LEU G 81 75.36 -15.79 -2.77
C LEU G 81 76.76 -15.20 -2.68
N LYS G 82 76.88 -13.90 -2.90
CA LYS G 82 78.14 -13.17 -2.79
C LYS G 82 78.13 -12.41 -1.47
N MET G 83 79.00 -12.81 -0.55
CA MET G 83 79.07 -12.23 0.79
C MET G 83 80.39 -11.48 0.94
N THR G 84 80.38 -10.20 0.61
CA THR G 84 81.55 -9.34 0.76
C THR G 84 81.86 -9.14 2.24
N SER G 85 83.16 -8.97 2.53
CA SER G 85 83.68 -8.58 3.85
C SER G 85 83.28 -9.57 4.95
N MET G 86 83.33 -10.86 4.63
CA MET G 86 83.06 -11.88 5.62
C MET G 86 84.24 -12.02 6.57
N THR G 87 83.93 -12.21 7.85
CA THR G 87 84.92 -12.38 8.91
C THR G 87 84.91 -13.81 9.43
N ALA G 88 86.06 -14.25 9.94
CA ALA G 88 86.15 -15.56 10.57
C ALA G 88 85.46 -15.62 11.93
N ALA G 89 85.01 -14.50 12.47
CA ALA G 89 84.19 -14.51 13.67
C ALA G 89 82.76 -14.95 13.40
N ASP G 90 82.32 -14.90 12.13
CA ASP G 90 80.97 -15.31 11.74
C ASP G 90 81.05 -16.33 10.61
N THR G 91 81.22 -17.60 10.96
CA THR G 91 81.24 -18.72 10.04
C THR G 91 79.97 -19.53 10.22
N GLY G 92 79.89 -20.66 9.52
CA GLY G 92 78.81 -21.58 9.75
C GLY G 92 78.61 -22.55 8.59
N MET G 93 77.47 -23.21 8.63
CA MET G 93 77.10 -24.27 7.69
C MET G 93 75.96 -23.72 6.83
N TYR G 94 76.23 -23.53 5.55
CA TYR G 94 75.31 -22.82 4.65
C TYR G 94 74.42 -23.81 3.91
N TYR G 95 73.13 -23.48 3.85
CA TYR G 95 72.13 -24.33 3.22
C TYR G 95 71.40 -23.55 2.12
N CYS G 96 71.23 -24.20 0.96
CA CYS G 96 70.22 -23.75 0.03
C CYS G 96 68.86 -24.27 0.49
N ALA G 97 67.80 -23.57 0.09
CA ALA G 97 66.46 -23.99 0.48
C ALA G 97 65.45 -23.48 -0.54
N ARG G 98 64.37 -24.24 -0.67
CA ARG G 98 63.32 -23.99 -1.65
C ARG G 98 62.05 -23.64 -0.86
N ASN G 99 61.85 -22.35 -0.60
CA ASN G 99 60.58 -21.90 -0.07
C ASN G 99 59.54 -22.06 -1.17
N ALA G 100 58.80 -23.17 -1.13
CA ALA G 100 57.80 -23.44 -2.14
C ALA G 100 56.63 -22.46 -2.02
N ILE G 101 55.84 -22.38 -3.09
CA ILE G 101 54.68 -21.50 -3.13
C ILE G 101 53.49 -22.31 -3.62
N ARG G 102 52.46 -22.40 -2.80
CA ARG G 102 51.17 -22.89 -3.25
C ARG G 102 50.34 -21.69 -3.69
N ILE G 103 49.96 -21.67 -4.96
CA ILE G 103 49.12 -20.63 -5.52
C ILE G 103 47.68 -21.13 -5.50
N TYR G 104 46.77 -20.32 -4.94
CA TYR G 104 45.35 -20.67 -4.90
C TYR G 104 44.46 -19.75 -5.73
N GLY G 105 44.98 -18.61 -6.18
CA GLY G 105 44.19 -17.69 -6.98
C GLY G 105 45.07 -16.93 -7.96
N VAL G 106 44.60 -15.77 -8.41
CA VAL G 106 45.36 -14.97 -9.37
C VAL G 106 46.61 -14.45 -8.67
N VAL G 107 47.78 -14.91 -9.13
CA VAL G 107 49.05 -14.60 -8.47
C VAL G 107 49.41 -13.11 -8.54
N ALA G 108 48.82 -12.37 -9.49
CA ALA G 108 49.03 -10.92 -9.56
C ALA G 108 48.46 -10.21 -8.35
N LEU G 109 47.30 -10.67 -7.86
CA LEU G 109 46.63 -10.07 -6.71
C LEU G 109 47.18 -10.53 -5.37
N GLY G 110 48.37 -11.14 -5.33
CA GLY G 110 48.93 -11.61 -4.08
C GLY G 110 48.25 -12.83 -3.51
N GLU G 111 47.59 -13.61 -4.35
CA GLU G 111 46.85 -14.80 -3.89
C GLU G 111 47.76 -16.02 -3.93
N TRP G 112 48.69 -16.05 -2.97
CA TRP G 112 49.60 -17.17 -2.82
C TRP G 112 50.14 -17.17 -1.40
N PHE G 113 50.64 -18.33 -0.98
CA PHE G 113 51.20 -18.49 0.36
C PHE G 113 52.32 -19.51 0.31
N HIS G 114 53.37 -19.28 1.09
CA HIS G 114 54.52 -20.17 1.09
C HIS G 114 54.15 -21.50 1.74
N TYR G 115 54.56 -22.60 1.09
CA TYR G 115 54.49 -23.92 1.70
C TYR G 115 55.62 -24.15 2.70
N GLY G 116 56.60 -23.25 2.77
CA GLY G 116 57.76 -23.44 3.61
C GLY G 116 58.94 -23.98 2.84
N MET G 117 60.03 -24.17 3.57
CA MET G 117 61.29 -24.66 3.00
C MET G 117 61.13 -26.18 2.76
N ASP G 118 60.54 -26.50 1.61
CA ASP G 118 60.14 -27.87 1.30
C ASP G 118 61.34 -28.81 1.16
N VAL G 119 62.37 -28.39 0.42
CA VAL G 119 63.52 -29.24 0.16
C VAL G 119 64.78 -28.48 0.55
N TRP G 120 65.78 -29.24 0.99
CA TRP G 120 67.01 -28.66 1.51
C TRP G 120 68.22 -29.29 0.82
N GLY G 121 69.24 -28.47 0.56
CA GLY G 121 70.46 -28.97 -0.03
C GLY G 121 71.30 -29.74 0.98
N GLN G 122 72.34 -30.41 0.44
CA GLN G 122 73.23 -31.19 1.29
C GLN G 122 74.06 -30.31 2.21
N GLY G 123 74.29 -29.05 1.84
CA GLY G 123 74.97 -28.10 2.69
C GLY G 123 76.49 -28.20 2.66
N THR G 124 77.18 -27.07 2.76
CA THR G 124 78.64 -27.00 2.76
C THR G 124 79.10 -26.11 3.90
N ALA G 125 80.10 -26.56 4.64
CA ALA G 125 80.68 -25.76 5.71
C ALA G 125 81.72 -24.81 5.13
N VAL G 126 81.61 -23.52 5.47
CA VAL G 126 82.52 -22.50 4.99
C VAL G 126 83.05 -21.72 6.19
N THR G 127 84.27 -21.20 6.03
CA THR G 127 84.94 -20.45 7.09
C THR G 127 85.01 -18.97 6.74
N GLU H 3 61.28 -10.00 16.88
CA GLU H 3 62.20 -11.09 17.16
C GLU H 3 61.49 -12.25 17.84
N LEU H 4 61.71 -13.45 17.31
CA LEU H 4 61.10 -14.64 17.87
C LEU H 4 61.91 -15.12 19.07
N THR H 5 61.27 -15.92 19.92
CA THR H 5 61.92 -16.50 21.08
C THR H 5 61.14 -17.73 21.55
N GLN H 6 61.88 -18.74 22.00
CA GLN H 6 61.33 -19.99 22.49
C GLN H 6 62.23 -20.49 23.60
N PRO H 7 61.75 -21.38 24.47
CA PRO H 7 62.60 -21.87 25.57
C PRO H 7 63.79 -22.65 25.05
N PRO H 8 64.91 -22.65 25.79
CA PRO H 8 66.10 -23.40 25.36
C PRO H 8 65.89 -24.90 25.19
N SER H 9 65.07 -25.53 26.03
CA SER H 9 64.90 -26.98 25.95
C SER H 9 63.58 -27.38 26.59
N VAL H 10 63.10 -28.55 26.21
CA VAL H 10 61.92 -29.20 26.79
C VAL H 10 62.25 -30.68 26.94
N SER H 11 61.88 -31.26 28.08
CA SER H 11 62.17 -32.65 28.39
C SER H 11 60.87 -33.39 28.63
N VAL H 12 60.75 -34.58 28.04
CA VAL H 12 59.59 -35.44 28.26
C VAL H 12 60.00 -36.90 28.07
N SER H 13 59.37 -37.79 28.83
CA SER H 13 59.67 -39.20 28.79
C SER H 13 59.10 -39.83 27.52
N PRO H 14 59.61 -41.01 27.11
CA PRO H 14 59.00 -41.70 25.95
C PRO H 14 57.53 -42.02 26.14
N GLY H 15 56.73 -41.75 25.10
CA GLY H 15 55.34 -42.13 25.04
C GLY H 15 54.34 -41.06 25.44
N GLN H 16 54.78 -39.97 26.05
CA GLN H 16 53.92 -38.85 26.36
C GLN H 16 54.25 -37.70 25.40
N THR H 17 53.67 -36.53 25.67
CA THR H 17 53.60 -35.45 24.71
C THR H 17 54.30 -34.21 25.27
N ALA H 18 55.05 -33.52 24.42
CA ALA H 18 55.77 -32.31 24.77
C ALA H 18 55.16 -31.12 24.03
N ARG H 19 55.11 -29.98 24.70
CA ARG H 19 54.52 -28.75 24.16
C ARG H 19 55.62 -27.72 24.02
N ILE H 20 56.27 -27.70 22.85
CA ILE H 20 57.25 -26.65 22.54
C ILE H 20 56.49 -25.40 22.12
N THR H 21 56.74 -24.29 22.80
CA THR H 21 56.03 -23.05 22.57
C THR H 21 56.94 -22.03 21.91
N CYS H 22 56.38 -21.23 21.01
CA CYS H 22 57.10 -20.18 20.32
C CYS H 22 56.23 -18.94 20.26
N SER H 23 56.78 -17.81 20.70
CA SER H 23 56.02 -16.58 20.85
C SER H 23 56.76 -15.41 20.22
N GLY H 24 56.01 -14.41 19.79
CA GLY H 24 56.58 -13.25 19.15
C GLY H 24 55.51 -12.26 18.76
N ALA H 25 55.94 -11.14 18.20
CA ALA H 25 55.06 -10.07 17.77
C ALA H 25 54.30 -10.34 16.46
N PRO H 26 54.92 -10.74 15.33
CA PRO H 26 54.13 -10.84 14.08
C PRO H 26 53.16 -12.01 14.02
N LEU H 27 53.17 -12.92 15.00
CA LEU H 27 52.47 -14.19 14.89
C LEU H 27 50.96 -14.06 15.00
N THR H 28 50.43 -12.89 15.36
CA THR H 28 48.98 -12.72 15.40
C THR H 28 48.37 -12.53 14.03
N SER H 29 49.19 -12.34 12.99
CA SER H 29 48.70 -12.10 11.64
C SER H 29 49.24 -13.06 10.59
N ARG H 30 50.35 -13.75 10.85
CA ARG H 30 51.01 -14.59 9.86
C ARG H 30 51.13 -16.02 10.37
N PHE H 31 51.21 -16.95 9.42
CA PHE H 31 51.38 -18.36 9.73
C PHE H 31 52.76 -18.61 10.35
N THR H 32 52.83 -19.63 11.20
CA THR H 32 54.06 -20.05 11.87
C THR H 32 54.48 -21.43 11.37
N TYR H 33 55.49 -21.47 10.50
CA TYR H 33 56.04 -22.74 10.04
C TYR H 33 57.00 -23.30 11.09
N TRP H 34 57.21 -24.61 11.02
CA TRP H 34 58.15 -25.30 11.91
C TRP H 34 59.03 -26.25 11.14
N TYR H 35 60.29 -26.36 11.58
CA TYR H 35 61.26 -27.24 10.97
C TYR H 35 61.97 -28.04 12.06
N ARG H 36 62.45 -29.23 11.68
CA ARG H 36 63.17 -30.11 12.59
C ARG H 36 64.58 -30.31 12.05
N GLN H 37 65.57 -30.18 12.93
CA GLN H 37 66.97 -30.32 12.55
C GLN H 37 67.65 -31.33 13.45
N LYS H 38 68.32 -32.30 12.85
CA LYS H 38 69.20 -33.21 13.56
C LYS H 38 70.60 -32.59 13.66
N PRO H 39 71.46 -33.09 14.56
CA PRO H 39 72.87 -32.66 14.52
C PRO H 39 73.56 -33.15 13.25
N GLY H 40 74.03 -32.20 12.46
CA GLY H 40 74.74 -32.50 11.22
C GLY H 40 73.86 -32.57 9.99
N GLN H 41 72.75 -33.30 10.09
CA GLN H 41 71.83 -33.44 8.98
C GLN H 41 71.09 -32.14 8.71
N ALA H 42 70.63 -31.99 7.47
CA ALA H 42 69.92 -30.79 7.07
C ALA H 42 68.54 -30.76 7.70
N PRO H 43 67.98 -29.57 7.93
CA PRO H 43 66.59 -29.47 8.41
C PRO H 43 65.59 -30.02 7.41
N VAL H 44 64.39 -30.34 7.93
CA VAL H 44 63.27 -30.81 7.12
C VAL H 44 62.01 -30.08 7.58
N LEU H 45 60.99 -30.13 6.72
CA LEU H 45 59.72 -29.45 6.95
C LEU H 45 58.77 -30.40 7.68
N ILE H 46 58.30 -29.99 8.85
CA ILE H 46 57.40 -30.80 9.66
C ILE H 46 56.01 -30.17 9.79
N ILE H 47 55.93 -28.85 9.90
CA ILE H 47 54.66 -28.13 9.91
C ILE H 47 54.65 -27.16 8.75
N SER H 48 53.76 -27.40 7.79
CA SER H 48 53.63 -26.59 6.59
C SER H 48 52.25 -25.98 6.51
N ARG H 49 52.10 -25.05 5.57
CA ARG H 49 50.82 -24.40 5.31
C ARG H 49 50.28 -25.02 4.03
N SER H 50 49.55 -26.13 4.18
CA SER H 50 49.00 -26.82 3.03
C SER H 50 47.89 -26.01 2.38
N SER H 51 47.06 -25.35 3.17
CA SER H 51 45.91 -24.63 2.68
C SER H 51 45.83 -23.26 3.32
N GLN H 52 45.07 -22.36 2.68
CA GLN H 52 44.94 -20.99 3.16
C GLN H 52 44.28 -20.92 4.53
N ARG H 53 43.20 -21.68 4.73
CA ARG H 53 42.37 -21.55 5.91
C ARG H 53 42.49 -22.71 6.89
N SER H 54 42.48 -23.95 6.40
CA SER H 54 42.48 -25.11 7.27
C SER H 54 43.75 -25.21 8.10
N SER H 55 44.90 -24.91 7.48
CA SER H 55 46.24 -24.97 8.10
C SER H 55 46.51 -26.35 8.71
N GLY H 56 46.09 -27.40 8.00
CA GLY H 56 46.08 -28.73 8.55
C GLY H 56 47.42 -29.40 8.57
N TRP H 57 47.42 -30.64 9.07
CA TRP H 57 48.62 -31.44 9.20
C TRP H 57 48.24 -32.90 9.04
N SER H 58 49.23 -33.72 8.69
CA SER H 58 49.04 -35.15 8.47
C SER H 58 50.22 -35.89 9.09
N GLY H 59 50.02 -36.42 10.29
CA GLY H 59 51.05 -37.15 10.99
C GLY H 59 50.96 -36.89 12.47
N ARG H 60 52.04 -37.23 13.18
CA ARG H 60 52.08 -37.11 14.63
C ARG H 60 52.30 -35.68 15.12
N PHE H 61 52.76 -34.78 14.25
CA PHE H 61 52.98 -33.40 14.62
C PHE H 61 51.69 -32.60 14.45
N SER H 62 51.58 -31.51 15.20
CA SER H 62 50.44 -30.60 15.10
C SER H 62 50.85 -29.24 15.64
N ALA H 63 50.03 -28.24 15.33
CA ALA H 63 50.25 -26.88 15.78
C ALA H 63 48.95 -26.28 16.28
N SER H 64 49.02 -25.52 17.37
CA SER H 64 47.87 -24.84 17.93
C SER H 64 48.17 -23.35 18.03
N TRP H 65 47.25 -22.53 17.54
CA TRP H 65 47.42 -21.08 17.52
C TRP H 65 46.55 -20.46 18.60
N SER H 66 47.09 -19.45 19.29
CA SER H 66 46.34 -18.66 20.27
C SER H 66 47.12 -17.39 20.54
N GLY H 67 46.51 -16.24 20.28
CA GLY H 67 47.11 -14.95 20.56
C GLY H 67 48.42 -14.71 19.82
N THR H 68 49.48 -14.42 20.56
CA THR H 68 50.81 -14.19 20.00
C THR H 68 51.76 -15.37 20.20
N THR H 69 51.24 -16.57 20.50
CA THR H 69 52.08 -17.73 20.75
C THR H 69 51.54 -18.92 19.98
N VAL H 70 52.46 -19.71 19.41
CA VAL H 70 52.11 -20.92 18.68
C VAL H 70 52.86 -22.08 19.31
N THR H 71 52.14 -23.16 19.61
CA THR H 71 52.69 -24.33 20.28
C THR H 71 52.79 -25.49 19.30
N LEU H 72 54.02 -25.93 19.05
CA LEU H 72 54.23 -27.21 18.38
C LEU H 72 53.91 -28.34 19.35
N THR H 73 53.05 -29.26 18.92
CA THR H 73 52.60 -30.37 19.75
C THR H 73 52.89 -31.66 19.01
N ILE H 74 53.61 -32.57 19.66
CA ILE H 74 54.08 -33.80 19.03
C ILE H 74 53.47 -34.98 19.80
N ARG H 75 52.40 -35.55 19.25
CA ARG H 75 51.86 -36.78 19.79
C ARG H 75 52.83 -37.93 19.55
N GLY H 76 52.94 -38.82 20.54
CA GLY H 76 53.76 -40.01 20.42
C GLY H 76 55.24 -39.76 20.24
N VAL H 77 55.87 -39.16 21.26
CA VAL H 77 57.30 -38.85 21.19
C VAL H 77 58.09 -40.16 21.19
N GLN H 78 59.16 -40.21 20.39
CA GLN H 78 60.08 -41.33 20.33
C GLN H 78 61.50 -40.82 20.48
N ALA H 79 62.44 -41.75 20.64
CA ALA H 79 63.86 -41.41 20.71
C ALA H 79 64.37 -40.80 19.41
N ASP H 80 63.77 -41.18 18.28
CA ASP H 80 64.14 -40.59 16.99
C ASP H 80 63.77 -39.12 16.90
N ASP H 81 62.73 -38.69 17.63
CA ASP H 81 62.28 -37.31 17.60
C ASP H 81 63.17 -36.37 18.41
N GLU H 82 64.18 -36.87 19.11
CA GLU H 82 65.12 -36.02 19.83
C GLU H 82 65.93 -35.19 18.84
N ALA H 83 65.62 -33.91 18.76
CA ALA H 83 66.15 -33.01 17.73
C ALA H 83 65.77 -31.58 18.10
N ASP H 84 66.43 -30.63 17.45
CA ASP H 84 66.11 -29.22 17.61
C ASP H 84 64.90 -28.85 16.74
N TYR H 85 64.13 -27.87 17.23
CA TYR H 85 62.90 -27.45 16.58
C TYR H 85 62.89 -25.93 16.45
N TYR H 86 62.68 -25.45 15.23
CA TYR H 86 62.79 -24.02 14.92
C TYR H 86 61.47 -23.54 14.33
N CYS H 87 60.87 -22.52 14.96
CA CYS H 87 59.72 -21.83 14.42
C CYS H 87 60.16 -20.72 13.47
N GLN H 88 59.24 -20.32 12.60
CA GLN H 88 59.52 -19.27 11.62
C GLN H 88 58.25 -18.47 11.36
N SER H 89 58.39 -17.13 11.37
CA SER H 89 57.33 -16.24 10.96
C SER H 89 57.94 -15.20 10.04
N SER H 90 57.09 -14.61 9.20
CA SER H 90 57.53 -13.80 8.08
C SER H 90 57.25 -12.31 8.27
N ASP H 91 57.44 -11.79 9.49
CA ASP H 91 57.35 -10.37 9.85
C ASP H 91 55.93 -9.81 9.65
N THR H 92 55.73 -8.53 9.98
CA THR H 92 54.41 -7.91 9.80
C THR H 92 54.04 -7.87 8.32
N SER H 93 54.97 -7.49 7.45
CA SER H 93 54.78 -7.49 6.02
C SER H 93 55.77 -8.48 5.40
N ASP H 94 55.72 -8.59 4.07
CA ASP H 94 56.63 -9.50 3.36
C ASP H 94 57.94 -8.76 3.05
N SER H 95 58.67 -8.46 4.12
CA SER H 95 59.95 -7.79 4.02
C SER H 95 61.15 -8.72 4.24
N TYR H 96 61.02 -9.70 5.14
CA TYR H 96 62.08 -10.65 5.44
C TYR H 96 61.52 -11.78 6.30
N LYS H 97 62.02 -12.99 6.05
CA LYS H 97 61.74 -14.13 6.91
C LYS H 97 62.75 -14.18 8.05
N MET H 98 62.37 -14.84 9.14
CA MET H 98 63.17 -14.82 10.35
C MET H 98 62.82 -16.01 11.23
N PHE H 99 63.83 -16.58 11.87
CA PHE H 99 63.74 -17.80 12.66
C PHE H 99 63.75 -17.50 14.15
N GLY H 100 63.42 -18.52 14.95
CA GLY H 100 63.48 -18.44 16.38
C GLY H 100 64.80 -18.96 16.93
N GLY H 101 64.87 -19.00 18.26
CA GLY H 101 66.10 -19.41 18.92
C GLY H 101 66.33 -20.90 19.03
N GLY H 102 65.37 -21.71 18.63
CA GLY H 102 65.53 -23.16 18.66
C GLY H 102 65.29 -23.79 20.01
N THR H 103 64.60 -24.93 20.03
CA THR H 103 64.34 -25.68 21.25
C THR H 103 64.83 -27.11 21.08
N LYS H 104 65.66 -27.57 22.02
CA LYS H 104 66.23 -28.92 21.96
C LYS H 104 65.32 -29.81 22.80
N LEU H 105 64.61 -30.72 22.13
CA LEU H 105 63.75 -31.67 22.82
C LEU H 105 64.62 -32.87 23.21
N THR H 106 64.66 -33.17 24.51
CA THR H 106 65.39 -34.30 25.03
C THR H 106 64.41 -35.34 25.55
N VAL H 107 64.73 -36.61 25.32
CA VAL H 107 63.90 -37.73 25.73
C VAL H 107 64.51 -38.36 26.97
N LEU H 108 63.70 -38.50 28.03
CA LEU H 108 64.18 -39.07 29.29
C LEU H 108 64.09 -40.60 29.27
N GLU I 1 43.67 27.05 -20.89
CA GLU I 1 44.30 27.37 -22.17
C GLU I 1 43.60 28.55 -22.84
N ILE I 2 42.33 28.75 -22.52
CA ILE I 2 41.56 29.89 -23.00
C ILE I 2 42.08 31.16 -22.33
N VAL I 3 42.84 31.96 -23.07
CA VAL I 3 43.51 33.12 -22.51
C VAL I 3 42.55 34.30 -22.50
N LEU I 4 42.38 34.93 -21.34
CA LEU I 4 41.43 36.04 -21.16
C LEU I 4 42.21 37.28 -20.77
N THR I 5 42.87 37.91 -21.74
CA THR I 5 43.52 39.17 -21.48
C THR I 5 42.47 40.27 -21.22
N GLN I 6 42.90 41.31 -20.51
CA GLN I 6 42.05 42.46 -20.23
C GLN I 6 42.83 43.73 -20.49
N SER I 7 42.10 44.79 -20.86
CA SER I 7 42.72 46.05 -21.24
C SER I 7 43.40 46.71 -20.04
N PRO I 8 44.46 47.52 -20.28
CA PRO I 8 45.11 48.22 -19.16
C PRO I 8 44.39 49.49 -18.76
N GLY I 9 44.99 50.23 -17.83
CA GLY I 9 44.44 51.50 -17.41
C GLY I 9 43.77 51.40 -16.05
N THR I 10 43.73 52.53 -15.34
CA THR I 10 43.18 52.60 -14.00
C THR I 10 41.90 53.40 -13.90
N LEU I 11 41.53 54.14 -14.97
CA LEU I 11 40.26 54.86 -15.12
C LEU I 11 40.04 55.88 -13.99
N SER I 12 40.92 56.88 -13.98
CA SER I 12 40.82 57.96 -13.00
C SER I 12 39.62 58.84 -13.34
N LEU I 13 38.45 58.50 -12.79
CA LEU I 13 37.20 59.18 -13.14
C LEU I 13 36.47 59.59 -11.88
N SER I 14 35.45 60.40 -12.08
CA SER I 14 34.56 60.91 -11.05
C SER I 14 33.17 60.28 -11.20
N PRO I 15 32.31 60.36 -10.18
CA PRO I 15 30.93 59.85 -10.35
C PRO I 15 30.15 60.61 -11.41
N GLY I 16 29.25 59.88 -12.08
CA GLY I 16 28.44 60.45 -13.14
C GLY I 16 29.00 60.19 -14.53
N GLU I 17 30.23 59.73 -14.64
CA GLU I 17 30.86 59.42 -15.91
C GLU I 17 30.40 58.05 -16.42
N GLY I 18 30.94 57.65 -17.57
CA GLY I 18 30.76 56.32 -18.10
C GLY I 18 32.04 55.50 -18.00
N ALA I 19 31.91 54.21 -18.31
CA ALA I 19 33.04 53.30 -18.29
C ALA I 19 32.86 52.22 -19.32
N THR I 20 33.89 52.00 -20.14
CA THR I 20 33.92 50.92 -21.11
C THR I 20 34.95 49.89 -20.67
N LEU I 21 34.52 48.64 -20.53
CA LEU I 21 35.38 47.55 -20.13
C LEU I 21 35.33 46.46 -21.19
N SER I 22 36.44 45.76 -21.38
CA SER I 22 36.52 44.76 -22.44
C SER I 22 37.35 43.56 -21.99
N CYS I 23 37.02 42.41 -22.57
CA CYS I 23 37.71 41.14 -22.29
C CYS I 23 37.77 40.35 -23.58
N ARG I 24 38.92 39.71 -23.82
CA ARG I 24 39.21 39.01 -25.06
C ARG I 24 39.24 37.51 -24.79
N THR I 25 38.83 36.72 -25.79
CA THR I 25 38.78 35.27 -25.67
C THR I 25 39.63 34.68 -26.80
N SER I 26 40.35 33.59 -26.49
CA SER I 26 41.36 33.04 -27.37
C SER I 26 40.81 32.06 -28.39
N GLN I 27 39.51 31.76 -28.38
CA GLN I 27 38.92 30.84 -29.32
C GLN I 27 37.51 31.34 -29.68
N SER I 28 37.02 30.89 -30.83
CA SER I 28 35.71 31.33 -31.31
C SER I 28 34.63 30.61 -30.52
N LEU I 29 34.24 31.21 -29.40
CA LEU I 29 33.14 30.74 -28.57
C LEU I 29 31.94 31.66 -28.76
N SER I 30 30.75 31.13 -28.49
CA SER I 30 29.54 31.94 -28.53
C SER I 30 29.46 32.86 -27.31
N SER I 31 28.38 33.63 -27.26
CA SER I 31 28.20 34.60 -26.18
C SER I 31 27.85 33.96 -24.84
N SER I 32 27.33 32.73 -24.85
CA SER I 32 26.89 32.07 -23.63
C SER I 32 28.05 31.69 -22.70
N SER I 33 29.28 31.67 -23.21
CA SER I 33 30.42 31.11 -22.48
C SER I 33 31.14 32.12 -21.60
N LEU I 34 30.69 33.38 -21.57
CA LEU I 34 31.41 34.44 -20.87
C LEU I 34 30.44 35.19 -19.97
N ALA I 35 30.90 35.55 -18.78
CA ALA I 35 30.10 36.30 -17.82
C ALA I 35 30.95 37.41 -17.21
N TRP I 36 30.28 38.33 -16.51
CA TRP I 36 30.94 39.47 -15.89
C TRP I 36 30.61 39.53 -14.40
N TYR I 37 31.58 39.99 -13.60
CA TYR I 37 31.45 39.97 -12.14
C TYR I 37 31.91 41.28 -11.56
N GLN I 38 31.18 41.77 -10.56
CA GLN I 38 31.69 42.83 -9.69
C GLN I 38 32.61 42.22 -8.65
N GLN I 39 33.79 42.82 -8.48
CA GLN I 39 34.75 42.37 -7.48
C GLN I 39 34.89 43.52 -6.48
N LYS I 40 34.28 43.36 -5.31
CA LYS I 40 34.26 44.39 -4.29
C LYS I 40 35.55 44.35 -3.47
N PRO I 41 35.91 45.46 -2.77
CA PRO I 41 37.12 45.42 -1.95
C PRO I 41 36.93 44.69 -0.63
N GLY I 42 37.07 43.37 -0.66
CA GLY I 42 37.04 42.56 0.54
C GLY I 42 35.71 41.93 0.87
N LEU I 43 34.77 41.86 -0.07
CA LEU I 43 33.47 41.23 0.14
C LEU I 43 33.23 40.22 -0.98
N ALA I 44 32.10 39.52 -0.89
CA ALA I 44 31.79 38.46 -1.84
C ALA I 44 31.46 39.03 -3.22
N PRO I 45 32.11 38.57 -4.28
CA PRO I 45 31.72 38.96 -5.64
C PRO I 45 30.31 38.52 -6.01
N ARG I 46 29.68 39.30 -6.88
CA ARG I 46 28.35 39.01 -7.39
C ARG I 46 28.36 39.04 -8.91
N LEU I 47 27.32 38.47 -9.52
CA LEU I 47 27.22 38.35 -10.97
C LEU I 47 26.24 39.39 -11.52
N LEU I 48 26.64 40.04 -12.62
CA LEU I 48 25.74 40.93 -13.35
C LEU I 48 25.11 40.23 -14.53
N ILE I 49 25.92 39.92 -15.55
CA ILE I 49 25.45 39.38 -16.81
C ILE I 49 26.00 37.97 -17.00
N TYR I 50 25.12 37.02 -17.29
CA TYR I 50 25.52 35.66 -17.64
C TYR I 50 25.01 35.40 -19.04
N GLY I 51 25.87 34.90 -19.92
CA GLY I 51 25.47 34.73 -21.29
C GLY I 51 25.79 35.91 -22.18
N ALA I 52 26.42 36.95 -21.63
CA ALA I 52 26.92 38.18 -22.25
C ALA I 52 25.79 39.16 -22.60
N SER I 53 24.53 38.78 -22.39
CA SER I 53 23.43 39.71 -22.61
C SER I 53 22.30 39.61 -21.59
N ILE I 54 22.21 38.55 -20.78
CA ILE I 54 21.10 38.36 -19.86
C ILE I 54 21.51 38.85 -18.48
N ARG I 55 20.79 39.85 -17.98
CA ARG I 55 21.04 40.42 -16.66
C ARG I 55 20.58 39.47 -15.56
N ALA I 56 21.09 39.69 -14.36
CA ALA I 56 20.76 38.89 -13.19
C ALA I 56 19.80 39.63 -12.27
N THR I 57 19.19 38.90 -11.35
CA THR I 57 18.20 39.46 -10.45
C THR I 57 18.87 40.38 -9.43
N GLY I 58 18.12 41.39 -8.99
CA GLY I 58 18.62 42.33 -7.99
C GLY I 58 19.70 43.24 -8.50
N ILE I 59 19.73 43.52 -9.80
CA ILE I 59 20.78 44.29 -10.43
C ILE I 59 20.12 45.46 -11.15
N PRO I 60 20.60 46.70 -10.97
CA PRO I 60 20.04 47.85 -11.69
C PRO I 60 20.20 47.75 -13.21
N ASP I 61 19.60 48.73 -13.89
CA ASP I 61 19.51 48.73 -15.34
C ASP I 61 20.71 49.36 -16.04
N ARG I 62 21.60 50.01 -15.29
CA ARG I 62 22.68 50.79 -15.90
C ARG I 62 23.74 49.96 -16.61
N PHE I 63 23.76 48.64 -16.41
CA PHE I 63 24.80 47.79 -16.98
C PHE I 63 24.24 47.06 -18.20
N SER I 64 24.98 47.11 -19.30
CA SER I 64 24.63 46.36 -20.50
C SER I 64 25.90 45.81 -21.14
N GLY I 65 25.74 44.82 -21.98
CA GLY I 65 26.87 44.18 -22.62
C GLY I 65 26.46 43.39 -23.83
N SER I 66 27.43 43.18 -24.73
CA SER I 66 27.21 42.43 -25.95
C SER I 66 28.56 41.99 -26.50
N GLY I 67 28.52 41.05 -27.44
CA GLY I 67 29.72 40.54 -28.06
C GLY I 67 29.57 39.13 -28.57
N SER I 68 30.22 38.81 -29.69
CA SER I 68 30.23 37.46 -30.23
C SER I 68 31.58 37.21 -30.87
N GLY I 69 32.08 35.98 -30.73
CA GLY I 69 33.42 35.68 -31.17
C GLY I 69 34.47 36.15 -30.18
N THR I 70 35.12 37.26 -30.50
CA THR I 70 36.10 37.89 -29.63
C THR I 70 35.66 39.31 -29.31
N ASP I 71 36.43 39.95 -28.41
CA ASP I 71 36.25 41.36 -28.01
C ASP I 71 34.88 41.61 -27.40
N PHE I 72 34.63 40.97 -26.27
CA PHE I 72 33.39 41.18 -25.53
C PHE I 72 33.51 42.46 -24.71
N THR I 73 32.37 43.14 -24.52
CA THR I 73 32.39 44.50 -23.98
C THR I 73 31.31 44.67 -22.93
N LEU I 74 31.63 45.41 -21.88
CA LEU I 74 30.69 45.82 -20.84
C LEU I 74 30.73 47.34 -20.77
N THR I 75 29.56 47.96 -20.62
CA THR I 75 29.43 49.41 -20.53
C THR I 75 28.54 49.79 -19.36
N ILE I 76 28.99 50.75 -18.55
CA ILE I 76 28.22 51.29 -17.45
C ILE I 76 27.99 52.77 -17.72
N SER I 77 26.72 53.20 -17.68
CA SER I 77 26.38 54.56 -18.07
C SER I 77 26.58 55.56 -16.93
N ARG I 78 26.32 55.15 -15.69
CA ARG I 78 26.34 56.06 -14.55
C ARG I 78 27.08 55.39 -13.40
N LEU I 79 28.32 55.83 -13.14
CA LEU I 79 29.14 55.25 -12.08
C LEU I 79 28.73 55.86 -10.75
N GLU I 80 27.96 55.11 -9.97
CA GLU I 80 27.66 55.47 -8.59
C GLU I 80 28.93 55.26 -7.75
N PRO I 81 28.99 55.80 -6.51
CA PRO I 81 30.21 55.59 -5.69
C PRO I 81 30.53 54.14 -5.38
N GLU I 82 29.52 53.27 -5.31
CA GLU I 82 29.76 51.86 -5.02
C GLU I 82 30.32 51.11 -6.23
N ASP I 83 30.17 51.67 -7.43
CA ASP I 83 30.61 51.01 -8.66
C ASP I 83 32.10 51.20 -8.95
N PHE I 84 32.84 51.88 -8.09
CA PHE I 84 34.28 52.07 -8.29
C PHE I 84 35.07 50.91 -7.66
N ALA I 85 34.83 49.72 -8.19
CA ALA I 85 35.50 48.51 -7.72
C ALA I 85 35.93 47.70 -8.93
N VAL I 86 36.58 46.57 -8.68
CA VAL I 86 37.22 45.83 -9.76
C VAL I 86 36.13 45.01 -10.49
N TYR I 87 36.41 44.60 -11.73
CA TYR I 87 35.45 43.83 -12.52
C TYR I 87 36.09 42.69 -13.31
N TYR I 88 35.54 41.48 -13.15
CA TYR I 88 36.14 40.23 -13.63
C TYR I 88 35.30 39.62 -14.74
N CYS I 89 35.97 39.12 -15.77
CA CYS I 89 35.33 38.36 -16.84
C CYS I 89 35.60 36.87 -16.64
N GLN I 90 34.53 36.09 -16.44
CA GLN I 90 34.65 34.67 -16.14
C GLN I 90 34.35 33.84 -17.39
N GLN I 91 35.24 32.90 -17.70
CA GLN I 91 35.10 31.87 -18.75
C GLN I 91 34.42 30.65 -18.13
N TYR I 92 34.51 29.47 -18.75
CA TYR I 92 34.11 28.23 -18.07
C TYR I 92 34.77 28.14 -16.69
N GLU I 93 36.10 28.11 -16.67
CA GLU I 93 36.85 27.79 -15.46
C GLU I 93 37.85 28.87 -15.05
N PHE I 94 38.45 29.58 -16.01
CA PHE I 94 39.50 30.54 -15.72
C PHE I 94 38.90 31.94 -15.57
N PHE I 95 39.11 32.56 -14.42
CA PHE I 95 38.69 33.92 -14.17
C PHE I 95 39.64 34.91 -14.86
N GLY I 96 39.28 36.19 -14.79
CA GLY I 96 40.07 37.25 -15.38
C GLY I 96 40.88 38.01 -14.35
N ALA I 97 41.95 38.68 -14.82
CA ALA I 97 42.79 39.48 -13.95
C ALA I 97 42.03 40.65 -13.34
N GLY I 98 41.23 41.36 -14.15
CA GLY I 98 40.37 42.41 -13.65
C GLY I 98 40.86 43.82 -13.96
N THR I 99 40.14 44.50 -14.86
CA THR I 99 40.42 45.90 -15.15
C THR I 99 40.02 46.79 -13.98
N ARG I 100 40.73 47.91 -13.85
CA ARG I 100 40.62 48.77 -12.68
C ARG I 100 39.89 50.06 -13.03
N VAL I 101 38.98 50.47 -12.15
CA VAL I 101 38.42 51.82 -12.15
C VAL I 101 38.64 52.42 -10.76
N GLU I 102 39.20 53.62 -10.71
CA GLU I 102 39.55 54.27 -9.45
C GLU I 102 38.32 54.62 -8.61
N VAL J 2 18.96 31.45 -0.46
CA VAL J 2 20.11 30.55 -0.36
C VAL J 2 21.01 31.02 0.77
N GLN J 3 21.19 30.17 1.78
CA GLN J 3 22.08 30.45 2.90
C GLN J 3 23.30 29.54 2.85
N LEU J 4 24.48 30.14 2.76
CA LEU J 4 25.74 29.42 2.86
C LEU J 4 26.52 29.98 4.04
N VAL J 5 26.92 29.11 4.97
CA VAL J 5 27.58 29.53 6.21
C VAL J 5 28.93 28.83 6.24
N GLN J 6 30.00 29.59 5.97
CA GLN J 6 31.33 29.03 5.88
C GLN J 6 31.97 29.03 7.27
N SER J 7 33.22 28.60 7.35
CA SER J 7 33.93 28.47 8.62
C SER J 7 35.01 29.55 8.74
N GLY J 8 35.77 29.48 9.83
CA GLY J 8 36.79 30.46 10.13
C GLY J 8 38.18 30.02 9.72
N ALA J 9 39.05 31.02 9.53
CA ALA J 9 40.39 30.79 9.01
C ALA J 9 41.41 30.80 10.15
N GLU J 10 42.62 30.33 9.83
CA GLU J 10 43.75 30.27 10.74
C GLU J 10 45.00 29.95 9.92
N LEU J 11 46.11 30.62 10.24
CA LEU J 11 47.37 30.37 9.55
C LEU J 11 47.89 28.97 9.88
N LYS J 12 48.18 28.18 8.85
CA LYS J 12 48.63 26.81 9.00
C LYS J 12 50.08 26.69 8.60
N LYS J 13 50.89 26.09 9.47
CA LYS J 13 52.32 25.94 9.27
C LYS J 13 52.59 24.92 8.16
N PRO J 14 53.80 24.91 7.59
CA PRO J 14 54.13 23.91 6.55
C PRO J 14 53.98 22.47 7.02
N GLY J 15 53.07 21.75 6.35
CA GLY J 15 52.84 20.35 6.59
C GLY J 15 51.55 20.04 7.33
N ALA J 16 50.77 21.06 7.70
CA ALA J 16 49.52 20.86 8.44
C ALA J 16 48.39 20.48 7.47
N SER J 17 47.16 20.51 7.97
CA SER J 17 45.99 20.23 7.15
C SER J 17 44.81 21.06 7.65
N VAL J 18 44.14 21.74 6.72
CA VAL J 18 42.94 22.52 7.03
C VAL J 18 41.73 21.76 6.52
N LYS J 19 40.57 22.01 7.15
CA LYS J 19 39.30 21.43 6.72
C LYS J 19 38.23 22.52 6.78
N VAL J 20 38.04 23.23 5.67
CA VAL J 20 37.08 24.31 5.56
C VAL J 20 35.74 23.74 5.09
N SER J 21 34.65 24.34 5.57
CA SER J 21 33.30 23.83 5.33
C SER J 21 32.43 24.94 4.73
N CYS J 22 31.38 24.51 4.03
CA CYS J 22 30.46 25.42 3.34
C CYS J 22 29.02 24.99 3.61
N LYS J 23 28.66 24.90 4.90
CA LYS J 23 27.36 24.44 5.38
C LYS J 23 26.19 25.19 4.74
N ALA J 24 25.40 24.47 3.94
CA ALA J 24 24.30 25.05 3.17
C ALA J 24 22.97 24.82 3.89
N SER J 25 21.96 25.58 3.46
CA SER J 25 20.63 25.47 4.05
C SER J 25 19.59 26.06 3.10
N GLY J 26 18.40 25.47 3.12
CA GLY J 26 17.24 26.08 2.48
C GLY J 26 17.08 25.86 0.99
N TYR J 27 17.63 24.78 0.44
CA TYR J 27 17.42 24.44 -0.96
C TYR J 27 17.73 22.95 -1.16
N THR J 28 17.53 22.49 -2.40
CA THR J 28 17.80 21.11 -2.79
C THR J 28 19.31 20.95 -2.92
N PHE J 29 19.93 20.47 -1.83
CA PHE J 29 21.38 20.32 -1.76
C PHE J 29 21.90 19.28 -2.75
N THR J 30 21.14 18.19 -2.95
CA THR J 30 21.56 17.11 -3.83
C THR J 30 21.71 17.57 -5.28
N ASP J 31 20.74 18.32 -5.79
CA ASP J 31 20.78 18.81 -7.17
C ASP J 31 21.45 20.18 -7.25
N SER J 32 22.68 20.24 -6.74
CA SER J 32 23.40 21.52 -6.69
C SER J 32 24.89 21.26 -6.58
N TYR J 33 25.64 21.69 -7.59
CA TYR J 33 27.10 21.73 -7.51
C TYR J 33 27.55 22.69 -6.42
N MET J 34 28.78 22.48 -5.94
CA MET J 34 29.33 23.27 -4.84
C MET J 34 30.77 23.65 -5.20
N HIS J 35 30.93 24.35 -6.34
CA HIS J 35 32.23 24.78 -6.83
C HIS J 35 33.00 25.56 -5.77
N TRP J 36 34.32 25.41 -5.79
CA TRP J 36 35.21 26.14 -4.89
C TRP J 36 36.13 27.04 -5.68
N VAL J 37 36.39 28.22 -5.11
CA VAL J 37 37.06 29.31 -5.80
C VAL J 37 38.11 29.92 -4.86
N ARG J 38 39.32 30.10 -5.39
CA ARG J 38 40.45 30.61 -4.62
C ARG J 38 40.73 32.04 -5.04
N GLN J 39 40.66 32.98 -4.09
CA GLN J 39 40.99 34.37 -4.34
C GLN J 39 42.42 34.63 -3.89
N ALA J 40 43.32 34.82 -4.86
CA ALA J 40 44.67 35.25 -4.57
C ALA J 40 44.64 36.68 -4.00
N PRO J 41 45.63 37.06 -3.13
CA PRO J 41 45.51 38.34 -2.41
C PRO J 41 45.67 39.56 -3.31
N GLY J 42 44.55 40.26 -3.53
CA GLY J 42 44.49 41.38 -4.45
C GLY J 42 44.84 41.01 -5.88
N GLN J 43 44.38 39.85 -6.34
CA GLN J 43 44.77 39.29 -7.63
C GLN J 43 43.59 38.52 -8.19
N GLY J 44 43.78 37.96 -9.38
CA GLY J 44 42.72 37.21 -10.03
C GLY J 44 42.35 35.93 -9.30
N LEU J 45 41.11 35.50 -9.52
CA LEU J 45 40.60 34.29 -8.89
C LEU J 45 41.14 33.05 -9.57
N GLU J 46 40.80 31.89 -9.03
CA GLU J 46 41.21 30.60 -9.56
C GLU J 46 40.13 29.59 -9.22
N TRP J 47 40.07 28.53 -10.01
CA TRP J 47 39.04 27.50 -9.85
C TRP J 47 39.66 26.29 -9.17
N MET J 48 39.34 26.11 -7.89
CA MET J 48 39.86 24.95 -7.17
C MET J 48 39.23 23.66 -7.66
N GLY J 49 37.91 23.61 -7.75
CA GLY J 49 37.24 22.40 -8.16
C GLY J 49 35.80 22.35 -7.71
N TRP J 50 35.02 21.56 -8.42
CA TRP J 50 33.61 21.35 -8.13
C TRP J 50 33.40 19.95 -7.53
N ILE J 51 32.26 19.77 -6.88
CA ILE J 51 31.91 18.50 -6.24
C ILE J 51 30.41 18.28 -6.38
N ASN J 52 30.03 17.33 -7.22
CA ASN J 52 28.65 16.85 -7.25
C ASN J 52 28.37 16.13 -5.94
N PRO J 53 27.41 16.56 -5.13
CA PRO J 53 27.26 16.02 -3.78
C PRO J 53 26.46 14.73 -3.65
N ASN J 54 25.73 14.35 -4.70
CA ASN J 54 24.93 13.08 -4.66
C ASN J 54 25.84 11.87 -4.86
N TYR J 55 27.03 12.06 -5.45
CA TYR J 55 27.91 10.89 -5.75
C TYR J 55 29.35 11.20 -5.32
N GLY J 56 29.69 12.47 -5.16
CA GLY J 56 31.01 12.84 -4.63
C GLY J 56 31.92 13.04 -5.81
N ALA J 57 31.44 12.73 -7.00
CA ALA J 57 32.24 12.91 -8.20
C ALA J 57 32.88 14.29 -8.26
N THR J 58 34.20 14.34 -8.14
CA THR J 58 34.92 15.58 -7.99
C THR J 58 36.00 15.72 -9.05
N ASN J 59 36.28 16.98 -9.40
CA ASN J 59 37.32 17.30 -10.37
C ASN J 59 38.05 18.52 -9.83
N TYR J 60 39.36 18.38 -9.60
CA TYR J 60 40.18 19.49 -9.13
C TYR J 60 40.99 20.07 -10.28
N ALA J 61 41.69 21.16 -9.97
CA ALA J 61 42.52 21.83 -10.96
C ALA J 61 43.86 21.12 -11.09
N HIS J 62 44.50 21.33 -12.24
CA HIS J 62 45.82 20.76 -12.49
C HIS J 62 46.88 21.26 -11.52
N LYS J 63 46.71 22.47 -10.98
CA LYS J 63 47.68 23.03 -10.06
C LYS J 63 47.66 22.30 -8.73
N PHE J 64 46.46 22.10 -8.17
CA PHE J 64 46.30 21.48 -6.86
C PHE J 64 45.88 20.01 -6.95
N GLN J 65 46.25 19.33 -8.03
CA GLN J 65 45.87 17.92 -8.18
C GLN J 65 46.85 17.06 -7.40
N GLY J 66 46.38 16.46 -6.31
CA GLY J 66 47.20 15.62 -5.46
C GLY J 66 47.42 16.18 -4.08
N ARG J 67 47.16 17.48 -3.90
CA ARG J 67 47.36 18.15 -2.62
C ARG J 67 46.05 18.44 -1.89
N VAL J 68 44.91 18.31 -2.58
CA VAL J 68 43.62 18.70 -2.03
C VAL J 68 42.68 17.50 -2.16
N THR J 69 41.58 17.56 -1.41
CA THR J 69 40.56 16.52 -1.42
C THR J 69 39.26 17.17 -0.95
N MET J 70 38.17 16.91 -1.70
CA MET J 70 36.87 17.60 -1.44
C MET J 70 35.75 16.63 -1.06
N THR J 71 35.57 16.32 0.21
CA THR J 71 34.48 15.46 0.75
C THR J 71 33.16 16.21 0.78
N ARG J 72 32.03 15.50 0.80
CA ARG J 72 30.74 16.21 0.96
C ARG J 72 29.87 15.42 1.94
N ASP J 73 29.05 16.13 2.72
CA ASP J 73 28.11 15.39 3.60
C ASP J 73 26.72 15.84 3.21
N THR J 74 25.80 14.93 2.96
CA THR J 74 24.47 15.38 2.46
C THR J 74 23.46 15.27 3.60
N SER J 75 23.70 14.39 4.56
CA SER J 75 22.75 14.35 5.66
C SER J 75 22.54 15.72 6.29
N ILE J 76 23.64 16.39 6.66
CA ILE J 76 23.56 17.73 7.23
C ILE J 76 23.75 18.78 6.14
N THR J 77 23.76 18.34 4.88
CA THR J 77 23.85 19.17 3.66
C THR J 77 25.06 20.13 3.71
N THR J 78 26.16 19.64 4.27
CA THR J 78 27.38 20.42 4.41
C THR J 78 28.48 19.80 3.53
N ALA J 79 28.99 20.58 2.61
CA ALA J 79 30.14 20.19 1.80
C ALA J 79 31.44 20.56 2.51
N TYR J 80 32.50 19.83 2.19
CA TYR J 80 33.81 20.00 2.81
C TYR J 80 34.86 20.23 1.74
N MET J 81 36.03 20.69 2.22
CA MET J 81 37.20 20.83 1.36
C MET J 81 38.41 20.76 2.29
N GLU J 82 39.19 19.69 2.15
CA GLU J 82 40.37 19.48 2.98
C GLU J 82 41.62 19.71 2.16
N LEU J 83 42.54 20.53 2.69
CA LEU J 83 43.80 20.85 2.02
C LEU J 83 44.97 20.46 2.92
N ASN J 84 45.75 19.49 2.47
CA ASN J 84 46.94 19.03 3.19
C ASN J 84 48.17 19.70 2.60
N ARG J 85 49.29 19.58 3.33
CA ARG J 85 50.63 19.99 2.88
C ARG J 85 50.70 21.46 2.46
N LEU J 86 49.99 22.32 3.19
CA LEU J 86 49.99 23.75 2.89
C LEU J 86 51.38 24.34 3.06
N ARG J 87 51.74 25.24 2.16
CA ARG J 87 52.96 26.01 2.25
C ARG J 87 52.62 27.47 2.53
N SER J 88 53.66 28.27 2.78
CA SER J 88 53.44 29.69 3.05
C SER J 88 52.99 30.46 1.81
N ASP J 89 53.20 29.92 0.61
CA ASP J 89 52.72 30.54 -0.60
C ASP J 89 51.24 30.31 -0.88
N ASP J 90 50.55 29.54 -0.02
CA ASP J 90 49.12 29.31 -0.13
C ASP J 90 48.27 30.46 0.41
N THR J 91 48.86 31.63 0.67
CA THR J 91 48.14 32.84 1.07
C THR J 91 47.08 33.17 0.03
N ALA J 92 45.81 33.14 0.46
CA ALA J 92 44.66 33.35 -0.42
C ALA J 92 43.41 33.43 0.44
N VAL J 93 42.28 33.69 -0.23
CA VAL J 93 40.96 33.61 0.36
C VAL J 93 40.22 32.47 -0.36
N TYR J 94 39.19 31.93 0.27
CA TYR J 94 38.50 30.75 -0.25
C TYR J 94 36.99 30.90 -0.08
N TYR J 95 36.26 30.78 -1.18
CA TYR J 95 34.80 30.89 -1.20
C TYR J 95 34.21 29.72 -1.97
N CYS J 96 32.93 29.47 -1.72
CA CYS J 96 32.20 28.38 -2.36
C CYS J 96 31.04 29.00 -3.15
N ALA J 97 30.94 28.64 -4.42
CA ALA J 97 29.94 29.20 -5.32
C ALA J 97 29.05 28.11 -5.89
N ARG J 98 27.74 28.33 -5.84
CA ARG J 98 26.77 27.40 -6.40
C ARG J 98 26.25 27.93 -7.75
N GLY J 99 26.47 27.16 -8.81
CA GLY J 99 26.07 27.57 -10.16
C GLY J 99 26.07 26.38 -11.10
N ASN J 100 26.53 26.57 -12.35
CA ASN J 100 26.58 25.54 -13.39
C ASN J 100 25.26 24.80 -13.60
N PHE J 101 24.28 25.54 -14.15
CA PHE J 101 22.88 25.21 -14.48
C PHE J 101 21.95 25.41 -13.27
N LEU J 102 22.48 25.79 -12.10
CA LEU J 102 21.61 26.23 -11.01
C LEU J 102 20.78 27.42 -11.46
N ARG J 103 21.43 28.40 -12.06
CA ARG J 103 20.75 29.52 -12.69
C ARG J 103 20.27 29.04 -14.08
N VAL J 104 19.47 29.89 -14.76
CA VAL J 104 18.85 29.58 -16.05
C VAL J 104 19.85 29.07 -17.08
N ASP J 105 20.95 29.79 -17.27
CA ASP J 105 21.97 29.43 -18.25
C ASP J 105 22.70 28.15 -17.81
N TYR J 106 23.04 27.30 -18.79
CA TYR J 106 23.69 26.03 -18.53
C TYR J 106 25.17 26.21 -18.19
N THR J 107 25.81 27.20 -18.79
CA THR J 107 27.22 27.54 -18.57
C THR J 107 27.40 28.01 -17.12
N TRP J 108 28.65 27.99 -16.65
CA TRP J 108 29.02 28.23 -15.25
C TRP J 108 28.69 29.68 -14.91
N ASP J 109 27.62 29.88 -14.12
CA ASP J 109 27.13 31.21 -13.77
C ASP J 109 26.97 31.32 -12.25
N PHE J 110 28.10 31.49 -11.56
CA PHE J 110 28.15 31.47 -10.10
C PHE J 110 27.40 32.67 -9.55
N GLN J 111 26.29 32.43 -8.85
CA GLN J 111 25.54 33.55 -8.30
C GLN J 111 25.82 33.67 -6.80
N HIS J 112 25.16 32.86 -5.99
CA HIS J 112 25.30 32.95 -4.54
C HIS J 112 26.69 32.52 -4.10
N TRP J 113 27.25 33.26 -3.14
CA TRP J 113 28.57 32.98 -2.58
C TRP J 113 28.44 33.00 -1.05
N GLY J 114 29.39 32.34 -0.38
CA GLY J 114 29.26 32.17 1.05
C GLY J 114 29.77 33.32 1.90
N GLN J 115 30.75 33.05 2.77
CA GLN J 115 31.23 34.05 3.71
C GLN J 115 32.72 34.33 3.64
N GLY J 116 33.47 33.59 2.84
CA GLY J 116 34.91 33.77 2.78
C GLY J 116 35.70 33.08 3.88
N THR J 117 36.95 32.74 3.57
CA THR J 117 37.85 32.09 4.53
C THR J 117 39.26 32.39 4.06
N LEU J 118 40.01 33.14 4.86
CA LEU J 118 41.26 33.78 4.44
C LEU J 118 42.47 33.10 5.06
N VAL J 119 42.48 31.76 5.05
CA VAL J 119 43.65 30.96 5.44
C VAL J 119 44.86 31.38 4.62
N THR J 120 45.93 31.78 5.31
CA THR J 120 47.12 32.28 4.64
C THR J 120 48.07 31.15 4.25
N LEU K 7 -43.99 23.99 -42.26
CA LEU K 7 -42.55 24.07 -42.08
C LEU K 7 -41.94 22.68 -41.91
N TRP K 8 -40.61 22.62 -41.96
CA TRP K 8 -39.89 21.36 -41.94
C TRP K 8 -38.84 21.39 -40.83
N VAL K 9 -38.56 20.21 -40.27
CA VAL K 9 -37.57 20.04 -39.21
C VAL K 9 -36.20 20.54 -39.69
N THR K 10 -35.44 21.13 -38.76
CA THR K 10 -34.13 21.69 -39.06
C THR K 10 -33.25 21.50 -37.83
N VAL K 11 -32.05 20.97 -38.05
CA VAL K 11 -31.12 20.60 -36.98
C VAL K 11 -30.01 21.64 -36.94
N TYR K 12 -29.80 22.22 -35.76
CA TYR K 12 -28.75 23.21 -35.54
C TYR K 12 -27.71 22.61 -34.59
N TYR K 13 -26.44 22.80 -34.93
CA TYR K 13 -25.33 22.19 -34.20
C TYR K 13 -24.45 23.31 -33.65
N GLY K 14 -24.13 23.24 -32.37
CA GLY K 14 -23.46 24.35 -31.70
C GLY K 14 -24.38 25.35 -31.07
N VAL K 15 -25.59 24.94 -30.69
CA VAL K 15 -26.59 25.84 -30.11
C VAL K 15 -26.12 26.32 -28.74
N PRO K 16 -26.29 27.61 -28.39
CA PRO K 16 -25.99 28.07 -27.02
C PRO K 16 -27.14 27.85 -26.04
N VAL K 17 -27.28 26.60 -25.58
CA VAL K 17 -28.20 26.22 -24.52
C VAL K 17 -27.49 25.22 -23.61
N TRP K 18 -28.12 24.94 -22.48
CA TRP K 18 -27.49 24.10 -21.47
C TRP K 18 -28.55 23.50 -20.56
N ARG K 19 -28.12 22.54 -19.74
CA ARG K 19 -28.93 21.96 -18.68
C ARG K 19 -28.07 21.71 -17.47
N ASP K 20 -28.70 21.75 -16.29
CA ASP K 20 -28.01 21.42 -15.05
C ASP K 20 -27.58 19.96 -15.02
N ALA K 21 -26.33 19.72 -14.59
CA ALA K 21 -25.79 18.37 -14.60
C ALA K 21 -24.66 18.27 -13.60
N ILE K 22 -24.26 17.03 -13.31
CA ILE K 22 -23.16 16.72 -12.40
C ILE K 22 -22.02 16.15 -13.22
N THR K 23 -20.83 16.74 -13.09
CA THR K 23 -19.68 16.30 -13.86
C THR K 23 -18.41 16.51 -13.06
N THR K 24 -17.40 15.73 -13.41
CA THR K 24 -16.07 15.86 -12.83
C THR K 24 -15.36 17.11 -13.37
N LEU K 25 -14.96 18.00 -12.47
CA LEU K 25 -14.08 19.13 -12.78
C LEU K 25 -12.64 18.75 -12.46
N PHE K 26 -11.74 19.73 -12.50
CA PHE K 26 -10.36 19.49 -12.13
C PHE K 26 -9.70 20.77 -11.63
N CYS K 27 -8.90 20.62 -10.58
CA CYS K 27 -8.17 21.75 -10.00
C CYS K 27 -7.08 22.23 -10.95
N ALA K 28 -6.75 23.51 -10.87
CA ALA K 28 -5.72 24.09 -11.72
C ALA K 28 -4.57 24.71 -10.94
N SER K 29 -4.86 25.53 -9.92
CA SER K 29 -3.91 26.26 -9.07
C SER K 29 -3.08 27.25 -9.90
N ASP K 30 -2.05 27.82 -9.30
CA ASP K 30 -1.22 28.78 -10.00
C ASP K 30 0.26 28.52 -9.70
N ALA K 31 1.11 28.85 -10.66
CA ALA K 31 2.54 28.63 -10.53
C ALA K 31 3.18 29.67 -9.62
N ASN K 40 4.17 21.14 -2.23
CA ASN K 40 2.83 21.52 -1.81
C ASN K 40 1.84 20.39 -2.06
N VAL K 41 0.75 20.38 -1.28
CA VAL K 41 -0.25 19.33 -1.38
C VAL K 41 -0.99 19.42 -2.72
N TRP K 42 -1.31 20.64 -3.15
CA TRP K 42 -2.15 20.85 -4.33
C TRP K 42 -1.35 20.95 -5.61
N ALA K 43 -0.24 21.68 -5.60
CA ALA K 43 0.58 21.86 -6.81
C ALA K 43 1.67 20.79 -6.89
N THR K 44 1.22 19.54 -6.96
CA THR K 44 2.13 18.41 -7.07
C THR K 44 2.65 18.27 -8.50
N CYS K 47 -2.31 19.46 -9.60
CA CYS K 47 -3.08 20.35 -10.47
C CYS K 47 -2.17 20.90 -11.57
N VAL K 48 -2.75 21.20 -12.72
CA VAL K 48 -2.01 21.72 -13.87
C VAL K 48 -2.28 23.22 -13.96
N PRO K 49 -1.26 24.09 -13.85
CA PRO K 49 -1.50 25.53 -13.85
C PRO K 49 -2.10 26.06 -15.15
N THR K 50 -2.91 27.11 -15.00
CA THR K 50 -3.58 27.77 -16.13
C THR K 50 -2.61 28.38 -17.12
N PRO K 54 -7.71 31.82 -17.92
CA PRO K 54 -8.93 32.19 -17.20
C PRO K 54 -9.75 33.27 -17.91
N GLN K 55 -10.52 32.87 -18.92
CA GLN K 55 -11.29 33.80 -19.73
C GLN K 55 -12.67 34.00 -19.13
N GLU K 56 -13.20 35.20 -19.29
CA GLU K 56 -14.53 35.55 -18.83
C GLU K 56 -15.26 36.29 -19.94
N MET K 57 -16.55 36.00 -20.10
CA MET K 57 -17.39 36.64 -21.10
C MET K 57 -18.78 36.84 -20.52
N VAL K 58 -19.24 38.10 -20.51
CA VAL K 58 -20.53 38.43 -19.91
C VAL K 58 -21.65 37.93 -20.83
N LEU K 59 -22.75 37.47 -20.24
CA LEU K 59 -23.88 36.93 -20.97
C LEU K 59 -25.07 37.86 -20.79
N GLU K 60 -25.31 38.71 -21.79
CA GLU K 60 -26.38 39.69 -21.70
C GLU K 60 -27.73 39.01 -21.87
N ASN K 61 -28.73 39.50 -21.13
CA ASN K 61 -30.13 39.08 -21.18
C ASN K 61 -30.35 37.66 -20.71
N VAL K 62 -29.48 37.12 -19.87
CA VAL K 62 -29.57 35.74 -19.41
C VAL K 62 -29.91 35.73 -17.93
N THR K 63 -30.93 34.96 -17.55
CA THR K 63 -31.31 34.76 -16.16
C THR K 63 -31.33 33.26 -15.89
N GLU K 64 -30.65 32.84 -14.82
CA GLU K 64 -30.60 31.43 -14.45
C GLU K 64 -30.89 31.28 -12.96
N ASN K 65 -31.54 30.17 -12.61
CA ASN K 65 -31.93 29.90 -11.23
C ASN K 65 -30.78 29.17 -10.55
N PHE K 66 -29.92 29.93 -9.88
CA PHE K 66 -28.80 29.39 -9.15
C PHE K 66 -29.27 28.76 -7.83
N ASN K 67 -28.44 27.86 -7.30
CA ASN K 67 -28.75 27.23 -6.02
C ASN K 67 -27.43 26.93 -5.32
N MET K 68 -27.14 27.65 -4.23
CA MET K 68 -25.88 27.47 -3.52
C MET K 68 -25.88 26.18 -2.72
N TRP K 69 -27.05 25.70 -2.31
CA TRP K 69 -27.17 24.58 -1.37
C TRP K 69 -27.23 23.22 -2.04
N LYS K 70 -27.96 23.10 -3.15
CA LYS K 70 -28.02 21.87 -3.91
C LYS K 70 -26.92 21.80 -4.97
N ASN K 71 -25.83 22.54 -4.78
CA ASN K 71 -24.69 22.50 -5.68
C ASN K 71 -23.94 21.18 -5.58
N ASN K 72 -23.08 20.94 -6.56
CA ASN K 72 -22.22 19.77 -6.55
C ASN K 72 -20.73 20.08 -6.42
N MET K 73 -20.30 21.32 -6.70
CA MET K 73 -18.87 21.63 -6.52
C MET K 73 -18.44 21.59 -5.06
N VAL K 74 -19.37 21.82 -4.12
CA VAL K 74 -19.01 21.66 -2.72
C VAL K 74 -18.83 20.18 -2.37
N ASP K 75 -19.70 19.31 -2.90
CA ASP K 75 -19.59 17.87 -2.66
C ASP K 75 -18.43 17.24 -3.42
N GLN K 76 -17.87 17.93 -4.42
CA GLN K 76 -16.66 17.47 -5.07
C GLN K 76 -15.41 18.07 -4.44
N MET K 77 -15.50 19.32 -3.98
CA MET K 77 -14.39 19.96 -3.28
C MET K 77 -14.09 19.25 -1.96
N HIS K 78 -15.14 18.83 -1.24
CA HIS K 78 -14.97 18.06 -0.01
C HIS K 78 -14.19 16.77 -0.27
N GLU K 79 -14.67 15.97 -1.22
CA GLU K 79 -14.03 14.70 -1.55
C GLU K 79 -12.62 14.90 -2.12
N ASP K 80 -12.38 15.99 -2.86
CA ASP K 80 -11.04 16.23 -3.37
C ASP K 80 -10.09 16.71 -2.28
N ILE K 81 -10.60 17.35 -1.24
CA ILE K 81 -9.74 17.67 -0.09
C ILE K 81 -9.42 16.40 0.69
N ILE K 82 -10.42 15.51 0.86
CA ILE K 82 -10.16 14.22 1.50
C ILE K 82 -9.13 13.41 0.73
N SER K 83 -9.28 13.36 -0.61
CA SER K 83 -8.38 12.58 -1.45
C SER K 83 -6.96 13.13 -1.44
N LEU K 84 -6.80 14.46 -1.52
CA LEU K 84 -5.45 15.02 -1.49
C LEU K 84 -4.81 14.91 -0.11
N TRP K 85 -5.60 15.07 0.96
CA TRP K 85 -5.03 14.92 2.30
C TRP K 85 -4.67 13.47 2.60
N ASP K 86 -5.39 12.50 2.03
CA ASP K 86 -5.01 11.11 2.19
C ASP K 86 -3.79 10.77 1.35
N GLN K 87 -3.74 11.27 0.12
CA GLN K 87 -2.60 11.02 -0.77
C GLN K 87 -1.32 11.64 -0.23
N SER K 88 -1.41 12.85 0.33
CA SER K 88 -0.23 13.58 0.78
C SER K 88 0.33 13.02 2.09
N LEU K 89 -0.46 12.27 2.85
CA LEU K 89 -0.03 11.70 4.11
C LEU K 89 0.27 10.21 4.01
N LYS K 90 0.43 9.69 2.80
CA LYS K 90 0.84 8.30 2.65
C LYS K 90 2.35 8.11 2.86
N PRO K 91 3.31 8.95 2.25
CA PRO K 91 4.73 8.78 2.57
C PRO K 91 5.16 9.57 3.80
N CYS K 92 4.43 9.40 4.91
CA CYS K 92 4.73 10.11 6.14
C CYS K 92 4.72 9.10 7.29
N VAL K 93 5.29 9.54 8.41
CA VAL K 93 5.48 8.69 9.58
C VAL K 93 4.12 8.29 10.16
N GLN K 94 4.06 7.07 10.70
CA GLN K 94 2.90 6.57 11.42
C GLN K 94 3.30 6.33 12.86
N LEU K 95 2.61 6.99 13.80
CA LEU K 95 2.98 6.92 15.22
C LEU K 95 2.27 5.80 15.95
N THR K 96 2.27 4.61 15.35
CA THR K 96 1.82 3.41 16.06
C THR K 96 2.86 2.91 17.07
N PRO K 97 4.18 2.92 16.82
CA PRO K 97 5.13 2.59 17.92
C PRO K 97 5.09 3.55 19.10
N LEU K 98 4.61 4.78 18.92
CA LEU K 98 4.64 5.78 19.99
C LEU K 98 3.48 5.64 20.96
N CYS K 99 2.57 4.69 20.74
CA CYS K 99 1.47 4.46 21.66
C CYS K 99 1.98 3.60 22.82
N VAL K 100 2.63 4.28 23.75
CA VAL K 100 3.25 3.65 24.91
C VAL K 100 2.81 4.45 26.14
N THR K 101 3.05 3.87 27.30
CA THR K 101 2.75 4.56 28.55
C THR K 101 3.66 5.78 28.68
N LEU K 102 3.08 6.88 29.13
CA LEU K 102 3.79 8.15 29.21
C LEU K 102 3.81 8.61 30.66
N ASN K 103 5.01 8.79 31.21
CA ASN K 103 5.18 9.29 32.56
C ASN K 103 5.17 10.81 32.49
N CYS K 104 4.02 11.41 32.76
CA CYS K 104 3.80 12.84 32.53
C CYS K 104 3.66 13.55 33.87
N THR K 105 4.41 14.64 34.03
CA THR K 105 4.33 15.50 35.19
C THR K 105 4.06 16.93 34.71
N ASP K 106 3.84 17.82 35.67
CA ASP K 106 3.60 19.22 35.32
C ASP K 106 4.90 19.89 34.89
N VAL K 107 4.78 20.80 33.94
CA VAL K 107 5.95 21.55 33.47
C VAL K 107 6.32 22.63 34.47
N THR K 134 -1.74 25.56 33.22
CA THR K 134 -0.68 25.70 32.22
C THR K 134 -1.10 25.00 30.92
N GLY K 135 -1.63 23.79 31.06
CA GLY K 135 -2.09 23.02 29.92
C GLY K 135 -1.02 22.30 29.16
N ILE K 136 0.19 22.15 29.73
CA ILE K 136 1.30 21.45 29.10
C ILE K 136 1.84 20.46 30.12
N LYS K 137 2.25 19.28 29.65
CA LYS K 137 2.76 18.21 30.50
C LYS K 137 4.10 17.74 29.96
N ASN K 138 5.08 17.60 30.85
CA ASN K 138 6.38 17.04 30.48
C ASN K 138 6.27 15.53 30.60
N CYS K 139 6.32 14.84 29.47
CA CYS K 139 6.08 13.41 29.41
C CYS K 139 7.36 12.69 29.02
N SER K 140 7.75 11.72 29.84
CA SER K 140 8.92 10.87 29.56
C SER K 140 8.45 9.48 29.20
N PHE K 141 9.05 8.90 28.17
CA PHE K 141 8.68 7.57 27.71
C PHE K 141 9.85 6.95 26.96
N ASN K 142 9.73 5.64 26.73
CA ASN K 142 10.78 4.86 26.08
C ASN K 142 10.29 4.39 24.71
N ILE K 143 11.24 4.15 23.81
CA ILE K 143 10.93 3.82 22.42
C ILE K 143 11.91 2.76 21.90
N THR K 144 11.48 2.09 20.84
CA THR K 144 12.33 1.18 20.10
C THR K 144 13.08 2.00 19.05
N THR K 145 14.38 2.20 19.27
CA THR K 145 15.16 3.12 18.44
C THR K 145 15.51 2.47 17.10
N GLU K 146 16.43 3.10 16.34
CA GLU K 146 16.78 2.60 15.02
C GLU K 146 17.42 1.21 15.07
N VAL K 147 18.13 0.90 16.15
CA VAL K 147 18.59 -0.45 16.43
C VAL K 147 17.50 -1.11 17.26
N ARG K 148 16.86 -2.15 16.70
CA ARG K 148 15.59 -2.63 17.22
C ARG K 148 15.73 -3.32 18.58
N ASP K 149 16.85 -3.97 18.86
CA ASP K 149 17.05 -4.63 20.14
C ASP K 149 17.63 -3.71 21.22
N LYS K 150 17.47 -2.39 21.06
CA LYS K 150 17.90 -1.41 22.04
C LYS K 150 16.77 -0.42 22.27
N LYS K 151 16.51 -0.10 23.54
CA LYS K 151 15.46 0.84 23.92
C LYS K 151 16.09 2.11 24.47
N LYS K 152 15.52 3.25 24.09
CA LYS K 152 16.03 4.57 24.46
C LYS K 152 14.93 5.37 25.15
N LYS K 153 15.28 6.00 26.27
CA LYS K 153 14.34 6.86 26.98
C LYS K 153 14.44 8.28 26.45
N VAL K 154 13.30 8.90 26.17
CA VAL K 154 13.23 10.25 25.61
C VAL K 154 12.17 11.04 26.37
N HIS K 155 12.20 12.35 26.16
CA HIS K 155 11.27 13.27 26.79
C HIS K 155 10.58 14.10 25.72
N ALA K 156 9.43 14.66 26.06
CA ALA K 156 8.65 15.47 25.14
C ALA K 156 7.59 16.24 25.91
N LEU K 157 7.32 17.46 25.48
CA LEU K 157 6.26 18.28 26.06
C LEU K 157 4.98 18.06 25.26
N PHE K 158 3.97 17.50 25.89
CA PHE K 158 2.67 17.30 25.27
C PHE K 158 1.62 18.15 25.99
N TYR K 159 0.75 18.78 25.21
CA TYR K 159 -0.39 19.50 25.77
C TYR K 159 -1.34 18.51 26.43
N ARG K 160 -2.12 19.01 27.40
CA ARG K 160 -3.05 18.16 28.12
C ARG K 160 -4.20 17.69 27.23
N LEU K 161 -4.52 18.43 26.17
CA LEU K 161 -5.55 18.00 25.23
C LEU K 161 -5.09 16.88 24.32
N ASP K 162 -3.77 16.65 24.22
CA ASP K 162 -3.23 15.62 23.36
C ASP K 162 -2.94 14.31 24.09
N ILE K 163 -3.31 14.21 25.37
CA ILE K 163 -3.11 13.00 26.15
C ILE K 163 -4.32 12.76 27.03
N VAL K 164 -4.56 11.49 27.34
CA VAL K 164 -5.67 11.05 28.20
C VAL K 164 -5.10 10.10 29.24
N PRO K 165 -5.61 10.08 30.47
CA PRO K 165 -5.06 9.19 31.50
C PRO K 165 -5.50 7.75 31.28
N ILE K 166 -4.83 6.85 32.02
CA ILE K 166 -5.18 5.43 32.02
C ILE K 166 -5.15 4.91 33.45
N SER K 173 -2.62 9.13 39.56
CA SER K 173 -1.43 8.61 38.89
C SER K 173 -0.85 9.63 37.93
N THR K 174 0.16 9.20 37.16
CA THR K 174 0.82 10.06 36.18
C THR K 174 0.97 9.38 34.83
N GLU K 175 0.33 8.23 34.63
CA GLU K 175 0.46 7.47 33.39
C GLU K 175 -0.59 7.95 32.39
N TYR K 176 -0.15 8.28 31.17
CA TYR K 176 -1.02 8.77 30.11
C TYR K 176 -0.68 8.06 28.81
N ILE K 177 -1.56 8.23 27.83
CA ILE K 177 -1.33 7.80 26.45
C ILE K 177 -1.83 8.90 25.53
N LEU K 178 -1.26 8.93 24.32
CA LEU K 178 -1.69 9.88 23.29
C LEU K 178 -3.16 9.67 22.94
N ILE K 179 -3.90 10.78 22.84
CA ILE K 179 -5.33 10.74 22.57
C ILE K 179 -5.59 10.14 21.20
N ASN K 180 -6.69 9.37 21.12
CA ASN K 180 -7.15 8.69 19.91
C ASN K 180 -6.15 7.64 19.40
N CYS K 181 -5.38 7.04 20.30
CA CYS K 181 -4.60 5.88 19.90
C CYS K 181 -5.45 4.62 19.81
N ASN K 182 -6.42 4.46 20.71
CA ASN K 182 -7.18 3.22 20.76
C ASN K 182 -8.43 3.28 19.90
N THR K 183 -8.52 4.28 19.01
CA THR K 183 -9.59 4.41 18.04
C THR K 183 -9.07 4.76 16.65
N SER K 184 -7.87 5.32 16.53
CA SER K 184 -7.37 5.84 15.27
C SER K 184 -5.88 5.57 15.15
N VAL K 185 -5.38 5.68 13.92
CA VAL K 185 -3.98 5.48 13.59
C VAL K 185 -3.40 6.85 13.29
N ILE K 186 -2.65 7.41 14.25
CA ILE K 186 -2.10 8.75 14.11
C ILE K 186 -1.04 8.77 13.01
N THR K 187 -1.06 9.82 12.19
CA THR K 187 -0.12 9.99 11.10
C THR K 187 0.48 11.38 11.19
N GLN K 188 1.79 11.45 11.43
CA GLN K 188 2.49 12.72 11.52
C GLN K 188 2.44 13.48 10.20
N ILE K 189 2.09 14.76 10.26
CA ILE K 189 2.12 15.61 9.08
C ILE K 189 3.57 15.87 8.69
N CYS K 190 3.88 15.61 7.42
CA CYS K 190 5.26 15.60 6.94
C CYS K 190 5.88 17.00 6.98
N PRO K 191 7.03 17.19 7.63
CA PRO K 191 7.81 18.40 7.41
C PRO K 191 8.42 18.43 6.01
N LYS K 192 8.84 19.62 5.60
CA LYS K 192 9.40 19.93 4.28
C LYS K 192 8.40 19.73 3.15
N VAL K 193 7.10 19.67 3.49
CA VAL K 193 5.99 19.70 2.55
C VAL K 193 4.96 20.62 3.18
N SER K 194 4.88 21.85 2.68
CA SER K 194 3.97 22.84 3.25
C SER K 194 2.52 22.53 2.89
N PHE K 195 1.63 22.71 3.86
CA PHE K 195 0.20 22.49 3.69
C PHE K 195 -0.56 23.81 3.60
N ASP K 196 0.08 24.83 3.02
CA ASP K 196 -0.52 26.15 2.88
C ASP K 196 -1.72 26.08 1.94
N PRO K 197 -2.84 26.72 2.30
CA PRO K 197 -3.98 26.77 1.36
C PRO K 197 -3.76 27.79 0.24
N ILE K 198 -3.06 27.34 -0.81
CA ILE K 198 -2.80 28.14 -1.99
C ILE K 198 -4.12 28.29 -2.76
N PRO K 199 -4.32 29.36 -3.56
CA PRO K 199 -5.58 29.49 -4.29
C PRO K 199 -5.73 28.41 -5.35
N ILE K 200 -6.95 27.86 -5.43
CA ILE K 200 -7.26 26.74 -6.30
C ILE K 200 -8.40 27.13 -7.24
N HIS K 201 -8.12 27.14 -8.53
CA HIS K 201 -9.13 27.38 -9.54
C HIS K 201 -9.76 26.06 -9.96
N TYR K 202 -10.99 26.15 -10.47
CA TYR K 202 -11.76 25.00 -10.93
C TYR K 202 -12.14 25.23 -12.38
N CYS K 203 -11.48 24.53 -13.29
CA CYS K 203 -11.72 24.67 -14.73
C CYS K 203 -12.61 23.54 -15.21
N ALA K 204 -13.59 23.89 -16.01
CA ALA K 204 -14.57 22.92 -16.46
C ALA K 204 -13.97 22.05 -17.58
N PRO K 205 -14.43 20.82 -17.74
CA PRO K 205 -13.87 19.96 -18.80
C PRO K 205 -14.48 20.33 -20.14
N ALA K 206 -14.09 19.57 -21.16
CA ALA K 206 -14.62 19.77 -22.50
C ALA K 206 -16.10 19.43 -22.55
N GLY K 207 -16.88 20.27 -23.22
CA GLY K 207 -18.30 20.06 -23.36
C GLY K 207 -19.15 20.63 -22.25
N TYR K 208 -18.54 21.20 -21.21
CA TYR K 208 -19.25 21.79 -20.08
C TYR K 208 -18.85 23.25 -19.93
N ALA K 209 -19.50 23.94 -19.00
CA ALA K 209 -19.19 25.34 -18.73
C ALA K 209 -19.61 25.69 -17.31
N ILE K 210 -19.05 26.79 -16.82
CA ILE K 210 -19.36 27.33 -15.49
C ILE K 210 -19.96 28.71 -15.65
N LEU K 211 -21.15 28.90 -15.08
CA LEU K 211 -21.80 30.21 -15.06
C LEU K 211 -21.57 30.86 -13.70
N LYS K 212 -21.17 32.13 -13.72
CA LYS K 212 -20.93 32.90 -12.50
C LYS K 212 -21.95 34.03 -12.43
N CYS K 213 -22.53 34.24 -11.25
CA CYS K 213 -23.56 35.25 -11.08
C CYS K 213 -22.91 36.54 -10.60
N ASN K 214 -23.08 37.61 -11.37
CA ASN K 214 -22.42 38.88 -11.11
C ASN K 214 -23.30 39.88 -10.37
N ASN K 215 -24.53 39.52 -10.05
CA ASN K 215 -25.42 40.40 -9.29
C ASN K 215 -24.87 40.56 -7.88
N LYS K 216 -24.63 41.82 -7.48
CA LYS K 216 -23.93 42.11 -6.22
C LYS K 216 -24.74 41.68 -5.01
N THR K 217 -26.06 41.89 -5.03
CA THR K 217 -26.92 41.57 -3.90
C THR K 217 -27.45 40.13 -3.94
N PHE K 218 -26.78 39.24 -4.66
CA PHE K 218 -27.24 37.87 -4.85
C PHE K 218 -26.98 37.06 -3.58
N ASN K 219 -28.05 36.56 -2.95
CA ASN K 219 -27.89 35.89 -1.67
C ASN K 219 -27.43 34.44 -1.80
N GLY K 220 -27.57 33.82 -2.96
CA GLY K 220 -27.23 32.42 -3.09
C GLY K 220 -28.30 31.55 -3.70
N THR K 221 -29.54 32.02 -3.71
CA THR K 221 -30.65 31.25 -4.28
C THR K 221 -31.46 32.19 -5.17
N GLY K 222 -32.03 31.63 -6.24
CA GLY K 222 -32.93 32.36 -7.10
C GLY K 222 -32.30 32.87 -8.37
N PRO K 223 -33.01 33.74 -9.09
CA PRO K 223 -32.52 34.25 -10.37
C PRO K 223 -31.33 35.19 -10.20
N CYS K 224 -30.56 35.32 -11.28
CA CYS K 224 -29.44 36.25 -11.35
C CYS K 224 -29.67 37.23 -12.49
N ASN K 225 -29.32 38.50 -12.23
CA ASN K 225 -29.58 39.57 -13.20
C ASN K 225 -28.78 39.37 -14.47
N ASN K 226 -27.46 39.18 -14.35
CA ASN K 226 -26.62 38.91 -15.51
C ASN K 226 -25.48 38.00 -15.11
N VAL K 227 -25.20 37.02 -15.97
CA VAL K 227 -24.24 35.98 -15.64
C VAL K 227 -23.04 36.06 -16.57
N SER K 228 -22.03 35.22 -16.32
CA SER K 228 -20.84 35.17 -17.16
C SER K 228 -20.34 33.75 -17.25
N THR K 229 -20.12 33.26 -18.48
CA THR K 229 -19.49 31.97 -18.67
C THR K 229 -17.98 32.12 -18.55
N ILE K 230 -17.35 31.21 -17.79
CA ILE K 230 -15.91 31.23 -17.59
C ILE K 230 -15.37 29.82 -17.79
N GLN K 231 -14.07 29.75 -18.07
CA GLN K 231 -13.38 28.47 -18.05
C GLN K 231 -13.04 28.07 -16.61
N CYS K 232 -12.22 28.87 -15.95
CA CYS K 232 -11.70 28.57 -14.63
C CYS K 232 -12.23 29.58 -13.62
N THR K 233 -12.65 29.08 -12.46
CA THR K 233 -13.12 29.93 -11.37
C THR K 233 -11.97 30.77 -10.79
N HIS K 234 -12.33 31.68 -9.90
CA HIS K 234 -11.35 32.51 -9.22
C HIS K 234 -10.56 31.67 -8.21
N GLY K 235 -9.50 32.27 -7.67
CA GLY K 235 -8.69 31.59 -6.68
C GLY K 235 -9.42 31.34 -5.38
N ILE K 236 -9.78 30.07 -5.16
CA ILE K 236 -10.52 29.65 -3.98
C ILE K 236 -9.51 29.06 -3.00
N LYS K 237 -9.17 29.82 -1.97
CA LYS K 237 -8.31 29.31 -0.93
C LYS K 237 -9.08 28.28 -0.11
N PRO K 238 -8.63 27.03 -0.03
CA PRO K 238 -9.36 26.04 0.78
C PRO K 238 -9.00 26.14 2.26
N VAL K 239 -9.58 27.14 2.92
CA VAL K 239 -9.30 27.38 4.32
C VAL K 239 -10.06 26.38 5.18
N VAL K 240 -9.65 26.27 6.44
CA VAL K 240 -10.27 25.42 7.43
C VAL K 240 -10.66 26.30 8.60
N SER K 241 -11.95 26.33 8.93
CA SER K 241 -12.41 27.17 10.03
C SER K 241 -13.65 26.53 10.64
N THR K 242 -14.15 27.16 11.71
CA THR K 242 -15.33 26.66 12.41
C THR K 242 -16.44 27.68 12.53
N GLN K 243 -16.13 28.90 12.99
CA GLN K 243 -17.17 29.87 13.33
C GLN K 243 -16.98 31.19 12.61
N LEU K 244 -15.74 31.50 12.25
CA LEU K 244 -15.42 32.70 11.48
C LEU K 244 -14.69 32.26 10.21
N LEU K 245 -15.24 32.60 9.06
CA LEU K 245 -14.60 32.27 7.80
C LEU K 245 -13.42 33.20 7.56
N LEU K 246 -12.24 32.62 7.37
CA LEU K 246 -11.00 33.37 7.30
C LEU K 246 -10.48 33.37 5.88
N ASN K 247 -9.90 34.51 5.46
CA ASN K 247 -9.23 34.68 4.17
C ASN K 247 -10.13 34.38 2.98
N GLY K 248 -11.44 34.63 3.12
CA GLY K 248 -12.38 34.38 2.06
C GLY K 248 -12.50 35.55 1.12
N SER K 249 -13.53 35.50 0.28
CA SER K 249 -13.80 36.56 -0.69
C SER K 249 -14.82 37.52 -0.12
N LEU K 250 -14.49 38.80 -0.11
CA LEU K 250 -15.40 39.81 0.41
C LEU K 250 -16.58 40.00 -0.54
N ALA K 251 -17.73 40.34 0.05
CA ALA K 251 -18.85 40.81 -0.75
C ALA K 251 -18.54 42.18 -1.34
N GLU K 252 -19.01 42.41 -2.56
CA GLU K 252 -18.64 43.61 -3.31
C GLU K 252 -19.24 44.87 -2.68
N GLU K 253 -20.53 44.86 -2.39
CA GLU K 253 -21.20 46.09 -2.01
C GLU K 253 -21.95 46.02 -0.69
N ASP K 254 -22.54 44.88 -0.35
CA ASP K 254 -23.42 44.81 0.81
C ASP K 254 -23.26 43.45 1.48
N ILE K 255 -23.63 43.41 2.76
CA ILE K 255 -23.61 42.16 3.53
C ILE K 255 -24.65 41.19 2.98
N ILE K 256 -24.24 39.92 2.81
CA ILE K 256 -25.05 38.90 2.15
C ILE K 256 -25.32 37.77 3.13
N ILE K 257 -26.59 37.54 3.42
CA ILE K 257 -27.04 36.54 4.39
C ILE K 257 -27.77 35.44 3.63
N SER K 258 -27.57 34.19 4.04
CA SER K 258 -28.10 33.08 3.27
C SER K 258 -28.41 31.87 4.16
N SER K 259 -29.50 31.18 3.81
CA SER K 259 -29.87 29.90 4.40
C SER K 259 -30.78 29.19 3.40
N GLU K 260 -30.92 27.87 3.57
CA GLU K 260 -31.95 27.14 2.83
C GLU K 260 -33.33 27.62 3.23
N ASN K 261 -33.58 27.74 4.53
CA ASN K 261 -34.86 28.21 5.05
C ASN K 261 -34.60 28.67 6.48
N MET K 262 -34.73 29.99 6.71
CA MET K 262 -34.43 30.58 8.00
C MET K 262 -35.35 30.05 9.11
N MET K 263 -36.62 29.77 8.78
CA MET K 263 -37.54 29.20 9.76
C MET K 263 -37.16 27.78 10.17
N ASP K 264 -36.40 27.06 9.33
CA ASP K 264 -35.78 25.81 9.73
C ASP K 264 -34.52 26.13 10.54
N ASN K 265 -34.35 25.45 11.67
CA ASN K 265 -33.30 25.81 12.62
C ASN K 265 -32.08 24.90 12.56
N THR K 266 -32.16 23.77 11.87
CA THR K 266 -31.03 22.85 11.74
C THR K 266 -30.08 23.22 10.62
N LYS K 267 -30.15 24.46 10.11
CA LYS K 267 -29.51 24.83 8.86
C LYS K 267 -28.73 26.10 9.11
N THR K 268 -27.40 26.01 8.93
CA THR K 268 -26.48 27.08 9.26
C THR K 268 -26.75 28.32 8.40
N ILE K 269 -26.76 29.49 9.04
CA ILE K 269 -26.94 30.76 8.34
C ILE K 269 -25.56 31.33 8.06
N ILE K 270 -25.25 31.51 6.79
CA ILE K 270 -23.99 32.10 6.37
C ILE K 270 -24.20 33.60 6.23
N VAL K 271 -23.22 34.39 6.68
CA VAL K 271 -23.23 35.84 6.58
C VAL K 271 -21.89 36.28 6.02
N HIS K 272 -21.91 36.97 4.89
CA HIS K 272 -20.70 37.46 4.24
C HIS K 272 -20.50 38.93 4.57
N PHE K 273 -19.33 39.27 5.11
CA PHE K 273 -19.01 40.66 5.38
C PHE K 273 -18.53 41.32 4.10
N ASN K 274 -19.04 42.52 3.81
CA ASN K 274 -18.49 43.33 2.73
C ASN K 274 -17.28 44.14 3.17
N GLU K 275 -16.99 44.17 4.47
CA GLU K 275 -15.80 44.83 5.01
C GLU K 275 -15.03 43.83 5.85
N SER K 276 -13.76 43.65 5.54
CA SER K 276 -12.92 42.73 6.28
C SER K 276 -12.65 43.28 7.67
N VAL K 277 -12.53 42.36 8.63
CA VAL K 277 -12.19 42.70 10.01
C VAL K 277 -10.83 42.08 10.29
N GLY K 278 -9.85 42.92 10.64
CA GLY K 278 -8.53 42.40 10.91
C GLY K 278 -8.53 41.56 12.18
N ILE K 279 -7.81 40.45 12.13
CA ILE K 279 -7.65 39.59 13.28
C ILE K 279 -6.21 39.06 13.32
N GLU K 280 -5.44 39.46 14.33
CA GLU K 280 -4.05 39.07 14.48
C GLU K 280 -3.94 38.19 15.70
N CYS K 281 -3.34 37.01 15.54
CA CYS K 281 -3.36 35.99 16.59
C CYS K 281 -1.97 35.37 16.66
N THR K 282 -1.61 34.78 17.80
CA THR K 282 -0.23 34.34 17.95
C THR K 282 -0.07 33.30 19.04
N ARG K 283 0.91 32.42 18.82
CA ARG K 283 1.39 31.50 19.84
C ARG K 283 2.71 32.07 20.33
N PRO K 284 2.78 32.65 21.53
CA PRO K 284 4.02 33.31 21.97
C PRO K 284 5.04 32.43 22.68
N ASN K 285 4.89 31.11 22.66
CA ASN K 285 5.84 30.24 23.34
C ASN K 285 7.08 30.00 22.50
N ASN K 286 8.24 30.03 23.14
CA ASN K 286 9.53 29.81 22.48
C ASN K 286 9.87 28.33 22.54
N ASN K 287 9.27 27.57 21.62
CA ASN K 287 9.51 26.13 21.56
C ASN K 287 10.89 25.82 21.00
N THR K 288 11.43 24.67 21.40
CA THR K 288 12.60 24.07 20.77
C THR K 288 12.23 22.68 20.29
N VAL K 289 12.37 22.44 18.99
CA VAL K 289 11.95 21.18 18.40
C VAL K 289 13.08 20.17 18.57
N GLU K 290 12.74 18.97 19.03
CA GLU K 290 13.68 17.88 19.16
C GLU K 290 13.26 16.74 18.25
N SER K 291 14.21 16.21 17.49
CA SER K 291 13.94 15.10 16.59
C SER K 291 14.16 13.77 17.30
N ILE K 292 13.21 12.87 17.13
CA ILE K 292 13.25 11.53 17.73
C ILE K 292 13.19 10.51 16.59
N ARG K 293 14.24 9.71 16.46
CA ARG K 293 14.32 8.67 15.44
C ARG K 293 13.66 7.41 15.98
N ILE K 294 12.66 6.90 15.27
CA ILE K 294 11.92 5.73 15.68
C ILE K 294 12.02 4.58 14.70
N GLY K 295 12.78 4.73 13.62
CA GLY K 295 12.86 3.69 12.63
C GLY K 295 13.81 4.03 11.50
N PRO K 296 13.75 3.25 10.43
CA PRO K 296 14.63 3.52 9.28
C PRO K 296 14.16 4.73 8.47
N GLY K 297 14.62 5.91 8.88
CA GLY K 297 14.26 7.14 8.21
C GLY K 297 13.02 7.83 8.74
N GLN K 298 12.34 7.22 9.71
CA GLN K 298 11.18 7.82 10.34
C GLN K 298 11.63 8.69 11.50
N THR K 299 11.22 9.96 11.48
CA THR K 299 11.58 10.92 12.52
C THR K 299 10.30 11.46 13.15
N PHE K 300 10.33 11.66 14.47
CA PHE K 300 9.17 12.13 15.23
C PHE K 300 9.58 13.42 15.93
N TYR K 301 8.97 14.52 15.51
CA TYR K 301 9.33 15.86 16.00
C TYR K 301 8.45 16.22 17.18
N VAL K 302 9.08 16.57 18.31
CA VAL K 302 8.36 16.91 19.53
C VAL K 302 8.79 18.27 20.02
N THR K 303 7.91 18.88 20.82
CA THR K 303 8.30 20.06 21.58
C THR K 303 9.19 19.62 22.72
N GLY K 304 10.07 20.51 23.17
CA GLY K 304 10.86 20.26 24.34
C GLY K 304 11.58 21.50 24.81
N GLU K 305 11.59 21.73 26.13
CA GLU K 305 12.34 22.81 26.79
C GLU K 305 11.94 24.18 26.25
N ILE K 306 10.69 24.56 26.56
CA ILE K 306 10.25 25.94 26.36
C ILE K 306 11.18 26.88 27.12
N ILE K 307 11.54 28.00 26.50
CA ILE K 307 12.47 28.97 27.07
C ILE K 307 11.70 30.22 27.44
N GLY K 308 11.84 30.66 28.68
CA GLY K 308 11.15 31.82 29.16
C GLY K 308 9.82 31.48 29.76
N ASP K 309 8.94 32.48 29.81
CA ASP K 309 7.62 32.31 30.39
C ASP K 309 6.75 31.45 29.50
N ILE K 310 5.93 30.59 30.11
CA ILE K 310 4.95 29.79 29.39
C ILE K 310 3.72 30.69 29.25
N ARG K 311 3.65 31.37 28.12
CA ARG K 311 2.57 32.32 27.90
C ARG K 311 1.42 31.63 27.17
N GLN K 312 0.28 32.28 27.17
CA GLN K 312 -0.94 31.71 26.60
C GLN K 312 -1.10 32.21 25.18
N ALA K 313 -1.51 31.32 24.29
CA ALA K 313 -1.84 31.72 22.94
C ALA K 313 -3.12 32.53 22.96
N HIS K 314 -3.12 33.68 22.28
CA HIS K 314 -4.26 34.57 22.32
C HIS K 314 -4.61 34.94 20.90
N CYS K 315 -5.84 35.36 20.70
CA CYS K 315 -6.27 35.75 19.36
C CYS K 315 -6.95 37.11 19.46
N ASN K 316 -6.25 38.17 19.02
CA ASN K 316 -6.77 39.53 19.09
C ASN K 316 -7.71 39.87 17.95
N ILE K 317 -8.84 40.51 18.29
CA ILE K 317 -9.70 41.19 17.33
C ILE K 317 -9.87 42.60 17.87
N SER K 318 -10.20 43.54 16.98
CA SER K 318 -10.38 44.94 17.37
C SER K 318 -11.84 45.19 17.66
N LYS K 319 -12.11 45.78 18.84
CA LYS K 319 -13.45 46.14 19.26
C LYS K 319 -14.01 47.35 18.50
N GLY K 320 -13.18 48.03 17.71
CA GLY K 320 -13.68 49.07 16.83
C GLY K 320 -14.47 48.56 15.64
N ASN K 321 -13.79 47.88 14.71
CA ASN K 321 -14.44 47.38 13.50
C ASN K 321 -15.45 46.27 13.81
N TRP K 322 -15.08 45.33 14.68
CA TRP K 322 -16.07 44.44 15.25
C TRP K 322 -17.03 45.23 16.14
N SER K 323 -18.27 44.73 16.18
CA SER K 323 -19.50 45.29 16.77
C SER K 323 -20.06 46.42 15.92
N LYS K 324 -19.24 47.04 15.06
CA LYS K 324 -19.76 47.85 13.97
C LYS K 324 -20.28 46.94 12.87
N THR K 325 -19.42 45.99 12.44
CA THR K 325 -19.87 44.97 11.48
C THR K 325 -20.99 44.12 12.06
N LEU K 326 -20.94 43.86 13.37
CA LEU K 326 -21.97 43.05 14.00
C LEU K 326 -23.28 43.82 14.14
N GLN K 327 -23.21 45.14 14.39
CA GLN K 327 -24.41 45.96 14.37
C GLN K 327 -25.02 46.02 12.99
N ARG K 328 -24.17 46.09 11.95
CA ARG K 328 -24.66 46.02 10.57
C ARG K 328 -25.36 44.70 10.29
N VAL K 329 -24.77 43.60 10.76
CA VAL K 329 -25.37 42.27 10.62
C VAL K 329 -26.70 42.20 11.35
N LYS K 330 -26.77 42.80 12.55
CA LYS K 330 -28.01 42.86 13.32
C LYS K 330 -29.10 43.61 12.58
N GLU K 331 -28.75 44.78 12.01
CA GLU K 331 -29.68 45.56 11.19
C GLU K 331 -30.19 44.76 10.01
N LYS K 332 -29.30 44.00 9.35
CA LYS K 332 -29.72 43.24 8.18
C LYS K 332 -30.58 42.05 8.58
N LEU K 333 -30.31 41.44 9.74
CA LEU K 333 -31.12 40.30 10.18
C LEU K 333 -32.43 40.73 10.81
N LYS K 334 -32.63 42.03 11.03
CA LYS K 334 -33.97 42.49 11.44
C LYS K 334 -34.98 42.27 10.33
N LYS K 335 -34.59 42.49 9.07
CA LYS K 335 -35.55 42.46 7.96
C LYS K 335 -35.93 41.05 7.53
N TYR K 336 -35.01 40.08 7.59
CA TYR K 336 -35.30 38.74 7.07
C TYR K 336 -36.07 37.84 8.05
N TYR K 337 -36.76 38.42 9.02
CA TYR K 337 -37.62 37.69 9.94
C TYR K 337 -38.77 38.61 10.32
N HIS K 338 -39.68 38.09 11.14
CA HIS K 338 -40.69 38.94 11.75
C HIS K 338 -39.96 39.88 12.70
N ASN K 339 -40.47 41.12 12.84
CA ASN K 339 -39.80 42.12 13.64
C ASN K 339 -39.66 41.66 15.10
N LYS K 340 -38.42 41.65 15.57
CA LYS K 340 -37.96 41.18 16.87
C LYS K 340 -36.59 41.81 17.11
N THR K 341 -36.18 41.86 18.37
CA THR K 341 -34.83 42.31 18.67
C THR K 341 -33.81 41.24 18.27
N ILE K 342 -32.76 41.67 17.59
CA ILE K 342 -31.71 40.79 17.07
C ILE K 342 -30.49 40.97 17.95
N LYS K 343 -29.99 39.87 18.54
CA LYS K 343 -28.89 39.87 19.52
C LYS K 343 -28.39 38.44 19.70
N PHE K 344 -27.19 38.33 20.25
CA PHE K 344 -26.28 37.23 20.00
C PHE K 344 -25.91 36.54 21.31
N GLU K 345 -25.73 35.22 21.22
CA GLU K 345 -25.35 34.42 22.38
C GLU K 345 -24.13 33.58 22.03
N PRO K 346 -23.33 33.19 23.03
CA PRO K 346 -22.21 32.28 22.77
C PRO K 346 -22.66 30.90 22.30
N SER K 347 -21.68 30.12 21.87
CA SER K 347 -21.93 28.79 21.33
C SER K 347 -22.43 27.84 22.43
N SER K 348 -23.23 26.87 22.01
CA SER K 348 -23.73 25.83 22.90
C SER K 348 -22.63 24.84 23.25
N GLY K 349 -23.00 23.82 24.03
CA GLY K 349 -22.07 22.78 24.40
C GLY K 349 -21.63 21.91 23.23
N GLY K 350 -20.52 21.20 23.33
CA GLY K 350 -20.08 20.46 22.13
C GLY K 350 -18.59 20.18 22.10
N ASP K 351 -18.08 19.59 21.02
CA ASP K 351 -16.63 19.24 20.91
C ASP K 351 -15.77 20.51 20.79
N LEU K 352 -14.61 20.56 21.43
CA LEU K 352 -13.80 21.79 21.39
C LEU K 352 -13.59 22.05 19.90
N GLU K 353 -13.95 21.10 19.05
CA GLU K 353 -13.81 21.41 17.63
C GLU K 353 -14.91 22.33 17.12
N ILE K 354 -16.04 22.45 17.83
CA ILE K 354 -17.15 23.27 17.35
C ILE K 354 -17.49 24.39 18.34
N THR K 355 -17.18 24.18 19.63
CA THR K 355 -17.46 25.22 20.62
C THR K 355 -16.50 26.40 20.54
N THR K 356 -15.42 26.27 19.79
CA THR K 356 -14.39 27.29 19.68
C THR K 356 -14.07 27.49 18.20
N HIS K 357 -13.73 28.73 17.83
CA HIS K 357 -13.30 29.03 16.47
C HIS K 357 -11.94 28.36 16.25
N SER K 358 -11.97 27.25 15.53
CA SER K 358 -10.75 26.54 15.18
C SER K 358 -10.30 26.95 13.79
N PHE K 359 -9.02 26.75 13.52
CA PHE K 359 -8.43 27.00 12.21
C PHE K 359 -7.08 26.30 12.19
N ASN K 360 -6.21 26.71 11.26
CA ASN K 360 -4.90 26.11 11.13
C ASN K 360 -3.97 27.23 10.69
N CYS K 361 -3.05 27.60 11.56
CA CYS K 361 -2.07 28.63 11.33
C CYS K 361 -0.68 28.03 11.34
N ARG K 362 -0.03 28.01 10.17
CA ARG K 362 1.33 27.50 9.97
C ARG K 362 1.48 26.06 10.40
N GLY K 363 0.39 25.29 10.37
CA GLY K 363 0.39 23.92 10.82
C GLY K 363 0.09 23.75 12.29
N GLU K 364 0.05 24.82 13.07
CA GLU K 364 -0.40 24.75 14.46
C GLU K 364 -1.91 24.97 14.51
N PHE K 365 -2.61 24.06 15.18
CA PHE K 365 -4.06 24.09 15.25
C PHE K 365 -4.52 24.86 16.49
N PHE K 366 -5.14 26.01 16.26
CA PHE K 366 -5.67 26.85 17.34
C PHE K 366 -7.13 26.49 17.61
N TYR K 367 -7.53 26.64 18.86
CA TYR K 367 -8.92 26.48 19.30
C TYR K 367 -9.26 27.65 20.22
N CYS K 368 -9.68 28.75 19.61
CA CYS K 368 -9.91 30.01 20.32
C CYS K 368 -11.38 30.14 20.69
N TYR K 369 -11.65 30.32 21.99
CA TYR K 369 -13.01 30.54 22.48
C TYR K 369 -13.56 31.87 21.98
N THR K 370 -14.84 31.85 21.60
CA THR K 370 -15.53 33.02 21.06
C THR K 370 -16.60 33.58 21.99
N SER K 371 -16.54 33.25 23.29
CA SER K 371 -17.52 33.77 24.23
C SER K 371 -17.42 35.28 24.40
N GLY K 372 -16.26 35.87 24.13
CA GLY K 372 -16.07 37.31 24.22
C GLY K 372 -16.56 38.10 23.03
N LEU K 373 -16.93 37.41 21.93
CA LEU K 373 -17.45 38.06 20.74
C LEU K 373 -18.96 38.08 20.67
N PHE K 374 -19.61 37.00 21.07
CA PHE K 374 -21.06 36.86 21.00
C PHE K 374 -21.72 37.10 22.34
N ASN K 375 -21.18 38.04 23.12
CA ASN K 375 -21.78 38.43 24.39
C ASN K 375 -21.67 39.95 24.50
N GLU K 376 -22.82 40.61 24.56
CA GLU K 376 -22.92 42.07 24.62
C GLU K 376 -22.23 42.67 25.85
N GLY K 381 -19.04 49.63 23.92
CA GLY K 381 -18.88 49.79 22.48
C GLY K 381 -17.99 50.95 22.09
N THR K 382 -16.67 50.69 22.12
CA THR K 382 -15.68 51.70 21.76
C THR K 382 -14.42 50.96 21.31
N ASN K 383 -13.38 51.74 21.00
CA ASN K 383 -12.11 51.18 20.55
C ASN K 383 -11.46 50.35 21.66
N GLY K 384 -10.75 49.31 21.24
CA GLY K 384 -10.08 48.42 22.19
C GLY K 384 -9.59 47.13 21.57
N THR K 385 -9.71 46.02 22.29
CA THR K 385 -9.26 44.72 21.81
C THR K 385 -10.09 43.67 22.55
N ILE K 386 -10.36 42.55 21.88
CA ILE K 386 -11.31 41.54 22.36
C ILE K 386 -10.58 40.22 22.56
N THR K 387 -9.33 40.28 23.07
CA THR K 387 -8.38 39.18 23.22
C THR K 387 -8.99 37.86 23.69
N LEU K 388 -8.86 36.83 22.86
CA LEU K 388 -9.54 35.56 23.04
C LEU K 388 -8.55 34.49 23.48
N PRO K 389 -8.82 33.74 24.55
CA PRO K 389 -7.95 32.62 24.91
C PRO K 389 -8.01 31.50 23.88
N CYS K 390 -6.87 30.85 23.66
CA CYS K 390 -6.77 29.76 22.70
C CYS K 390 -6.04 28.57 23.29
N ARG K 391 -6.39 27.39 22.82
CA ARG K 391 -5.79 26.14 23.26
C ARG K 391 -5.19 25.44 22.04
N ILE K 392 -3.89 25.15 22.11
CA ILE K 392 -3.20 24.50 21.01
C ILE K 392 -3.39 22.99 21.13
N LYS K 393 -3.72 22.36 20.00
CA LYS K 393 -3.93 20.92 19.93
C LYS K 393 -3.08 20.37 18.80
N GLN K 394 -2.28 19.34 19.10
CA GLN K 394 -1.43 18.71 18.10
C GLN K 394 -2.12 17.54 17.39
N ILE K 395 -2.68 16.62 18.16
CA ILE K 395 -3.35 15.45 17.61
C ILE K 395 -4.80 15.87 17.32
N VAL K 396 -5.10 16.11 16.06
CA VAL K 396 -6.40 16.60 15.62
C VAL K 396 -6.90 15.70 14.50
N ASN K 397 -8.22 15.44 14.50
CA ASN K 397 -8.85 14.61 13.46
C ASN K 397 -10.01 15.38 12.85
N MET K 398 -9.71 16.20 11.86
CA MET K 398 -10.72 16.99 11.18
C MET K 398 -11.18 16.24 9.95
N TRP K 399 -12.43 16.54 9.53
CA TRP K 399 -13.19 15.76 8.55
C TRP K 399 -13.24 14.29 8.98
N GLN K 400 -13.98 14.07 10.08
CA GLN K 400 -13.79 12.94 10.98
C GLN K 400 -13.90 11.58 10.29
N LYS K 401 -12.75 10.95 10.11
CA LYS K 401 -12.60 9.63 9.52
C LYS K 401 -12.29 8.64 10.62
N VAL K 402 -13.19 7.67 10.81
CA VAL K 402 -13.04 6.68 11.88
C VAL K 402 -11.80 5.84 11.61
N GLY K 403 -10.80 6.00 12.46
CA GLY K 403 -9.55 5.28 12.33
C GLY K 403 -8.36 6.08 11.83
N ARG K 404 -8.47 7.41 11.75
CA ARG K 404 -7.37 8.26 11.31
C ARG K 404 -7.26 9.49 12.21
N ALA K 405 -6.04 9.96 12.39
CA ALA K 405 -5.76 11.18 13.14
C ALA K 405 -4.65 11.93 12.43
N MET K 406 -4.10 12.96 13.09
CA MET K 406 -3.05 13.78 12.47
C MET K 406 -2.26 14.47 13.57
N TYR K 407 -0.99 14.08 13.74
CA TYR K 407 -0.08 14.77 14.65
C TYR K 407 0.60 15.92 13.90
N ALA K 408 0.18 17.14 14.19
CA ALA K 408 0.81 18.31 13.58
C ALA K 408 2.13 18.63 14.28
N PRO K 409 3.26 18.61 13.58
CA PRO K 409 4.57 18.78 14.23
C PRO K 409 4.76 20.18 14.78
N PRO K 410 5.64 20.38 15.76
CA PRO K 410 5.84 21.71 16.34
C PRO K 410 6.88 22.53 15.61
N ILE K 411 6.92 23.82 15.94
CA ILE K 411 7.75 24.81 15.28
C ILE K 411 8.56 25.56 16.33
N ALA K 412 9.85 25.75 16.08
CA ALA K 412 10.69 26.51 16.99
C ALA K 412 10.34 28.00 16.91
N GLY K 413 10.68 28.73 17.98
CA GLY K 413 10.33 30.14 18.02
C GLY K 413 8.84 30.35 18.24
N ASN K 414 8.39 31.57 17.96
CA ASN K 414 6.96 31.86 18.00
C ASN K 414 6.42 31.93 16.58
N ILE K 415 5.09 32.04 16.48
CA ILE K 415 4.41 32.28 15.20
C ILE K 415 3.36 33.38 15.41
N THR K 416 2.88 33.93 14.30
CA THR K 416 1.86 34.96 14.32
C THR K 416 0.85 34.60 13.23
N CYS K 417 -0.40 35.04 13.39
CA CYS K 417 -1.50 34.53 12.57
C CYS K 417 -2.40 35.65 12.08
N SER K 418 -1.96 36.46 11.13
CA SER K 418 -2.79 37.59 10.72
C SER K 418 -3.69 37.14 9.58
N SER K 419 -5.00 37.32 9.76
CA SER K 419 -5.98 36.90 8.78
C SER K 419 -7.10 37.93 8.69
N ASN K 420 -7.97 37.74 7.70
CA ASN K 420 -9.08 38.64 7.39
C ASN K 420 -10.39 37.86 7.55
N ILE K 421 -11.14 38.12 8.63
CA ILE K 421 -12.49 37.58 8.73
C ILE K 421 -13.37 38.17 7.62
N THR K 422 -13.82 37.32 6.70
CA THR K 422 -14.74 37.75 5.65
C THR K 422 -16.10 37.07 5.75
N GLY K 423 -16.36 36.31 6.81
CA GLY K 423 -17.61 35.59 6.91
C GLY K 423 -17.96 35.28 8.34
N LEU K 424 -19.12 34.65 8.51
CA LEU K 424 -19.64 34.33 9.84
C LEU K 424 -20.73 33.28 9.70
N LEU K 425 -20.58 32.17 10.41
CA LEU K 425 -21.56 31.09 10.41
C LEU K 425 -22.38 31.15 11.69
N LEU K 426 -23.70 31.05 11.56
CA LEU K 426 -24.61 31.19 12.69
C LEU K 426 -25.66 30.10 12.64
N THR K 427 -26.45 30.04 13.70
CA THR K 427 -27.64 29.19 13.78
C THR K 427 -28.64 29.88 14.70
N ARG K 428 -29.86 29.35 14.73
CA ARG K 428 -30.95 29.99 15.47
C ARG K 428 -31.51 29.02 16.48
N ASP K 429 -31.58 29.45 17.74
CA ASP K 429 -32.29 28.69 18.76
C ASP K 429 -33.79 28.74 18.47
N GLY K 430 -34.48 27.65 18.77
CA GLY K 430 -35.92 27.57 18.56
C GLY K 430 -36.72 27.75 19.84
N GLY K 431 -37.76 26.92 19.97
CA GLY K 431 -38.66 26.97 21.10
C GLY K 431 -39.65 28.12 21.06
N ARG K 432 -40.66 28.02 21.94
CA ARG K 432 -41.64 29.09 22.13
C ARG K 432 -41.16 30.02 23.24
N GLY K 433 -40.09 30.74 22.93
CA GLY K 433 -39.45 31.60 23.91
C GLY K 433 -40.05 32.96 24.16
N THR K 434 -40.99 33.41 23.32
CA THR K 434 -41.72 34.68 23.31
C THR K 434 -40.73 35.85 23.48
N ASN K 435 -41.15 36.99 24.04
CA ASN K 435 -40.32 38.17 24.34
C ASN K 435 -39.76 38.91 23.13
N GLY K 436 -39.94 38.36 21.93
CA GLY K 436 -39.53 39.00 20.69
C GLY K 436 -38.05 39.28 20.56
N THR K 437 -37.21 38.37 21.05
CA THR K 437 -35.77 38.43 20.83
C THR K 437 -35.30 37.11 20.25
N GLU K 438 -34.49 37.17 19.19
CA GLU K 438 -34.01 35.97 18.50
C GLU K 438 -32.54 35.76 18.88
N THR K 439 -32.23 34.59 19.42
CA THR K 439 -30.89 34.29 19.92
C THR K 439 -30.10 33.53 18.87
N PHE K 440 -29.05 34.16 18.33
CA PHE K 440 -28.21 33.53 17.32
C PHE K 440 -26.89 33.14 17.97
N ARG K 441 -26.57 31.87 17.91
CA ARG K 441 -25.32 31.27 18.34
C ARG K 441 -24.46 30.91 17.14
N PRO K 442 -23.13 30.99 17.27
CA PRO K 442 -22.27 30.46 16.21
C PRO K 442 -22.38 28.95 16.13
N ALA K 443 -22.23 28.43 14.92
CA ALA K 443 -22.38 27.00 14.66
C ALA K 443 -21.16 26.48 13.92
N GLY K 444 -20.78 25.24 14.23
CA GLY K 444 -19.60 24.66 13.62
C GLY K 444 -19.87 23.29 13.06
N GLY K 445 -18.84 22.58 12.62
CA GLY K 445 -19.00 21.30 11.96
C GLY K 445 -19.61 21.49 10.58
N ASN K 446 -19.86 20.35 9.92
CA ASN K 446 -20.42 20.28 8.56
C ASN K 446 -19.59 21.13 7.58
N MET K 447 -18.36 20.66 7.37
CA MET K 447 -17.26 21.46 6.81
C MET K 447 -17.56 22.04 5.44
N LYS K 448 -18.49 21.43 4.68
CA LYS K 448 -18.85 21.86 3.33
C LYS K 448 -19.33 23.30 3.28
N ASP K 449 -19.91 23.80 4.39
CA ASP K 449 -20.36 25.18 4.49
C ASP K 449 -19.22 26.16 4.25
N ASN K 450 -18.02 25.84 4.72
CA ASN K 450 -16.85 26.71 4.52
C ASN K 450 -16.47 26.86 3.05
N TRP K 451 -16.88 25.93 2.19
CA TRP K 451 -16.69 26.04 0.75
C TRP K 451 -17.97 26.36 0.00
N ARG K 452 -19.11 26.43 0.69
CA ARG K 452 -20.30 27.01 0.09
C ARG K 452 -20.18 28.53 0.01
N SER K 453 -19.45 29.14 0.94
CA SER K 453 -19.24 30.58 0.93
C SER K 453 -18.38 31.03 -0.24
N GLU K 454 -17.58 30.14 -0.83
CA GLU K 454 -16.73 30.48 -1.96
C GLU K 454 -17.24 29.95 -3.29
N LEU K 455 -18.15 28.98 -3.28
CA LEU K 455 -18.73 28.40 -4.48
C LEU K 455 -20.23 28.65 -4.56
N TYR K 456 -20.66 29.87 -4.23
CA TYR K 456 -22.07 30.20 -4.29
C TYR K 456 -22.45 31.01 -5.53
N LYS K 457 -21.50 31.73 -6.12
CA LYS K 457 -21.77 32.44 -7.36
C LYS K 457 -21.71 31.52 -8.57
N TYR K 458 -21.12 30.33 -8.43
CA TYR K 458 -20.80 29.49 -9.56
C TYR K 458 -21.86 28.40 -9.74
N LYS K 459 -22.01 27.94 -10.99
CA LYS K 459 -22.93 26.86 -11.32
C LYS K 459 -22.39 26.14 -12.54
N VAL K 460 -22.51 24.81 -12.54
CA VAL K 460 -21.99 23.97 -13.61
C VAL K 460 -23.13 23.55 -14.52
N VAL K 461 -22.95 23.71 -15.83
CA VAL K 461 -23.98 23.46 -16.83
C VAL K 461 -23.41 22.59 -17.95
N GLU K 462 -24.25 21.70 -18.46
CA GLU K 462 -23.90 20.78 -19.55
C GLU K 462 -24.40 21.33 -20.87
N ILE K 463 -23.50 21.55 -21.82
CA ILE K 463 -23.88 22.13 -23.10
C ILE K 463 -24.53 21.05 -23.96
N LYS K 464 -25.70 21.38 -24.53
CA LYS K 464 -26.52 20.43 -25.26
C LYS K 464 -26.81 20.89 -26.67
N PRO K 465 -26.11 20.37 -27.70
CA PRO K 465 -26.48 20.69 -29.08
C PRO K 465 -27.78 20.04 -29.55
N LEU K 466 -28.04 20.15 -30.86
CA LEU K 466 -29.19 19.58 -31.56
C LEU K 466 -30.46 20.30 -31.12
N GLY K 467 -30.47 21.61 -31.27
CA GLY K 467 -31.64 22.43 -30.99
C GLY K 467 -32.63 22.46 -32.13
N ILE K 468 -33.41 21.38 -32.24
CA ILE K 468 -34.31 21.14 -33.37
C ILE K 468 -35.39 22.21 -33.42
N ALA K 469 -35.46 22.95 -34.52
CA ALA K 469 -36.39 24.03 -34.72
C ALA K 469 -36.94 23.93 -36.14
N PRO K 470 -38.11 24.51 -36.42
CA PRO K 470 -38.63 24.46 -37.80
C PRO K 470 -38.19 25.63 -38.67
N THR K 471 -37.95 25.34 -39.95
CA THR K 471 -37.65 26.35 -40.96
C THR K 471 -38.38 26.02 -42.26
N LYS K 472 -38.18 26.87 -43.27
CA LYS K 472 -38.78 26.68 -44.58
C LYS K 472 -38.12 25.57 -45.38
N CYS K 473 -36.79 25.47 -45.32
CA CYS K 473 -36.03 24.62 -46.22
C CYS K 473 -36.27 23.13 -45.93
N ARG K 474 -35.98 22.31 -46.95
CA ARG K 474 -36.13 20.87 -46.87
C ARG K 474 -35.16 20.22 -47.85
N ARG K 475 -35.12 18.89 -47.83
CA ARG K 475 -34.37 18.11 -48.83
C ARG K 475 -35.06 16.78 -49.09
N PHE K 503 -17.36 31.43 -26.16
CA PHE K 503 -18.20 30.36 -25.67
C PHE K 503 -19.46 30.91 -25.01
N LEU K 504 -20.61 30.59 -25.60
CA LEU K 504 -21.95 31.00 -25.13
C LEU K 504 -22.10 32.52 -25.09
N GLY K 505 -21.42 33.24 -25.99
CA GLY K 505 -21.56 34.68 -26.05
C GLY K 505 -22.91 35.14 -26.54
N ALA K 506 -23.59 34.32 -27.33
CA ALA K 506 -24.91 34.66 -27.86
C ALA K 506 -26.02 33.88 -27.15
N ALA K 507 -25.84 33.60 -25.85
CA ALA K 507 -26.81 32.83 -25.09
C ALA K 507 -28.14 33.56 -24.96
N GLY K 508 -28.10 34.83 -24.59
CA GLY K 508 -29.31 35.62 -24.46
C GLY K 508 -29.79 36.27 -25.73
N SER K 509 -29.04 36.14 -26.82
CA SER K 509 -29.44 36.72 -28.09
C SER K 509 -30.58 35.93 -28.70
N THR K 510 -31.44 36.63 -29.44
CA THR K 510 -32.47 35.97 -30.22
C THR K 510 -31.85 35.14 -31.34
N MET K 511 -32.66 34.22 -31.88
CA MET K 511 -32.20 33.33 -32.93
C MET K 511 -31.81 34.09 -34.19
N GLY K 512 -32.60 35.08 -34.57
CA GLY K 512 -32.24 35.92 -35.71
C GLY K 512 -31.00 36.76 -35.42
N ALA K 513 -30.19 36.94 -36.47
CA ALA K 513 -28.94 37.71 -36.47
C ALA K 513 -27.92 37.18 -35.45
N VAL K 520 -23.43 32.63 -34.26
CA VAL K 520 -22.24 31.93 -34.71
C VAL K 520 -22.09 30.60 -33.94
N GLN K 521 -21.86 29.53 -34.69
CA GLN K 521 -21.79 28.17 -34.15
C GLN K 521 -20.44 27.51 -34.37
N THR K 522 -19.91 27.54 -35.60
CA THR K 522 -18.66 26.86 -35.90
C THR K 522 -17.46 27.57 -35.29
N ARG K 523 -17.40 28.89 -35.42
CA ARG K 523 -16.23 29.66 -35.00
C ARG K 523 -16.00 29.62 -33.50
N GLN K 524 -17.07 29.72 -32.71
CA GLN K 524 -16.96 30.02 -31.29
C GLN K 524 -17.33 28.87 -30.37
N LEU K 525 -18.48 28.22 -30.60
CA LEU K 525 -19.03 27.28 -29.64
C LEU K 525 -18.62 25.83 -29.86
N LEU K 526 -18.52 25.41 -31.12
CA LEU K 526 -18.36 23.98 -31.41
C LEU K 526 -16.94 23.50 -31.13
N SER K 527 -15.93 24.34 -31.39
CA SER K 527 -14.53 23.97 -31.15
C SER K 527 -14.22 23.74 -29.68
N GLY K 528 -15.06 24.22 -28.77
CA GLY K 528 -14.96 24.04 -27.34
C GLY K 528 -15.51 22.75 -26.79
N PHE K 529 -15.78 21.76 -27.64
CA PHE K 529 -16.27 20.47 -27.16
C PHE K 529 -15.19 19.43 -26.95
N VAL K 530 -14.00 19.62 -27.51
CA VAL K 530 -12.86 18.79 -27.15
C VAL K 530 -11.75 19.60 -26.50
N GLN K 531 -11.70 20.91 -26.71
CA GLN K 531 -10.76 21.80 -26.03
C GLN K 531 -11.38 22.35 -24.75
N GLY K 553 -5.55 12.92 -12.58
CA GLY K 553 -5.28 11.49 -12.57
C GLY K 553 -6.35 10.69 -13.27
N ILE K 554 -6.81 9.62 -12.61
CA ILE K 554 -7.87 8.78 -13.17
C ILE K 554 -9.18 9.56 -13.25
N LYS K 555 -9.39 10.49 -12.33
CA LYS K 555 -10.58 11.34 -12.32
C LYS K 555 -10.64 12.21 -13.58
N GLN K 556 -9.56 12.94 -13.85
CA GLN K 556 -9.47 13.85 -14.98
C GLN K 556 -9.23 13.12 -16.30
N LEU K 557 -8.94 11.82 -16.24
CA LEU K 557 -8.93 10.99 -17.43
C LEU K 557 -10.31 10.45 -17.76
N GLN K 558 -11.07 10.09 -16.72
CA GLN K 558 -12.45 9.68 -16.90
C GLN K 558 -13.29 10.80 -17.49
N THR K 559 -13.10 12.04 -16.98
CA THR K 559 -13.89 13.15 -17.52
C THR K 559 -13.52 13.50 -18.96
N ARG K 560 -12.32 13.13 -19.42
CA ARG K 560 -11.93 13.42 -20.79
C ARG K 560 -12.38 12.32 -21.73
N VAL K 561 -12.33 11.07 -21.28
CA VAL K 561 -12.92 9.97 -22.04
C VAL K 561 -14.43 10.19 -22.19
N LEU K 562 -15.09 10.68 -21.13
CA LEU K 562 -16.51 11.00 -21.19
C LEU K 562 -16.78 12.15 -22.17
N ALA K 563 -15.88 13.14 -22.23
CA ALA K 563 -16.01 14.19 -23.24
C ALA K 563 -15.91 13.63 -24.65
N ILE K 564 -15.00 12.66 -24.86
CA ILE K 564 -14.87 12.02 -26.16
C ILE K 564 -16.13 11.22 -26.50
N GLU K 565 -16.70 10.51 -25.52
CA GLU K 565 -17.94 9.78 -25.75
C GLU K 565 -19.10 10.70 -26.12
N ARG K 566 -19.22 11.84 -25.44
CA ARG K 566 -20.32 12.74 -25.79
C ARG K 566 -20.11 13.40 -27.16
N TYR K 567 -18.86 13.67 -27.54
CA TYR K 567 -18.61 14.19 -28.88
C TYR K 567 -18.90 13.15 -29.95
N LEU K 568 -18.62 11.88 -29.67
CA LEU K 568 -18.95 10.84 -30.64
C LEU K 568 -20.43 10.53 -30.64
N GLU K 569 -21.11 10.64 -29.50
CA GLU K 569 -22.54 10.37 -29.42
C GLU K 569 -23.38 11.53 -29.95
N VAL K 570 -22.76 12.66 -30.28
CA VAL K 570 -23.45 13.72 -30.99
C VAL K 570 -23.09 13.73 -32.48
N GLN K 571 -21.81 13.52 -32.78
CA GLN K 571 -21.36 13.45 -34.17
C GLN K 571 -21.95 12.24 -34.90
N GLN K 572 -22.08 11.10 -34.22
CA GLN K 572 -22.73 9.94 -34.83
C GLN K 572 -24.20 10.21 -35.12
N PHE K 573 -24.89 10.89 -34.19
CA PHE K 573 -26.29 11.25 -34.40
C PHE K 573 -26.44 12.15 -35.63
N LEU K 574 -25.55 13.13 -35.76
CA LEU K 574 -25.58 14.01 -36.93
C LEU K 574 -25.26 13.25 -38.21
N GLY K 575 -24.29 12.34 -38.16
CA GLY K 575 -23.96 11.54 -39.34
C GLY K 575 -25.09 10.62 -39.75
N LEU K 576 -25.82 10.08 -38.78
CA LEU K 576 -27.00 9.27 -39.06
C LEU K 576 -28.20 10.11 -39.46
N TRP K 577 -28.15 11.43 -39.28
CA TRP K 577 -29.21 12.30 -39.79
C TRP K 577 -28.75 13.04 -41.04
N GLY K 578 -27.75 12.52 -41.74
CA GLY K 578 -27.23 13.12 -42.96
C GLY K 578 -26.60 14.48 -42.78
N CYS K 579 -25.77 14.65 -41.76
CA CYS K 579 -25.21 15.95 -41.41
C CYS K 579 -23.75 15.80 -41.01
N SER K 580 -23.00 15.02 -41.81
CA SER K 580 -21.64 14.65 -41.46
C SER K 580 -20.70 15.85 -41.40
N GLY K 581 -20.77 16.75 -42.38
CA GLY K 581 -19.80 17.82 -42.45
C GLY K 581 -20.39 19.20 -42.28
N LYS K 582 -21.70 19.28 -42.12
CA LYS K 582 -22.41 20.55 -42.05
C LYS K 582 -23.04 20.70 -40.67
N ALA K 583 -23.18 21.94 -40.23
CA ALA K 583 -23.75 22.24 -38.92
C ALA K 583 -25.25 22.49 -38.96
N ILE K 584 -25.78 23.01 -40.07
CA ILE K 584 -27.21 23.27 -40.21
C ILE K 584 -27.75 22.36 -41.30
N CYS K 585 -28.81 21.62 -40.97
CA CYS K 585 -29.41 20.66 -41.88
C CYS K 585 -30.89 20.89 -42.01
N CYS K 586 -31.37 20.98 -43.25
CA CYS K 586 -32.78 20.81 -43.54
C CYS K 586 -33.03 19.32 -43.74
N THR K 587 -34.13 18.82 -43.17
CA THR K 587 -34.39 17.39 -43.16
C THR K 587 -35.75 17.08 -43.78
N ALA K 588 -35.94 15.80 -44.09
CA ALA K 588 -37.11 15.33 -44.81
C ALA K 588 -38.28 15.00 -43.90
N VAL K 589 -38.20 15.35 -42.62
CA VAL K 589 -39.26 15.10 -41.65
C VAL K 589 -40.11 16.38 -41.57
N PRO K 590 -41.38 16.35 -41.90
CA PRO K 590 -42.21 17.54 -41.74
C PRO K 590 -42.48 17.84 -40.28
N TRP K 591 -42.81 19.10 -40.01
CA TRP K 591 -43.08 19.57 -38.65
C TRP K 591 -44.55 19.34 -38.33
N ASN K 592 -44.82 18.38 -37.44
CA ASN K 592 -46.16 18.08 -36.99
C ASN K 592 -46.82 19.28 -36.33
N THR K 593 -48.15 19.30 -36.35
CA THR K 593 -48.91 20.32 -35.62
C THR K 593 -48.92 20.07 -34.12
N THR K 594 -48.62 18.85 -33.68
CA THR K 594 -48.68 18.51 -32.27
C THR K 594 -47.40 18.83 -31.51
N TRP K 595 -46.33 19.22 -32.21
CA TRP K 595 -45.07 19.57 -31.53
C TRP K 595 -45.00 21.05 -31.20
N SER K 596 -46.02 21.56 -30.49
CA SER K 596 -46.17 22.97 -30.10
C SER K 596 -45.98 23.92 -31.28
N ASN K 597 -46.91 23.81 -32.24
CA ASN K 597 -46.81 24.52 -33.51
C ASN K 597 -46.86 26.04 -33.31
N LYS K 598 -45.77 26.70 -33.69
CA LYS K 598 -45.66 28.15 -33.60
C LYS K 598 -45.14 28.72 -34.92
N SER K 599 -45.57 29.94 -35.23
CA SER K 599 -45.21 30.59 -36.48
C SER K 599 -43.73 30.98 -36.49
N GLU K 600 -43.22 31.24 -37.70
CA GLU K 600 -41.82 31.65 -37.87
C GLU K 600 -41.52 32.98 -37.18
N GLN K 601 -42.49 33.90 -37.20
CA GLN K 601 -42.35 35.20 -36.55
C GLN K 601 -42.19 35.05 -35.04
N GLU K 602 -42.98 34.15 -34.44
CA GLU K 602 -42.94 33.95 -33.00
C GLU K 602 -41.63 33.31 -32.57
N ILE K 603 -41.06 32.46 -33.41
CA ILE K 603 -39.93 31.62 -33.01
C ILE K 603 -38.61 32.33 -33.26
N TRP K 604 -38.40 32.82 -34.48
CA TRP K 604 -37.11 33.40 -34.88
C TRP K 604 -36.99 34.88 -34.55
N ASN K 605 -37.99 35.45 -33.87
CA ASN K 605 -37.94 36.81 -33.34
C ASN K 605 -38.46 36.78 -31.92
N ASN K 606 -37.92 37.70 -31.11
CA ASN K 606 -38.26 37.95 -29.68
C ASN K 606 -38.37 36.68 -28.83
N MET K 607 -37.50 35.71 -29.11
CA MET K 607 -37.47 34.45 -28.38
C MET K 607 -36.06 33.87 -28.44
N THR K 608 -35.49 33.60 -27.28
CA THR K 608 -34.13 33.08 -27.19
C THR K 608 -34.14 31.56 -27.30
N TRP K 609 -32.94 31.01 -27.56
CA TRP K 609 -32.75 29.57 -27.71
C TRP K 609 -33.14 28.78 -26.47
N MET K 610 -32.96 29.37 -25.28
CA MET K 610 -33.23 28.66 -24.03
C MET K 610 -34.72 28.37 -23.85
N GLN K 611 -35.56 29.37 -24.08
CA GLN K 611 -37.01 29.18 -23.97
C GLN K 611 -37.52 28.18 -24.99
N TRP K 612 -36.94 28.19 -26.20
CA TRP K 612 -37.28 27.19 -27.21
C TRP K 612 -36.87 25.79 -26.76
N ASP K 613 -35.70 25.66 -26.13
CA ASP K 613 -35.28 24.37 -25.57
C ASP K 613 -36.26 23.89 -24.51
N ARG K 614 -36.73 24.80 -23.65
CA ARG K 614 -37.74 24.44 -22.67
C ARG K 614 -39.08 24.10 -23.32
N GLU K 615 -39.36 24.66 -24.50
CA GLU K 615 -40.65 24.45 -25.16
C GLU K 615 -40.82 23.02 -25.64
N VAL K 616 -39.80 22.49 -26.34
CA VAL K 616 -39.93 21.20 -27.01
C VAL K 616 -39.01 20.15 -26.38
N GLY K 617 -38.79 20.27 -25.07
CA GLY K 617 -38.07 19.23 -24.36
C GLY K 617 -38.84 17.93 -24.22
N ASN K 618 -40.17 17.99 -24.36
CA ASN K 618 -40.99 16.79 -24.23
C ASN K 618 -40.85 15.84 -25.42
N TYR K 619 -40.43 16.35 -26.58
CA TYR K 619 -40.41 15.58 -27.81
C TYR K 619 -39.02 15.05 -28.14
N THR K 620 -38.14 14.92 -27.15
CA THR K 620 -36.90 14.18 -27.34
C THR K 620 -37.22 12.71 -27.54
N ASP K 621 -36.45 12.06 -28.42
CA ASP K 621 -36.62 10.65 -28.84
C ASP K 621 -37.98 10.46 -29.51
N THR K 622 -38.51 11.52 -30.11
CA THR K 622 -39.70 11.46 -30.96
C THR K 622 -39.40 11.87 -32.40
N ILE K 623 -38.78 13.02 -32.58
CA ILE K 623 -38.31 13.44 -33.90
C ILE K 623 -37.08 12.62 -34.32
N TYR K 624 -36.34 12.10 -33.34
CA TYR K 624 -35.08 11.39 -33.60
C TYR K 624 -35.31 10.12 -34.42
N LYS K 625 -36.32 9.32 -34.03
CA LYS K 625 -36.65 8.08 -34.73
C LYS K 625 -37.06 8.36 -36.17
N LEU K 626 -37.86 9.42 -36.36
CA LEU K 626 -38.25 9.84 -37.70
C LEU K 626 -37.04 10.24 -38.53
N LEU K 627 -36.07 10.93 -37.91
CA LEU K 627 -34.85 11.33 -38.62
C LEU K 627 -34.03 10.11 -39.05
N PHE K 628 -33.87 9.14 -38.15
CA PHE K 628 -33.16 7.90 -38.48
C PHE K 628 -33.83 7.18 -39.64
N VAL K 629 -35.14 6.97 -39.55
CA VAL K 629 -35.84 6.21 -40.58
C VAL K 629 -35.91 6.99 -41.89
N ALA K 630 -35.96 8.33 -41.84
CA ALA K 630 -35.97 9.13 -43.05
C ALA K 630 -34.64 9.09 -43.78
N GLN K 631 -33.53 9.19 -43.03
CA GLN K 631 -32.20 9.04 -43.64
C GLN K 631 -32.01 7.65 -44.23
N PHE K 632 -32.47 6.62 -43.52
CA PHE K 632 -32.34 5.26 -44.05
C PHE K 632 -33.20 5.05 -45.29
N GLN K 633 -34.40 5.64 -45.31
CA GLN K 633 -35.26 5.57 -46.49
C GLN K 633 -34.62 6.28 -47.68
N GLN K 634 -34.03 7.46 -47.45
CA GLN K 634 -33.35 8.20 -48.51
C GLN K 634 -32.18 7.41 -49.07
N GLU K 635 -31.37 6.81 -48.19
CA GLU K 635 -30.21 6.05 -48.65
C GLU K 635 -30.62 4.78 -49.39
N ILE K 636 -31.64 4.08 -48.89
CA ILE K 636 -32.10 2.86 -49.54
C ILE K 636 -32.82 3.17 -50.85
N ASN K 637 -33.40 4.37 -50.99
CA ASN K 637 -33.89 4.81 -52.29
C ASN K 637 -32.75 5.11 -53.24
N GLU K 638 -31.68 5.71 -52.73
CA GLU K 638 -30.51 6.03 -53.56
C GLU K 638 -29.85 4.77 -54.09
N VAL K 639 -29.68 3.76 -53.23
CA VAL K 639 -29.03 2.51 -53.66
C VAL K 639 -29.90 1.74 -54.65
N ASP K 640 -31.22 1.86 -54.56
CA ASP K 640 -32.12 1.15 -55.45
C ASP K 640 -32.41 1.96 -56.71
N VAL L 2 10.81 55.77 44.06
CA VAL L 2 9.42 56.03 44.43
C VAL L 2 9.37 56.26 45.94
N GLN L 3 8.59 57.27 46.37
CA GLN L 3 8.40 57.56 47.77
C GLN L 3 6.91 57.60 48.08
N LEU L 4 6.55 57.13 49.27
CA LEU L 4 5.19 57.21 49.78
C LEU L 4 5.19 57.99 51.09
N ARG L 5 4.34 59.02 51.16
CA ARG L 5 4.27 59.89 52.33
C ARG L 5 2.83 59.98 52.81
N GLU L 6 2.62 59.68 54.09
CA GLU L 6 1.30 59.60 54.67
C GLU L 6 0.99 60.83 55.51
N SER L 7 -0.31 60.99 55.79
CA SER L 7 -0.80 62.14 56.56
C SER L 7 -2.10 61.73 57.24
N GLY L 8 -2.14 61.89 58.57
CA GLY L 8 -3.33 61.61 59.32
C GLY L 8 -3.33 62.27 60.69
N PRO L 9 -4.45 62.16 61.41
CA PRO L 9 -4.52 62.75 62.77
C PRO L 9 -3.50 62.17 63.75
N GLY L 10 -3.26 60.86 63.71
CA GLY L 10 -2.36 60.24 64.65
C GLY L 10 -3.02 59.89 65.96
N LEU L 11 -3.53 60.89 66.67
CA LEU L 11 -4.21 60.72 67.94
C LEU L 11 -5.67 60.39 67.66
N VAL L 12 -5.97 59.10 67.61
CA VAL L 12 -7.32 58.60 67.33
C VAL L 12 -7.82 57.86 68.56
N LYS L 13 -9.02 58.22 69.01
CA LYS L 13 -9.62 57.66 70.21
C LYS L 13 -10.53 56.50 69.83
N PRO L 14 -11.00 55.69 70.80
CA PRO L 14 -11.92 54.60 70.46
C PRO L 14 -13.25 55.11 69.91
N SER L 15 -13.88 54.26 69.07
CA SER L 15 -15.16 54.52 68.42
C SER L 15 -15.10 55.77 67.54
N GLU L 16 -14.04 55.84 66.73
CA GLU L 16 -13.85 56.93 65.78
C GLU L 16 -13.30 56.35 64.48
N THR L 17 -13.53 57.06 63.39
CA THR L 17 -13.13 56.62 62.05
C THR L 17 -11.75 57.16 61.74
N LEU L 18 -10.76 56.28 61.70
CA LEU L 18 -9.42 56.66 61.29
C LEU L 18 -9.40 57.04 59.81
N SER L 19 -8.51 57.96 59.46
CA SER L 19 -8.33 58.38 58.07
C SER L 19 -6.84 58.63 57.83
N LEU L 20 -6.29 57.99 56.81
CA LEU L 20 -4.86 58.08 56.50
C LEU L 20 -4.72 58.10 54.97
N SER L 21 -4.44 59.27 54.43
CA SER L 21 -4.17 59.39 52.99
C SER L 21 -2.70 59.12 52.72
N CYS L 22 -2.41 58.75 51.47
CA CYS L 22 -1.05 58.38 51.07
C CYS L 22 -0.76 58.98 49.71
N THR L 23 0.11 59.99 49.68
CA THR L 23 0.63 60.54 48.44
C THR L 23 1.73 59.64 47.89
N VAL L 24 1.75 59.49 46.56
CA VAL L 24 2.77 58.72 45.87
C VAL L 24 3.54 59.66 44.95
N SER L 25 4.86 59.65 45.06
CA SER L 25 5.73 60.60 44.37
C SER L 25 6.81 59.84 43.61
N ASN L 26 7.13 60.36 42.41
CA ASN L 26 8.24 59.89 41.56
C ASN L 26 7.97 58.49 41.01
N ASP L 27 6.72 58.23 40.65
CA ASP L 27 6.29 56.94 40.12
C ASP L 27 5.76 57.15 38.72
N SER L 28 6.42 56.53 37.74
CA SER L 28 6.10 56.79 36.34
C SER L 28 4.79 56.15 35.92
N ARG L 29 4.53 54.92 36.36
CA ARG L 29 3.35 54.16 35.96
C ARG L 29 2.63 53.60 37.17
N PRO L 30 1.83 54.42 37.88
CA PRO L 30 1.05 53.89 39.02
C PRO L 30 0.00 52.86 38.64
N SER L 31 -0.42 52.81 37.38
CA SER L 31 -1.47 51.88 36.96
C SER L 31 -1.04 50.42 37.07
N ASP L 32 0.25 50.13 36.87
CA ASP L 32 0.75 48.77 36.86
C ASP L 32 1.27 48.29 38.21
N HIS L 33 0.74 48.82 39.32
CA HIS L 33 1.10 48.32 40.65
C HIS L 33 -0.13 48.33 41.54
N SER L 34 -0.36 47.23 42.23
CA SER L 34 -1.41 47.17 43.25
C SER L 34 -0.96 47.91 44.50
N TRP L 35 -1.86 48.72 45.05
CA TRP L 35 -1.56 49.56 46.20
C TRP L 35 -2.26 49.01 47.42
N THR L 36 -1.52 48.77 48.49
CA THR L 36 -2.05 48.04 49.64
C THR L 36 -1.63 48.69 50.94
N TRP L 37 -2.41 48.41 51.99
CA TRP L 37 -2.12 48.81 53.36
C TRP L 37 -1.86 47.57 54.22
N VAL L 38 -0.84 47.67 55.06
CA VAL L 38 -0.55 46.68 56.09
C VAL L 38 -0.29 47.42 57.39
N ARG L 39 -0.24 46.67 58.48
CA ARG L 39 -0.10 47.25 59.81
C ARG L 39 0.80 46.34 60.63
N GLN L 40 1.50 46.92 61.60
CA GLN L 40 2.25 46.14 62.58
C GLN L 40 2.10 46.78 63.95
N SER L 41 1.44 46.09 64.87
CA SER L 41 1.37 46.53 66.25
C SER L 41 2.64 46.06 66.98
N PRO L 42 2.98 46.66 68.13
CA PRO L 42 4.20 46.24 68.84
C PRO L 42 4.12 44.79 69.32
N GLY L 43 5.10 43.99 68.88
CA GLY L 43 5.22 42.60 69.27
C GLY L 43 4.38 41.63 68.48
N LYS L 44 3.72 42.07 67.42
CA LYS L 44 2.87 41.23 66.59
C LYS L 44 3.37 41.26 65.15
N ALA L 45 3.03 40.21 64.41
CA ALA L 45 3.39 40.13 63.00
C ALA L 45 2.53 41.09 62.17
N LEU L 46 2.96 41.28 60.92
CA LEU L 46 2.27 42.19 59.99
C LEU L 46 0.89 41.65 59.62
N GLU L 47 -0.12 42.51 59.65
CA GLU L 47 -1.47 42.17 59.24
C GLU L 47 -1.87 42.96 58.00
N TRP L 48 -2.34 42.24 56.97
CA TRP L 48 -2.73 42.84 55.70
C TRP L 48 -4.12 43.46 55.82
N ILE L 49 -4.24 44.76 55.54
CA ILE L 49 -5.56 45.37 55.47
C ILE L 49 -6.25 45.04 54.15
N GLY L 50 -5.69 45.49 53.04
CA GLY L 50 -6.33 45.28 51.76
C GLY L 50 -5.71 46.14 50.69
N ASP L 51 -6.03 45.79 49.44
CA ASP L 51 -5.38 46.37 48.28
C ASP L 51 -6.41 46.86 47.28
N ILE L 52 -5.97 47.80 46.43
CA ILE L 52 -6.78 48.33 45.35
C ILE L 52 -5.88 48.48 44.13
N HIS L 53 -6.49 48.64 42.96
CA HIS L 53 -5.79 48.77 41.70
C HIS L 53 -6.37 49.96 40.94
N TYR L 54 -5.65 50.41 39.92
CA TYR L 54 -6.11 51.53 39.11
C TYR L 54 -7.19 51.13 38.12
N ASN L 55 -7.42 49.83 37.91
CA ASN L 55 -8.57 49.38 37.14
C ASN L 55 -9.84 49.60 37.96
N GLY L 56 -9.76 49.47 39.28
CA GLY L 56 -10.92 49.54 40.15
C GLY L 56 -11.17 48.30 40.97
N ALA L 57 -10.51 47.18 40.66
CA ALA L 57 -10.63 45.96 41.47
C ALA L 57 -10.09 46.18 42.88
N THR L 58 -10.87 45.76 43.87
CA THR L 58 -10.51 45.92 45.27
C THR L 58 -10.78 44.62 45.99
N THR L 59 -9.93 44.29 46.97
CA THR L 59 -10.02 43.07 47.77
C THR L 59 -9.49 43.37 49.16
N TYR L 60 -10.29 43.07 50.18
CA TYR L 60 -9.95 43.30 51.57
C TYR L 60 -9.74 41.98 52.29
N ASN L 61 -9.15 42.07 53.49
CA ASN L 61 -8.95 40.91 54.32
C ASN L 61 -10.31 40.39 54.82
N PRO L 62 -10.51 39.07 54.86
CA PRO L 62 -11.86 38.53 55.16
C PRO L 62 -12.39 38.88 56.55
N SER L 63 -11.53 39.07 57.54
CA SER L 63 -11.98 39.38 58.90
C SER L 63 -11.51 40.76 59.33
N LEU L 64 -11.41 41.68 58.39
CA LEU L 64 -11.24 43.09 58.68
C LEU L 64 -12.11 43.99 57.80
N ARG L 65 -12.70 43.46 56.72
CA ARG L 65 -13.36 44.23 55.67
C ARG L 65 -14.51 45.10 56.18
N SER L 66 -15.25 44.62 57.19
CA SER L 66 -16.39 45.34 57.73
C SER L 66 -16.02 46.70 58.29
N ARG L 67 -14.79 46.85 58.79
CA ARG L 67 -14.30 48.13 59.30
C ARG L 67 -13.71 49.02 58.21
N VAL L 68 -12.94 48.45 57.29
CA VAL L 68 -12.05 49.25 56.44
C VAL L 68 -12.66 49.40 55.05
N ARG L 69 -12.40 50.56 54.44
CA ARG L 69 -12.60 50.82 53.01
C ARG L 69 -11.44 51.65 52.49
N ILE L 70 -11.27 51.62 51.17
CA ILE L 70 -10.08 52.14 50.52
C ILE L 70 -10.52 53.16 49.46
N GLU L 71 -9.75 54.24 49.30
CA GLU L 71 -10.10 55.36 48.45
C GLU L 71 -9.42 55.17 47.08
N LEU L 72 -9.67 56.10 46.16
CA LEU L 72 -9.29 55.95 44.75
C LEU L 72 -8.31 57.06 44.34
N ASP L 73 -8.01 57.11 43.04
CA ASP L 73 -7.06 58.08 42.50
C ASP L 73 -7.65 59.48 42.55
N GLN L 74 -6.78 60.46 42.84
CA GLN L 74 -7.15 61.87 42.98
C GLN L 74 -6.15 62.76 42.23
N SER L 75 -5.90 62.42 40.96
CA SER L 75 -5.04 63.12 40.00
C SER L 75 -3.57 62.95 40.38
N ILE L 76 -3.14 63.68 41.42
CA ILE L 76 -1.90 63.34 42.14
C ILE L 76 -2.14 61.93 42.69
N PRO L 77 -1.26 60.95 42.41
CA PRO L 77 -1.56 59.55 42.79
C PRO L 77 -1.71 59.33 44.28
N ARG L 78 -2.96 59.09 44.68
CA ARG L 78 -3.37 59.10 46.06
C ARG L 78 -4.24 57.87 46.31
N PHE L 79 -4.21 57.39 47.55
CA PHE L 79 -5.07 56.31 48.02
C PHE L 79 -5.05 56.33 49.55
N SER L 80 -6.21 56.02 50.14
CA SER L 80 -6.43 56.29 51.54
C SER L 80 -7.09 55.09 52.20
N LEU L 81 -7.38 55.22 53.49
CA LEU L 81 -7.87 54.11 54.29
C LEU L 81 -8.79 54.67 55.37
N LYS L 82 -10.08 54.38 55.25
CA LYS L 82 -11.09 54.80 56.22
C LYS L 82 -11.45 53.59 57.07
N MET L 83 -11.08 53.64 58.36
CA MET L 83 -11.29 52.53 59.29
C MET L 83 -12.31 52.95 60.33
N THR L 84 -13.59 52.67 60.05
CA THR L 84 -14.67 52.95 60.98
C THR L 84 -14.56 52.05 62.20
N SER L 85 -15.01 52.58 63.35
CA SER L 85 -15.18 51.82 64.61
C SER L 85 -13.86 51.21 65.09
N MET L 86 -12.77 51.96 64.96
CA MET L 86 -11.49 51.50 65.47
C MET L 86 -11.46 51.63 66.99
N THR L 87 -10.86 50.63 67.64
CA THR L 87 -10.72 50.57 69.08
C THR L 87 -9.26 50.76 69.48
N ALA L 88 -9.04 51.27 70.69
CA ALA L 88 -7.70 51.40 71.23
C ALA L 88 -7.08 50.07 71.64
N ALA L 89 -7.86 48.98 71.64
CA ALA L 89 -7.29 47.65 71.84
C ALA L 89 -6.54 47.14 70.62
N ASP L 90 -6.80 47.73 69.44
CA ASP L 90 -6.14 47.33 68.20
C ASP L 90 -5.51 48.55 67.53
N THR L 91 -4.30 48.91 67.94
CA THR L 91 -3.51 49.99 67.38
C THR L 91 -2.35 49.40 66.60
N GLY L 92 -1.48 50.27 66.11
CA GLY L 92 -0.25 49.80 65.50
C GLY L 92 0.38 50.86 64.61
N MET L 93 1.35 50.39 63.82
CA MET L 93 2.17 51.22 62.96
C MET L 93 1.77 50.90 61.52
N TYR L 94 1.18 51.89 60.84
CA TYR L 94 0.56 51.66 59.53
C TYR L 94 1.53 52.01 58.41
N TYR L 95 1.59 51.15 57.41
CA TYR L 95 2.50 51.29 56.28
C TYR L 95 1.70 51.31 54.97
N CYS L 96 2.04 52.24 54.09
CA CYS L 96 1.68 52.11 52.70
C CYS L 96 2.66 51.15 52.03
N ALA L 97 2.22 50.52 50.95
CA ALA L 97 3.09 49.59 50.24
C ALA L 97 2.65 49.48 48.79
N ARG L 98 3.63 49.19 47.94
CA ARG L 98 3.45 49.14 46.49
C ARG L 98 3.70 47.69 46.07
N ASN L 99 2.63 46.90 46.05
CA ASN L 99 2.72 45.56 45.46
C ASN L 99 2.88 45.74 43.95
N ALA L 100 4.12 45.69 43.47
CA ALA L 100 4.39 45.88 42.07
C ALA L 100 3.86 44.71 41.25
N ILE L 101 3.74 44.93 39.94
CA ILE L 101 3.24 43.92 39.03
C ILE L 101 4.21 43.84 37.85
N ARG L 102 4.81 42.67 37.65
CA ARG L 102 5.51 42.39 36.42
C ARG L 102 4.52 41.72 35.46
N ILE L 103 4.29 42.35 34.32
CA ILE L 103 3.43 41.81 33.28
C ILE L 103 4.31 41.12 32.25
N TYR L 104 3.97 39.88 31.93
CA TYR L 104 4.70 39.11 30.93
C TYR L 104 3.90 38.78 29.68
N GLY L 105 2.58 38.97 29.71
CA GLY L 105 1.76 38.68 28.55
C GLY L 105 0.54 39.59 28.50
N VAL L 106 -0.51 39.18 27.81
CA VAL L 106 -1.72 40.00 27.69
C VAL L 106 -2.37 40.07 29.07
N VAL L 107 -2.41 41.28 29.64
CA VAL L 107 -2.89 41.50 31.01
C VAL L 107 -4.37 41.17 31.16
N ALA L 108 -5.14 41.19 30.06
CA ALA L 108 -6.55 40.81 30.11
C ALA L 108 -6.73 39.34 30.48
N LEU L 109 -5.84 38.47 29.98
CA LEU L 109 -5.91 37.04 30.24
C LEU L 109 -5.28 36.63 31.57
N GLY L 110 -5.05 37.56 32.49
CA GLY L 110 -4.46 37.22 33.76
C GLY L 110 -2.99 36.89 33.70
N GLU L 111 -2.29 37.36 32.67
CA GLU L 111 -0.87 37.06 32.48
C GLU L 111 -0.02 38.11 33.18
N TRP L 112 0.00 38.03 34.51
CA TRP L 112 0.80 38.92 35.33
C TRP L 112 1.02 38.26 36.68
N PHE L 113 2.05 38.74 37.38
CA PHE L 113 2.39 38.22 38.70
C PHE L 113 3.00 39.34 39.53
N HIS L 114 2.68 39.35 40.82
CA HIS L 114 3.18 40.38 41.70
C HIS L 114 4.68 40.24 41.92
N TYR L 115 5.40 41.35 41.82
CA TYR L 115 6.79 41.40 42.24
C TYR L 115 6.95 41.49 43.76
N GLY L 116 5.86 41.68 44.49
CA GLY L 116 5.91 41.89 45.92
C GLY L 116 5.87 43.36 46.29
N MET L 117 5.92 43.60 47.60
CA MET L 117 5.87 44.95 48.15
C MET L 117 7.24 45.60 47.94
N ASP L 118 7.40 46.16 46.74
CA ASP L 118 8.70 46.66 46.28
C ASP L 118 9.18 47.85 47.11
N VAL L 119 8.32 48.82 47.35
CA VAL L 119 8.70 50.04 48.05
C VAL L 119 7.74 50.25 49.22
N TRP L 120 8.26 50.85 50.29
CA TRP L 120 7.51 51.03 51.52
C TRP L 120 7.56 52.48 51.98
N GLY L 121 6.45 52.96 52.52
CA GLY L 121 6.40 54.31 53.04
C GLY L 121 7.14 54.43 54.37
N GLN L 122 7.31 55.68 54.79
CA GLN L 122 7.99 55.96 56.06
C GLN L 122 7.18 55.47 57.26
N GLY L 123 5.86 55.39 57.13
CA GLY L 123 5.01 54.86 58.17
C GLY L 123 4.67 55.84 59.27
N THR L 124 3.44 55.75 59.80
CA THR L 124 2.97 56.63 60.87
C THR L 124 2.30 55.77 61.94
N ALA L 125 2.63 56.04 63.20
CA ALA L 125 2.00 55.35 64.32
C ALA L 125 0.68 56.02 64.66
N VAL L 126 -0.39 55.22 64.75
CA VAL L 126 -1.73 55.72 65.07
C VAL L 126 -2.29 54.92 66.24
N THR L 127 -3.16 55.57 67.00
CA THR L 127 -3.75 54.95 68.18
C THR L 127 -5.24 54.67 67.95
N GLU M 3 -4.01 29.69 56.94
CA GLU M 3 -3.21 30.48 57.86
C GLU M 3 -1.75 30.02 57.83
N LEU M 4 -0.85 30.99 57.68
CA LEU M 4 0.57 30.69 57.66
C LEU M 4 1.10 30.55 59.09
N THR M 5 2.24 29.87 59.22
CA THR M 5 2.89 29.70 60.50
C THR M 5 4.37 29.37 60.30
N GLN M 6 5.20 29.90 61.18
CA GLN M 6 6.65 29.71 61.15
C GLN M 6 7.13 29.69 62.59
N PRO M 7 8.32 29.14 62.85
CA PRO M 7 8.81 29.09 64.24
C PRO M 7 9.05 30.48 64.80
N PRO M 8 8.91 30.64 66.13
CA PRO M 8 9.16 31.96 66.74
C PRO M 8 10.56 32.53 66.52
N SER M 9 11.60 31.70 66.51
CA SER M 9 12.95 32.21 66.39
C SER M 9 13.87 31.12 65.88
N VAL M 10 14.99 31.54 65.30
CA VAL M 10 16.08 30.67 64.85
C VAL M 10 17.38 31.34 65.25
N SER M 11 18.33 30.55 65.77
CA SER M 11 19.61 31.06 66.25
C SER M 11 20.73 30.38 65.47
N VAL M 12 21.70 31.17 65.04
CA VAL M 12 22.89 30.64 64.37
C VAL M 12 24.06 31.60 64.60
N SER M 13 25.25 31.02 64.68
CA SER M 13 26.47 31.78 64.93
C SER M 13 26.87 32.56 63.68
N PRO M 14 27.71 33.60 63.81
CA PRO M 14 28.21 34.30 62.62
C PRO M 14 28.99 33.39 61.67
N GLY M 15 28.69 33.51 60.37
CA GLY M 15 29.44 32.85 59.32
C GLY M 15 28.85 31.56 58.81
N GLN M 16 27.87 30.99 59.51
CA GLN M 16 27.16 29.80 59.04
C GLN M 16 25.76 30.23 58.59
N THR M 17 24.91 29.23 58.30
CA THR M 17 23.69 29.44 57.55
C THR M 17 22.50 29.00 58.40
N ALA M 18 21.42 29.78 58.35
CA ALA M 18 20.19 29.50 59.07
C ALA M 18 19.08 29.19 58.08
N ARG M 19 18.21 28.24 58.44
CA ARG M 19 17.11 27.79 57.60
C ARG M 19 15.80 28.16 58.28
N ILE M 20 15.29 29.35 57.98
CA ILE M 20 13.97 29.76 58.44
C ILE M 20 12.92 29.10 57.55
N THR M 21 12.01 28.36 58.15
CA THR M 21 11.00 27.60 57.42
C THR M 21 9.63 28.22 57.61
N CYS M 22 8.83 28.18 56.55
CA CYS M 22 7.46 28.69 56.58
C CYS M 22 6.55 27.72 55.85
N SER M 23 5.47 27.32 56.51
CA SER M 23 4.60 26.27 56.00
C SER M 23 3.14 26.71 56.08
N GLY M 24 2.33 26.15 55.19
CA GLY M 24 0.91 26.50 55.14
C GLY M 24 0.23 25.74 54.05
N ALA M 25 -1.08 25.95 53.95
CA ALA M 25 -1.92 25.29 52.96
C ALA M 25 -1.79 25.84 51.53
N PRO M 26 -1.90 27.16 51.23
CA PRO M 26 -1.92 27.58 49.82
C PRO M 26 -0.58 27.47 49.11
N LEU M 27 0.51 27.16 49.81
CA LEU M 27 1.87 27.29 49.27
C LEU M 27 2.21 26.25 48.22
N THR M 28 1.37 25.22 48.03
CA THR M 28 1.64 24.24 46.99
C THR M 28 1.29 24.73 45.60
N SER M 29 0.61 25.88 45.50
CA SER M 29 0.18 26.42 44.21
C SER M 29 0.62 27.85 43.95
N ARG M 30 1.01 28.61 44.97
CA ARG M 30 1.34 30.02 44.81
C ARG M 30 2.76 30.31 45.31
N PHE M 31 3.34 31.37 44.77
CA PHE M 31 4.67 31.81 45.15
C PHE M 31 4.66 32.31 46.60
N THR M 32 5.81 32.17 47.26
CA THR M 32 6.01 32.62 48.64
C THR M 32 7.03 33.76 48.66
N TYR M 33 6.56 34.99 48.82
CA TYR M 33 7.43 36.13 48.97
C TYR M 33 7.96 36.21 50.39
N TRP M 34 9.09 36.90 50.56
CA TRP M 34 9.68 37.12 51.88
C TRP M 34 10.11 38.56 52.04
N TYR M 35 9.95 39.07 53.27
CA TYR M 35 10.32 40.43 53.62
C TYR M 35 11.15 40.43 54.90
N ARG M 36 12.00 41.44 55.05
CA ARG M 36 12.85 41.59 56.22
C ARG M 36 12.50 42.90 56.90
N GLN M 37 12.31 42.84 58.22
CA GLN M 37 11.94 44.02 59.00
C GLN M 37 12.90 44.20 60.15
N LYS M 38 13.45 45.40 60.28
CA LYS M 38 14.22 45.80 61.45
C LYS M 38 13.28 46.35 62.51
N PRO M 39 13.72 46.45 63.78
CA PRO M 39 12.91 47.17 64.78
C PRO M 39 12.82 48.65 64.45
N GLY M 40 11.62 49.12 64.23
CA GLY M 40 11.36 50.53 63.92
C GLY M 40 11.36 50.86 62.45
N GLN M 41 12.37 50.39 61.72
CA GLN M 41 12.49 50.66 60.30
C GLN M 41 11.42 49.90 59.52
N ALA M 42 11.10 50.41 58.34
CA ALA M 42 10.09 49.79 57.50
C ALA M 42 10.62 48.49 56.90
N PRO M 43 9.74 47.52 56.60
CA PRO M 43 10.18 46.31 55.90
C PRO M 43 10.72 46.61 54.51
N VAL M 44 11.49 45.64 53.99
CA VAL M 44 12.03 45.69 52.63
C VAL M 44 11.84 44.33 51.99
N LEU M 45 11.96 44.31 50.66
CA LEU M 45 11.76 43.12 49.85
C LEU M 45 13.10 42.40 49.68
N ILE M 46 13.16 41.13 50.11
CA ILE M 46 14.38 40.34 50.02
C ILE M 46 14.23 39.17 49.06
N ILE M 47 13.06 38.53 49.02
CA ILE M 47 12.77 37.46 48.07
C ILE M 47 11.58 37.89 47.24
N SER M 48 11.81 38.09 45.94
CA SER M 48 10.79 38.54 45.01
C SER M 48 10.59 37.51 43.92
N ARG M 49 9.53 37.70 43.14
CA ARG M 49 9.23 36.85 42.00
C ARG M 49 9.63 37.64 40.75
N SER M 50 10.90 37.52 40.36
CA SER M 50 11.39 38.25 39.21
C SER M 50 10.80 37.70 37.91
N SER M 51 10.64 36.39 37.81
CA SER M 51 10.18 35.75 36.59
C SER M 51 9.10 34.73 36.93
N GLN M 52 8.33 34.36 35.90
CA GLN M 52 7.23 33.42 36.07
C GLN M 52 7.72 32.04 36.50
N ARG M 53 8.78 31.54 35.87
CA ARG M 53 9.20 30.16 36.06
C ARG M 53 10.49 30.01 36.85
N SER M 54 11.51 30.82 36.56
CA SER M 54 12.82 30.68 37.19
C SER M 54 12.75 30.91 38.69
N SER M 55 11.98 31.94 39.11
CA SER M 55 11.81 32.35 40.52
C SER M 55 13.16 32.62 41.18
N GLY M 56 14.06 33.26 40.44
CA GLY M 56 15.45 33.39 40.85
C GLY M 56 15.68 34.46 41.88
N TRP M 57 16.94 34.59 42.27
CA TRP M 57 17.37 35.54 43.27
C TRP M 57 18.79 36.00 42.93
N SER M 58 19.16 37.15 43.46
CA SER M 58 20.49 37.73 43.23
C SER M 58 20.98 38.31 44.54
N GLY M 59 21.85 37.58 45.22
CA GLY M 59 22.41 38.00 46.48
C GLY M 59 22.58 36.82 47.41
N ARG M 60 22.76 37.13 48.70
CA ARG M 60 23.02 36.10 49.70
C ARG M 60 21.77 35.35 50.13
N PHE M 61 20.59 35.88 49.85
CA PHE M 61 19.34 35.22 50.21
C PHE M 61 18.93 34.24 49.11
N SER M 62 18.15 33.24 49.50
CA SER M 62 17.62 32.26 48.56
C SER M 62 16.39 31.61 49.17
N ALA M 63 15.62 30.93 48.31
CA ALA M 63 14.42 30.23 48.73
C ALA M 63 14.38 28.86 48.09
N SER M 64 13.94 27.86 48.84
CA SER M 64 13.79 26.50 48.35
C SER M 64 12.35 26.03 48.58
N TRP M 65 11.73 25.51 47.54
CA TRP M 65 10.35 25.06 47.59
C TRP M 65 10.32 23.53 47.65
N SER M 66 9.41 23.01 48.48
CA SER M 66 9.16 21.57 48.55
C SER M 66 7.83 21.37 49.27
N GLY M 67 6.88 20.73 48.59
CA GLY M 67 5.58 20.40 49.17
C GLY M 67 4.79 21.61 49.63
N THR M 68 4.42 21.64 50.90
CA THR M 68 3.68 22.75 51.49
C THR M 68 4.54 23.65 52.38
N THR M 69 5.87 23.59 52.24
CA THR M 69 6.76 24.38 53.07
C THR M 69 7.83 25.04 52.21
N VAL M 70 8.13 26.30 52.52
CA VAL M 70 9.15 27.07 51.83
C VAL M 70 10.17 27.53 52.85
N THR M 71 11.45 27.31 52.57
CA THR M 71 12.55 27.62 53.46
C THR M 71 13.33 28.82 52.93
N LEU M 72 13.32 29.92 53.68
CA LEU M 72 14.27 31.00 53.43
C LEU M 72 15.65 30.57 53.89
N THR M 73 16.64 30.70 53.01
CA THR M 73 18.00 30.28 53.27
C THR M 73 18.92 31.47 53.03
N ILE M 74 19.71 31.80 54.04
CA ILE M 74 20.55 33.00 54.02
C ILE M 74 22.00 32.57 54.13
N ARG M 75 22.70 32.51 52.99
CA ARG M 75 24.14 32.28 53.00
C ARG M 75 24.84 33.48 53.61
N GLY M 76 25.89 33.21 54.39
CA GLY M 76 26.73 34.26 54.96
C GLY M 76 26.02 35.19 55.92
N VAL M 77 25.54 34.64 57.05
CA VAL M 77 24.85 35.45 58.04
C VAL M 77 25.82 36.43 58.67
N GLN M 78 25.34 37.66 58.93
CA GLN M 78 26.10 38.70 59.61
C GLN M 78 25.26 39.26 60.74
N ALA M 79 25.90 40.09 61.57
CA ALA M 79 25.18 40.78 62.65
C ALA M 79 24.13 41.75 62.12
N ASP M 80 24.36 42.31 60.93
CA ASP M 80 23.38 43.20 60.32
C ASP M 80 22.10 42.45 59.93
N ASP M 81 22.20 41.17 59.63
CA ASP M 81 21.05 40.37 59.23
C ASP M 81 20.13 39.99 60.40
N GLU M 82 20.49 40.31 61.63
CA GLU M 82 19.63 40.07 62.78
C GLU M 82 18.37 40.92 62.68
N ALA M 83 17.25 40.29 62.34
CA ALA M 83 16.00 40.98 62.00
C ALA M 83 14.89 39.94 61.92
N ASP M 84 13.66 40.43 61.93
CA ASP M 84 12.50 39.57 61.74
C ASP M 84 12.27 39.29 60.25
N TYR M 85 11.72 38.11 59.98
CA TYR M 85 11.51 37.63 58.61
C TYR M 85 10.08 37.14 58.46
N TYR M 86 9.37 37.66 57.47
CA TYR M 86 7.96 37.39 57.28
C TYR M 86 7.73 36.79 55.89
N CYS M 87 7.13 35.61 55.84
CA CYS M 87 6.69 35.01 54.59
C CYS M 87 5.29 35.50 54.23
N GLN M 88 4.95 35.39 52.96
CA GLN M 88 3.66 35.83 52.45
C GLN M 88 3.21 34.92 51.32
N SER M 89 1.95 34.49 51.38
CA SER M 89 1.32 33.78 50.28
C SER M 89 -0.05 34.37 50.07
N SER M 90 -0.57 34.21 48.86
CA SER M 90 -1.74 34.94 48.39
C SER M 90 -2.98 34.06 48.25
N ASP M 91 -3.19 33.14 49.19
CA ASP M 91 -4.37 32.28 49.32
C ASP M 91 -4.54 31.34 48.11
N THR M 92 -5.57 30.48 48.14
CA THR M 92 -5.82 29.57 47.03
C THR M 92 -6.13 30.34 45.75
N SER M 93 -6.98 31.36 45.84
CA SER M 93 -7.30 32.24 44.73
C SER M 93 -6.83 33.65 45.07
N ASP M 94 -7.05 34.59 44.15
CA ASP M 94 -6.68 35.99 44.38
C ASP M 94 -7.81 36.71 45.11
N SER M 95 -8.02 36.30 46.35
CA SER M 95 -9.03 36.90 47.20
C SER M 95 -8.46 37.83 48.27
N TYR M 96 -7.29 37.51 48.83
CA TYR M 96 -6.64 38.32 49.84
C TYR M 96 -5.21 37.84 50.06
N LYS M 97 -4.30 38.77 50.30
CA LYS M 97 -2.94 38.45 50.72
C LYS M 97 -2.89 38.30 52.23
N MET M 98 -1.89 37.57 52.71
CA MET M 98 -1.82 37.22 54.12
C MET M 98 -0.40 36.85 54.50
N PHE M 99 0.01 37.25 55.70
CA PHE M 99 1.36 37.11 56.21
C PHE M 99 1.47 35.98 57.22
N GLY M 100 2.71 35.63 57.56
CA GLY M 100 2.99 34.65 58.56
C GLY M 100 3.24 35.27 59.92
N GLY M 101 3.61 34.42 60.88
CA GLY M 101 3.80 34.86 62.24
C GLY M 101 5.14 35.52 62.54
N GLY M 102 6.07 35.52 61.59
CA GLY M 102 7.36 36.14 61.78
C GLY M 102 8.36 35.31 62.55
N THR M 103 9.61 35.32 62.10
CA THR M 103 10.69 34.61 62.76
C THR M 103 11.83 35.57 63.06
N LYS M 104 12.26 35.61 64.33
CA LYS M 104 13.31 36.52 64.76
C LYS M 104 14.62 35.74 64.68
N LEU M 105 15.49 36.11 63.74
CA LEU M 105 16.79 35.49 63.61
C LEU M 105 17.75 36.20 64.56
N THR M 106 18.35 35.44 65.48
CA THR M 106 19.32 35.98 66.42
C THR M 106 20.70 35.43 66.08
N VAL M 107 21.72 36.27 66.22
CA VAL M 107 23.10 35.90 65.92
C VAL M 107 23.82 35.67 67.24
N LEU M 108 24.46 34.50 67.36
CA LEU M 108 25.18 34.14 68.58
C LEU M 108 26.60 34.68 68.56
N GLU N 1 -42.96 30.66 17.04
CA GLU N 1 -43.77 31.79 16.63
C GLU N 1 -44.83 31.38 15.62
N ILE N 2 -44.55 30.30 14.88
CA ILE N 2 -45.52 29.73 13.95
C ILE N 2 -46.66 29.09 14.74
N VAL N 3 -47.81 29.76 14.77
CA VAL N 3 -48.93 29.33 15.60
C VAL N 3 -49.73 28.28 14.84
N LEU N 4 -49.95 27.13 15.47
CA LEU N 4 -50.65 26.00 14.86
C LEU N 4 -51.93 25.72 15.65
N THR N 5 -52.94 26.56 15.45
CA THR N 5 -54.24 26.28 16.06
C THR N 5 -54.87 25.05 15.42
N GLN N 6 -55.77 24.40 16.17
CA GLN N 6 -56.51 23.25 15.69
C GLN N 6 -57.98 23.42 16.05
N SER N 7 -58.84 22.81 15.22
CA SER N 7 -60.27 22.97 15.37
C SER N 7 -60.77 22.30 16.65
N PRO N 8 -61.88 22.80 17.24
CA PRO N 8 -62.42 22.17 18.45
C PRO N 8 -63.27 20.95 18.14
N GLY N 9 -63.89 20.38 19.17
CA GLY N 9 -64.79 19.27 19.01
C GLY N 9 -64.16 17.95 19.43
N THR N 10 -65.00 17.01 19.84
CA THR N 10 -64.56 15.72 20.34
C THR N 10 -64.89 14.56 19.42
N LEU N 11 -65.74 14.78 18.41
CA LEU N 11 -66.08 13.83 17.34
C LEU N 11 -66.66 12.53 17.90
N SER N 12 -67.83 12.66 18.51
CA SER N 12 -68.55 11.51 19.06
C SER N 12 -69.10 10.66 17.91
N LEU N 13 -68.31 9.71 17.44
CA LEU N 13 -68.66 8.93 16.26
C LEU N 13 -68.51 7.44 16.55
N SER N 14 -69.02 6.64 15.63
CA SER N 14 -68.96 5.19 15.64
C SER N 14 -68.01 4.71 14.55
N PRO N 15 -67.57 3.43 14.60
CA PRO N 15 -66.74 2.91 13.49
C PRO N 15 -67.49 2.87 12.17
N GLY N 16 -66.75 3.05 11.08
CA GLY N 16 -67.31 3.08 9.75
C GLY N 16 -67.60 4.47 9.23
N GLU N 17 -67.55 5.49 10.09
CA GLU N 17 -67.79 6.87 9.70
C GLU N 17 -66.53 7.47 9.07
N GLY N 18 -66.62 8.75 8.71
CA GLY N 18 -65.47 9.52 8.27
C GLY N 18 -65.07 10.55 9.32
N ALA N 19 -63.92 11.18 9.06
CA ALA N 19 -63.40 12.21 9.94
C ALA N 19 -62.62 13.23 9.15
N THR N 20 -62.92 14.51 9.37
CA THR N 20 -62.20 15.62 8.78
C THR N 20 -61.43 16.34 9.87
N LEU N 21 -60.12 16.46 9.70
CA LEU N 21 -59.25 17.14 10.65
C LEU N 21 -58.51 18.26 9.94
N SER N 22 -58.23 19.34 10.65
CA SER N 22 -57.62 20.51 10.04
C SER N 22 -56.63 21.16 11.00
N CYS N 23 -55.63 21.81 10.41
CA CYS N 23 -54.58 22.52 11.15
C CYS N 23 -54.22 23.77 10.37
N ARG N 24 -54.02 24.87 11.08
CA ARG N 24 -53.78 26.18 10.48
C ARG N 24 -52.32 26.59 10.73
N THR N 25 -51.75 27.33 9.79
CA THR N 25 -50.37 27.79 9.89
C THR N 25 -50.36 29.32 9.78
N SER N 26 -49.49 29.96 10.56
CA SER N 26 -49.50 31.41 10.73
C SER N 26 -48.70 32.16 9.68
N GLN N 27 -48.06 31.46 8.74
CA GLN N 27 -47.27 32.10 7.70
C GLN N 27 -47.43 31.31 6.41
N SER N 28 -47.17 31.96 5.28
CA SER N 28 -47.33 31.32 3.97
C SER N 28 -46.15 30.40 3.74
N LEU N 29 -46.29 29.15 4.18
CA LEU N 29 -45.33 28.09 3.95
C LEU N 29 -45.88 27.13 2.90
N SER N 30 -44.97 26.43 2.23
CA SER N 30 -45.39 25.41 1.28
C SER N 30 -45.90 24.16 2.01
N SER N 31 -46.27 23.15 1.22
CA SER N 31 -46.83 21.93 1.78
C SER N 31 -45.80 21.04 2.45
N SER N 32 -44.52 21.20 2.10
CA SER N 32 -43.46 20.35 2.63
C SER N 32 -43.21 20.56 4.13
N SER N 33 -43.67 21.67 4.69
CA SER N 33 -43.30 22.09 6.04
C SER N 33 -44.20 21.52 7.13
N LEU N 34 -45.23 20.75 6.77
CA LEU N 34 -46.23 20.29 7.73
C LEU N 34 -46.40 18.78 7.59
N ALA N 35 -46.56 18.10 8.72
CA ALA N 35 -46.77 16.66 8.75
C ALA N 35 -47.88 16.33 9.75
N TRP N 36 -48.35 15.09 9.70
CA TRP N 36 -49.42 14.62 10.55
C TRP N 36 -48.99 13.37 11.31
N TYR N 37 -49.48 13.22 12.54
CA TYR N 37 -49.05 12.15 13.43
C TYR N 37 -50.25 11.52 14.12
N GLN N 38 -50.22 10.20 14.24
CA GLN N 38 -51.11 9.50 15.15
C GLN N 38 -50.55 9.58 16.56
N GLN N 39 -51.39 9.95 17.52
CA GLN N 39 -51.00 10.02 18.92
C GLN N 39 -51.84 8.98 19.66
N LYS N 40 -51.20 7.86 20.00
CA LYS N 40 -51.88 6.74 20.63
C LYS N 40 -52.00 6.97 22.13
N PRO N 41 -52.94 6.29 22.83
CA PRO N 41 -53.05 6.48 24.28
C PRO N 41 -51.96 5.73 25.05
N GLY N 42 -50.80 6.34 25.19
CA GLY N 42 -49.73 5.81 26.01
C GLY N 42 -48.68 5.01 25.28
N LEU N 43 -48.59 5.12 23.95
CA LEU N 43 -47.58 4.43 23.16
C LEU N 43 -46.87 5.44 22.27
N ALA N 44 -45.88 4.96 21.53
CA ALA N 44 -45.06 5.83 20.69
C ALA N 44 -45.85 6.35 19.50
N PRO N 45 -45.90 7.66 19.28
CA PRO N 45 -46.51 8.21 18.06
C PRO N 45 -45.78 7.78 16.78
N ARG N 46 -46.55 7.70 15.70
CA ARG N 46 -46.03 7.34 14.39
C ARG N 46 -46.46 8.39 13.37
N LEU N 47 -45.80 8.39 12.22
CA LEU N 47 -46.03 9.37 11.17
C LEU N 47 -46.86 8.76 10.04
N LEU N 48 -47.85 9.52 9.57
CA LEU N 48 -48.61 9.13 8.38
C LEU N 48 -48.08 9.83 7.14
N ILE N 49 -48.30 11.13 7.06
CA ILE N 49 -48.01 11.93 5.88
C ILE N 49 -46.91 12.94 6.22
N TYR N 50 -45.86 12.97 5.41
CA TYR N 50 -44.82 13.98 5.53
C TYR N 50 -44.78 14.73 4.21
N GLY N 51 -44.80 16.06 4.27
CA GLY N 51 -44.90 16.83 3.05
C GLY N 51 -46.30 17.20 2.65
N ALA N 52 -47.30 16.79 3.44
CA ALA N 52 -48.74 17.04 3.34
C ALA N 52 -49.40 16.23 2.24
N SER N 53 -48.64 15.45 1.46
CA SER N 53 -49.24 14.57 0.47
C SER N 53 -48.55 13.22 0.33
N ILE N 54 -47.34 13.02 0.85
CA ILE N 54 -46.61 11.78 0.66
C ILE N 54 -46.82 10.88 1.88
N ARG N 55 -47.40 9.70 1.64
CA ARG N 55 -47.66 8.73 2.70
C ARG N 55 -46.35 8.05 3.13
N ALA N 56 -46.38 7.45 4.31
CA ALA N 56 -45.24 6.75 4.89
C ALA N 56 -45.42 5.25 4.78
N THR N 57 -44.33 4.53 4.97
CA THR N 57 -44.33 3.08 4.83
C THR N 57 -45.10 2.42 5.98
N GLY N 58 -45.70 1.27 5.68
CA GLY N 58 -46.44 0.53 6.69
C GLY N 58 -47.73 1.18 7.11
N ILE N 59 -48.34 1.99 6.24
CA ILE N 59 -49.52 2.77 6.55
C ILE N 59 -50.59 2.40 5.54
N PRO N 60 -51.82 2.10 5.97
CA PRO N 60 -52.91 1.82 5.02
C PRO N 60 -53.27 3.00 4.13
N ASP N 61 -54.16 2.72 3.18
CA ASP N 61 -54.52 3.66 2.13
C ASP N 61 -55.63 4.63 2.52
N ARG N 62 -56.29 4.41 3.66
CA ARG N 62 -57.48 5.19 4.01
C ARG N 62 -57.20 6.66 4.35
N PHE N 63 -55.95 7.04 4.55
CA PHE N 63 -55.61 8.39 4.97
C PHE N 63 -55.09 9.18 3.76
N SER N 64 -55.64 10.37 3.56
CA SER N 64 -55.16 11.28 2.52
C SER N 64 -55.20 12.70 3.05
N GLY N 65 -54.45 13.58 2.40
CA GLY N 65 -54.35 14.96 2.83
C GLY N 65 -53.82 15.85 1.74
N SER N 66 -54.14 17.13 1.85
CA SER N 66 -53.70 18.14 0.90
C SER N 66 -53.84 19.52 1.54
N GLY N 67 -53.20 20.50 0.91
CA GLY N 67 -53.25 21.86 1.39
C GLY N 67 -52.03 22.66 1.00
N SER N 68 -52.21 23.95 0.73
CA SER N 68 -51.12 24.86 0.43
C SER N 68 -51.44 26.22 1.00
N GLY N 69 -50.42 26.90 1.51
CA GLY N 69 -50.64 28.15 2.22
C GLY N 69 -51.12 27.92 3.64
N THR N 70 -52.41 28.11 3.86
CA THR N 70 -53.05 27.87 5.14
C THR N 70 -54.15 26.83 4.98
N ASP N 71 -54.72 26.43 6.13
CA ASP N 71 -55.86 25.51 6.21
C ASP N 71 -55.54 24.15 5.60
N PHE N 72 -54.58 23.46 6.21
CA PHE N 72 -54.23 22.10 5.78
C PHE N 72 -55.22 21.12 6.38
N THR N 73 -55.48 20.03 5.64
CA THR N 73 -56.59 19.15 5.96
C THR N 73 -56.16 17.69 5.87
N LEU N 74 -56.67 16.87 6.79
CA LEU N 74 -56.50 15.42 6.78
C LEU N 74 -57.89 14.81 6.80
N THR N 75 -58.09 13.75 6.01
CA THR N 75 -59.37 13.06 5.92
C THR N 75 -59.15 11.56 6.04
N ILE N 76 -59.95 10.90 6.88
CA ILE N 76 -59.94 9.45 7.03
C ILE N 76 -61.30 8.93 6.62
N SER N 77 -61.32 7.96 5.70
CA SER N 77 -62.59 7.50 5.13
C SER N 77 -63.26 6.46 6.01
N ARG N 78 -62.49 5.59 6.67
CA ARG N 78 -63.04 4.46 7.42
C ARG N 78 -62.33 4.38 8.77
N LEU N 79 -63.02 4.79 9.83
CA LEU N 79 -62.45 4.77 11.18
C LEU N 79 -62.56 3.37 11.75
N GLU N 80 -61.43 2.65 11.73
CA GLU N 80 -61.31 1.37 12.43
C GLU N 80 -61.26 1.65 13.94
N PRO N 81 -61.46 0.63 14.81
CA PRO N 81 -61.40 0.89 16.26
C PRO N 81 -60.07 1.44 16.77
N GLU N 82 -58.96 1.11 16.11
CA GLU N 82 -57.66 1.60 16.53
C GLU N 82 -57.45 3.06 16.16
N ASP N 83 -58.23 3.59 15.21
CA ASP N 83 -58.07 4.96 14.73
C ASP N 83 -58.74 6.00 15.62
N PHE N 84 -59.36 5.60 16.73
CA PHE N 84 -60.01 6.54 17.65
C PHE N 84 -59.01 7.04 18.70
N ALA N 85 -57.97 7.71 18.21
CA ALA N 85 -56.94 8.27 19.07
C ALA N 85 -56.63 9.68 18.60
N VAL N 86 -55.70 10.34 19.29
CA VAL N 86 -55.49 11.76 19.06
C VAL N 86 -54.61 11.92 17.81
N TYR N 87 -54.63 13.11 17.19
CA TYR N 87 -53.86 13.36 15.98
C TYR N 87 -53.20 14.74 15.96
N TYR N 88 -51.89 14.77 15.71
CA TYR N 88 -51.03 15.94 15.88
C TYR N 88 -50.51 16.42 14.54
N CYS N 89 -50.51 17.75 14.35
CA CYS N 89 -49.91 18.39 13.18
C CYS N 89 -48.56 19.00 13.58
N GLN N 90 -47.49 18.51 12.96
CA GLN N 90 -46.13 18.91 13.30
C GLN N 90 -45.60 19.91 12.27
N GLN N 91 -45.07 21.04 12.75
CA GLN N 91 -44.37 22.07 11.98
C GLN N 91 -42.88 21.71 11.95
N TYR N 92 -41.98 22.65 11.64
CA TYR N 92 -40.56 22.41 11.86
C TYR N 92 -40.30 21.90 13.27
N GLU N 93 -40.65 22.70 14.27
CA GLU N 93 -40.25 22.45 15.65
C GLU N 93 -41.43 22.37 16.62
N PHE N 94 -42.50 23.13 16.39
CA PHE N 94 -43.62 23.19 17.32
C PHE N 94 -44.70 22.19 16.93
N PHE N 95 -45.02 21.27 17.83
CA PHE N 95 -46.09 20.32 17.64
C PHE N 95 -47.46 20.99 17.84
N GLY N 96 -48.52 20.22 17.57
CA GLY N 96 -49.87 20.71 17.70
C GLY N 96 -50.54 20.20 18.97
N ALA N 97 -51.57 20.92 19.41
CA ALA N 97 -52.34 20.52 20.59
C ALA N 97 -53.03 19.18 20.39
N GLY N 98 -53.67 18.98 19.24
CA GLY N 98 -54.27 17.70 18.90
C GLY N 98 -55.78 17.67 18.99
N THR N 99 -56.44 17.59 17.83
CA THR N 99 -57.87 17.42 17.78
C THR N 99 -58.29 16.02 18.24
N ARG N 100 -59.48 15.93 18.81
CA ARG N 100 -59.94 14.72 19.49
C ARG N 100 -61.01 14.02 18.67
N VAL N 101 -60.90 12.69 18.57
CA VAL N 101 -61.98 11.82 18.11
C VAL N 101 -62.23 10.78 19.19
N GLU N 102 -63.49 10.61 19.58
CA GLU N 102 -63.85 9.71 20.66
C GLU N 102 -63.59 8.25 20.31
N VAL O 2 -34.56 -0.25 12.44
CA VAL O 2 -34.02 0.72 13.39
C VAL O 2 -34.43 0.31 14.80
N GLN O 3 -33.43 0.06 15.64
CA GLN O 3 -33.65 -0.29 17.04
C GLN O 3 -33.17 0.85 17.94
N LEU O 4 -34.09 1.40 18.74
CA LEU O 4 -33.76 2.39 19.76
C LEU O 4 -34.20 1.82 21.11
N VAL O 5 -33.28 1.76 22.06
CA VAL O 5 -33.52 1.15 23.37
C VAL O 5 -33.26 2.23 24.42
N GLN O 6 -34.34 2.77 24.99
CA GLN O 6 -34.23 3.86 25.93
C GLN O 6 -34.05 3.29 27.34
N SER O 7 -34.00 4.18 28.34
CA SER O 7 -33.74 3.79 29.72
C SER O 7 -35.01 3.93 30.55
N GLY O 8 -34.89 3.68 31.85
CA GLY O 8 -36.00 3.72 32.76
C GLY O 8 -36.11 5.03 33.53
N ALA O 9 -37.32 5.31 34.00
CA ALA O 9 -37.64 6.56 34.65
C ALA O 9 -37.64 6.41 36.17
N GLU O 10 -37.64 7.55 36.87
CA GLU O 10 -37.68 7.62 38.32
C GLU O 10 -37.95 9.08 38.69
N LEU O 11 -38.81 9.28 39.71
CA LEU O 11 -39.11 10.63 40.17
C LEU O 11 -37.89 11.25 40.83
N LYS O 12 -37.53 12.44 40.38
CA LYS O 12 -36.34 13.15 40.87
C LYS O 12 -36.75 14.37 41.68
N LYS O 13 -36.21 14.48 42.88
CA LYS O 13 -36.53 15.55 43.80
C LYS O 13 -35.96 16.88 43.30
N PRO O 14 -36.45 18.02 43.80
CA PRO O 14 -35.90 19.33 43.39
C PRO O 14 -34.40 19.47 43.64
N GLY O 15 -33.66 19.67 42.56
CA GLY O 15 -32.23 19.88 42.60
C GLY O 15 -31.39 18.71 42.16
N ALA O 16 -32.00 17.58 41.80
CA ALA O 16 -31.26 16.39 41.39
C ALA O 16 -30.85 16.51 39.91
N SER O 17 -30.39 15.40 39.34
CA SER O 17 -30.01 15.36 37.94
C SER O 17 -30.31 13.97 37.37
N VAL O 18 -30.97 13.94 36.22
CA VAL O 18 -31.27 12.70 35.52
C VAL O 18 -30.35 12.60 34.31
N LYS O 19 -30.08 11.36 33.87
CA LYS O 19 -29.29 11.10 32.66
C LYS O 19 -29.98 9.98 31.88
N VAL O 20 -30.86 10.36 30.96
CA VAL O 20 -31.61 9.43 30.13
C VAL O 20 -30.83 9.16 28.85
N SER O 21 -30.94 7.92 28.35
CA SER O 21 -30.15 7.47 27.22
C SER O 21 -31.07 6.92 26.13
N CYS O 22 -30.56 6.92 24.90
CA CYS O 22 -31.32 6.48 23.71
C CYS O 22 -30.43 5.58 22.85
N LYS O 23 -29.92 4.51 23.47
CA LYS O 23 -28.99 3.56 22.84
C LYS O 23 -29.51 2.99 21.52
N ALA O 24 -28.84 3.34 20.43
CA ALA O 24 -29.24 2.98 19.08
C ALA O 24 -28.46 1.76 18.59
N SER O 25 -28.98 1.14 17.52
CA SER O 25 -28.34 -0.03 16.95
C SER O 25 -28.84 -0.24 15.52
N GLY O 26 -27.95 -0.77 14.68
CA GLY O 26 -28.34 -1.25 13.37
C GLY O 26 -28.48 -0.24 12.25
N TYR O 27 -27.79 0.88 12.33
CA TYR O 27 -27.78 1.87 11.24
C TYR O 27 -26.55 2.77 11.39
N THR O 28 -26.39 3.68 10.43
CA THR O 28 -25.31 4.65 10.42
C THR O 28 -25.61 5.72 11.45
N PHE O 29 -25.08 5.53 12.66
CA PHE O 29 -25.35 6.42 13.78
C PHE O 29 -24.79 7.82 13.53
N THR O 30 -23.62 7.92 12.89
CA THR O 30 -22.97 9.21 12.64
C THR O 30 -23.82 10.13 11.76
N ASP O 31 -24.36 9.59 10.67
CA ASP O 31 -25.18 10.37 9.74
C ASP O 31 -26.66 10.31 10.13
N SER O 32 -26.94 10.69 11.38
CA SER O 32 -28.30 10.60 11.89
C SER O 32 -28.47 11.53 13.08
N TYR O 33 -29.34 12.53 12.93
CA TYR O 33 -29.78 13.35 14.06
C TYR O 33 -30.52 12.51 15.09
N MET O 34 -30.54 13.00 16.33
CA MET O 34 -31.15 12.27 17.45
C MET O 34 -32.00 13.25 18.25
N HIS O 35 -32.98 13.86 17.57
CA HIS O 35 -33.90 14.83 18.18
C HIS O 35 -34.56 14.27 19.44
N TRP O 36 -34.81 15.15 20.41
CA TRP O 36 -35.49 14.79 21.63
C TRP O 36 -36.80 15.54 21.75
N VAL O 37 -37.81 14.87 22.28
CA VAL O 37 -39.19 15.32 22.26
C VAL O 37 -39.80 15.09 23.65
N ARG O 38 -40.46 16.12 24.18
CA ARG O 38 -41.06 16.09 25.51
C ARG O 38 -42.57 15.98 25.37
N GLN O 39 -43.15 14.92 25.93
CA GLN O 39 -44.60 14.76 25.95
C GLN O 39 -45.13 15.24 27.29
N ALA O 40 -45.81 16.37 27.29
CA ALA O 40 -46.53 16.82 28.47
C ALA O 40 -47.69 15.87 28.78
N PRO O 41 -48.09 15.73 30.08
CA PRO O 41 -49.05 14.66 30.43
C PRO O 41 -50.45 14.90 29.89
N GLY O 42 -50.84 14.10 28.89
CA GLY O 42 -52.10 14.27 28.18
C GLY O 42 -52.23 15.61 27.49
N GLN O 43 -51.15 16.09 26.88
CA GLN O 43 -51.09 17.44 26.33
C GLN O 43 -50.18 17.40 25.10
N GLY O 44 -50.02 18.56 24.46
CA GLY O 44 -49.20 18.65 23.27
C GLY O 44 -47.73 18.41 23.54
N LEU O 45 -47.03 17.97 22.49
CA LEU O 45 -45.61 17.69 22.60
C LEU O 45 -44.79 18.99 22.58
N GLU O 46 -43.48 18.83 22.74
CA GLU O 46 -42.56 19.96 22.74
C GLU O 46 -41.23 19.46 22.21
N TRP O 47 -40.44 20.38 21.67
CA TRP O 47 -39.15 20.04 21.06
C TRP O 47 -38.03 20.41 22.02
N MET O 48 -37.43 19.40 22.66
CA MET O 48 -36.34 19.67 23.57
C MET O 48 -35.09 20.13 22.82
N GLY O 49 -34.70 19.39 21.80
CA GLY O 49 -33.49 19.73 21.07
C GLY O 49 -32.91 18.56 20.32
N TRP O 50 -32.14 18.89 19.29
CA TRP O 50 -31.46 17.91 18.46
C TRP O 50 -29.96 17.91 18.76
N ILE O 51 -29.30 16.83 18.37
CA ILE O 51 -27.87 16.67 18.59
C ILE O 51 -27.27 15.93 17.40
N ASN O 52 -26.49 16.64 16.59
CA ASN O 52 -25.67 16.01 15.58
C ASN O 52 -24.58 15.21 16.28
N PRO O 53 -24.49 13.89 16.09
CA PRO O 53 -23.59 13.08 16.92
C PRO O 53 -22.14 13.00 16.47
N ASN O 54 -21.85 13.43 15.24
CA ASN O 54 -20.45 13.40 14.72
C ASN O 54 -19.65 14.57 15.31
N TYR O 55 -20.32 15.63 15.77
CA TYR O 55 -19.57 16.83 16.27
C TYR O 55 -20.15 17.28 17.61
N GLY O 56 -21.38 16.88 17.91
CA GLY O 56 -21.97 17.19 19.23
C GLY O 56 -22.72 18.49 19.11
N ALA O 57 -22.61 19.12 17.96
CA ALA O 57 -23.32 20.38 17.73
C ALA O 57 -24.79 20.27 18.10
N THR O 58 -25.18 20.99 19.15
CA THR O 58 -26.49 20.84 19.74
C THR O 58 -27.21 22.18 19.81
N ASN O 59 -28.53 22.11 19.74
CA ASN O 59 -29.40 23.29 19.84
C ASN O 59 -30.58 22.90 20.70
N TYR O 60 -30.78 23.58 21.82
CA TYR O 60 -31.90 23.33 22.69
C TYR O 60 -32.98 24.39 22.50
N ALA O 61 -34.10 24.19 23.18
CA ALA O 61 -35.21 25.12 23.09
C ALA O 61 -34.98 26.30 24.02
N HIS O 62 -35.67 27.41 23.72
CA HIS O 62 -35.58 28.62 24.54
C HIS O 62 -36.10 28.39 25.95
N LYS O 63 -37.02 27.44 26.14
CA LYS O 63 -37.58 27.19 27.47
C LYS O 63 -36.54 26.54 28.37
N PHE O 64 -35.86 25.50 27.87
CA PHE O 64 -34.91 24.73 28.67
C PHE O 64 -33.47 25.11 28.35
N GLN O 65 -33.22 26.35 27.92
CA GLN O 65 -31.86 26.76 27.59
C GLN O 65 -31.14 27.15 28.88
N GLY O 66 -30.17 26.35 29.29
CA GLY O 66 -29.41 26.59 30.50
C GLY O 66 -29.63 25.55 31.57
N ARG O 67 -30.70 24.76 31.45
CA ARG O 67 -31.04 23.76 32.43
C ARG O 67 -30.74 22.34 31.95
N VAL O 68 -30.47 22.16 30.65
CA VAL O 68 -30.32 20.84 30.06
C VAL O 68 -28.98 20.81 29.32
N THR O 69 -28.51 19.61 29.01
CA THR O 69 -27.26 19.39 28.29
C THR O 69 -27.38 18.02 27.63
N MET O 70 -27.01 17.96 26.33
CA MET O 70 -27.21 16.73 25.52
C MET O 70 -25.89 16.16 24.99
N THR O 71 -25.22 15.30 25.73
CA THR O 71 -23.98 14.58 25.32
C THR O 71 -24.27 13.47 24.33
N ARG O 72 -23.29 13.03 23.54
CA ARG O 72 -23.54 11.86 22.67
C ARG O 72 -22.30 10.95 22.73
N ASP O 73 -22.50 9.65 22.62
CA ASP O 73 -21.33 8.75 22.55
C ASP O 73 -21.44 7.99 21.24
N THR O 74 -20.40 7.95 20.43
CA THR O 74 -20.57 7.32 19.10
C THR O 74 -19.88 5.96 19.13
N SER O 75 -18.89 5.78 19.99
CA SER O 75 -18.28 4.45 20.03
C SER O 75 -19.32 3.36 20.24
N ILE O 76 -20.16 3.51 21.28
CA ILE O 76 -21.23 2.56 21.55
C ILE O 76 -22.54 3.02 20.92
N THR O 77 -22.46 4.07 20.09
CA THR O 77 -23.58 4.64 19.31
C THR O 77 -24.78 4.97 20.18
N THR O 78 -24.51 5.45 21.40
CA THR O 78 -25.55 5.80 22.37
C THR O 78 -25.51 7.31 22.60
N ALA O 79 -26.63 7.97 22.33
CA ALA O 79 -26.80 9.38 22.65
C ALA O 79 -27.33 9.54 24.06
N TYR O 80 -27.05 10.69 24.66
CA TYR O 80 -27.43 10.98 26.03
C TYR O 80 -28.22 12.29 26.09
N MET O 81 -28.85 12.49 27.24
CA MET O 81 -29.55 13.75 27.53
C MET O 81 -29.58 13.87 29.05
N GLU O 82 -28.86 14.86 29.57
CA GLU O 82 -28.78 15.09 31.01
C GLU O 82 -29.59 16.34 31.37
N LEU O 83 -30.45 16.22 32.37
CA LEU O 83 -31.29 17.32 32.84
C LEU O 83 -31.03 17.57 34.32
N ASN O 84 -30.48 18.73 34.63
CA ASN O 84 -30.21 19.13 36.00
C ASN O 84 -31.33 20.03 36.49
N ARG O 85 -31.35 20.26 37.81
CA ARG O 85 -32.23 21.24 38.48
C ARG O 85 -33.71 21.00 38.20
N LEU O 86 -34.12 19.73 38.13
CA LEU O 86 -35.51 19.38 37.87
C LEU O 86 -36.41 19.88 38.98
N ARG O 87 -37.57 20.39 38.61
CA ARG O 87 -38.62 20.76 39.54
C ARG O 87 -39.79 19.80 39.42
N SER O 88 -40.77 19.95 40.33
CA SER O 88 -41.94 19.09 40.30
C SER O 88 -42.84 19.37 39.09
N ASP O 89 -42.72 20.54 38.47
CA ASP O 89 -43.47 20.84 37.27
C ASP O 89 -42.91 20.21 36.00
N ASP O 90 -41.78 19.50 36.10
CA ASP O 90 -41.18 18.79 34.97
C ASP O 90 -41.86 17.45 34.67
N THR O 91 -43.03 17.18 35.24
CA THR O 91 -43.83 16.00 34.93
C THR O 91 -44.10 15.93 33.43
N ALA O 92 -43.60 14.87 32.79
CA ALA O 92 -43.70 14.70 31.34
C ALA O 92 -43.18 13.30 30.99
N VAL O 93 -43.27 12.97 29.70
CA VAL O 93 -42.66 11.79 29.12
C VAL O 93 -41.59 12.28 28.14
N TYR O 94 -40.62 11.42 27.82
CA TYR O 94 -39.47 11.81 27.01
C TYR O 94 -39.13 10.72 26.01
N TYR O 95 -39.10 11.08 24.73
CA TYR O 95 -38.80 10.16 23.64
C TYR O 95 -37.75 10.78 22.73
N CYS O 96 -37.08 9.92 21.96
CA CYS O 96 -36.03 10.34 21.03
C CYS O 96 -36.47 9.94 19.63
N ALA O 97 -36.44 10.89 18.70
CA ALA O 97 -36.92 10.68 17.35
C ALA O 97 -35.80 10.95 16.35
N ARG O 98 -35.61 10.04 15.41
CA ARG O 98 -34.62 10.19 14.34
C ARG O 98 -35.32 10.59 13.04
N GLY O 99 -34.95 11.76 12.51
CA GLY O 99 -35.56 12.29 11.29
C GLY O 99 -34.71 13.39 10.70
N ASN O 100 -35.35 14.47 10.20
CA ASN O 100 -34.69 15.62 9.57
C ASN O 100 -33.68 15.23 8.48
N PHE O 101 -34.21 14.74 7.36
CA PHE O 101 -33.59 14.23 6.11
C PHE O 101 -33.20 12.75 6.24
N LEU O 102 -33.39 12.12 7.41
CA LEU O 102 -33.26 10.67 7.49
C LEU O 102 -34.24 10.00 6.52
N ARG O 103 -35.50 10.44 6.56
CA ARG O 103 -36.48 10.02 5.58
C ARG O 103 -36.27 10.88 4.31
N VAL O 104 -37.00 10.53 3.23
CA VAL O 104 -36.87 11.15 1.91
C VAL O 104 -36.96 12.69 1.98
N ASP O 105 -37.99 13.21 2.63
CA ASP O 105 -38.20 14.65 2.74
C ASP O 105 -37.13 15.29 3.62
N TYR O 106 -36.70 16.50 3.24
CA TYR O 106 -35.65 17.21 3.95
C TYR O 106 -36.14 17.81 5.26
N THR O 107 -37.41 18.23 5.29
CA THR O 107 -38.06 18.81 6.46
C THR O 107 -38.17 17.74 7.56
N TRP O 108 -38.38 18.18 8.80
CA TRP O 108 -38.35 17.35 10.00
C TRP O 108 -39.50 16.35 9.93
N ASP O 109 -39.17 15.08 9.67
CA ASP O 109 -40.17 14.02 9.50
C ASP O 109 -39.82 12.83 10.39
N PHE O 110 -40.11 12.98 11.68
CA PHE O 110 -39.73 12.01 12.71
C PHE O 110 -40.49 10.70 12.49
N GLN O 111 -39.76 9.63 12.14
CA GLN O 111 -40.42 8.36 11.92
C GLN O 111 -40.24 7.45 13.14
N HIS O 112 -39.08 6.79 13.22
CA HIS O 112 -38.82 5.86 14.30
C HIS O 112 -38.72 6.57 15.64
N TRP O 113 -39.30 5.97 16.67
CA TRP O 113 -39.28 6.49 18.03
C TRP O 113 -38.87 5.35 18.98
N GLY O 114 -38.35 5.72 20.15
CA GLY O 114 -37.79 4.71 21.02
C GLY O 114 -38.77 4.00 21.93
N GLN O 115 -38.58 4.11 23.25
CA GLN O 115 -39.39 3.35 24.20
C GLN O 115 -40.10 4.22 25.24
N GLY O 116 -39.83 5.51 25.28
CA GLY O 116 -40.43 6.36 26.29
C GLY O 116 -39.73 6.35 27.64
N THR O 117 -39.87 7.47 28.37
CA THR O 117 -39.28 7.60 29.70
C THR O 117 -40.08 8.68 30.42
N LEU O 118 -40.78 8.29 31.48
CA LEU O 118 -41.84 9.09 32.09
C LEU O 118 -41.40 9.68 33.43
N VAL O 119 -40.17 10.20 33.49
CA VAL O 119 -39.67 10.95 34.64
C VAL O 119 -40.62 12.10 34.97
N THR O 120 -41.10 12.13 36.20
CA THR O 120 -42.09 13.12 36.61
C THR O 120 -41.42 14.40 37.09
C1 NAG P . -31.68 -28.38 -30.02
C2 NAG P . -30.78 -29.57 -29.67
C3 NAG P . -31.00 -30.63 -30.76
C4 NAG P . -32.48 -31.02 -30.80
C5 NAG P . -33.34 -29.75 -30.97
C6 NAG P . -34.83 -30.00 -30.94
C7 NAG P . -28.65 -29.54 -28.48
C8 NAG P . -27.23 -29.08 -28.50
N2 NAG P . -29.41 -29.20 -29.54
O3 NAG P . -30.15 -31.71 -30.47
O4 NAG P . -32.63 -31.91 -31.89
O5 NAG P . -33.02 -28.81 -29.96
O6 NAG P . -35.51 -28.78 -31.02
O7 NAG P . -29.09 -30.20 -27.56
C1 NAG P . -33.13 -33.23 -31.52
C2 NAG P . -31.96 -34.24 -31.51
C3 NAG P . -32.49 -35.61 -31.11
C4 NAG P . -33.24 -35.55 -29.77
C5 NAG P . -34.33 -34.47 -29.86
C6 NAG P . -35.09 -34.28 -28.56
C7 NAG P . -30.00 -34.28 -32.99
C8 NAG P . -29.56 -34.35 -34.42
N2 NAG P . -31.33 -34.29 -32.80
O3 NAG P . -31.40 -36.49 -31.06
O4 NAG P . -33.77 -36.83 -29.52
O5 NAG P . -33.73 -33.24 -30.23
O6 NAG P . -34.20 -33.99 -27.52
O7 NAG P . -29.20 -34.21 -32.07
C1 NAG Q . -22.89 -32.62 -26.31
C2 NAG Q . -22.19 -34.00 -26.31
C3 NAG Q . -21.40 -34.13 -27.62
C4 NAG Q . -22.34 -33.94 -28.82
C5 NAG Q . -23.02 -32.56 -28.69
C6 NAG Q . -24.05 -32.30 -29.75
C7 NAG Q . -21.54 -34.26 -23.87
C8 NAG Q . -20.32 -34.56 -23.04
N2 NAG Q . -21.30 -34.24 -25.19
O3 NAG Q . -20.79 -35.40 -27.57
O4 NAG Q . -21.63 -33.98 -30.05
O5 NAG Q . -23.71 -32.49 -27.45
O6 NAG Q . -24.77 -31.14 -29.43
O7 NAG Q . -22.63 -34.07 -23.35
C1 NAG Q . -21.69 -35.30 -30.65
C2 NAG Q . -22.15 -35.25 -32.12
C3 NAG Q . -22.06 -36.67 -32.71
C4 NAG Q . -20.66 -37.24 -32.53
C5 NAG Q . -20.27 -37.19 -31.04
C6 NAG Q . -18.83 -37.61 -30.82
C7 NAG Q . -24.70 -35.14 -31.94
C8 NAG Q . -25.83 -34.23 -32.34
N2 NAG Q . -23.46 -34.68 -32.29
O3 NAG Q . -22.42 -36.60 -34.06
O4 NAG Q . -20.64 -38.60 -32.94
O5 NAG Q . -20.40 -35.87 -30.54
O6 NAG Q . -18.42 -37.24 -29.52
O7 NAG Q . -24.93 -36.18 -31.33
C1 BMA Q . -19.94 -38.81 -34.20
C2 BMA Q . -20.76 -39.87 -34.94
C3 BMA Q . -20.13 -40.13 -36.32
C4 BMA Q . -19.98 -38.80 -37.09
C5 BMA Q . -19.21 -37.78 -36.26
C6 BMA Q . -19.17 -36.40 -36.91
O2 BMA Q . -22.10 -39.46 -35.07
O3 BMA Q . -20.94 -41.03 -37.03
O4 BMA Q . -19.32 -39.03 -38.32
O5 BMA Q . -19.82 -37.63 -34.98
O6 BMA Q . -18.50 -35.53 -36.03
C1 NAG R . -37.11 -33.36 -14.77
C2 NAG R . -38.63 -33.12 -14.69
C3 NAG R . -39.31 -34.44 -14.31
C4 NAG R . -38.91 -35.57 -15.27
C5 NAG R . -37.38 -35.62 -15.42
C6 NAG R . -36.90 -36.60 -16.46
C7 NAG R . -39.48 -30.90 -14.09
C8 NAG R . -39.74 -29.94 -12.96
N2 NAG R . -38.95 -32.09 -13.74
O3 NAG R . -40.69 -34.21 -14.29
O4 NAG R . -39.40 -36.78 -14.73
O5 NAG R . -36.88 -34.33 -15.77
O6 NAG R . -37.49 -36.30 -17.70
O7 NAG R . -39.74 -30.60 -15.24
C1 NAG R . -40.51 -37.26 -15.52
C2 NAG R . -40.57 -38.79 -15.43
C3 NAG R . -41.75 -39.29 -16.25
C4 NAG R . -43.04 -38.62 -15.78
C5 NAG R . -42.87 -37.10 -15.80
C6 NAG R . -44.06 -36.33 -15.26
C7 NAG R . -38.55 -40.18 -15.10
C8 NAG R . -37.30 -40.69 -15.78
N2 NAG R . -39.33 -39.39 -15.87
O3 NAG R . -41.80 -40.69 -16.12
O4 NAG R . -44.07 -39.05 -16.64
O5 NAG R . -41.73 -36.74 -15.03
O6 NAG R . -45.18 -36.55 -16.07
O7 NAG R . -38.82 -40.48 -13.95
C1 NAG S . -35.54 -23.53 -3.66
C2 NAG S . -35.60 -22.22 -2.87
C3 NAG S . -37.05 -21.96 -2.44
C4 NAG S . -37.99 -21.96 -3.66
C5 NAG S . -37.79 -23.27 -4.45
C6 NAG S . -38.59 -23.35 -5.72
C7 NAG S . -33.91 -21.29 -1.34
C8 NAG S . -33.15 -21.57 -0.07
N2 NAG S . -34.77 -22.25 -1.69
O3 NAG S . -37.07 -20.73 -1.76
O4 NAG S . -39.30 -21.85 -3.17
O5 NAG S . -36.41 -23.42 -4.77
O6 NAG S . -38.24 -24.50 -6.44
O7 NAG S . -33.72 -20.27 -1.99
C1 NAG S . -39.87 -20.58 -3.57
C2 NAG S . -41.37 -20.61 -3.23
C3 NAG S . -42.01 -19.23 -3.46
C4 NAG S . -41.19 -18.12 -2.80
C5 NAG S . -39.74 -18.23 -3.28
C6 NAG S . -38.80 -17.17 -2.74
C7 NAG S . -42.54 -22.76 -3.52
C8 NAG S . -43.19 -23.66 -4.54
N2 NAG S . -42.03 -21.61 -4.01
O3 NAG S . -43.31 -19.28 -2.95
O4 NAG S . -41.78 -16.89 -3.17
O5 NAG S . -39.25 -19.50 -2.90
O6 NAG S . -39.12 -15.91 -3.31
O7 NAG S . -42.47 -23.07 -2.35
C1 NAG T . -28.56 -20.04 -0.80
C2 NAG T . -27.46 -19.63 0.19
C3 NAG T . -28.07 -19.44 1.59
C4 NAG T . -29.28 -18.52 1.56
C5 NAG T . -30.29 -19.07 0.52
C6 NAG T . -31.54 -18.24 0.33
C7 NAG T . -25.10 -20.37 0.11
C8 NAG T . -24.22 -21.58 0.14
N2 NAG T . -26.42 -20.62 0.21
O3 NAG T . -27.05 -18.94 2.41
O4 NAG T . -29.82 -18.51 2.87
O5 NAG T . -29.65 -19.15 -0.74
O6 NAG T . -31.17 -16.94 -0.09
O7 NAG T . -24.64 -19.24 -0.02
C1 NAG T . -29.95 -17.15 3.38
C2 NAG T . -30.82 -17.24 4.65
C3 NAG T . -30.95 -15.85 5.29
C4 NAG T . -29.58 -15.17 5.46
C5 NAG T . -28.88 -15.18 4.10
C6 NAG T . -27.52 -14.51 4.09
C7 NAG T . -32.57 -18.96 4.76
C8 NAG T . -33.97 -19.30 4.29
N2 NAG T . -32.11 -17.76 4.33
O3 NAG T . -31.61 -16.02 6.51
O4 NAG T . -29.80 -13.86 5.92
O5 NAG T . -28.72 -16.53 3.69
O6 NAG T . -26.68 -15.11 5.04
O7 NAG T . -31.92 -19.73 5.45
C1 BMA T . -29.35 -13.72 7.28
C2 BMA T . -29.04 -12.26 7.52
C3 BMA T . -28.56 -12.07 8.97
C4 BMA T . -29.42 -12.77 10.05
C5 BMA T . -30.19 -14.02 9.58
C6 BMA T . -31.56 -14.18 10.25
O2 BMA T . -30.19 -11.49 7.22
O3 BMA T . -28.40 -10.69 9.18
O4 BMA T . -28.50 -13.13 11.05
O5 BMA T . -30.34 -14.16 8.18
O6 BMA T . -32.39 -13.12 9.83
C1 MAN T . -26.98 -10.43 9.24
C2 MAN T . -26.74 -9.28 10.22
C3 MAN T . -27.21 -7.94 9.63
C4 MAN T . -26.67 -7.71 8.21
C5 MAN T . -27.00 -8.93 7.34
C6 MAN T . -26.36 -8.83 5.97
O2 MAN T . -25.37 -9.26 10.50
O3 MAN T . -26.80 -6.93 10.51
O4 MAN T . -27.27 -6.54 7.72
O5 MAN T . -26.48 -10.11 7.97
O6 MAN T . -27.37 -8.73 5.01
C1 MAN T . -33.69 -13.29 10.44
C2 MAN T . -34.70 -12.46 9.63
C3 MAN T . -34.42 -10.97 9.83
C4 MAN T . -34.40 -10.59 11.31
C5 MAN T . -33.40 -11.50 12.04
C6 MAN T . -33.44 -11.32 13.55
O2 MAN T . -35.98 -12.83 10.08
O3 MAN T . -35.44 -10.27 9.14
O4 MAN T . -34.03 -9.24 11.39
O5 MAN T . -33.68 -12.87 11.78
O6 MAN T . -32.35 -12.00 14.12
C1 NAG U . -31.76 -32.93 10.67
C2 NAG U . -32.31 -31.61 11.25
C3 NAG U . -32.54 -31.74 12.75
C4 NAG U . -33.47 -32.91 12.97
C5 NAG U . -32.73 -34.19 12.50
C6 NAG U . -33.46 -35.50 12.70
C7 NAG U . -31.97 -29.43 10.30
C8 NAG U . -31.02 -28.31 10.00
N2 NAG U . -31.46 -30.50 10.93
O3 NAG U . -33.07 -30.53 13.20
O4 NAG U . -33.95 -32.86 14.32
O5 NAG U . -32.51 -34.05 11.10
O6 NAG U . -32.74 -36.52 12.04
O7 NAG U . -33.15 -29.34 9.99
C1 NAG U . -33.07 -33.19 15.41
C2 NAG U . -32.93 -32.02 16.40
C3 NAG U . -32.71 -32.45 17.86
C4 NAG U . -33.60 -33.65 18.23
C5 NAG U . -33.22 -34.76 17.26
C6 NAG U . -33.85 -36.10 17.55
C7 NAG U . -31.69 -29.86 16.26
C8 NAG U . -30.43 -29.21 15.73
N2 NAG U . -31.82 -31.18 16.00
O3 NAG U . -32.95 -31.29 18.61
O4 NAG U . -33.37 -34.07 19.57
O5 NAG U . -33.65 -34.35 15.98
O6 NAG U . -33.53 -37.00 16.50
O7 NAG U . -32.51 -29.22 16.90
C1 BMA U . -34.31 -33.44 20.47
C2 BMA U . -34.89 -34.39 21.50
C3 BMA U . -35.84 -33.59 22.43
C4 BMA U . -35.40 -32.17 22.83
C5 BMA U . -34.12 -31.64 22.17
C6 BMA U . -32.99 -31.31 23.15
O2 BMA U . -33.85 -34.99 22.22
O3 BMA U . -36.09 -34.46 23.51
O4 BMA U . -36.47 -31.32 22.47
O5 BMA U . -33.56 -32.44 21.14
O6 BMA U . -33.28 -30.08 23.77
C1 MAN U . -32.08 -29.29 23.68
C2 MAN U . -31.18 -29.70 24.84
C3 MAN U . -31.96 -29.33 26.10
C4 MAN U . -32.13 -27.82 26.20
C5 MAN U . -32.90 -27.36 24.96
C6 MAN U . -32.87 -25.85 24.81
O2 MAN U . -29.99 -28.97 24.63
O3 MAN U . -31.47 -30.01 27.25
O4 MAN U . -32.88 -27.55 27.37
O5 MAN U . -32.35 -27.91 23.76
O6 MAN U . -33.91 -25.30 25.58
C1 MAN U . -30.25 -29.51 27.82
C2 MAN U . -29.29 -30.70 27.91
C3 MAN U . -29.92 -31.72 28.85
C4 MAN U . -30.16 -31.12 30.23
C5 MAN U . -31.00 -29.84 30.09
C6 MAN U . -31.04 -29.06 31.40
O2 MAN U . -28.07 -30.21 28.41
O3 MAN U . -29.06 -32.84 28.89
O4 MAN U . -30.83 -32.09 31.01
O5 MAN U . -30.45 -28.98 29.10
O6 MAN U . -31.16 -29.97 32.46
C1 MAN U . -37.31 -34.10 24.22
C2 MAN U . -37.69 -35.33 25.05
C3 MAN U . -38.29 -36.37 24.12
C4 MAN U . -39.61 -35.85 23.56
C5 MAN U . -39.39 -34.52 22.82
C6 MAN U . -40.64 -33.66 22.87
O2 MAN U . -38.59 -34.90 26.04
O3 MAN U . -38.49 -37.55 24.87
O4 MAN U . -40.09 -36.84 22.67
O5 MAN U . -38.34 -33.69 23.34
O6 MAN U . -40.29 -32.34 23.16
C1 NAG V . -26.86 -18.71 24.48
C2 NAG V . -28.37 -18.76 24.69
C3 NAG V . -28.85 -17.39 25.19
C4 NAG V . -28.10 -17.00 26.46
C5 NAG V . -26.59 -17.08 26.20
C6 NAG V . -25.71 -16.80 27.42
C7 NAG V . -29.73 -20.29 23.35
C8 NAG V . -30.34 -20.50 21.98
N2 NAG V . -29.03 -19.15 23.47
O3 NAG V . -30.23 -17.49 25.39
O4 NAG V . -28.51 -15.69 26.81
O5 NAG V . -26.25 -18.38 25.72
O6 NAG V . -25.94 -15.51 27.90
O7 NAG V . -29.87 -21.10 24.25
C1 NAG V . -29.25 -15.73 28.06
C2 NAG V . -29.36 -14.31 28.62
C3 NAG V . -30.12 -14.36 29.94
C4 NAG V . -31.47 -15.05 29.76
C5 NAG V . -31.26 -16.42 29.10
C6 NAG V . -32.54 -17.18 28.81
C7 NAG V . -27.58 -12.70 28.04
C8 NAG V . -26.19 -12.22 28.43
N2 NAG V . -28.07 -13.70 28.82
O3 NAG V . -30.27 -13.05 30.40
O4 NAG V . -32.06 -15.17 31.04
O5 NAG V . -30.55 -16.24 27.88
O6 NAG V . -33.15 -17.57 30.01
O7 NAG V . -28.18 -12.23 27.10
C1 NAG W . 27.41 12.33 -42.50
C2 NAG W . 28.35 13.10 -41.56
C3 NAG W . 29.10 14.12 -42.41
C4 NAG W . 29.88 13.41 -43.52
C5 NAG W . 28.92 12.50 -44.31
C6 NAG W . 29.58 11.67 -45.39
C7 NAG W . 28.03 13.56 -39.19
C8 NAG W . 27.18 14.27 -38.17
N2 NAG W . 27.65 13.72 -40.47
O3 NAG W . 29.93 14.86 -41.55
O4 NAG W . 30.46 14.40 -44.33
O5 NAG W . 28.22 11.63 -43.43
O6 NAG W . 28.63 10.83 -45.99
O7 NAG W . 28.99 12.92 -38.86
C1 NAG W . 31.92 14.35 -44.39
C2 NAG W . 32.51 15.45 -43.49
C3 NAG W . 34.04 15.38 -43.55
C4 NAG W . 34.53 13.98 -43.20
C5 NAG W . 33.83 12.95 -44.10
C6 NAG W . 34.22 11.52 -43.80
C7 NAG W . 31.59 17.69 -43.04
C8 NAG W . 31.15 18.98 -43.67
N2 NAG W . 32.04 16.75 -43.90
O3 NAG W . 34.54 16.36 -42.68
O4 NAG W . 35.93 13.97 -43.38
O5 NAG W . 32.43 13.09 -43.96
O6 NAG W . 33.97 11.23 -42.45
O7 NAG W . 31.54 17.51 -41.83
C1 NAG X . 29.76 16.78 -33.36
C2 NAG X . 30.83 17.74 -32.79
C3 NAG X . 30.38 19.17 -33.08
C4 NAG X . 30.16 19.36 -34.59
C5 NAG X . 29.13 18.32 -35.06
C6 NAG X . 28.91 18.33 -36.55
C7 NAG X . 31.53 16.56 -30.65
C8 NAG X . 31.67 16.84 -29.18
N2 NAG X . 31.10 17.61 -31.37
O3 NAG X . 31.39 20.01 -32.55
O4 NAG X . 29.68 20.65 -34.90
O5 NAG X . 29.58 17.02 -34.73
O6 NAG X . 28.13 17.21 -36.90
O7 NAG X . 31.80 15.47 -31.10
C1 NAG X . 30.75 21.54 -35.29
C2 NAG X . 30.46 22.27 -36.63
C3 NAG X . 31.59 23.27 -36.91
C4 NAG X . 31.76 24.23 -35.72
C5 NAG X . 31.98 23.42 -34.43
C6 NAG X . 32.02 24.31 -33.21
C7 NAG X . 31.14 20.55 -38.39
C8 NAG X . 30.52 19.77 -39.53
N2 NAG X . 30.26 21.36 -37.73
O3 NAG X . 31.28 23.96 -38.09
O4 NAG X . 32.88 25.05 -35.93
O5 NAG X . 30.94 22.49 -34.24
O6 NAG X . 31.91 23.53 -32.05
O7 NAG X . 32.32 20.37 -38.11
C1 BMA X . 32.56 26.43 -36.26
C2 BMA X . 33.58 26.85 -37.32
C3 BMA X . 33.27 28.30 -37.78
C4 BMA X . 31.80 28.38 -38.25
C5 BMA X . 30.87 27.89 -37.16
C6 BMA X . 29.42 27.84 -37.62
O2 BMA X . 33.56 25.96 -38.41
O3 BMA X . 34.16 28.63 -38.82
O4 BMA X . 31.50 29.73 -38.57
O5 BMA X . 31.23 26.58 -36.75
O6 BMA X . 28.64 27.30 -36.56
C1 NAG Y . 37.56 0.41 -36.02
C2 NAG Y . 37.80 -0.66 -37.10
C3 NAG Y . 39.30 -0.84 -37.28
C4 NAG Y . 39.99 0.51 -37.60
C5 NAG Y . 39.54 1.57 -36.57
C6 NAG Y . 40.05 2.96 -36.89
C7 NAG Y . 36.15 -2.46 -37.41
C8 NAG Y . 35.64 -3.77 -36.88
N2 NAG Y . 37.18 -1.92 -36.73
O3 NAG Y . 39.49 -1.78 -38.30
O4 NAG Y . 41.38 0.31 -37.55
O5 NAG Y . 38.13 1.61 -36.49
O6 NAG Y . 39.61 3.34 -38.16
O7 NAG Y . 35.65 -1.94 -38.39
C1 NAG Y . 41.94 0.35 -38.88
C2 NAG Y . 43.38 0.86 -38.80
C3 NAG Y . 43.97 0.88 -40.21
C4 NAG Y . 43.85 -0.48 -40.87
C5 NAG Y . 42.39 -0.96 -40.81
C6 NAG Y . 42.16 -2.36 -41.35
C7 NAG Y . 44.17 2.39 -37.04
C8 NAG Y . 44.10 3.82 -36.55
N2 NAG Y . 43.46 2.14 -38.16
O3 NAG Y . 45.30 1.31 -40.11
O4 NAG Y . 44.31 -0.36 -42.19
O5 NAG Y . 41.94 -0.93 -39.47
O6 NAG Y . 42.48 -2.40 -42.72
O7 NAG Y . 44.82 1.55 -36.45
C1 NAG Z . 30.96 -10.10 -27.75
C2 NAG Z . 29.98 -11.20 -27.32
C3 NAG Z . 30.26 -12.47 -28.10
C4 NAG Z . 30.22 -12.20 -29.62
C5 NAG Z . 31.15 -11.03 -29.95
C6 NAG Z . 31.12 -10.61 -31.39
C7 NAG Z . 29.02 -11.57 -25.07
C8 NAG Z . 29.40 -11.88 -23.64
N2 NAG Z . 30.07 -11.48 -25.91
O3 NAG Z . 29.32 -13.43 -27.70
O4 NAG Z . 30.62 -13.39 -30.26
O5 NAG Z . 30.81 -9.91 -29.14
O6 NAG Z . 31.89 -9.46 -31.58
O7 NAG Z . 27.86 -11.40 -25.41
C1 NAG Z . 29.50 -13.95 -31.00
C2 NAG Z . 30.05 -15.10 -31.87
C3 NAG Z . 28.90 -15.86 -32.54
C4 NAG Z . 27.82 -16.24 -31.54
C5 NAG Z . 27.37 -14.98 -30.80
C6 NAG Z . 26.27 -15.19 -29.78
C7 NAG Z . 32.29 -14.77 -32.84
C8 NAG Z . 33.04 -14.12 -33.98
N2 NAG Z . 30.96 -14.57 -32.85
O3 NAG Z . 29.46 -16.99 -33.16
O4 NAG Z . 26.76 -16.83 -32.27
O5 NAG Z . 28.51 -14.45 -30.13
O6 NAG Z . 25.06 -15.48 -30.45
O7 NAG Z . 32.86 -15.43 -31.99
C1 NAG AA . 26.47 -9.16 -20.81
C2 NAG AA . 26.04 -9.34 -19.35
C3 NAG AA . 26.41 -10.74 -18.86
C4 NAG AA . 25.90 -11.81 -19.81
C5 NAG AA . 26.42 -11.50 -21.23
C6 NAG AA . 25.97 -12.45 -22.32
C7 NAG AA . 26.01 -7.54 -17.64
C8 NAG AA . 26.90 -6.56 -16.92
N2 NAG AA . 26.65 -8.32 -18.52
O3 NAG AA . 25.86 -10.88 -17.57
O4 NAG AA . 26.37 -13.05 -19.32
O5 NAG AA . 25.99 -10.21 -21.61
O6 NAG AA . 24.56 -12.44 -22.38
O7 NAG AA . 24.81 -7.60 -17.43
C1 NAG AA . 25.30 -14.01 -19.13
C2 NAG AA . 25.96 -15.39 -18.91
C3 NAG AA . 24.89 -16.44 -18.62
C4 NAG AA . 23.92 -15.99 -17.53
C5 NAG AA . 23.37 -14.62 -17.93
C6 NAG AA . 22.36 -14.04 -16.96
C7 NAG AA . 28.09 -15.86 -20.06
C8 NAG AA . 28.68 -16.26 -21.39
N2 NAG AA . 26.74 -15.75 -20.05
O3 NAG AA . 25.56 -17.63 -18.28
O4 NAG AA . 22.90 -16.95 -17.44
O5 NAG AA . 24.46 -13.71 -18.03
O6 NAG AA . 22.93 -13.94 -15.68
O7 NAG AA . 28.79 -15.64 -19.08
C1 BMA AA . 23.00 -17.65 -16.18
C2 BMA AA . 21.61 -18.20 -15.85
C3 BMA AA . 21.69 -18.99 -14.53
C4 BMA AA . 22.86 -19.99 -14.41
C5 BMA AA . 24.10 -19.65 -15.24
C6 BMA AA . 24.82 -20.89 -15.79
O2 BMA AA . 21.17 -18.99 -16.93
O3 BMA AA . 20.43 -19.57 -14.33
O4 BMA AA . 23.19 -19.97 -13.04
O5 BMA AA . 23.91 -18.72 -16.29
O6 BMA AA . 23.98 -21.51 -16.73
C1 MAN AA . 19.79 -18.84 -13.24
C2 MAN AA . 18.91 -19.82 -12.45
C3 MAN AA . 17.67 -20.21 -13.25
C4 MAN AA . 16.92 -19.00 -13.81
C5 MAN AA . 17.91 -18.12 -14.60
C6 MAN AA . 17.29 -16.82 -15.06
O2 MAN AA . 18.58 -19.18 -11.25
O3 MAN AA . 16.85 -20.96 -12.39
O4 MAN AA . 15.89 -19.48 -14.63
O5 MAN AA . 19.01 -17.79 -13.75
O6 MAN AA . 17.22 -16.81 -16.45
C1 MAN AA . 24.67 -22.67 -17.27
C2 MAN AA . 23.99 -23.03 -18.59
C3 MAN AA . 22.59 -23.60 -18.32
C4 MAN AA . 22.62 -24.74 -17.31
C5 MAN AA . 23.35 -24.28 -16.04
C6 MAN AA . 23.59 -25.42 -15.06
O2 MAN AA . 24.81 -23.99 -19.21
O3 MAN AA . 22.05 -24.01 -19.55
O4 MAN AA . 21.28 -25.10 -17.04
O5 MAN AA . 24.63 -23.75 -16.37
O6 MAN AA . 24.05 -24.89 -13.85
C1 NAG BA . 42.27 -14.05 -14.93
C2 NAG BA . 41.37 -15.29 -15.00
C3 NAG BA . 41.94 -16.42 -14.14
C4 NAG BA . 43.35 -16.68 -14.64
C5 NAG BA . 44.19 -15.41 -14.36
C6 NAG BA . 45.66 -15.49 -14.71
C7 NAG BA . 39.00 -15.28 -15.47
C8 NAG BA . 37.62 -14.91 -15.02
N2 NAG BA . 40.01 -14.98 -14.63
O3 NAG BA . 41.09 -17.52 -14.28
O4 NAG BA . 43.79 -17.94 -14.09
O5 NAG BA . 43.63 -14.36 -15.15
O6 NAG BA . 46.23 -14.21 -14.59
O7 NAG BA . 39.18 -15.81 -16.55
C1 NAG BA . 44.13 -18.01 -12.69
C2 NAG BA . 43.26 -19.06 -11.95
C3 NAG BA . 43.98 -19.77 -10.80
C4 NAG BA . 45.44 -20.11 -11.16
C5 NAG BA . 46.10 -18.77 -11.49
C6 NAG BA . 47.59 -18.84 -11.70
C7 NAG BA . 40.88 -19.05 -11.22
C8 NAG BA . 39.78 -18.17 -10.68
N2 NAG BA . 42.06 -18.44 -11.44
O3 NAG BA . 43.17 -20.89 -10.52
O4 NAG BA . 46.11 -20.74 -10.07
O5 NAG BA . 45.51 -18.32 -12.69
O6 NAG BA . 48.05 -17.58 -12.14
O7 NAG BA . 40.69 -20.24 -11.42
C1 BMA BA . 46.03 -22.17 -10.18
C2 BMA BA . 47.35 -22.87 -9.87
C3 BMA BA . 47.13 -24.40 -9.98
C4 BMA BA . 45.78 -24.96 -9.43
C5 BMA BA . 44.76 -23.92 -8.96
C6 BMA BA . 44.40 -24.04 -7.48
O2 BMA BA . 47.80 -22.49 -8.60
O3 BMA BA . 48.29 -24.96 -9.40
O4 BMA BA . 45.22 -25.70 -10.50
O5 BMA BA . 45.08 -22.57 -9.22
O6 BMA BA . 43.52 -25.12 -7.32
C1 MAN BA . 42.41 -24.63 -6.53
C2 MAN BA . 42.83 -24.72 -5.06
C3 MAN BA . 43.05 -26.21 -4.81
C4 MAN BA . 41.73 -26.98 -4.92
C5 MAN BA . 41.21 -26.76 -6.35
C6 MAN BA . 39.77 -27.22 -6.48
O2 MAN BA . 41.76 -24.13 -4.36
O3 MAN BA . 43.85 -26.45 -3.65
O4 MAN BA . 42.00 -28.34 -4.69
O5 MAN BA . 41.23 -25.39 -6.73
O6 MAN BA . 39.76 -28.60 -6.75
C1 MAN BA . 43.17 -26.27 -2.38
C2 MAN BA . 44.01 -25.30 -1.57
C3 MAN BA . 45.38 -25.93 -1.36
C4 MAN BA . 45.26 -27.28 -0.63
C5 MAN BA . 44.28 -28.19 -1.39
C6 MAN BA . 43.92 -29.41 -0.56
O2 MAN BA . 43.34 -25.09 -0.34
O3 MAN BA . 46.18 -25.00 -0.65
O4 MAN BA . 46.55 -27.84 -0.55
O5 MAN BA . 43.07 -27.50 -1.69
O6 MAN BA . 45.07 -29.87 0.10
C1 MAN BA . 48.48 -26.34 -9.83
C2 MAN BA . 49.95 -26.67 -9.51
C3 MAN BA . 50.84 -26.00 -10.54
C4 MAN BA . 50.58 -26.60 -11.90
C5 MAN BA . 49.10 -26.49 -12.30
C6 MAN BA . 48.70 -27.62 -13.22
O2 MAN BA . 50.07 -28.07 -9.52
O3 MAN BA . 52.17 -26.17 -10.13
O4 MAN BA . 51.41 -25.91 -12.82
O5 MAN BA . 48.18 -26.52 -11.21
O6 MAN BA . 47.44 -28.11 -12.81
C1 NAG CA . 31.37 -26.08 -2.55
C2 NAG CA . 31.91 -27.14 -3.52
C3 NAG CA . 30.91 -28.29 -3.59
C4 NAG CA . 30.67 -28.87 -2.20
C5 NAG CA . 30.23 -27.73 -1.25
C6 NAG CA . 30.05 -28.15 0.20
C7 NAG CA . 33.35 -26.45 -5.37
C8 NAG CA . 33.37 -25.79 -6.73
N2 NAG CA . 32.13 -26.55 -4.81
O3 NAG CA . 31.46 -29.24 -4.47
O4 NAG CA . 29.67 -29.87 -2.31
O5 NAG CA . 31.21 -26.70 -1.28
O6 NAG CA . 29.04 -29.12 0.31
O7 NAG CA . 34.37 -26.84 -4.84
C1 NAG CA . 30.25 -31.16 -2.01
C2 NAG CA . 29.11 -32.18 -1.77
C3 NAG CA . 29.73 -33.54 -1.44
C4 NAG CA . 30.70 -33.97 -2.53
C5 NAG CA . 31.73 -32.85 -2.77
C6 NAG CA . 32.72 -33.13 -3.88
C7 NAG CA . 26.97 -31.30 -0.91
C8 NAG CA . 26.23 -30.92 0.35
N2 NAG CA . 28.23 -31.75 -0.71
O3 NAG CA . 28.68 -34.45 -1.29
O4 NAG CA . 31.31 -35.16 -2.10
O5 NAG CA . 31.05 -31.64 -3.07
O6 NAG CA . 33.57 -34.19 -3.50
O7 NAG CA . 26.46 -31.21 -2.00
C1 NAG DA . -30.36 41.33 -8.94
C2 NAG DA . -31.10 40.95 -7.65
C3 NAG DA . -32.47 41.60 -7.71
C4 NAG DA . -32.33 43.12 -7.86
C5 NAG DA . -31.43 43.43 -9.07
C6 NAG DA . -31.12 44.90 -9.28
C7 NAG DA . -30.81 38.93 -6.31
C8 NAG DA . -30.95 37.44 -6.28
N2 NAG DA . -31.17 39.53 -7.47
O3 NAG DA . -33.16 41.23 -6.55
O4 NAG DA . -33.62 43.65 -8.02
O5 NAG DA . -30.19 42.73 -8.95
O6 NAG DA . -30.24 45.06 -10.35
O7 NAG DA . -30.40 39.56 -5.35
C1 NAG DA . -34.00 44.60 -6.99
C2 NAG DA . -34.95 43.92 -5.99
C3 NAG DA . -35.35 44.92 -4.90
C4 NAG DA . -34.12 45.53 -4.24
C5 NAG DA . -33.21 46.11 -5.32
C6 NAG DA . -31.91 46.70 -4.78
C7 NAG DA . -36.64 42.18 -6.44
C8 NAG DA . -37.87 41.85 -7.24
N2 NAG DA . -36.12 43.42 -6.65
O3 NAG DA . -36.16 44.25 -3.98
O4 NAG DA . -34.55 46.51 -3.33
O5 NAG DA . -32.89 45.11 -6.27
O6 NAG DA . -31.22 45.73 -4.04
O7 NAG DA . -36.15 41.38 -5.65
C1 NAG EA . -32.74 34.73 -1.22
C2 NAG EA . -33.80 34.62 -0.08
C3 NAG EA . -35.06 33.99 -0.67
C4 NAG EA . -35.56 34.83 -1.86
C5 NAG EA . -34.43 34.92 -2.90
C6 NAG EA . -34.76 35.81 -4.07
C7 NAG EA . -32.35 34.02 1.91
C8 NAG EA . -32.27 32.99 3.01
N2 NAG EA . -33.37 33.85 1.07
O3 NAG EA . -35.98 33.92 0.40
O4 NAG EA . -36.69 34.24 -2.48
O5 NAG EA . -33.27 35.47 -2.29
O6 NAG EA . -33.60 36.01 -4.83
O7 NAG EA . -31.53 34.94 1.85
C1 NAG EA . -37.92 34.83 -1.98
C2 NAG EA . -38.86 35.29 -3.13
C3 NAG EA . -40.19 35.79 -2.52
C4 NAG EA . -40.80 34.70 -1.64
C5 NAG EA . -39.79 34.27 -0.57
C6 NAG EA . -40.29 33.09 0.24
C7 NAG EA . -37.93 37.59 -3.75
C8 NAG EA . -37.33 38.29 -4.95
N2 NAG EA . -38.25 36.28 -3.98
O3 NAG EA . -41.03 36.15 -3.58
O4 NAG EA . -41.94 35.22 -0.98
O5 NAG EA . -38.57 33.85 -1.18
O6 NAG EA . -39.23 32.52 0.97
O7 NAG EA . -38.04 38.18 -2.68
C1 BMA EA . -43.20 34.72 -1.49
C2 BMA EA . -44.15 35.91 -1.48
C3 BMA EA . -45.52 35.48 -2.07
C4 BMA EA . -45.31 34.87 -3.47
C5 BMA EA . -44.30 33.73 -3.41
C6 BMA EA . -43.94 33.18 -4.79
O2 BMA EA . -43.62 36.99 -2.19
O3 BMA EA . -46.36 36.61 -2.13
O4 BMA EA . -46.55 34.39 -3.96
O5 BMA EA . -43.08 34.18 -2.81
O6 BMA EA . -42.96 32.20 -4.62
C1 NAG FA . -20.60 47.68 3.37
C2 NAG FA . -19.96 48.97 2.85
C3 NAG FA . -20.28 50.09 3.84
C4 NAG FA . -21.80 50.20 4.08
C5 NAG FA . -22.39 48.82 4.41
C6 NAG FA . -23.90 48.80 4.51
C7 NAG FA . -17.92 48.88 1.50
C8 NAG FA . -16.42 48.70 1.53
N2 NAG FA . -18.54 48.83 2.70
O3 NAG FA . -19.73 51.27 3.33
O4 NAG FA . -22.00 51.10 5.15
O5 NAG FA . -22.00 47.88 3.42
O6 NAG FA . -24.46 49.27 3.32
O7 NAG FA . -18.51 49.05 0.45
C1 NAG FA . -22.56 52.34 4.66
C2 NAG FA . -23.42 52.98 5.76
C3 NAG FA . -23.98 54.30 5.24
C4 NAG FA . -22.86 55.22 4.76
C5 NAG FA . -21.99 54.47 3.74
C6 NAG FA . -20.78 55.24 3.27
C7 NAG FA . -24.60 51.65 7.47
C8 NAG FA . -25.77 50.71 7.69
N2 NAG FA . -24.46 52.09 6.20
O3 NAG FA . -24.72 54.88 6.28
O4 NAG FA . -23.45 56.36 4.21
O5 NAG FA . -21.53 53.25 4.31
O6 NAG FA . -21.19 56.39 2.58
O7 NAG FA . -23.85 51.96 8.38
C1 NAG GA . -6.85 42.00 4.48
C2 NAG GA . -5.45 41.52 4.10
C3 NAG GA . -4.57 42.73 3.83
C4 NAG GA . -5.19 43.64 2.76
C5 NAG GA . -6.63 43.99 3.19
C6 NAG GA . -7.38 44.81 2.17
C7 NAG GA . -4.25 39.53 4.92
C8 NAG GA . -3.69 38.90 6.18
N2 NAG GA . -4.84 40.71 5.13
O3 NAG GA . -3.31 42.24 3.44
O4 NAG GA . -4.39 44.79 2.67
O5 NAG GA . -7.36 42.79 3.43
O6 NAG GA . -8.72 44.95 2.57
O7 NAG GA . -4.15 38.98 3.83
C1 NAG GA . -3.74 44.83 1.37
C2 NAG GA . -3.07 46.21 1.24
C3 NAG GA . -2.22 46.28 -0.04
C4 NAG GA . -1.29 45.06 -0.15
C5 NAG GA . -2.13 43.79 -0.02
C6 NAG GA . -1.35 42.50 -0.14
C7 NAG GA . -4.26 48.13 2.21
C8 NAG GA . -5.38 49.11 1.98
N2 NAG GA . -4.07 47.25 1.22
O3 NAG GA . -1.50 47.47 0.00
O4 NAG GA . -0.64 45.15 -1.40
O5 NAG GA . -2.77 43.82 1.24
O6 NAG GA . -0.92 42.33 -1.47
O7 NAG GA . -3.61 48.15 3.24
C1 NAG HA . -4.63 34.09 5.83
C2 NAG HA . -3.96 32.89 6.50
C3 NAG HA . -2.64 33.31 7.16
C4 NAG HA . -1.75 34.08 6.18
C5 NAG HA . -2.56 35.26 5.59
C6 NAG HA . -1.84 36.10 4.57
C7 NAG HA . -5.15 31.00 7.57
C8 NAG HA . -6.12 30.66 8.66
N2 NAG HA . -4.85 32.31 7.47
O3 NAG HA . -2.01 32.15 7.63
O4 NAG HA . -0.61 34.52 6.91
O5 NAG HA . -3.72 34.76 4.97
O6 NAG HA . -1.46 35.28 3.49
O7 NAG HA . -4.70 30.15 6.83
C1 NAG HA . 0.63 34.10 6.29
C2 NAG HA . 1.76 34.88 6.98
C3 NAG HA . 3.11 34.44 6.42
C4 NAG HA . 3.26 32.91 6.43
C5 NAG HA . 2.05 32.31 5.70
C6 NAG HA . 2.07 30.81 5.58
C7 NAG HA . 1.29 37.15 7.78
C8 NAG HA . 1.14 38.59 7.34
N2 NAG HA . 1.58 36.29 6.79
O3 NAG HA . 4.10 35.06 7.19
O4 NAG HA . 4.47 32.60 5.77
O5 NAG HA . 0.87 32.71 6.40
O6 NAG HA . 2.15 30.23 6.86
O7 NAG HA . 1.14 36.82 8.95
C1 BMA HA . 5.42 32.06 6.72
C2 BMA HA . 6.40 31.20 5.94
C3 BMA HA . 7.45 30.63 6.92
C4 BMA HA . 8.07 31.66 7.90
C5 BMA HA . 7.19 32.86 8.25
C6 BMA HA . 7.97 34.16 8.45
O2 BMA HA . 6.99 31.98 4.92
O3 BMA HA . 8.40 29.95 6.15
O4 BMA HA . 8.31 30.91 9.07
O5 BMA HA . 6.11 33.11 7.36
O6 BMA HA . 8.55 34.53 7.23
C1 MAN HA . 8.20 28.53 6.38
C2 MAN HA . 9.56 27.83 6.31
C3 MAN HA . 10.07 27.77 4.86
C4 MAN HA . 9.02 27.23 3.89
C5 MAN HA . 7.72 28.04 4.06
C6 MAN HA . 6.59 27.47 3.24
O2 MAN HA . 9.38 26.54 6.84
O3 MAN HA . 11.23 26.97 4.87
O4 MAN HA . 9.55 27.36 2.60
O5 MAN HA . 7.32 28.00 5.42
O6 MAN HA . 6.24 28.39 2.25
C1 MAN HA . 9.26 35.77 7.41
C2 MAN HA . 9.46 36.41 6.03
C3 MAN HA . 10.45 35.59 5.21
C4 MAN HA . 11.76 35.35 5.96
C5 MAN HA . 11.45 34.74 7.33
C6 MAN HA . 12.69 34.65 8.21
O2 MAN HA . 9.93 37.72 6.26
O3 MAN HA . 10.66 36.26 4.00
O4 MAN HA . 12.54 34.49 5.16
O5 MAN HA . 10.51 35.55 8.03
O6 MAN HA . 12.39 33.90 9.35
C1 NAG IA . -3.13 41.58 21.63
C2 NAG IA . -1.74 41.56 20.97
C3 NAG IA . -0.64 41.75 22.01
C4 NAG IA . -0.94 43.07 22.72
C5 NAG IA . -2.27 42.89 23.48
C6 NAG IA . -2.72 44.07 24.33
C7 NAG IA . -1.20 40.43 18.90
C8 NAG IA . -1.01 39.13 18.18
N2 NAG IA . -1.54 40.35 20.20
O3 NAG IA . 0.58 41.76 21.33
O4 NAG IA . 0.23 43.44 23.47
O5 NAG IA . -3.29 42.69 22.50
O6 NAG IA . -4.03 43.83 24.78
O7 NAG IA . -1.03 41.51 18.33
C1 NAG IA . 0.58 42.71 24.67
C2 NAG IA . 1.98 42.08 24.56
C3 NAG IA . 2.74 42.00 25.90
C4 NAG IA . 2.53 43.27 26.74
C5 NAG IA . 1.03 43.39 26.96
C6 NAG IA . 0.60 44.47 27.91
C7 NAG IA . 2.84 40.11 23.30
C8 NAG IA . 2.49 38.73 22.82
N2 NAG IA . 1.89 40.75 24.00
O3 NAG IA . 4.07 41.74 25.54
O4 NAG IA . 3.20 43.16 28.00
O5 NAG IA . 0.46 43.67 25.69
O6 NAG IA . -0.81 44.57 27.91
O7 NAG IA . 3.94 40.60 23.08
C1 BMA IA . 4.52 43.75 27.92
C2 BMA IA . 4.86 44.61 29.13
C3 BMA IA . 6.31 45.15 28.95
C4 BMA IA . 7.35 44.16 28.35
C5 BMA IA . 6.81 42.81 27.88
C6 BMA IA . 7.41 41.61 28.61
O2 BMA IA . 4.73 43.86 30.30
O3 BMA IA . 6.65 45.67 30.22
O4 BMA IA . 7.91 44.84 27.25
O5 BMA IA . 5.42 42.65 27.88
O6 BMA IA . 8.71 41.38 28.11
C1 MAN IA . 8.78 39.96 27.81
C2 MAN IA . 9.13 39.25 29.11
C3 MAN IA . 10.50 39.78 29.50
C4 MAN IA . 11.56 39.35 28.48
C5 MAN IA . 11.14 39.93 27.12
C6 MAN IA . 11.94 39.33 26.00
O2 MAN IA . 9.07 37.89 28.78
O3 MAN IA . 10.79 39.56 30.88
O4 MAN IA . 12.80 39.88 28.89
O5 MAN IA . 9.76 39.68 26.84
O6 MAN IA . 13.14 40.03 25.86
C1 MAN IA . 11.16 38.20 31.23
C2 MAN IA . 10.23 37.78 32.37
C3 MAN IA . 10.48 38.71 33.54
C4 MAN IA . 11.94 38.66 33.99
C5 MAN IA . 12.86 38.93 32.80
C6 MAN IA . 14.31 38.62 33.13
O2 MAN IA . 10.55 36.45 32.69
O3 MAN IA . 9.58 38.36 34.56
O4 MAN IA . 12.11 39.61 35.02
O5 MAN IA . 12.49 38.13 31.67
O6 MAN IA . 14.57 39.05 34.44
C1 MAN IA . 7.74 46.62 30.12
C2 MAN IA . 7.70 47.42 31.44
C3 MAN IA . 6.57 48.41 31.37
C4 MAN IA . 6.84 49.44 30.29
C5 MAN IA . 7.05 48.76 28.92
C6 MAN IA . 7.97 49.59 28.04
O2 MAN IA . 8.96 48.05 31.57
O3 MAN IA . 6.45 49.01 32.64
O4 MAN IA . 5.73 50.31 30.25
O5 MAN IA . 7.64 47.45 28.98
O6 MAN IA . 8.89 48.73 27.42
C1 NAG JA . 14.33 31.03 22.41
C2 NAG JA . 14.89 32.44 22.20
C3 NAG JA . 16.23 32.34 21.46
C4 NAG JA . 17.20 31.44 22.24
C5 NAG JA . 16.52 30.08 22.51
C6 NAG JA . 17.33 29.13 23.38
C7 NAG JA . 13.37 34.33 21.99
C8 NAG JA . 12.41 35.03 21.05
N2 NAG JA . 13.95 33.24 21.47
O3 NAG JA . 16.72 33.63 21.31
O4 NAG JA . 18.38 31.30 21.47
O5 NAG JA . 15.28 30.30 23.18
O6 NAG JA . 18.55 28.81 22.75
O7 NAG JA . 13.57 34.74 23.11
C1 NAG JA . 19.48 31.94 22.15
C2 NAG JA . 20.80 31.47 21.51
C3 NAG JA . 21.96 32.14 22.24
C4 NAG JA . 21.79 33.67 22.25
C5 NAG JA . 20.41 34.02 22.80
C6 NAG JA . 20.10 35.50 22.79
C7 NAG JA . 20.84 29.23 20.48
C8 NAG JA . 21.03 27.76 20.77
N2 NAG JA . 20.94 30.03 21.56
O3 NAG JA . 23.15 31.75 21.61
O4 NAG JA . 22.84 34.20 23.03
O5 NAG JA . 19.42 33.35 22.04
O6 NAG JA . 20.92 36.17 23.71
O7 NAG JA . 20.62 29.64 19.36
C1 NAG KA . -36.77 -19.93 -29.40
C2 NAG KA . -37.36 -21.28 -28.97
C3 NAG KA . -38.65 -21.00 -28.19
C4 NAG KA . -38.39 -20.02 -27.03
C5 NAG KA . -37.64 -18.79 -27.56
C6 NAG KA . -37.32 -17.78 -26.47
C7 NAG KA . -37.61 -23.47 -30.11
C8 NAG KA . -37.90 -24.12 -31.44
N2 NAG KA . -37.62 -22.12 -30.12
O3 NAG KA . -39.16 -22.22 -27.73
O4 NAG KA . -39.65 -19.67 -26.50
O5 NAG KA . -36.45 -19.20 -28.23
O6 NAG KA . -38.49 -17.10 -26.09
O7 NAG KA . -37.40 -24.14 -29.11
C1 NAG LA . -36.49 -17.51 -41.13
C2 NAG LA . -36.89 -16.03 -41.35
C3 NAG LA . -38.35 -15.96 -41.77
C4 NAG LA . -38.61 -16.84 -42.99
C5 NAG LA . -38.11 -18.26 -42.71
C6 NAG LA . -38.25 -19.20 -43.88
C7 NAG LA . -36.39 -13.91 -40.14
C8 NAG LA . -36.11 -13.33 -38.78
N2 NAG LA . -36.59 -15.25 -40.17
O3 NAG LA . -38.70 -14.62 -42.03
O4 NAG LA . -39.99 -16.80 -43.26
O5 NAG LA . -36.75 -18.22 -42.33
O6 NAG LA . -39.61 -19.39 -44.19
O7 NAG LA . -36.41 -13.20 -41.13
C1 NAG MA . 2.27 -14.44 28.17
C2 NAG MA . 3.01 -15.64 28.78
C3 NAG MA . 2.78 -15.68 30.29
C4 NAG MA . 3.13 -14.34 30.93
C5 NAG MA . 2.36 -13.21 30.23
C6 NAG MA . 2.74 -11.84 30.74
C7 NAG MA . 2.42 -17.38 26.98
C8 NAG MA . 1.88 -18.79 26.89
N2 NAG MA . 2.56 -16.91 28.23
O3 NAG MA . 3.57 -16.71 30.82
O4 NAG MA . 2.76 -14.39 32.29
O5 NAG MA . 2.60 -13.23 28.83
O6 NAG MA . 2.22 -11.66 32.04
O7 NAG MA . 2.71 -16.78 25.95
C1 NAG NA . -0.98 -23.75 30.29
C2 NAG NA . 0.49 -23.82 30.77
C3 NAG NA . 0.57 -24.58 32.09
C4 NAG NA . -0.39 -23.99 33.12
C5 NAG NA . -1.80 -24.00 32.53
C6 NAG NA . -2.86 -23.43 33.45
C7 NAG NA . 2.44 -23.91 29.28
C8 NAG NA . 3.16 -24.74 28.24
N2 NAG NA . 1.32 -24.44 29.77
O3 NAG NA . 1.91 -24.51 32.52
O4 NAG NA . -0.28 -24.78 34.29
O5 NAG NA . -1.80 -23.25 31.33
O6 NAG NA . -2.95 -24.22 34.61
O7 NAG NA . 2.88 -22.82 29.63
C1 NAG OA . 5.95 -24.70 8.43
C2 NAG OA . 5.23 -25.62 9.44
C3 NAG OA . 5.15 -27.05 8.88
C4 NAG OA . 4.62 -27.08 7.45
C5 NAG OA . 5.47 -26.11 6.60
C6 NAG OA . 5.09 -26.07 5.13
C7 NAG OA . 5.36 -25.86 11.91
C8 NAG OA . 6.29 -25.75 13.08
N2 NAG OA . 5.91 -25.59 10.70
O3 NAG OA . 4.33 -27.81 9.73
O4 NAG OA . 4.71 -28.40 6.97
O5 NAG OA . 5.35 -24.82 7.16
O6 NAG OA . 5.92 -25.16 4.46
O7 NAG OA . 4.19 -26.18 12.04
C1 NAG PA . -8.19 -9.85 -60.53
C2 NAG PA . -7.03 -10.22 -59.58
C3 NAG PA . -5.72 -10.26 -60.35
C4 NAG PA . -5.83 -11.19 -61.55
C5 NAG PA . -7.04 -10.78 -62.41
C6 NAG PA . -7.27 -11.65 -63.62
C7 NAG PA . -6.97 -9.60 -57.19
C8 NAG PA . -6.86 -8.44 -56.24
N2 NAG PA . -6.95 -9.28 -58.49
O3 NAG PA . -4.71 -10.67 -59.46
O4 NAG PA . -4.61 -11.10 -62.26
O5 NAG PA . -8.20 -10.79 -61.59
O6 NAG PA . -6.18 -11.55 -64.50
O7 NAG PA . -7.07 -10.76 -56.78
C1 NAG QA . -30.94 -21.58 18.03
C2 NAG QA . -31.64 -22.57 18.99
C3 NAG QA . -33.10 -22.14 19.15
C4 NAG QA . -33.17 -20.68 19.58
C5 NAG QA . -32.40 -19.79 18.61
C6 NAG QA . -32.33 -18.35 19.07
C7 NAG QA . -30.51 -24.77 18.52
C8 NAG QA . -30.80 -26.15 17.99
N2 NAG QA . -31.57 -23.94 18.55
O3 NAG QA . -33.68 -23.00 20.09
O4 NAG QA . -34.49 -20.19 19.56
O5 NAG QA . -31.06 -20.25 18.48
O6 NAG QA . -32.62 -18.25 20.44
O7 NAG QA . -29.39 -24.45 18.89
C1 NAG RA . -48.23 -43.41 35.02
C2 NAG RA . -49.54 -43.67 35.79
C3 NAG RA . -50.18 -42.34 36.19
C4 NAG RA . -49.17 -41.44 36.92
C5 NAG RA . -47.89 -41.31 36.07
C6 NAG RA . -46.81 -40.47 36.70
C7 NAG RA . -50.66 -45.76 35.16
C8 NAG RA . -51.66 -46.37 34.19
N2 NAG RA . -50.44 -44.45 34.98
O3 NAG RA . -51.28 -42.63 37.00
O4 NAG RA . -49.79 -40.20 37.12
O5 NAG RA . -47.38 -42.61 35.82
O6 NAG RA . -47.23 -39.14 36.79
O7 NAG RA . -50.12 -46.43 36.02
C1 NAG SA . 21.26 5.52 -46.16
C2 NAG SA . 22.79 5.39 -46.25
C3 NAG SA . 23.10 3.95 -46.69
C4 NAG SA . 22.44 2.93 -45.76
C5 NAG SA . 20.94 3.27 -45.61
C6 NAG SA . 20.21 2.33 -44.67
C7 NAG SA . 24.58 6.86 -47.12
C8 NAG SA . 24.92 7.86 -48.21
N2 NAG SA . 23.34 6.35 -47.18
O3 NAG SA . 24.50 3.79 -46.71
O4 NAG SA . 22.61 1.66 -46.34
O5 NAG SA . 20.81 4.63 -45.16
O6 NAG SA . 20.01 1.09 -45.30
O7 NAG SA . 25.40 6.56 -46.26
C1 NAG TA . 15.88 12.84 -53.97
C2 NAG TA . 14.58 12.20 -54.46
C3 NAG TA . 14.83 11.55 -55.83
C4 NAG TA . 15.39 12.58 -56.81
C5 NAG TA . 16.63 13.24 -56.19
C6 NAG TA . 17.23 14.33 -57.05
C7 NAG TA . 12.80 10.84 -53.36
C8 NAG TA . 12.55 9.85 -52.26
N2 NAG TA . 14.08 11.25 -53.48
O3 NAG TA . 13.63 11.01 -56.32
O4 NAG TA . 15.69 11.90 -58.01
O5 NAG TA . 16.29 13.79 -54.93
O6 NAG TA . 17.72 13.78 -58.26
O7 NAG TA . 11.90 11.24 -54.07
C1 NAG UA . 20.02 -12.48 21.23
C2 NAG UA . 21.06 -11.97 22.25
C3 NAG UA . 21.56 -13.14 23.10
C4 NAG UA . 20.39 -13.88 23.73
C5 NAG UA . 19.39 -14.31 22.65
C6 NAG UA . 18.15 -14.97 23.22
C7 NAG UA . 22.36 -10.42 20.66
C8 NAG UA . 23.79 -10.14 20.26
N2 NAG UA . 22.22 -11.38 21.60
O3 NAG UA . 22.41 -12.62 24.08
O4 NAG UA . 20.90 -15.03 24.38
O5 NAG UA . 18.98 -13.19 21.88
O6 NAG UA . 18.48 -16.25 23.70
O7 NAG UA . 21.45 -9.76 20.17
C1 NAG VA . 30.08 -12.32 20.64
C2 NAG VA . 29.85 -11.73 22.05
C3 NAG VA . 30.86 -12.29 23.03
C4 NAG VA . 30.87 -13.82 23.00
C5 NAG VA . 31.14 -14.27 21.56
C6 NAG VA . 31.16 -15.77 21.37
C7 NAG VA . 28.97 -9.47 22.49
C8 NAG VA . 29.27 -8.01 22.34
N2 NAG VA . 29.92 -10.30 22.01
O3 NAG VA . 30.54 -11.80 24.30
O4 NAG VA . 31.87 -14.25 23.90
O5 NAG VA . 30.13 -13.74 20.72
O6 NAG VA . 32.21 -16.32 22.13
O7 NAG VA . 27.95 -9.86 23.00
C1 NAG WA . 23.25 7.37 11.04
C2 NAG WA . 24.56 6.60 11.22
C3 NAG WA . 25.77 7.48 10.84
C4 NAG WA . 25.56 8.16 9.49
C5 NAG WA . 24.21 8.89 9.49
C6 NAG WA . 23.90 9.66 8.22
C7 NAG WA . 25.40 5.07 12.99
C8 NAG WA . 25.33 4.79 14.47
N2 NAG WA . 24.67 6.13 12.58
O3 NAG WA . 26.92 6.69 10.84
O4 NAG WA . 26.63 9.06 9.28
O5 NAG WA . 23.20 7.94 9.74
O6 NAG WA . 22.65 10.28 8.35
O7 NAG WA . 26.06 4.38 12.23
C1 NAG XA . -4.38 40.59 -46.50
C2 NAG XA . -4.14 40.78 -44.98
C3 NAG XA . -4.68 42.14 -44.53
C4 NAG XA . -4.10 43.26 -45.39
C5 NAG XA . -4.36 42.95 -46.87
C6 NAG XA . -3.80 43.97 -47.83
C7 NAG XA . -4.09 38.93 -43.35
C8 NAG XA . -4.94 37.89 -42.68
N2 NAG XA . -4.74 39.71 -44.22
O3 NAG XA . -4.36 42.29 -43.18
O4 NAG XA . -4.72 44.45 -44.98
O5 NAG XA . -3.79 41.68 -47.18
O6 NAG XA . -4.43 45.21 -47.63
O7 NAG XA . -2.90 39.04 -43.10
C1 NAG YA . 33.50 -23.01 -9.80
C2 NAG YA . 34.86 -23.72 -9.63
C3 NAG YA . 34.93 -24.89 -10.62
C4 NAG YA . 33.71 -25.81 -10.43
C5 NAG YA . 32.42 -24.99 -10.56
C6 NAG YA . 31.19 -25.83 -10.25
C7 NAG YA . 36.44 -21.85 -9.03
C8 NAG YA . 37.66 -21.13 -9.55
N2 NAG YA . 36.00 -22.85 -9.83
O3 NAG YA . 36.14 -25.56 -10.37
O4 NAG YA . 33.63 -26.79 -11.43
O5 NAG YA . 32.43 -23.92 -9.64
O6 NAG YA . 31.55 -26.99 -9.54
O7 NAG YA . 35.91 -21.55 -7.97
C1 NAG ZA . 63.03 -36.87 -10.23
C2 NAG ZA . 63.85 -38.10 -10.67
C3 NAG ZA . 62.90 -39.28 -10.91
C4 NAG ZA . 61.98 -39.52 -9.72
C5 NAG ZA . 61.28 -38.20 -9.36
C6 NAG ZA . 60.35 -38.29 -8.17
C7 NAG ZA . 65.94 -37.54 -11.85
C8 NAG ZA . 66.53 -37.25 -13.20
N2 NAG ZA . 64.62 -37.80 -11.85
O3 NAG ZA . 63.70 -40.41 -11.17
O4 NAG ZA . 61.06 -40.52 -10.09
O5 NAG ZA . 62.26 -37.22 -9.09
O6 NAG ZA . 59.27 -39.14 -8.46
O7 NAG ZA . 66.63 -37.54 -10.84
C1 NAG AB . -23.27 42.73 -15.69
C2 NAG AB . -23.62 43.78 -14.62
C3 NAG AB . -22.49 44.82 -14.63
C4 NAG AB . -21.12 44.17 -14.45
C5 NAG AB . -20.96 43.02 -15.47
C6 NAG AB . -19.64 42.29 -15.34
C7 NAG AB . -25.71 44.91 -13.95
C8 NAG AB . -27.01 45.47 -14.48
N2 NAG AB . -24.90 44.38 -14.88
O3 NAG AB . -22.75 45.75 -13.61
O4 NAG AB . -20.16 45.17 -14.67
O5 NAG AB . -22.05 42.11 -15.32
O6 NAG AB . -18.61 43.09 -15.86
O7 NAG AB . -25.45 44.93 -12.75
C1 NAG BB . -30.51 42.00 -25.21
C2 NAG BB . -29.67 41.79 -26.48
C3 NAG BB . -29.50 43.14 -27.19
C4 NAG BB . -30.87 43.76 -27.48
C5 NAG BB . -31.68 43.83 -26.17
C6 NAG BB . -33.07 44.37 -26.35
C7 NAG BB . -27.62 40.47 -26.99
C8 NAG BB . -26.34 39.94 -26.40
N2 NAG BB . -28.40 41.18 -26.14
O3 NAG BB . -28.78 42.95 -28.38
O4 NAG BB . -30.65 45.03 -28.04
O5 NAG BB . -31.75 42.55 -25.59
O6 NAG BB . -33.02 45.72 -26.78
O7 NAG BB . -27.91 40.25 -28.15
C1 NAG CB . 11.28 2.41 29.57
C2 NAG CB . 10.78 2.15 31.00
C3 NAG CB . 11.93 2.33 31.99
C4 NAG CB . 13.13 1.46 31.59
C5 NAG CB . 13.51 1.76 30.13
C6 NAG CB . 14.63 0.86 29.63
C7 NAG CB . 8.56 3.45 30.83
C8 NAG CB . 7.80 4.48 31.60
N2 NAG CB . 9.74 3.08 31.39
O3 NAG CB . 11.46 1.97 33.26
O4 NAG CB . 14.21 1.76 32.44
O5 NAG CB . 12.41 1.60 29.26
O6 NAG CB . 15.85 1.23 30.24
O7 NAG CB . 8.10 2.98 29.80
C1 NAG DB . 8.09 8.92 36.57
C2 NAG DB . 7.97 7.57 37.33
C3 NAG DB . 8.45 7.73 38.77
C4 NAG DB . 9.85 8.34 38.81
C5 NAG DB . 9.82 9.68 38.05
C6 NAG DB . 11.15 10.40 38.00
C7 NAG DB . 6.26 5.85 36.89
C8 NAG DB . 4.79 5.57 36.96
N2 NAG DB . 6.62 7.09 37.30
O3 NAG DB . 8.43 6.46 39.36
O4 NAG DB . 10.20 8.51 40.17
O5 NAG DB . 9.39 9.43 36.72
O6 NAG DB . 11.55 10.73 39.30
O7 NAG DB . 7.06 5.02 36.50
C1 NAG EB . -10.60 3.74 24.30
C2 NAG EB . -10.21 4.73 25.42
C3 NAG EB . -11.48 5.37 26.01
C4 NAG EB . -12.40 5.93 24.92
C5 NAG EB . -12.68 4.81 23.91
C6 NAG EB . -13.62 5.20 22.79
C7 NAG EB . -8.58 4.60 27.29
C8 NAG EB . -7.92 3.65 28.25
N2 NAG EB . -9.46 4.04 26.43
O3 NAG EB . -11.08 6.40 26.89
O4 NAG EB . -13.58 6.38 25.53
O5 NAG EB . -11.45 4.39 23.37
O6 NAG EB . -13.80 4.11 21.93
O7 NAG EB . -8.34 5.80 27.29
C1 NAG FB . -48.29 13.71 -36.18
C2 NAG FB . -48.14 12.75 -34.98
C3 NAG FB . -49.11 11.58 -35.14
C4 NAG FB . -50.53 12.08 -35.33
C5 NAG FB . -50.56 13.07 -36.51
C6 NAG FB . -51.92 13.68 -36.78
C7 NAG FB . -46.02 12.36 -33.78
C8 NAG FB . -44.64 11.78 -33.92
N2 NAG FB . -46.78 12.26 -34.88
O3 NAG FB . -48.99 10.78 -33.99
O4 NAG FB . -51.35 10.96 -35.55
O5 NAG FB . -49.64 14.12 -36.25
O6 NAG FB . -52.83 12.67 -37.16
O7 NAG FB . -46.39 12.88 -32.74
C1 NAG GB . 8.99 36.14 18.97
C2 NAG GB . 9.31 37.14 20.12
C3 NAG GB . 10.11 38.32 19.55
C4 NAG GB . 11.34 37.81 18.82
C5 NAG GB . 10.94 36.78 17.74
C6 NAG GB . 12.15 36.15 17.08
C7 NAG GB . 7.28 36.97 21.62
C8 NAG GB . 6.13 37.79 22.13
N2 NAG GB . 8.12 37.63 20.79
O3 NAG GB . 10.44 39.14 20.63
O4 NAG GB . 12.01 38.82 18.11
O5 NAG GB . 10.18 35.73 18.33
O6 NAG GB . 13.29 36.31 17.87
O7 NAG GB . 7.43 35.80 21.94
C1 NAG HB . 13.15 59.87 40.99
C2 NAG HB . 13.94 61.14 41.34
C3 NAG HB . 15.23 61.20 40.53
C4 NAG HB . 16.03 59.89 40.67
C5 NAG HB . 15.11 58.71 40.34
C6 NAG HB . 15.77 57.35 40.46
C7 NAG HB . 12.51 63.02 42.07
C8 NAG HB . 11.72 64.21 41.58
N2 NAG HB . 13.12 62.31 41.10
O3 NAG HB . 15.97 62.30 40.98
O4 NAG HB . 17.11 59.98 39.78
O5 NAG HB . 13.98 58.74 41.20
O6 NAG HB . 16.78 57.23 39.49
O7 NAG HB . 12.57 62.74 43.25
#